data_9H38
#
_entry.id   9H38
#
_cell.length_a   71.826
_cell.length_b   113.486
_cell.length_c   113.599
_cell.angle_alpha   60.110
_cell.angle_beta   89.190
_cell.angle_gamma   86.360
#
_symmetry.space_group_name_H-M   'P 1'
#
loop_
_entity.id
_entity.type
_entity.pdbx_description
1 polymer 'Flagellar hook-length control protein FliK'
2 non-polymer GLYCEROL
3 non-polymer 1,2-ETHANEDIOL
4 water water
#
_entity_poly.entity_id   1
_entity_poly.type   'polypeptide(L)'
_entity_poly.pdbx_seq_one_letter_code
;MHHHHHHSVGLTNYLYVFDTTNQSIAVGSSVTFNTNGPITGTALSHITGTGNIIINTLGTYVAEFQLQASRENQFSLELN
GTPIPGGRFGTGSPHSINQGTAAFTVTVVPSTLTLINNTSSAGTITLSNSDGGSLTNVSASISIFQVG
;
_entity_poly.pdbx_strand_id   A,B,C,D,E,F,G,H,I,J,K,L,M,N,O,P,Q,R,S,T,U
#
# COMPACT_ATOMS: atom_id res chain seq x y z
N VAL A 9 -13.52 42.51 12.78
CA VAL A 9 -14.56 43.52 12.62
C VAL A 9 -15.55 43.06 11.55
N GLY A 10 -15.04 42.27 10.60
CA GLY A 10 -15.87 41.72 9.55
C GLY A 10 -15.21 40.66 8.70
N LEU A 11 -14.23 39.93 9.25
CA LEU A 11 -13.54 38.87 8.52
C LEU A 11 -14.32 37.55 8.46
N THR A 12 -15.64 37.60 8.29
CA THR A 12 -16.39 36.39 8.00
C THR A 12 -16.05 35.92 6.59
N ASN A 13 -15.80 34.62 6.44
CA ASN A 13 -15.56 34.01 5.14
C ASN A 13 -16.87 33.42 4.65
N TYR A 14 -17.32 33.87 3.48
CA TYR A 14 -18.61 33.39 2.98
C TYR A 14 -18.58 33.32 1.47
N LEU A 15 -19.24 32.31 0.91
CA LEU A 15 -19.28 32.17 -0.54
C LEU A 15 -20.62 31.58 -0.96
N TYR A 16 -21.16 32.11 -2.07
CA TYR A 16 -22.37 31.59 -2.68
C TYR A 16 -22.08 31.32 -4.15
N VAL A 17 -22.31 30.09 -4.60
CA VAL A 17 -22.15 29.77 -6.01
C VAL A 17 -23.39 29.04 -6.47
N PHE A 18 -23.73 29.20 -7.74
CA PHE A 18 -24.95 28.59 -8.24
C PHE A 18 -24.85 28.38 -9.75
N ASP A 19 -25.74 27.55 -10.24
CA ASP A 19 -25.77 27.15 -11.64
C ASP A 19 -27.18 27.29 -12.19
N THR A 20 -27.26 27.67 -13.47
CA THR A 20 -28.52 27.93 -14.13
C THR A 20 -28.73 27.07 -15.36
N THR A 21 -28.07 25.92 -15.44
CA THR A 21 -28.03 25.10 -16.64
C THR A 21 -28.64 23.72 -16.40
N ASN A 22 -28.95 23.03 -17.50
CA ASN A 22 -29.37 21.63 -17.45
C ASN A 22 -28.18 20.70 -17.61
N GLN A 23 -27.22 20.84 -16.70
CA GLN A 23 -25.99 20.06 -16.85
C GLN A 23 -26.27 18.58 -16.61
N SER A 24 -25.47 17.75 -17.29
CA SER A 24 -25.47 16.30 -17.16
C SER A 24 -24.30 15.91 -16.28
N ILE A 25 -24.55 15.03 -15.32
CA ILE A 25 -23.57 14.71 -14.29
C ILE A 25 -23.47 13.20 -14.20
N ALA A 26 -22.41 12.64 -14.78
CA ALA A 26 -22.13 11.22 -14.75
C ALA A 26 -21.73 10.77 -13.35
N VAL A 27 -21.96 9.49 -13.07
CA VAL A 27 -21.55 8.94 -11.78
C VAL A 27 -20.08 9.25 -11.56
N GLY A 28 -19.78 9.88 -10.43
CA GLY A 28 -18.42 10.28 -10.11
C GLY A 28 -18.04 11.71 -10.45
N SER A 29 -18.86 12.42 -11.24
CA SER A 29 -18.53 13.77 -11.69
C SER A 29 -19.08 14.80 -10.71
N SER A 30 -18.58 16.01 -10.79
CA SER A 30 -19.01 17.05 -9.88
C SER A 30 -19.98 18.00 -10.56
N VAL A 31 -20.89 18.55 -9.76
CA VAL A 31 -21.75 19.62 -10.22
C VAL A 31 -20.90 20.86 -10.47
N THR A 32 -21.02 21.43 -11.67
CA THR A 32 -20.37 22.70 -11.97
C THR A 32 -21.33 23.84 -11.68
N PHE A 33 -20.77 25.02 -11.41
CA PHE A 33 -21.58 26.21 -11.18
C PHE A 33 -21.09 27.31 -12.10
N ASN A 34 -21.95 27.76 -13.00
CA ASN A 34 -21.56 28.77 -13.96
C ASN A 34 -21.49 30.17 -13.37
N THR A 35 -22.07 30.42 -12.18
CA THR A 35 -22.15 31.80 -11.67
C THR A 35 -21.59 31.92 -10.25
N ASN A 36 -20.84 32.97 -9.99
CA ASN A 36 -20.42 33.29 -8.63
C ASN A 36 -21.38 34.33 -8.05
N GLY A 37 -21.86 34.08 -6.83
CA GLY A 37 -22.59 35.05 -6.08
C GLY A 37 -21.63 35.78 -5.17
N PRO A 38 -22.15 36.47 -4.15
CA PRO A 38 -21.27 37.20 -3.22
C PRO A 38 -20.22 36.30 -2.58
N ILE A 39 -19.00 36.81 -2.49
CA ILE A 39 -17.92 36.14 -1.78
C ILE A 39 -17.26 37.16 -0.88
N THR A 40 -17.26 36.89 0.44
CA THR A 40 -16.59 37.74 1.41
C THR A 40 -15.40 37.02 2.00
N GLY A 41 -14.37 37.79 2.35
CA GLY A 41 -13.21 37.21 2.98
C GLY A 41 -12.21 36.66 1.98
N THR A 42 -11.16 36.02 2.52
CA THR A 42 -10.08 35.48 1.71
C THR A 42 -10.07 33.96 1.62
N ALA A 43 -10.85 33.25 2.43
CA ALA A 43 -10.66 31.82 2.53
C ALA A 43 -11.14 31.09 1.27
N LEU A 44 -12.22 31.57 0.67
CA LEU A 44 -12.98 30.79 -0.28
C LEU A 44 -12.91 31.41 -1.67
N SER A 45 -12.73 30.54 -2.68
CA SER A 45 -12.70 30.96 -4.07
C SER A 45 -13.39 29.90 -4.92
N HIS A 46 -13.87 30.33 -6.08
CA HIS A 46 -14.44 29.42 -7.06
C HIS A 46 -14.31 30.03 -8.44
N ILE A 47 -13.76 29.26 -9.37
CA ILE A 47 -13.69 29.64 -10.76
C ILE A 47 -14.98 29.17 -11.41
N THR A 48 -15.75 30.09 -11.97
CA THR A 48 -16.98 29.71 -12.66
C THR A 48 -16.73 28.60 -13.68
N GLY A 49 -17.76 27.85 -14.00
CA GLY A 49 -17.63 26.73 -14.91
C GLY A 49 -17.01 25.48 -14.32
N THR A 50 -16.44 25.55 -13.12
CA THR A 50 -15.92 24.40 -12.40
C THR A 50 -16.84 24.04 -11.24
N GLY A 51 -16.60 22.87 -10.65
CA GLY A 51 -17.33 22.51 -9.45
C GLY A 51 -16.46 22.55 -8.22
N ASN A 52 -15.37 23.34 -8.28
CA ASN A 52 -14.31 23.34 -7.26
C ASN A 52 -14.38 24.60 -6.39
N ILE A 53 -14.78 24.44 -5.15
CA ILE A 53 -14.66 25.51 -4.15
C ILE A 53 -13.36 25.26 -3.39
N ILE A 54 -12.43 26.17 -3.53
CA ILE A 54 -11.12 26.08 -2.91
C ILE A 54 -11.15 26.78 -1.55
N ILE A 55 -10.54 26.15 -0.56
CA ILE A 55 -10.57 26.59 0.84
C ILE A 55 -9.14 26.77 1.31
N ASN A 56 -8.76 28.01 1.61
CA ASN A 56 -7.37 28.30 1.92
C ASN A 56 -7.16 28.77 3.35
N THR A 57 -8.13 28.57 4.22
CA THR A 57 -7.99 28.83 5.64
C THR A 57 -8.44 27.62 6.42
N LEU A 58 -7.62 27.21 7.39
CA LEU A 58 -7.97 26.05 8.19
C LEU A 58 -9.17 26.38 9.06
N GLY A 59 -10.01 25.39 9.31
CA GLY A 59 -11.10 25.59 10.24
C GLY A 59 -12.32 24.78 9.86
N THR A 60 -13.45 25.23 10.38
CA THR A 60 -14.72 24.51 10.32
C THR A 60 -15.75 25.30 9.53
N TYR A 61 -16.31 24.68 8.49
CA TYR A 61 -17.21 25.34 7.56
C TYR A 61 -18.58 24.65 7.50
N VAL A 62 -19.63 25.42 7.30
CA VAL A 62 -20.98 24.89 7.05
C VAL A 62 -21.31 25.05 5.57
N ALA A 63 -21.64 23.94 4.90
CA ALA A 63 -21.96 23.96 3.48
C ALA A 63 -23.39 23.48 3.25
N GLU A 64 -24.20 24.31 2.60
CA GLU A 64 -25.54 23.96 2.20
C GLU A 64 -25.58 23.86 0.67
N PHE A 65 -26.15 22.77 0.15
CA PHE A 65 -26.35 22.62 -1.28
C PHE A 65 -27.80 22.29 -1.59
N GLN A 66 -28.20 22.67 -2.80
CA GLN A 66 -29.51 22.42 -3.38
C GLN A 66 -29.28 21.96 -4.81
N LEU A 67 -30.15 21.06 -5.29
CA LEU A 67 -29.95 20.42 -6.59
C LEU A 67 -31.30 19.94 -7.08
N GLN A 68 -31.66 20.32 -8.31
CA GLN A 68 -32.96 20.00 -8.91
C GLN A 68 -32.72 19.17 -10.16
N ALA A 69 -33.00 17.87 -10.08
CA ALA A 69 -32.72 16.93 -11.17
C ALA A 69 -34.02 16.34 -11.69
N SER A 70 -33.96 15.75 -12.89
CA SER A 70 -35.17 15.17 -13.47
C SER A 70 -35.47 13.78 -12.93
N ARG A 71 -34.50 13.12 -12.28
CA ARG A 71 -34.69 11.82 -11.67
C ARG A 71 -34.19 11.86 -10.23
N GLU A 72 -34.69 10.92 -9.42
CA GLU A 72 -34.15 10.70 -8.09
C GLU A 72 -32.64 10.49 -8.20
N ASN A 73 -31.92 10.89 -7.15
CA ASN A 73 -30.46 10.99 -7.26
C ASN A 73 -29.86 11.03 -5.88
N GLN A 74 -28.53 10.85 -5.84
CA GLN A 74 -27.74 10.74 -4.61
C GLN A 74 -26.42 11.46 -4.84
N PHE A 75 -26.23 12.57 -4.17
CA PHE A 75 -25.02 13.36 -4.25
C PHE A 75 -24.41 13.52 -2.86
N SER A 76 -23.10 13.65 -2.82
CA SER A 76 -22.38 13.85 -1.57
C SER A 76 -21.44 15.03 -1.71
N LEU A 77 -21.34 15.82 -0.66
CA LEU A 77 -20.21 16.73 -0.53
C LEU A 77 -18.94 15.92 -0.32
N GLU A 78 -17.85 16.34 -0.97
CA GLU A 78 -16.57 15.65 -0.89
C GLU A 78 -15.46 16.68 -0.69
N LEU A 79 -14.44 16.29 0.07
CA LEU A 79 -13.31 17.17 0.37
C LEU A 79 -12.05 16.46 -0.09
N ASN A 80 -11.31 17.08 -0.99
CA ASN A 80 -10.07 16.48 -1.48
C ASN A 80 -10.30 15.06 -2.01
N GLY A 81 -11.45 14.86 -2.65
CA GLY A 81 -11.75 13.59 -3.28
C GLY A 81 -12.40 12.56 -2.38
N THR A 82 -12.59 12.87 -1.09
CA THR A 82 -13.20 11.94 -0.14
C THR A 82 -14.56 12.43 0.30
N PRO A 83 -15.58 11.58 0.25
CA PRO A 83 -16.91 11.97 0.76
C PRO A 83 -16.85 12.37 2.22
N ILE A 84 -17.47 13.50 2.52
CA ILE A 84 -17.48 14.10 3.85
C ILE A 84 -18.44 13.33 4.75
N PRO A 85 -18.11 13.06 6.01
CA PRO A 85 -19.06 12.36 6.88
C PRO A 85 -20.28 13.23 7.09
N GLY A 86 -21.45 12.61 6.96
CA GLY A 86 -22.65 13.42 7.04
C GLY A 86 -22.88 14.33 5.86
N GLY A 87 -22.29 14.02 4.72
CA GLY A 87 -22.44 14.92 3.59
C GLY A 87 -23.15 14.33 2.38
N ARG A 88 -23.74 13.14 2.50
CA ARG A 88 -24.39 12.49 1.36
C ARG A 88 -25.90 12.53 1.53
N PHE A 89 -26.61 12.97 0.49
CA PHE A 89 -28.06 13.17 0.55
C PHE A 89 -28.71 12.64 -0.72
N GLY A 90 -29.88 12.03 -0.58
CA GLY A 90 -30.59 11.46 -1.70
C GLY A 90 -32.07 11.69 -1.58
N THR A 91 -32.71 11.84 -2.74
CA THR A 91 -34.17 11.89 -2.75
C THR A 91 -34.67 10.76 -3.62
N GLY A 92 -35.90 10.32 -3.34
CA GLY A 92 -36.50 9.22 -4.06
C GLY A 92 -37.52 9.62 -5.07
N SER A 93 -37.79 10.92 -5.23
CA SER A 93 -38.80 11.43 -6.13
C SER A 93 -38.15 12.16 -7.27
N PRO A 94 -38.50 11.84 -8.52
CA PRO A 94 -38.00 12.63 -9.64
C PRO A 94 -38.59 14.03 -9.61
N HIS A 95 -37.81 14.97 -10.16
CA HIS A 95 -38.18 16.39 -10.22
C HIS A 95 -38.49 16.94 -8.83
N SER A 96 -37.68 16.54 -7.85
CA SER A 96 -37.84 16.93 -6.46
C SER A 96 -36.49 17.39 -5.91
N ILE A 97 -36.49 18.42 -5.05
CA ILE A 97 -35.23 19.00 -4.62
C ILE A 97 -34.42 17.99 -3.81
N ASN A 98 -33.13 17.94 -4.08
CA ASN A 98 -32.17 17.29 -3.19
C ASN A 98 -31.45 18.39 -2.42
N GLN A 99 -31.66 18.41 -1.11
CA GLN A 99 -31.16 19.49 -0.28
C GLN A 99 -30.42 18.90 0.92
N GLY A 100 -29.17 19.35 1.12
CA GLY A 100 -28.37 18.90 2.25
C GLY A 100 -27.56 19.99 2.90
N THR A 101 -27.53 20.02 4.24
CA THR A 101 -26.71 20.95 5.02
C THR A 101 -25.77 20.11 5.86
N ALA A 102 -24.45 20.32 5.69
CA ALA A 102 -23.43 19.59 6.44
C ALA A 102 -22.30 20.53 6.84
N ALA A 103 -21.61 20.20 7.93
CA ALA A 103 -20.43 20.93 8.38
C ALA A 103 -19.21 20.02 8.44
N PHE A 104 -18.06 20.57 8.08
CA PHE A 104 -16.84 19.80 8.00
C PHE A 104 -15.69 20.66 8.50
N THR A 105 -14.60 19.99 8.80
CA THR A 105 -13.41 20.67 9.27
C THR A 105 -12.32 20.51 8.23
N VAL A 106 -11.72 21.63 7.82
CA VAL A 106 -10.60 21.62 6.88
C VAL A 106 -9.31 21.54 7.69
N THR A 107 -8.57 20.46 7.50
CA THR A 107 -7.36 20.20 8.28
C THR A 107 -6.07 20.47 7.51
N VAL A 108 -6.16 20.66 6.19
CA VAL A 108 -4.99 21.07 5.42
C VAL A 108 -5.44 22.06 4.35
N VAL A 109 -4.54 22.98 4.00
CA VAL A 109 -4.81 24.01 3.01
C VAL A 109 -3.78 23.92 1.88
N PRO A 110 -4.22 24.09 0.63
CA PRO A 110 -5.61 24.31 0.21
C PRO A 110 -6.40 23.00 0.20
N SER A 111 -7.70 23.05 0.41
CA SER A 111 -8.56 21.89 0.22
C SER A 111 -9.64 22.23 -0.80
N THR A 112 -10.17 21.20 -1.47
CA THR A 112 -11.13 21.41 -2.55
C THR A 112 -12.46 20.77 -2.16
N LEU A 113 -13.51 21.58 -2.04
CA LEU A 113 -14.87 21.07 -1.83
C LEU A 113 -15.59 20.89 -3.17
N THR A 114 -16.14 19.71 -3.39
CA THR A 114 -16.94 19.42 -4.57
C THR A 114 -18.24 18.75 -4.15
N LEU A 115 -19.16 18.66 -5.11
CA LEU A 115 -20.47 18.03 -4.92
C LEU A 115 -20.66 17.01 -6.04
N ILE A 116 -20.74 15.73 -5.69
CA ILE A 116 -20.44 14.69 -6.67
C ILE A 116 -21.53 13.63 -6.71
N ASN A 117 -21.90 13.24 -7.94
CA ASN A 117 -22.80 12.13 -8.21
C ASN A 117 -22.14 10.92 -7.57
N ASN A 118 -22.45 10.71 -6.30
CA ASN A 118 -21.93 9.62 -5.48
C ASN A 118 -22.96 8.50 -5.49
N THR A 119 -23.17 8.14 -6.74
CA THR A 119 -23.83 6.95 -7.26
C THR A 119 -25.33 6.96 -7.05
N SER A 120 -25.97 7.87 -7.76
CA SER A 120 -27.39 7.72 -8.04
C SER A 120 -27.59 6.42 -8.80
N SER A 121 -28.68 5.73 -8.48
CA SER A 121 -28.99 4.45 -9.13
C SER A 121 -29.22 4.63 -10.62
N ALA A 122 -29.87 5.74 -11.00
CA ALA A 122 -30.18 6.00 -12.40
C ALA A 122 -28.93 6.30 -13.23
N GLY A 123 -27.76 6.41 -12.62
CA GLY A 123 -26.53 6.67 -13.36
C GLY A 123 -26.34 8.17 -13.59
N THR A 124 -26.26 8.56 -14.85
CA THR A 124 -26.02 9.97 -15.16
C THR A 124 -27.25 10.79 -14.84
N ILE A 125 -27.07 11.85 -14.07
CA ILE A 125 -28.16 12.74 -13.68
C ILE A 125 -28.12 14.00 -14.53
N THR A 126 -29.29 14.53 -14.86
CA THR A 126 -29.38 15.76 -15.63
C THR A 126 -30.18 16.76 -14.81
N LEU A 127 -29.66 17.97 -14.66
CA LEU A 127 -30.38 18.92 -13.84
C LEU A 127 -31.48 19.61 -14.65
N SER A 128 -32.38 20.26 -13.93
CA SER A 128 -33.47 21.03 -14.53
C SER A 128 -33.33 22.48 -14.11
N ASN A 129 -33.33 23.38 -15.08
CA ASN A 129 -33.33 24.79 -14.75
C ASN A 129 -34.70 25.43 -15.00
N SER A 130 -35.76 24.62 -14.98
CA SER A 130 -37.02 25.08 -15.51
C SER A 130 -38.25 24.56 -14.75
N ASP A 131 -38.05 23.78 -13.69
CA ASP A 131 -39.18 23.20 -12.98
C ASP A 131 -40.08 24.27 -12.41
N GLY A 132 -41.40 24.06 -12.56
CA GLY A 132 -42.42 24.87 -11.95
C GLY A 132 -42.86 26.08 -12.75
N GLY A 133 -42.02 26.61 -13.63
CA GLY A 133 -42.30 27.91 -14.17
C GLY A 133 -41.61 28.13 -15.50
N SER A 134 -41.88 29.30 -16.07
CA SER A 134 -41.41 29.63 -17.40
C SER A 134 -40.11 30.42 -17.40
N LEU A 135 -39.58 30.76 -16.22
CA LEU A 135 -38.31 31.46 -16.10
C LEU A 135 -37.20 30.47 -15.78
N THR A 136 -35.96 30.97 -15.82
CA THR A 136 -34.80 30.14 -15.50
C THR A 136 -34.58 30.10 -13.98
N ASN A 137 -34.54 28.90 -13.40
CA ASN A 137 -34.25 28.84 -11.98
CA ASN A 137 -34.28 28.64 -11.98
C ASN A 137 -32.81 28.36 -11.74
N VAL A 138 -32.39 28.54 -10.49
CA VAL A 138 -31.17 27.92 -10.01
C VAL A 138 -31.36 26.41 -10.02
N SER A 139 -30.55 25.69 -10.80
CA SER A 139 -30.64 24.24 -10.87
C SER A 139 -29.71 23.54 -9.90
N ALA A 140 -28.74 24.25 -9.35
CA ALA A 140 -27.82 23.73 -8.34
C ALA A 140 -27.11 24.91 -7.70
N SER A 141 -26.72 24.75 -6.44
CA SER A 141 -26.16 25.89 -5.71
C SER A 141 -25.50 25.43 -4.43
N ILE A 142 -24.48 26.19 -4.00
CA ILE A 142 -23.81 25.96 -2.72
C ILE A 142 -23.63 27.30 -2.02
N SER A 143 -24.00 27.35 -0.74
CA SER A 143 -23.76 28.47 0.16
C SER A 143 -22.92 27.97 1.33
N ILE A 144 -21.73 28.53 1.54
CA ILE A 144 -20.85 28.03 2.58
C ILE A 144 -20.24 29.20 3.37
N PHE A 145 -20.08 29.00 4.67
CA PHE A 145 -19.44 29.98 5.53
C PHE A 145 -18.62 29.25 6.60
N GLN A 146 -17.71 30.01 7.22
CA GLN A 146 -16.74 29.50 8.19
C GLN A 146 -17.24 29.78 9.60
N VAL A 147 -17.41 28.73 10.39
CA VAL A 147 -17.80 28.91 11.78
C VAL A 147 -16.63 28.79 12.74
N GLY A 148 -15.55 28.10 12.36
CA GLY A 148 -14.41 27.92 13.25
C GLY A 148 -13.03 28.03 12.61
N THR B 12 1.77 3.07 4.05
CA THR B 12 2.55 3.64 2.96
C THR B 12 1.62 4.38 1.99
N ASN B 13 2.14 5.11 1.01
CA ASN B 13 1.29 5.93 0.16
C ASN B 13 0.93 5.18 -1.11
N TYR B 14 -0.37 4.90 -1.27
CA TYR B 14 -0.86 4.10 -2.37
C TYR B 14 -2.16 4.69 -2.90
N LEU B 15 -2.35 4.60 -4.22
CA LEU B 15 -3.63 5.02 -4.80
C LEU B 15 -3.93 4.23 -6.07
N TYR B 16 -5.18 3.81 -6.20
CA TYR B 16 -5.71 3.15 -7.38
C TYR B 16 -6.92 3.93 -7.87
N VAL B 17 -6.90 4.33 -9.14
CA VAL B 17 -8.04 5.03 -9.73
C VAL B 17 -8.32 4.39 -11.07
N PHE B 18 -9.60 4.32 -11.45
CA PHE B 18 -9.95 3.64 -12.68
C PHE B 18 -11.18 4.26 -13.31
N ASP B 19 -11.39 3.94 -14.58
CA ASP B 19 -12.54 4.43 -15.32
C ASP B 19 -13.23 3.26 -16.01
N THR B 20 -14.55 3.39 -16.15
CA THR B 20 -15.36 2.30 -16.71
C THR B 20 -16.22 2.79 -17.87
N THR B 21 -15.84 3.91 -18.51
CA THR B 21 -16.64 4.55 -19.55
C THR B 21 -15.89 4.62 -20.85
N ASN B 22 -16.61 5.00 -21.89
CA ASN B 22 -16.06 5.13 -23.24
C ASN B 22 -15.67 6.57 -23.55
N GLN B 23 -15.00 7.23 -22.62
CA GLN B 23 -14.65 8.63 -22.80
C GLN B 23 -13.80 8.82 -24.06
N SER B 24 -13.85 10.02 -24.60
CA SER B 24 -13.03 10.45 -25.72
C SER B 24 -12.00 11.45 -25.20
N ILE B 25 -10.75 11.29 -25.62
CA ILE B 25 -9.68 12.18 -25.19
C ILE B 25 -9.07 12.83 -26.43
N ALA B 26 -9.34 14.12 -26.64
CA ALA B 26 -8.68 14.85 -27.71
C ALA B 26 -7.19 15.00 -27.43
N VAL B 27 -6.43 15.34 -28.48
CA VAL B 27 -5.01 15.63 -28.32
C VAL B 27 -4.84 16.73 -27.29
N GLY B 28 -3.95 16.52 -26.31
CA GLY B 28 -3.72 17.46 -25.25
C GLY B 28 -4.56 17.24 -24.00
N SER B 29 -5.64 16.47 -24.08
CA SER B 29 -6.50 16.29 -22.93
C SER B 29 -6.03 15.09 -22.09
N SER B 30 -6.51 15.05 -20.85
CA SER B 30 -6.13 13.97 -19.94
C SER B 30 -7.23 12.93 -19.84
N VAL B 31 -6.82 11.70 -19.57
CA VAL B 31 -7.78 10.66 -19.24
C VAL B 31 -8.47 11.01 -17.93
N THR B 32 -9.78 10.84 -17.88
CA THR B 32 -10.45 11.00 -16.60
C THR B 32 -10.77 9.63 -16.00
N PHE B 33 -10.94 9.60 -14.68
CA PHE B 33 -11.26 8.36 -13.97
C PHE B 33 -12.48 8.58 -13.10
N ASN B 34 -13.59 7.90 -13.42
CA ASN B 34 -14.82 8.06 -12.64
C ASN B 34 -14.80 7.36 -11.31
N THR B 35 -13.76 6.59 -10.96
CA THR B 35 -13.86 5.79 -9.74
C THR B 35 -12.54 5.74 -8.96
N ASN B 36 -12.66 5.86 -7.64
CA ASN B 36 -11.53 5.74 -6.74
C ASN B 36 -11.51 4.34 -6.16
N GLY B 37 -10.35 3.68 -6.23
CA GLY B 37 -10.10 2.42 -5.56
C GLY B 37 -9.46 2.68 -4.20
N PRO B 38 -8.86 1.67 -3.59
CA PRO B 38 -8.21 1.91 -2.29
C PRO B 38 -7.17 3.02 -2.36
N ILE B 39 -7.17 3.89 -1.33
CA ILE B 39 -6.22 4.99 -1.19
C ILE B 39 -5.66 4.93 0.23
N THR B 40 -4.40 4.54 0.37
CA THR B 40 -3.71 4.57 1.66
C THR B 40 -2.76 5.75 1.75
N GLY B 41 -2.58 6.27 2.97
CA GLY B 41 -1.66 7.37 3.21
C GLY B 41 -2.30 8.74 3.06
N THR B 42 -1.46 9.77 3.23
CA THR B 42 -1.88 11.16 3.07
C THR B 42 -1.45 11.79 1.74
N ALA B 43 -0.45 11.24 1.06
CA ALA B 43 0.22 12.01 0.00
C ALA B 43 -0.65 12.15 -1.25
N LEU B 44 -1.40 11.11 -1.60
CA LEU B 44 -2.06 11.03 -2.89
C LEU B 44 -3.56 11.30 -2.74
N SER B 45 -4.12 12.09 -3.65
CA SER B 45 -5.56 12.25 -3.66
C SER B 45 -6.03 12.29 -5.11
N HIS B 46 -7.34 12.19 -5.29
CA HIS B 46 -7.94 12.23 -6.62
C HIS B 46 -9.44 12.48 -6.49
N ILE B 47 -9.92 13.53 -7.13
CA ILE B 47 -11.34 13.81 -7.25
C ILE B 47 -11.87 13.02 -8.45
N THR B 48 -12.95 12.26 -8.22
CA THR B 48 -13.49 11.43 -9.28
C THR B 48 -14.02 12.30 -10.41
N GLY B 49 -14.04 11.74 -11.61
CA GLY B 49 -14.43 12.48 -12.80
C GLY B 49 -13.39 13.41 -13.37
N THR B 50 -12.24 13.56 -12.71
CA THR B 50 -11.11 14.33 -13.21
C THR B 50 -9.97 13.39 -13.55
N GLY B 51 -8.93 13.93 -14.18
CA GLY B 51 -7.74 13.17 -14.47
C GLY B 51 -6.57 13.48 -13.56
N ASN B 52 -6.81 14.17 -12.44
CA ASN B 52 -5.78 14.84 -11.66
C ASN B 52 -5.44 14.03 -10.41
N ILE B 53 -4.26 13.43 -10.38
CA ILE B 53 -3.79 12.76 -9.18
C ILE B 53 -2.86 13.73 -8.46
N ILE B 54 -3.30 14.24 -7.30
CA ILE B 54 -2.56 15.24 -6.55
C ILE B 54 -1.54 14.56 -5.65
N ILE B 55 -0.31 15.01 -5.71
CA ILE B 55 0.79 14.48 -4.91
C ILE B 55 1.20 15.58 -3.93
N ASN B 56 1.18 15.26 -2.64
CA ASN B 56 1.46 16.23 -1.59
C ASN B 56 2.67 15.88 -0.75
N THR B 57 3.51 14.95 -1.17
CA THR B 57 4.70 14.58 -0.41
C THR B 57 5.88 14.39 -1.35
N LEU B 58 7.00 15.05 -1.06
CA LEU B 58 8.16 14.93 -1.92
C LEU B 58 8.71 13.51 -1.97
N GLY B 59 9.23 13.12 -3.11
CA GLY B 59 9.91 11.85 -3.22
C GLY B 59 9.59 11.17 -4.53
N THR B 60 9.95 9.89 -4.57
CA THR B 60 9.93 9.09 -5.79
C THR B 60 8.71 8.19 -5.80
N TYR B 61 8.03 8.12 -6.95
CA TYR B 61 6.75 7.44 -7.06
C TYR B 61 6.75 6.53 -8.29
N VAL B 62 6.15 5.36 -8.18
CA VAL B 62 6.03 4.42 -9.28
C VAL B 62 4.57 4.41 -9.72
N ALA B 63 4.30 4.87 -10.94
CA ALA B 63 2.97 4.84 -11.52
C ALA B 63 2.91 3.85 -12.69
N GLU B 64 1.78 3.18 -12.78
CA GLU B 64 1.46 2.25 -13.85
C GLU B 64 0.11 2.65 -14.43
N PHE B 65 -0.03 2.64 -15.75
CA PHE B 65 -1.34 2.90 -16.33
C PHE B 65 -1.65 1.85 -17.37
N GLN B 66 -2.95 1.61 -17.53
CA GLN B 66 -3.53 0.75 -18.56
C GLN B 66 -4.58 1.59 -19.28
N LEU B 67 -4.83 1.29 -20.54
CA LEU B 67 -5.74 2.10 -21.33
C LEU B 67 -6.16 1.28 -22.54
N GLN B 68 -7.47 1.10 -22.71
CA GLN B 68 -8.03 0.23 -23.75
C GLN B 68 -8.83 1.09 -24.72
N ALA B 69 -8.27 1.35 -25.89
CA ALA B 69 -8.90 2.23 -26.87
C ALA B 69 -9.17 1.46 -28.17
N SER B 70 -10.01 2.05 -29.03
CA SER B 70 -10.38 1.38 -30.27
C SER B 70 -9.41 1.63 -31.40
N ARG B 71 -8.44 2.51 -31.22
CA ARG B 71 -7.46 2.85 -32.24
C ARG B 71 -6.07 2.86 -31.59
N GLU B 72 -5.04 2.65 -32.40
CA GLU B 72 -3.69 2.86 -31.93
C GLU B 72 -3.53 4.27 -31.37
N ASN B 73 -2.66 4.42 -30.36
CA ASN B 73 -2.68 5.66 -29.60
C ASN B 73 -1.36 5.83 -28.85
N GLN B 74 -1.13 7.05 -28.37
CA GLN B 74 0.11 7.39 -27.70
C GLN B 74 -0.22 8.28 -26.52
N PHE B 75 0.20 7.87 -25.33
CA PHE B 75 -0.14 8.62 -24.14
C PHE B 75 1.09 8.74 -23.27
N SER B 76 1.16 9.82 -22.51
CA SER B 76 2.28 10.03 -21.60
C SER B 76 1.78 10.40 -20.22
N LEU B 77 2.46 9.90 -19.20
CA LEU B 77 2.33 10.48 -17.87
C LEU B 77 2.95 11.89 -17.86
N GLU B 78 2.23 12.84 -17.29
CA GLU B 78 2.75 14.19 -17.20
C GLU B 78 2.69 14.63 -15.76
N LEU B 79 3.58 15.55 -15.39
CA LEU B 79 3.65 16.07 -14.03
C LEU B 79 3.61 17.59 -14.14
N ASN B 80 2.56 18.20 -13.63
CA ASN B 80 2.41 19.65 -13.72
C ASN B 80 2.49 20.11 -15.18
N GLY B 81 1.85 19.36 -16.06
CA GLY B 81 1.82 19.76 -17.45
C GLY B 81 3.08 19.49 -18.25
N THR B 82 4.03 18.75 -17.70
CA THR B 82 5.27 18.42 -18.44
C THR B 82 5.46 16.91 -18.53
N PRO B 83 5.50 16.35 -19.73
CA PRO B 83 5.73 14.90 -19.88
C PRO B 83 6.94 14.42 -19.08
N ILE B 84 6.75 13.30 -18.42
CA ILE B 84 7.71 12.70 -17.50
C ILE B 84 8.76 11.96 -18.32
N PRO B 85 10.06 12.05 -18.00
CA PRO B 85 11.04 11.23 -18.71
C PRO B 85 10.71 9.75 -18.55
N GLY B 86 10.49 9.09 -19.67
CA GLY B 86 10.18 7.69 -19.63
C GLY B 86 8.73 7.36 -19.29
N GLY B 87 7.80 8.27 -19.53
CA GLY B 87 6.41 8.09 -19.15
C GLY B 87 5.46 8.08 -20.34
N ARG B 88 5.99 8.06 -21.56
CA ARG B 88 5.18 8.03 -22.76
C ARG B 88 5.30 6.66 -23.43
N PHE B 89 4.16 6.03 -23.66
CA PHE B 89 4.04 4.71 -24.26
C PHE B 89 3.02 4.79 -25.38
N GLY B 90 3.20 3.97 -26.39
CA GLY B 90 2.28 3.94 -27.51
C GLY B 90 2.22 2.53 -28.05
N THR B 91 1.04 2.13 -28.51
CA THR B 91 0.85 0.89 -29.23
C THR B 91 0.41 1.22 -30.65
N GLY B 92 0.67 0.29 -31.56
CA GLY B 92 0.34 0.53 -32.95
C GLY B 92 -0.69 -0.44 -33.48
N SER B 93 -1.38 -1.12 -32.56
CA SER B 93 -2.47 -2.01 -32.93
C SER B 93 -3.75 -1.50 -32.29
N PRO B 94 -4.87 -1.52 -32.99
CA PRO B 94 -6.14 -1.07 -32.39
C PRO B 94 -6.75 -2.15 -31.50
N HIS B 95 -7.57 -1.68 -30.56
CA HIS B 95 -8.25 -2.55 -29.60
C HIS B 95 -7.28 -3.42 -28.82
N SER B 96 -6.07 -2.94 -28.60
CA SER B 96 -5.13 -3.66 -27.76
C SER B 96 -4.54 -2.68 -26.75
N ILE B 97 -4.14 -3.21 -25.60
CA ILE B 97 -3.86 -2.38 -24.44
C ILE B 97 -2.64 -1.49 -24.67
N ASN B 98 -2.73 -0.25 -24.18
CA ASN B 98 -1.56 0.59 -23.98
C ASN B 98 -1.21 0.52 -22.50
N GLN B 99 0.00 0.05 -22.19
CA GLN B 99 0.41 -0.17 -20.81
C GLN B 99 1.83 0.32 -20.62
N GLY B 100 2.09 1.00 -19.50
CA GLY B 100 3.42 1.42 -19.15
C GLY B 100 3.57 1.65 -17.66
N THR B 101 4.73 1.32 -17.13
CA THR B 101 5.06 1.52 -15.72
C THR B 101 6.21 2.51 -15.67
N ALA B 102 6.06 3.56 -14.87
CA ALA B 102 7.11 4.58 -14.87
C ALA B 102 7.30 5.19 -13.48
N ALA B 103 8.55 5.42 -13.13
CA ALA B 103 8.92 6.08 -11.89
C ALA B 103 9.32 7.51 -12.16
N PHE B 104 9.09 8.38 -11.17
CA PHE B 104 9.41 9.79 -11.28
C PHE B 104 9.63 10.36 -9.89
N THR B 105 10.28 11.50 -9.84
CA THR B 105 10.55 12.15 -8.57
C THR B 105 9.79 13.47 -8.53
N VAL B 106 9.08 13.69 -7.43
CA VAL B 106 8.26 14.88 -7.21
C VAL B 106 9.10 15.85 -6.38
N THR B 107 9.41 17.01 -6.94
CA THR B 107 10.32 17.93 -6.27
C THR B 107 9.64 19.15 -5.70
N VAL B 108 8.44 19.48 -6.16
CA VAL B 108 7.63 20.53 -5.57
C VAL B 108 6.29 19.91 -5.18
N VAL B 109 5.70 20.44 -4.11
CA VAL B 109 4.36 20.00 -3.71
C VAL B 109 3.49 21.24 -3.59
N PRO B 110 2.21 21.16 -3.95
CA PRO B 110 1.56 19.99 -4.57
C PRO B 110 2.03 19.78 -6.01
N SER B 111 2.04 18.54 -6.48
CA SER B 111 2.25 18.23 -7.88
C SER B 111 1.05 17.46 -8.39
N THR B 112 0.78 17.61 -9.68
CA THR B 112 -0.39 17.01 -10.31
C THR B 112 0.08 16.07 -11.40
N LEU B 113 -0.30 14.80 -11.27
CA LEU B 113 -0.02 13.75 -12.24
C LEU B 113 -1.27 13.52 -13.09
N THR B 114 -1.09 13.56 -14.41
CA THR B 114 -2.18 13.32 -15.37
C THR B 114 -1.66 12.37 -16.43
N LEU B 115 -2.59 11.75 -17.15
CA LEU B 115 -2.31 10.88 -18.28
C LEU B 115 -2.92 11.50 -19.53
N ILE B 116 -2.09 11.96 -20.47
CA ILE B 116 -2.51 12.88 -21.50
C ILE B 116 -2.26 12.29 -22.89
N ASN B 117 -3.22 12.51 -23.80
CA ASN B 117 -3.07 12.13 -25.20
C ASN B 117 -1.94 12.96 -25.79
N ASN B 118 -0.82 12.32 -26.13
CA ASN B 118 0.45 13.04 -26.27
C ASN B 118 1.46 12.26 -27.11
N THR B 119 1.25 12.16 -28.43
CA THR B 119 0.23 12.79 -29.25
C THR B 119 -0.17 11.81 -30.33
N SER B 120 -1.41 11.31 -30.23
CA SER B 120 -1.82 10.19 -31.06
C SER B 120 -2.07 10.60 -32.50
N SER B 121 -1.43 9.86 -33.42
CA SER B 121 -1.60 10.10 -34.85
C SER B 121 -3.05 10.24 -35.26
N ALA B 122 -3.92 9.41 -34.70
CA ALA B 122 -5.34 9.40 -35.04
C ALA B 122 -6.14 10.56 -34.40
N GLY B 123 -5.47 11.50 -33.73
CA GLY B 123 -6.17 12.60 -33.08
C GLY B 123 -6.92 12.19 -31.83
N THR B 124 -8.23 12.35 -31.83
CA THR B 124 -9.02 12.11 -30.63
C THR B 124 -9.21 10.63 -30.40
N ILE B 125 -8.95 10.18 -29.17
CA ILE B 125 -8.96 8.76 -28.85
C ILE B 125 -10.16 8.46 -27.97
N THR B 126 -10.90 7.43 -28.32
CA THR B 126 -12.08 6.99 -27.58
C THR B 126 -11.78 5.65 -26.92
N LEU B 127 -11.98 5.59 -25.61
CA LEU B 127 -11.72 4.35 -24.88
C LEU B 127 -12.83 3.35 -25.14
N SER B 128 -12.57 2.09 -24.76
CA SER B 128 -13.59 1.05 -24.81
C SER B 128 -13.68 0.39 -23.44
N ASN B 129 -14.90 0.28 -22.93
CA ASN B 129 -15.17 -0.40 -21.67
C ASN B 129 -15.80 -1.76 -21.90
N SER B 130 -15.71 -2.28 -23.13
CA SER B 130 -16.49 -3.44 -23.53
C SER B 130 -15.69 -4.48 -24.31
N ASP B 131 -14.41 -4.25 -24.58
CA ASP B 131 -13.63 -5.17 -25.39
C ASP B 131 -13.62 -6.57 -24.79
N GLY B 132 -13.90 -7.55 -25.64
CA GLY B 132 -13.64 -8.94 -25.35
C GLY B 132 -14.75 -9.68 -24.63
N GLY B 133 -15.84 -9.02 -24.23
CA GLY B 133 -16.84 -9.73 -23.46
C GLY B 133 -18.07 -8.88 -23.23
N SER B 134 -19.02 -9.44 -22.46
CA SER B 134 -20.35 -8.86 -22.34
C SER B 134 -20.52 -7.96 -21.13
N LEU B 135 -19.55 -7.92 -20.22
CA LEU B 135 -19.63 -7.12 -19.02
C LEU B 135 -18.79 -5.86 -19.18
N THR B 136 -18.72 -5.06 -18.11
CA THR B 136 -18.06 -3.76 -18.13
C THR B 136 -16.62 -3.89 -17.64
N ASN B 137 -15.68 -3.40 -18.44
CA ASN B 137 -14.25 -3.44 -18.14
C ASN B 137 -13.82 -2.12 -17.55
N VAL B 138 -12.68 -2.17 -16.85
CA VAL B 138 -11.90 -0.96 -16.64
C VAL B 138 -11.35 -0.53 -17.99
N SER B 139 -11.71 0.67 -18.44
CA SER B 139 -11.20 1.18 -19.71
C SER B 139 -9.88 1.87 -19.56
N ALA B 140 -9.58 2.42 -18.37
CA ALA B 140 -8.26 2.97 -18.09
C ALA B 140 -8.10 3.09 -16.58
N SER B 141 -6.85 3.09 -16.11
CA SER B 141 -6.58 3.03 -14.69
C SER B 141 -5.15 3.46 -14.41
N ILE B 142 -4.92 3.95 -13.20
CA ILE B 142 -3.58 4.23 -12.71
C ILE B 142 -3.46 3.64 -11.31
N SER B 143 -2.35 2.94 -11.08
CA SER B 143 -1.95 2.42 -9.78
C SER B 143 -0.59 3.03 -9.45
N ILE B 144 -0.46 3.66 -8.29
CA ILE B 144 0.73 4.42 -7.97
C ILE B 144 1.05 4.26 -6.48
N PHE B 145 2.33 4.08 -6.15
CA PHE B 145 2.76 4.09 -4.76
C PHE B 145 4.04 4.90 -4.65
N GLN B 146 4.35 5.31 -3.43
CA GLN B 146 5.60 5.99 -3.18
C GLN B 146 6.67 4.96 -2.84
N VAL B 147 7.85 5.14 -3.41
CA VAL B 147 8.93 4.17 -3.24
C VAL B 147 10.12 4.74 -2.48
N GLY B 148 10.13 6.02 -2.16
CA GLY B 148 11.20 6.63 -1.39
C GLY B 148 10.99 8.12 -1.18
N THR C 12 7.18 -7.74 4.53
CA THR C 12 6.16 -7.58 3.50
C THR C 12 5.67 -8.92 2.92
N ASN C 13 4.44 -8.88 2.43
CA ASN C 13 3.76 -10.05 1.92
C ASN C 13 3.70 -9.94 0.40
N TYR C 14 4.21 -10.96 -0.28
CA TYR C 14 4.23 -10.95 -1.73
C TYR C 14 4.01 -12.37 -2.23
N LEU C 15 3.39 -12.49 -3.40
CA LEU C 15 3.26 -13.80 -4.01
C LEU C 15 3.28 -13.68 -5.52
N TYR C 16 3.96 -14.61 -6.18
CA TYR C 16 3.91 -14.73 -7.63
C TYR C 16 3.55 -16.17 -7.97
N VAL C 17 2.50 -16.34 -8.77
CA VAL C 17 2.12 -17.64 -9.29
C VAL C 17 1.84 -17.47 -10.76
N PHE C 18 2.13 -18.51 -11.55
CA PHE C 18 2.03 -18.40 -12.99
C PHE C 18 1.71 -19.76 -13.60
N ASP C 19 1.23 -19.74 -14.85
CA ASP C 19 0.89 -20.93 -15.60
C ASP C 19 1.66 -21.02 -16.92
N THR C 20 1.95 -22.25 -17.36
CA THR C 20 2.65 -22.45 -18.63
C THR C 20 1.89 -23.41 -19.56
N THR C 21 0.57 -23.52 -19.43
CA THR C 21 -0.22 -24.49 -20.18
C THR C 21 -1.24 -23.80 -21.08
N ASN C 22 -1.67 -24.51 -22.13
CA ASN C 22 -2.76 -24.05 -23.00
C ASN C 22 -4.14 -24.35 -22.41
N GLN C 23 -4.28 -24.19 -21.10
CA GLN C 23 -5.51 -24.49 -20.39
C GLN C 23 -6.71 -23.77 -21.02
N SER C 24 -7.88 -24.39 -20.90
CA SER C 24 -9.17 -23.83 -21.33
C SER C 24 -9.98 -23.47 -20.11
N ILE C 25 -10.63 -22.31 -20.15
CA ILE C 25 -11.38 -21.79 -19.02
C ILE C 25 -12.81 -21.49 -19.48
N ALA C 26 -13.78 -22.18 -18.89
CA ALA C 26 -15.16 -21.91 -19.22
C ALA C 26 -15.65 -20.65 -18.52
N VAL C 27 -16.63 -19.97 -19.13
CA VAL C 27 -17.30 -18.87 -18.45
C VAL C 27 -17.63 -19.30 -17.04
N GLY C 28 -17.27 -18.47 -16.07
CA GLY C 28 -17.50 -18.78 -14.67
C GLY C 28 -16.36 -19.49 -13.99
N SER C 29 -15.50 -20.17 -14.75
CA SER C 29 -14.39 -20.94 -14.22
C SER C 29 -13.14 -20.09 -14.08
N SER C 30 -12.25 -20.53 -13.19
CA SER C 30 -11.06 -19.77 -12.84
C SER C 30 -9.84 -20.26 -13.61
N VAL C 31 -8.86 -19.36 -13.74
CA VAL C 31 -7.59 -19.69 -14.35
C VAL C 31 -6.71 -20.41 -13.31
N THR C 32 -6.17 -21.56 -13.69
CA THR C 32 -5.30 -22.28 -12.76
C THR C 32 -3.84 -21.99 -13.08
N PHE C 33 -2.99 -22.15 -12.07
CA PHE C 33 -1.57 -21.85 -12.21
C PHE C 33 -0.77 -23.07 -11.77
N ASN C 34 -0.03 -23.66 -12.71
CA ASN C 34 0.71 -24.90 -12.45
C ASN C 34 2.02 -24.68 -11.70
N THR C 35 2.45 -23.43 -11.52
CA THR C 35 3.74 -23.16 -10.89
C THR C 35 3.64 -22.06 -9.85
N ASN C 36 4.37 -22.21 -8.76
CA ASN C 36 4.57 -21.14 -7.81
C ASN C 36 5.91 -20.45 -8.05
N GLY C 37 5.89 -19.12 -8.13
CA GLY C 37 7.09 -18.34 -8.09
C GLY C 37 7.44 -17.98 -6.65
N PRO C 38 8.28 -16.98 -6.45
CA PRO C 38 8.58 -16.56 -5.08
C PRO C 38 7.33 -16.14 -4.32
N ILE C 39 7.32 -16.48 -3.02
CA ILE C 39 6.30 -16.11 -2.07
C ILE C 39 7.00 -15.79 -0.75
N THR C 40 6.55 -14.73 -0.08
CA THR C 40 7.17 -14.28 1.14
C THR C 40 6.08 -13.88 2.12
N GLY C 41 6.30 -14.17 3.39
CA GLY C 41 5.35 -13.76 4.41
C GLY C 41 4.23 -14.78 4.61
N THR C 42 3.26 -14.39 5.44
CA THR C 42 2.22 -15.31 5.87
C THR C 42 0.84 -14.99 5.32
N ALA C 43 0.64 -13.81 4.73
CA ALA C 43 -0.71 -13.46 4.30
C ALA C 43 -1.15 -14.25 3.08
N LEU C 44 -0.24 -14.51 2.14
CA LEU C 44 -0.61 -14.98 0.82
C LEU C 44 -0.11 -16.40 0.59
N SER C 45 -0.92 -17.21 -0.07
CA SER C 45 -0.52 -18.57 -0.35
C SER C 45 -1.23 -19.07 -1.59
N HIS C 46 -0.70 -20.16 -2.15
CA HIS C 46 -1.33 -20.83 -3.28
C HIS C 46 -0.83 -22.26 -3.38
N ILE C 47 -1.76 -23.20 -3.41
CA ILE C 47 -1.43 -24.58 -3.72
C ILE C 47 -1.28 -24.70 -5.23
N THR C 48 -0.19 -25.31 -5.68
CA THR C 48 0.04 -25.39 -7.12
C THR C 48 -1.05 -26.22 -7.80
N GLY C 49 -1.34 -25.87 -9.05
CA GLY C 49 -2.38 -26.52 -9.81
C GLY C 49 -3.76 -25.94 -9.65
N THR C 50 -3.99 -25.13 -8.63
CA THR C 50 -5.30 -24.55 -8.42
C THR C 50 -5.34 -23.10 -8.90
N GLY C 51 -6.55 -22.57 -8.96
CA GLY C 51 -6.83 -21.18 -9.27
C GLY C 51 -7.00 -20.31 -8.05
N ASN C 52 -6.62 -20.82 -6.89
CA ASN C 52 -7.01 -20.25 -5.61
C ASN C 52 -5.81 -19.59 -4.92
N ILE C 53 -5.81 -18.27 -4.89
CA ILE C 53 -4.89 -17.55 -4.02
C ILE C 53 -5.62 -17.25 -2.74
N ILE C 54 -5.10 -17.75 -1.63
CA ILE C 54 -5.77 -17.56 -0.35
C ILE C 54 -5.12 -16.41 0.40
N ILE C 55 -5.94 -15.58 1.02
CA ILE C 55 -5.49 -14.39 1.72
C ILE C 55 -5.96 -14.51 3.16
N ASN C 56 -5.02 -14.54 4.11
CA ASN C 56 -5.32 -14.81 5.51
C ASN C 56 -5.04 -13.61 6.42
N THR C 57 -4.70 -12.45 5.87
CA THR C 57 -4.54 -11.24 6.68
C THR C 57 -5.40 -10.14 6.09
N LEU C 58 -6.16 -9.47 6.95
CA LEU C 58 -6.93 -8.31 6.54
C LEU C 58 -6.00 -7.20 6.09
N GLY C 59 -6.47 -6.40 5.15
CA GLY C 59 -5.71 -5.28 4.67
C GLY C 59 -6.00 -5.01 3.21
N THR C 60 -5.10 -4.27 2.59
CA THR C 60 -5.28 -3.77 1.24
C THR C 60 -4.21 -4.39 0.35
N TYR C 61 -4.63 -4.90 -0.81
CA TYR C 61 -3.76 -5.63 -1.69
C TYR C 61 -3.79 -5.02 -3.09
N VAL C 62 -2.63 -5.07 -3.75
CA VAL C 62 -2.49 -4.71 -5.15
C VAL C 62 -2.23 -5.98 -5.93
N ALA C 63 -3.00 -6.21 -6.97
CA ALA C 63 -2.81 -7.43 -7.72
C ALA C 63 -2.76 -7.10 -9.19
N GLU C 64 -1.84 -7.75 -9.87
CA GLU C 64 -1.61 -7.59 -11.29
C GLU C 64 -1.84 -8.95 -11.93
N PHE C 65 -2.51 -8.97 -13.08
CA PHE C 65 -2.60 -10.24 -13.80
C PHE C 65 -2.30 -10.04 -15.28
N GLN C 66 -1.59 -11.02 -15.85
CA GLN C 66 -1.34 -11.15 -17.28
C GLN C 66 -2.01 -12.43 -17.78
N LEU C 67 -2.57 -12.39 -19.00
CA LEU C 67 -3.26 -13.54 -19.57
C LEU C 67 -3.20 -13.51 -21.09
N GLN C 68 -2.61 -14.55 -21.70
CA GLN C 68 -2.39 -14.61 -23.14
C GLN C 68 -3.32 -15.67 -23.74
N ALA C 69 -4.29 -15.24 -24.54
CA ALA C 69 -5.27 -16.18 -25.06
C ALA C 69 -5.33 -16.12 -26.57
N SER C 70 -5.77 -17.23 -27.17
CA SER C 70 -5.83 -17.32 -28.61
C SER C 70 -6.83 -16.33 -29.21
N ARG C 71 -7.81 -15.88 -28.43
CA ARG C 71 -8.69 -14.85 -28.95
C ARG C 71 -9.12 -13.88 -27.86
N GLU C 72 -9.84 -12.85 -28.30
CA GLU C 72 -10.21 -11.74 -27.43
C GLU C 72 -11.05 -12.25 -26.27
N ASN C 73 -10.92 -11.60 -25.12
CA ASN C 73 -11.42 -12.19 -23.89
C ASN C 73 -11.60 -11.11 -22.83
N GLN C 74 -12.39 -11.46 -21.81
CA GLN C 74 -12.75 -10.58 -20.71
C GLN C 74 -12.65 -11.40 -19.44
N PHE C 75 -11.73 -11.01 -18.53
CA PHE C 75 -11.52 -11.73 -17.27
C PHE C 75 -11.66 -10.77 -16.11
N SER C 76 -12.00 -11.30 -14.92
CA SER C 76 -12.09 -10.50 -13.71
C SER C 76 -11.41 -11.18 -12.54
N LEU C 77 -10.63 -10.41 -11.80
CA LEU C 77 -10.29 -10.78 -10.43
C LEU C 77 -11.58 -10.83 -9.60
N GLU C 78 -11.70 -11.88 -8.80
CA GLU C 78 -12.85 -12.08 -7.95
C GLU C 78 -12.36 -12.39 -6.54
N LEU C 79 -13.06 -11.87 -5.55
CA LEU C 79 -12.80 -12.16 -4.16
C LEU C 79 -14.01 -12.92 -3.64
N ASN C 80 -13.78 -14.13 -3.15
CA ASN C 80 -14.84 -14.98 -2.60
C ASN C 80 -16.01 -15.11 -3.58
N GLY C 81 -15.68 -15.23 -4.86
CA GLY C 81 -16.66 -15.41 -5.90
C GLY C 81 -17.30 -14.14 -6.42
N THR C 82 -16.95 -12.97 -5.89
CA THR C 82 -17.56 -11.72 -6.31
C THR C 82 -16.54 -10.90 -7.08
N PRO C 83 -16.82 -10.49 -8.31
CA PRO C 83 -15.89 -9.61 -9.04
C PRO C 83 -15.46 -8.41 -8.19
N ILE C 84 -14.17 -8.19 -8.14
CA ILE C 84 -13.65 -7.02 -7.42
C ILE C 84 -13.95 -5.77 -8.23
N PRO C 85 -14.45 -4.67 -7.58
CA PRO C 85 -14.54 -3.37 -8.24
C PRO C 85 -13.22 -2.94 -8.87
N GLY C 86 -13.25 -2.67 -10.18
CA GLY C 86 -12.04 -2.30 -10.88
C GLY C 86 -11.13 -3.47 -11.23
N GLY C 87 -11.63 -4.72 -11.12
CA GLY C 87 -10.87 -5.91 -11.43
C GLY C 87 -11.11 -6.59 -12.78
N ARG C 88 -12.01 -6.07 -13.62
CA ARG C 88 -12.30 -6.66 -14.92
C ARG C 88 -11.60 -5.92 -16.05
N PHE C 89 -10.83 -6.66 -16.86
CA PHE C 89 -10.08 -6.12 -17.99
C PHE C 89 -10.30 -7.02 -19.22
N GLY C 90 -10.33 -6.40 -20.40
CA GLY C 90 -10.55 -7.14 -21.62
C GLY C 90 -9.64 -6.65 -22.71
N THR C 91 -9.42 -7.52 -23.68
CA THR C 91 -8.74 -7.11 -24.89
C THR C 91 -9.62 -7.51 -26.07
N GLY C 92 -9.58 -6.68 -27.11
CA GLY C 92 -10.36 -6.93 -28.30
C GLY C 92 -9.54 -7.44 -29.46
N SER C 93 -8.42 -8.09 -29.17
CA SER C 93 -7.54 -8.50 -30.25
C SER C 93 -6.94 -9.85 -29.95
N PRO C 94 -7.10 -10.83 -30.85
CA PRO C 94 -6.58 -12.17 -30.59
C PRO C 94 -5.07 -12.17 -30.41
N HIS C 95 -4.60 -13.06 -29.55
CA HIS C 95 -3.19 -13.24 -29.30
C HIS C 95 -2.55 -11.94 -28.82
N SER C 96 -3.32 -11.13 -28.11
CA SER C 96 -2.81 -9.93 -27.48
C SER C 96 -3.01 -10.03 -25.98
N ILE C 97 -2.03 -9.54 -25.22
CA ILE C 97 -2.07 -9.71 -23.78
C ILE C 97 -3.31 -9.03 -23.20
N ASN C 98 -4.04 -9.78 -22.36
CA ASN C 98 -4.95 -9.20 -21.39
C ASN C 98 -4.18 -8.95 -20.10
N GLN C 99 -3.94 -7.68 -19.78
CA GLN C 99 -3.26 -7.31 -18.56
C GLN C 99 -4.12 -6.33 -17.75
N GLY C 100 -4.03 -6.44 -16.43
CA GLY C 100 -4.61 -5.43 -15.57
C GLY C 100 -4.06 -5.47 -14.17
N THR C 101 -4.13 -4.32 -13.49
CA THR C 101 -3.71 -4.14 -12.10
C THR C 101 -4.85 -3.49 -11.31
N ALA C 102 -5.20 -4.08 -10.16
CA ALA C 102 -6.31 -3.62 -9.34
C ALA C 102 -5.98 -3.76 -7.85
N ALA C 103 -6.30 -2.75 -7.06
CA ALA C 103 -6.20 -2.88 -5.61
C ALA C 103 -7.58 -3.15 -5.00
N PHE C 104 -7.57 -3.81 -3.85
CA PHE C 104 -8.82 -4.18 -3.19
C PHE C 104 -8.54 -4.38 -1.70
N THR C 105 -9.63 -4.40 -0.93
CA THR C 105 -9.57 -4.52 0.51
C THR C 105 -10.12 -5.87 0.94
N VAL C 106 -9.41 -6.50 1.87
CA VAL C 106 -9.82 -7.78 2.43
C VAL C 106 -10.37 -7.50 3.80
N THR C 107 -11.67 -7.73 3.98
CA THR C 107 -12.40 -7.43 5.20
C THR C 107 -12.80 -8.67 5.97
N VAL C 108 -12.54 -9.86 5.43
CA VAL C 108 -12.77 -11.10 6.16
C VAL C 108 -11.68 -12.08 5.75
N VAL C 109 -11.27 -12.94 6.67
CA VAL C 109 -10.20 -13.89 6.38
C VAL C 109 -10.54 -15.24 6.98
N PRO C 110 -10.14 -16.31 6.32
CA PRO C 110 -9.44 -16.34 5.03
C PRO C 110 -10.36 -16.04 3.85
N SER C 111 -9.88 -15.33 2.83
CA SER C 111 -10.63 -15.09 1.62
C SER C 111 -9.91 -15.73 0.43
N THR C 112 -10.65 -15.99 -0.65
CA THR C 112 -10.08 -16.59 -1.86
C THR C 112 -10.15 -15.61 -3.03
N LEU C 113 -9.00 -15.26 -3.58
CA LEU C 113 -8.92 -14.49 -4.81
C LEU C 113 -8.77 -15.44 -6.00
N THR C 114 -9.54 -15.18 -7.06
CA THR C 114 -9.49 -15.98 -8.28
C THR C 114 -9.44 -15.05 -9.50
N LEU C 115 -9.08 -15.64 -10.65
CA LEU C 115 -9.16 -14.95 -11.94
C LEU C 115 -10.19 -15.70 -12.78
N ILE C 116 -11.31 -15.05 -13.09
CA ILE C 116 -12.49 -15.73 -13.62
C ILE C 116 -12.76 -15.22 -15.03
N ASN C 117 -13.04 -16.16 -15.94
CA ASN C 117 -13.60 -15.83 -17.24
C ASN C 117 -14.94 -15.17 -16.98
N ASN C 118 -14.91 -13.86 -16.81
CA ASN C 118 -16.10 -13.11 -16.45
C ASN C 118 -16.73 -12.64 -17.75
N THR C 119 -17.00 -13.67 -18.54
CA THR C 119 -17.91 -13.69 -19.68
C THR C 119 -17.25 -13.08 -20.90
N SER C 120 -16.24 -13.80 -21.42
CA SER C 120 -15.70 -13.52 -22.74
C SER C 120 -16.70 -13.91 -23.81
N SER C 121 -16.75 -13.10 -24.87
CA SER C 121 -17.79 -13.24 -25.88
C SER C 121 -17.69 -14.57 -26.63
N ALA C 122 -16.47 -15.08 -26.82
CA ALA C 122 -16.27 -16.38 -27.46
C ALA C 122 -16.72 -17.55 -26.60
N GLY C 123 -17.11 -17.35 -25.35
CA GLY C 123 -17.42 -18.46 -24.47
C GLY C 123 -16.17 -18.91 -23.74
N THR C 124 -15.90 -20.21 -23.71
CA THR C 124 -14.66 -20.62 -23.08
C THR C 124 -13.48 -20.22 -23.97
N ILE C 125 -12.43 -19.71 -23.35
CA ILE C 125 -11.26 -19.26 -24.08
C ILE C 125 -10.10 -20.17 -23.71
N THR C 126 -9.16 -20.29 -24.63
CA THR C 126 -8.04 -21.18 -24.47
C THR C 126 -6.76 -20.37 -24.48
N LEU C 127 -5.95 -20.54 -23.44
CA LEU C 127 -4.69 -19.84 -23.33
C LEU C 127 -3.71 -20.34 -24.39
N SER C 128 -2.61 -19.62 -24.54
CA SER C 128 -1.55 -19.98 -25.46
C SER C 128 -0.21 -19.74 -24.77
N ASN C 129 0.67 -20.74 -24.79
CA ASN C 129 2.00 -20.62 -24.16
C ASN C 129 3.12 -20.56 -25.19
N SER C 130 2.79 -20.22 -26.43
CA SER C 130 3.72 -20.36 -27.53
C SER C 130 3.87 -19.11 -28.37
N ASP C 131 3.19 -18.02 -28.03
CA ASP C 131 3.13 -16.87 -28.93
C ASP C 131 4.49 -16.22 -29.07
N GLY C 132 4.81 -15.80 -30.29
CA GLY C 132 5.97 -14.99 -30.56
C GLY C 132 7.25 -15.77 -30.81
N GLY C 133 7.36 -16.98 -30.29
CA GLY C 133 8.64 -17.63 -30.30
C GLY C 133 8.51 -19.12 -30.17
N SER C 134 9.65 -19.77 -30.04
CA SER C 134 9.72 -21.22 -30.05
C SER C 134 9.74 -21.83 -28.66
N LEU C 135 10.12 -21.07 -27.64
CA LEU C 135 10.16 -21.57 -26.27
C LEU C 135 8.80 -21.38 -25.61
N THR C 136 8.69 -21.78 -24.35
CA THR C 136 7.40 -21.81 -23.67
C THR C 136 7.20 -20.51 -22.88
N ASN C 137 6.05 -19.87 -23.07
CA ASN C 137 5.72 -18.63 -22.37
C ASN C 137 4.86 -18.92 -21.14
N VAL C 138 4.92 -17.99 -20.18
CA VAL C 138 3.85 -17.85 -19.22
C VAL C 138 2.58 -17.53 -19.99
N SER C 139 1.51 -18.27 -19.74
CA SER C 139 0.26 -18.02 -20.43
C SER C 139 -0.73 -17.23 -19.58
N ALA C 140 -0.60 -17.29 -18.26
CA ALA C 140 -1.33 -16.46 -17.30
C ALA C 140 -0.54 -16.40 -15.99
N SER C 141 -0.71 -15.32 -15.23
CA SER C 141 0.03 -15.17 -13.99
C SER C 141 -0.57 -14.06 -13.16
N ILE C 142 -0.26 -14.09 -11.86
CA ILE C 142 -0.69 -13.06 -10.91
C ILE C 142 0.48 -12.66 -10.03
N SER C 143 0.63 -11.36 -9.83
CA SER C 143 1.60 -10.82 -8.91
C SER C 143 0.85 -9.90 -7.96
N ILE C 144 1.05 -10.09 -6.65
CA ILE C 144 0.22 -9.40 -5.66
C ILE C 144 1.03 -9.17 -4.40
N PHE C 145 0.73 -8.06 -3.72
CA PHE C 145 1.37 -7.76 -2.46
C PHE C 145 0.39 -6.97 -1.60
N GLN C 146 0.57 -7.08 -0.29
CA GLN C 146 -0.18 -6.26 0.67
C GLN C 146 0.41 -4.87 0.72
N VAL C 147 -0.43 -3.83 0.62
CA VAL C 147 0.03 -2.45 0.78
C VAL C 147 -0.37 -1.86 2.13
N GLY C 148 -1.33 -2.44 2.82
CA GLY C 148 -1.76 -1.94 4.12
C GLY C 148 -2.68 -2.93 4.79
N THR D 12 13.97 1.13 1.01
CA THR D 12 13.41 0.42 -0.14
C THR D 12 14.37 0.49 -1.34
N ASN D 13 14.66 -0.68 -1.92
CA ASN D 13 15.44 -0.73 -3.16
C ASN D 13 14.50 -0.73 -4.36
N TYR D 14 14.70 0.24 -5.24
CA TYR D 14 13.87 0.43 -6.42
C TYR D 14 14.74 0.89 -7.56
N LEU D 15 14.40 0.44 -8.76
CA LEU D 15 15.08 0.88 -9.97
C LEU D 15 14.10 0.86 -11.14
N TYR D 16 14.16 1.93 -11.95
CA TYR D 16 13.44 2.05 -13.23
C TYR D 16 14.46 2.37 -14.30
N VAL D 17 14.60 1.48 -15.28
CA VAL D 17 15.41 1.81 -16.45
C VAL D 17 14.53 1.69 -17.68
N PHE D 18 14.92 2.40 -18.73
CA PHE D 18 14.12 2.47 -19.94
C PHE D 18 14.97 2.87 -21.12
N ASP D 19 14.43 2.61 -22.32
CA ASP D 19 15.08 2.88 -23.58
C ASP D 19 14.12 3.60 -24.52
N THR D 20 14.68 4.49 -25.37
CA THR D 20 13.89 5.28 -26.30
C THR D 20 14.37 5.14 -27.75
N THR D 21 15.09 4.07 -28.07
CA THR D 21 15.68 3.84 -29.37
C THR D 21 15.04 2.64 -30.07
N ASN D 22 15.24 2.55 -31.37
CA ASN D 22 14.82 1.39 -32.15
C ASN D 22 15.96 0.39 -32.32
N GLN D 23 16.59 0.03 -31.21
CA GLN D 23 17.65 -0.97 -31.21
C GLN D 23 17.15 -2.29 -31.79
N SER D 24 18.09 -3.06 -32.33
CA SER D 24 17.85 -4.43 -32.77
C SER D 24 18.46 -5.36 -31.74
N ILE D 25 17.81 -6.51 -31.51
CA ILE D 25 18.24 -7.50 -30.52
C ILE D 25 18.24 -8.87 -31.17
N ALA D 26 19.43 -9.43 -31.37
CA ALA D 26 19.56 -10.78 -31.91
C ALA D 26 19.21 -11.83 -30.85
N VAL D 27 18.75 -12.98 -31.33
CA VAL D 27 18.50 -14.12 -30.47
C VAL D 27 19.68 -14.32 -29.55
N GLY D 28 19.42 -14.37 -28.24
CA GLY D 28 20.48 -14.56 -27.28
C GLY D 28 21.10 -13.29 -26.76
N SER D 29 20.82 -12.14 -27.36
CA SER D 29 21.33 -10.88 -26.86
C SER D 29 20.26 -10.15 -26.06
N SER D 30 20.69 -9.13 -25.31
CA SER D 30 19.88 -8.48 -24.32
C SER D 30 19.44 -7.09 -24.80
N VAL D 31 18.25 -6.69 -24.34
CA VAL D 31 17.76 -5.33 -24.53
C VAL D 31 18.63 -4.37 -23.72
N THR D 32 19.12 -3.31 -24.36
CA THR D 32 19.85 -2.24 -23.69
C THR D 32 18.92 -1.08 -23.35
N PHE D 33 19.23 -0.39 -22.25
CA PHE D 33 18.42 0.73 -21.80
C PHE D 33 19.32 1.96 -21.71
N ASN D 34 19.06 2.97 -22.55
CA ASN D 34 19.95 4.13 -22.63
C ASN D 34 19.71 5.16 -21.53
N THR D 35 18.63 5.05 -20.76
CA THR D 35 18.35 6.02 -19.71
C THR D 35 18.04 5.32 -18.39
N ASN D 36 18.48 5.97 -17.31
CA ASN D 36 18.11 5.59 -15.95
C ASN D 36 16.99 6.51 -15.47
N GLY D 37 15.92 5.93 -14.98
CA GLY D 37 14.97 6.66 -14.19
C GLY D 37 15.46 6.69 -12.76
N PRO D 38 14.57 6.98 -11.82
CA PRO D 38 14.96 7.04 -10.40
C PRO D 38 15.37 5.68 -9.86
N ILE D 39 16.23 5.73 -8.83
CA ILE D 39 16.84 4.58 -8.21
C ILE D 39 16.99 4.86 -6.72
N THR D 40 16.35 4.08 -5.86
CA THR D 40 16.55 4.22 -4.42
C THR D 40 17.27 2.99 -3.88
N GLY D 41 17.96 3.19 -2.75
CA GLY D 41 18.74 2.13 -2.15
C GLY D 41 20.03 1.85 -2.91
N THR D 42 20.68 0.75 -2.53
CA THR D 42 21.93 0.37 -3.18
C THR D 42 21.95 -1.09 -3.64
N ALA D 43 20.84 -1.80 -3.58
CA ALA D 43 20.85 -3.17 -4.07
C ALA D 43 20.90 -3.22 -5.59
N LEU D 44 20.35 -2.21 -6.26
CA LEU D 44 20.11 -2.26 -7.70
C LEU D 44 20.86 -1.12 -8.36
N SER D 45 21.55 -1.43 -9.44
CA SER D 45 22.26 -0.42 -10.20
C SER D 45 22.22 -0.78 -11.68
N HIS D 46 22.41 0.24 -12.53
CA HIS D 46 22.45 0.00 -13.97
C HIS D 46 23.28 1.06 -14.67
N ILE D 47 24.25 0.63 -15.47
CA ILE D 47 25.01 1.56 -16.29
C ILE D 47 24.19 1.83 -17.56
N THR D 48 23.86 3.10 -17.80
CA THR D 48 23.09 3.45 -18.99
C THR D 48 23.81 2.98 -20.25
N GLY D 49 23.02 2.54 -21.22
CA GLY D 49 23.57 2.01 -22.44
C GLY D 49 23.78 0.52 -22.43
N THR D 50 23.56 -0.15 -21.30
CA THR D 50 23.74 -1.59 -21.17
C THR D 50 22.41 -2.28 -20.88
N GLY D 51 22.44 -3.61 -20.96
CA GLY D 51 21.31 -4.41 -20.54
C GLY D 51 21.48 -5.08 -19.20
N ASN D 52 22.45 -4.68 -18.40
CA ASN D 52 22.80 -5.38 -17.18
C ASN D 52 22.22 -4.63 -15.98
N ILE D 53 21.24 -5.20 -15.32
CA ILE D 53 20.85 -4.69 -14.02
C ILE D 53 21.59 -5.51 -12.97
N ILE D 54 22.44 -4.86 -12.20
CA ILE D 54 23.29 -5.53 -11.21
C ILE D 54 22.60 -5.51 -9.86
N ILE D 55 22.45 -6.69 -9.25
CA ILE D 55 21.79 -6.84 -7.95
C ILE D 55 22.84 -7.19 -6.92
N ASN D 56 22.94 -6.39 -5.86
CA ASN D 56 24.00 -6.58 -4.87
C ASN D 56 23.50 -6.95 -3.48
N THR D 57 22.20 -7.20 -3.32
CA THR D 57 21.65 -7.71 -2.06
C THR D 57 20.86 -8.98 -2.34
N LEU D 58 21.08 -10.00 -1.51
CA LEU D 58 20.26 -11.20 -1.57
C LEU D 58 18.82 -10.88 -1.21
N GLY D 59 17.91 -11.68 -1.71
CA GLY D 59 16.52 -11.51 -1.41
C GLY D 59 15.68 -11.68 -2.65
N THR D 60 14.44 -11.25 -2.56
CA THR D 60 13.45 -11.48 -3.60
C THR D 60 13.10 -10.16 -4.29
N TYR D 61 12.84 -10.23 -5.60
CA TYR D 61 12.67 -9.03 -6.41
C TYR D 61 11.49 -9.24 -7.37
N VAL D 62 10.69 -8.20 -7.55
CA VAL D 62 9.59 -8.19 -8.51
C VAL D 62 10.01 -7.29 -9.66
N ALA D 63 10.03 -7.84 -10.85
CA ALA D 63 10.54 -7.14 -12.01
C ALA D 63 9.46 -7.14 -13.06
N GLU D 64 9.27 -6.00 -13.68
CA GLU D 64 8.25 -5.83 -14.69
C GLU D 64 8.95 -5.32 -15.94
N PHE D 65 8.53 -5.80 -17.11
CA PHE D 65 9.12 -5.32 -18.33
C PHE D 65 8.07 -5.03 -19.38
N GLN D 66 8.31 -3.96 -20.12
CA GLN D 66 7.53 -3.55 -21.26
C GLN D 66 8.45 -3.51 -22.46
N LEU D 67 7.96 -3.95 -23.60
CA LEU D 67 8.77 -3.99 -24.81
C LEU D 67 7.84 -3.85 -26.00
N GLN D 68 8.18 -2.95 -26.90
CA GLN D 68 7.33 -2.65 -28.06
C GLN D 68 8.15 -2.84 -29.32
N ALA D 69 7.80 -3.85 -30.11
CA ALA D 69 8.57 -4.18 -31.30
C ALA D 69 7.68 -4.23 -32.52
N SER D 70 8.31 -4.19 -33.70
CA SER D 70 7.60 -4.21 -34.98
C SER D 70 7.09 -5.60 -35.35
N ARG D 71 7.61 -6.64 -34.72
CA ARG D 71 7.19 -8.01 -34.99
C ARG D 71 6.78 -8.68 -33.68
N GLU D 72 5.96 -9.70 -33.81
CA GLU D 72 5.68 -10.56 -32.65
C GLU D 72 6.99 -11.15 -32.16
N ASN D 73 7.11 -11.30 -30.85
CA ASN D 73 8.41 -11.57 -30.27
C ASN D 73 8.26 -12.32 -28.97
N GLN D 74 9.37 -12.91 -28.52
CA GLN D 74 9.38 -13.72 -27.32
C GLN D 74 10.64 -13.37 -26.53
N PHE D 75 10.48 -12.80 -25.33
CA PHE D 75 11.59 -12.40 -24.48
C PHE D 75 11.43 -13.01 -23.11
N SER D 76 12.56 -13.22 -22.43
CA SER D 76 12.53 -13.77 -21.08
C SER D 76 13.43 -12.95 -20.18
N LEU D 77 13.03 -12.86 -18.92
CA LEU D 77 13.92 -12.34 -17.90
C LEU D 77 14.90 -13.43 -17.52
N GLU D 78 16.18 -13.09 -17.48
CA GLU D 78 17.24 -14.04 -17.21
C GLU D 78 18.12 -13.54 -16.07
N LEU D 79 18.46 -14.44 -15.16
CA LEU D 79 19.31 -14.12 -14.03
C LEU D 79 20.63 -14.87 -14.18
N ASN D 80 21.73 -14.12 -14.18
CA ASN D 80 23.04 -14.69 -14.35
C ASN D 80 23.10 -15.57 -15.60
N GLY D 81 22.50 -15.07 -16.69
CA GLY D 81 22.48 -15.80 -17.95
C GLY D 81 21.59 -17.02 -17.99
N THR D 82 20.66 -17.19 -17.06
CA THR D 82 19.76 -18.32 -17.08
C THR D 82 18.33 -17.82 -17.01
N PRO D 83 17.44 -18.25 -17.91
CA PRO D 83 16.06 -17.79 -17.84
C PRO D 83 15.48 -18.05 -16.46
N ILE D 84 14.68 -17.09 -15.99
CA ILE D 84 14.05 -17.15 -14.68
C ILE D 84 12.77 -17.95 -14.81
N PRO D 85 12.45 -18.84 -13.87
CA PRO D 85 11.18 -19.56 -13.95
C PRO D 85 10.01 -18.57 -13.92
N GLY D 86 9.16 -18.66 -14.93
CA GLY D 86 8.06 -17.72 -15.03
C GLY D 86 8.44 -16.35 -15.55
N GLY D 87 9.59 -16.20 -16.19
CA GLY D 87 9.99 -14.92 -16.72
C GLY D 87 9.89 -14.74 -18.22
N ARG D 88 9.26 -15.65 -18.95
CA ARG D 88 9.25 -15.58 -20.41
C ARG D 88 7.86 -15.21 -20.92
N PHE D 89 7.79 -14.17 -21.73
CA PHE D 89 6.53 -13.67 -22.26
C PHE D 89 6.69 -13.40 -23.76
N GLY D 90 5.64 -13.70 -24.52
CA GLY D 90 5.63 -13.42 -25.94
C GLY D 90 4.34 -12.73 -26.33
N THR D 91 4.40 -12.02 -27.45
CA THR D 91 3.22 -11.43 -28.08
C THR D 91 2.94 -12.17 -29.37
N GLY D 92 1.67 -12.21 -29.76
CA GLY D 92 1.31 -12.94 -30.97
C GLY D 92 0.70 -12.04 -32.02
N SER D 93 0.76 -10.74 -31.79
CA SER D 93 0.28 -9.70 -32.68
C SER D 93 1.41 -8.74 -33.03
N PRO D 94 1.48 -8.29 -34.28
CA PRO D 94 2.56 -7.35 -34.65
C PRO D 94 2.28 -5.97 -34.07
N HIS D 95 3.34 -5.29 -33.66
CA HIS D 95 3.23 -3.94 -33.12
C HIS D 95 2.32 -3.91 -31.88
N SER D 96 2.20 -5.03 -31.16
CA SER D 96 1.48 -5.10 -29.91
C SER D 96 2.49 -5.19 -28.76
N ILE D 97 2.13 -4.61 -27.62
CA ILE D 97 3.05 -4.62 -26.48
C ILE D 97 3.33 -6.05 -26.01
N ASN D 98 4.59 -6.33 -25.71
CA ASN D 98 4.96 -7.49 -24.92
C ASN D 98 5.20 -7.01 -23.49
N GLN D 99 4.42 -7.53 -22.55
CA GLN D 99 4.51 -7.12 -21.16
C GLN D 99 4.49 -8.35 -20.25
N GLY D 100 5.24 -8.28 -19.17
CA GLY D 100 5.24 -9.35 -18.20
C GLY D 100 5.80 -8.89 -16.86
N THR D 101 5.23 -9.41 -15.78
CA THR D 101 5.73 -9.21 -14.42
C THR D 101 6.07 -10.56 -13.81
N ALA D 102 7.25 -10.68 -13.21
CA ALA D 102 7.73 -11.94 -12.64
C ALA D 102 8.61 -11.64 -11.44
N ALA D 103 8.53 -12.48 -10.41
CA ALA D 103 9.43 -12.36 -9.28
C ALA D 103 10.53 -13.41 -9.33
N PHE D 104 11.66 -13.11 -8.70
CA PHE D 104 12.75 -14.07 -8.62
C PHE D 104 13.49 -13.87 -7.30
N THR D 105 14.26 -14.89 -6.94
CA THR D 105 15.05 -14.94 -5.72
C THR D 105 16.53 -14.86 -6.09
N VAL D 106 17.26 -14.02 -5.38
CA VAL D 106 18.68 -13.83 -5.59
C VAL D 106 19.40 -14.52 -4.46
N THR D 107 20.19 -15.54 -4.80
CA THR D 107 20.88 -16.36 -3.83
C THR D 107 22.38 -16.15 -3.84
N VAL D 108 22.93 -15.42 -4.82
CA VAL D 108 24.31 -14.99 -4.77
C VAL D 108 24.41 -13.55 -5.27
N VAL D 109 25.40 -12.84 -4.78
CA VAL D 109 25.70 -11.47 -5.19
C VAL D 109 27.13 -11.43 -5.71
N PRO D 110 27.42 -10.55 -6.67
CA PRO D 110 26.43 -9.80 -7.43
C PRO D 110 25.77 -10.75 -8.41
N SER D 111 24.51 -10.49 -8.75
CA SER D 111 23.82 -11.18 -9.84
C SER D 111 23.47 -10.15 -10.90
N THR D 112 23.15 -10.63 -12.10
CA THR D 112 22.89 -9.77 -13.24
C THR D 112 21.55 -10.18 -13.81
N LEU D 113 20.59 -9.25 -13.79
CA LEU D 113 19.32 -9.43 -14.47
C LEU D 113 19.44 -8.82 -15.86
N THR D 114 19.02 -9.57 -16.87
CA THR D 114 19.00 -9.10 -18.25
C THR D 114 17.68 -9.52 -18.86
N LEU D 115 17.28 -8.82 -19.92
CA LEU D 115 16.09 -9.13 -20.70
C LEU D 115 16.53 -9.59 -22.08
N ILE D 116 16.22 -10.85 -22.43
CA ILE D 116 16.87 -11.55 -23.54
C ILE D 116 15.84 -11.98 -24.59
N ASN D 117 16.18 -11.79 -25.85
CA ASN D 117 15.40 -12.40 -26.93
C ASN D 117 15.50 -13.92 -26.79
N ASN D 118 14.59 -14.52 -26.01
CA ASN D 118 14.59 -15.99 -25.84
C ASN D 118 13.83 -16.59 -27.01
N THR D 119 14.48 -16.51 -28.17
CA THR D 119 14.07 -17.11 -29.42
C THR D 119 12.67 -16.65 -29.83
N SER D 120 12.64 -15.40 -30.30
CA SER D 120 11.57 -15.00 -31.19
C SER D 120 11.64 -15.82 -32.47
N SER D 121 10.46 -16.15 -33.00
CA SER D 121 10.38 -16.86 -34.29
C SER D 121 11.03 -16.08 -35.41
N ALA D 122 10.91 -14.75 -35.38
CA ALA D 122 11.45 -13.87 -36.40
C ALA D 122 12.95 -13.61 -36.27
N GLY D 123 13.66 -14.37 -35.44
CA GLY D 123 15.07 -14.07 -35.23
C GLY D 123 15.26 -12.73 -34.53
N THR D 124 16.13 -11.91 -35.12
CA THR D 124 16.47 -10.60 -34.56
C THR D 124 15.23 -9.71 -34.49
N ILE D 125 15.08 -9.00 -33.37
CA ILE D 125 13.91 -8.18 -33.14
C ILE D 125 14.32 -6.72 -33.08
N THR D 126 13.57 -5.87 -33.79
CA THR D 126 13.81 -4.44 -33.82
C THR D 126 12.71 -3.74 -33.03
N LEU D 127 13.10 -2.87 -32.10
CA LEU D 127 12.14 -2.17 -31.26
C LEU D 127 11.58 -0.95 -31.99
N SER D 128 10.42 -0.50 -31.52
CA SER D 128 9.79 0.70 -32.07
C SER D 128 9.57 1.74 -30.98
N ASN D 129 10.05 2.96 -31.22
CA ASN D 129 9.85 4.03 -30.28
C ASN D 129 8.79 5.02 -30.76
N SER D 130 8.01 4.66 -31.78
CA SER D 130 7.15 5.63 -32.46
C SER D 130 5.74 5.11 -32.70
N ASP D 131 5.39 3.95 -32.15
CA ASP D 131 4.05 3.40 -32.35
C ASP D 131 2.99 4.36 -31.81
N GLY D 132 1.93 4.56 -32.61
CA GLY D 132 0.71 5.20 -32.15
C GLY D 132 0.68 6.71 -32.24
N GLY D 133 1.81 7.36 -32.49
CA GLY D 133 1.82 8.80 -32.48
C GLY D 133 3.13 9.37 -32.96
N SER D 134 3.23 10.69 -32.84
CA SER D 134 4.28 11.46 -33.46
C SER D 134 5.42 11.81 -32.51
N LEU D 135 5.33 11.49 -31.22
CA LEU D 135 6.42 11.77 -30.30
C LEU D 135 7.15 10.48 -29.96
N THR D 136 8.24 10.59 -29.22
CA THR D 136 9.07 9.44 -28.93
C THR D 136 8.52 8.67 -27.72
N ASN D 137 8.45 7.36 -27.86
CA ASN D 137 7.96 6.44 -26.83
C ASN D 137 9.12 5.77 -26.13
N VAL D 138 8.84 5.29 -24.91
CA VAL D 138 9.63 4.22 -24.33
C VAL D 138 9.44 2.97 -25.17
N SER D 139 10.52 2.48 -25.78
CA SER D 139 10.48 1.21 -26.53
C SER D 139 10.70 -0.03 -25.65
N ALA D 140 11.44 0.09 -24.56
CA ALA D 140 11.54 -1.02 -23.62
C ALA D 140 11.90 -0.44 -22.27
N SER D 141 11.47 -1.14 -21.22
CA SER D 141 11.65 -0.64 -19.87
C SER D 141 11.55 -1.80 -18.88
N ILE D 142 12.19 -1.60 -17.72
CA ILE D 142 12.12 -2.51 -16.58
C ILE D 142 11.91 -1.68 -15.33
N SER D 143 10.92 -2.05 -14.52
CA SER D 143 10.69 -1.47 -13.21
C SER D 143 10.79 -2.61 -12.18
N ILE D 144 11.64 -2.44 -11.17
CA ILE D 144 11.97 -3.57 -10.28
C ILE D 144 12.17 -3.08 -8.85
N PHE D 145 11.70 -3.88 -7.89
CA PHE D 145 11.87 -3.54 -6.49
C PHE D 145 12.00 -4.81 -5.65
N GLN D 146 12.67 -4.65 -4.51
CA GLN D 146 12.83 -5.73 -3.56
C GLN D 146 11.55 -5.88 -2.74
N VAL D 147 11.11 -7.12 -2.55
CA VAL D 147 10.02 -7.41 -1.63
C VAL D 147 10.49 -8.19 -0.42
N GLY D 148 11.65 -8.83 -0.48
CA GLY D 148 12.14 -9.63 0.64
C GLY D 148 13.62 -9.95 0.60
N THR E 12 -25.29 41.02 15.71
CA THR E 12 -25.60 40.20 14.55
C THR E 12 -27.04 40.48 14.12
N ASN E 13 -27.23 40.62 12.83
CA ASN E 13 -28.52 40.95 12.26
C ASN E 13 -29.14 39.69 11.70
N TYR E 14 -30.27 39.29 12.26
CA TYR E 14 -30.97 38.08 11.86
C TYR E 14 -32.49 38.32 11.92
N LEU E 15 -33.21 37.65 11.03
CA LEU E 15 -34.65 37.75 11.00
C LEU E 15 -35.24 36.41 10.58
N TYR E 16 -36.32 36.02 11.26
CA TYR E 16 -37.12 34.85 10.88
C TYR E 16 -38.59 35.26 10.84
N VAL E 17 -39.23 35.12 9.68
CA VAL E 17 -40.67 35.28 9.57
C VAL E 17 -41.22 34.05 8.87
N PHE E 18 -42.47 33.73 9.16
CA PHE E 18 -43.09 32.54 8.58
C PHE E 18 -44.58 32.75 8.48
N ASP E 19 -45.19 31.98 7.59
CA ASP E 19 -46.64 32.04 7.45
C ASP E 19 -47.24 30.68 7.81
N THR E 20 -48.52 30.70 8.24
CA THR E 20 -49.21 29.46 8.62
C THR E 20 -50.54 29.31 7.88
N THR E 21 -50.74 30.01 6.77
CA THR E 21 -52.02 30.08 6.08
C THR E 21 -51.94 29.38 4.72
N ASN E 22 -53.11 29.11 4.17
CA ASN E 22 -53.29 28.62 2.80
C ASN E 22 -53.58 29.79 1.86
N GLN E 23 -52.73 30.82 1.93
CA GLN E 23 -52.86 31.99 1.09
C GLN E 23 -52.64 31.65 -0.38
N SER E 24 -53.27 32.43 -1.26
CA SER E 24 -53.09 32.36 -2.70
C SER E 24 -52.22 33.52 -3.18
N ILE E 25 -51.31 33.23 -4.12
CA ILE E 25 -50.33 34.21 -4.57
C ILE E 25 -50.37 34.29 -6.10
N ALA E 26 -50.74 35.46 -6.61
CA ALA E 26 -50.79 35.62 -8.06
C ALA E 26 -49.38 35.80 -8.62
N VAL E 27 -49.27 35.54 -9.91
CA VAL E 27 -48.03 35.83 -10.61
C VAL E 27 -47.71 37.29 -10.34
N GLY E 28 -46.52 37.56 -9.83
CA GLY E 28 -46.11 38.92 -9.56
C GLY E 28 -46.41 39.42 -8.16
N SER E 29 -47.19 38.70 -7.37
CA SER E 29 -47.47 39.13 -6.01
C SER E 29 -46.52 38.44 -5.02
N SER E 30 -46.35 39.05 -3.86
CA SER E 30 -45.49 38.49 -2.85
C SER E 30 -46.25 37.57 -1.90
N VAL E 31 -45.51 36.57 -1.37
CA VAL E 31 -45.97 35.80 -0.23
C VAL E 31 -45.97 36.66 1.01
N THR E 32 -47.09 36.66 1.73
CA THR E 32 -47.18 37.40 2.99
C THR E 32 -46.85 36.45 4.15
N PHE E 33 -46.41 37.05 5.26
CA PHE E 33 -46.04 36.28 6.45
C PHE E 33 -46.81 36.81 7.65
N ASN E 34 -47.70 35.97 8.20
CA ASN E 34 -48.51 36.38 9.34
C ASN E 34 -47.75 36.33 10.67
N THR E 35 -46.55 35.76 10.74
CA THR E 35 -45.93 35.58 12.04
C THR E 35 -44.45 35.95 12.00
N ASN E 36 -44.03 36.78 12.94
CA ASN E 36 -42.63 37.12 13.12
C ASN E 36 -42.00 36.11 14.09
N GLY E 37 -40.87 35.51 13.68
CA GLY E 37 -40.02 34.76 14.58
C GLY E 37 -38.99 35.69 15.19
N PRO E 38 -37.95 35.14 15.82
CA PRO E 38 -36.93 36.01 16.42
C PRO E 38 -36.29 36.94 15.38
N ILE E 39 -36.18 38.22 15.74
CA ILE E 39 -35.44 39.19 14.96
C ILE E 39 -34.48 39.88 15.92
N THR E 40 -33.22 40.00 15.52
CA THR E 40 -32.21 40.67 16.31
C THR E 40 -31.49 41.66 15.42
N GLY E 41 -31.09 42.79 16.00
CA GLY E 41 -30.33 43.76 15.25
C GLY E 41 -31.20 44.88 14.72
N THR E 42 -30.53 45.82 14.05
CA THR E 42 -31.18 46.99 13.49
C THR E 42 -31.33 46.95 11.98
N ALA E 43 -30.71 45.99 11.30
CA ALA E 43 -30.70 45.97 9.84
C ALA E 43 -32.06 45.54 9.31
N LEU E 44 -32.60 44.46 9.87
CA LEU E 44 -33.72 43.70 9.30
C LEU E 44 -34.99 43.88 10.11
N SER E 45 -36.11 43.98 9.41
CA SER E 45 -37.39 44.10 10.07
C SER E 45 -38.46 43.54 9.16
N HIS E 46 -39.64 43.35 9.74
CA HIS E 46 -40.81 42.89 8.99
C HIS E 46 -42.03 43.21 9.84
N ILE E 47 -43.05 43.79 9.21
CA ILE E 47 -44.34 44.00 9.86
C ILE E 47 -45.21 42.78 9.59
N THR E 48 -45.77 42.21 10.66
CA THR E 48 -46.62 41.03 10.51
C THR E 48 -47.79 41.33 9.59
N GLY E 49 -48.07 40.40 8.68
CA GLY E 49 -49.17 40.51 7.77
C GLY E 49 -48.77 40.94 6.37
N THR E 50 -47.52 41.37 6.22
CA THR E 50 -46.97 41.82 4.95
C THR E 50 -46.02 40.77 4.40
N GLY E 51 -45.59 41.00 3.18
CA GLY E 51 -44.52 40.20 2.63
C GLY E 51 -43.25 41.00 2.50
N ASN E 52 -43.16 42.15 3.17
CA ASN E 52 -42.03 43.06 3.06
C ASN E 52 -41.06 42.84 4.21
N ILE E 53 -39.86 42.34 3.88
CA ILE E 53 -38.72 42.36 4.77
C ILE E 53 -37.89 43.58 4.40
N ILE E 54 -37.74 44.51 5.34
CA ILE E 54 -37.11 45.78 5.04
C ILE E 54 -35.69 45.77 5.57
N ILE E 55 -34.76 46.24 4.75
CA ILE E 55 -33.33 46.08 4.98
C ILE E 55 -32.74 47.48 5.05
N ASN E 56 -32.17 47.81 6.21
CA ASN E 56 -31.82 49.17 6.51
C ASN E 56 -30.32 49.38 6.69
N THR E 57 -29.50 48.36 6.48
CA THR E 57 -28.06 48.47 6.55
C THR E 57 -27.46 47.87 5.27
N LEU E 58 -26.59 48.65 4.61
CA LEU E 58 -25.89 48.13 3.44
C LEU E 58 -25.04 46.92 3.84
N GLY E 59 -24.76 46.07 2.86
CA GLY E 59 -23.87 44.94 3.07
C GLY E 59 -24.37 43.74 2.30
N THR E 60 -23.93 42.57 2.77
CA THR E 60 -24.20 41.30 2.09
C THR E 60 -25.08 40.44 2.98
N TYR E 61 -26.15 39.88 2.40
CA TYR E 61 -27.14 39.14 3.17
C TYR E 61 -27.35 37.75 2.60
N VAL E 62 -27.64 36.80 3.49
CA VAL E 62 -27.84 35.39 3.13
C VAL E 62 -29.27 35.03 3.51
N ALA E 63 -30.13 34.87 2.50
CA ALA E 63 -31.53 34.58 2.73
C ALA E 63 -31.89 33.18 2.24
N GLU E 64 -32.75 32.53 3.00
CA GLU E 64 -33.23 31.18 2.72
C GLU E 64 -34.74 31.22 2.75
N PHE E 65 -35.39 30.57 1.80
CA PHE E 65 -36.84 30.53 1.86
C PHE E 65 -37.36 29.11 1.71
N GLN E 66 -38.54 28.87 2.27
CA GLN E 66 -39.23 27.60 2.21
C GLN E 66 -40.69 27.87 1.86
N LEU E 67 -41.29 26.99 1.07
CA LEU E 67 -42.64 27.22 0.58
C LEU E 67 -43.27 25.88 0.20
N GLN E 68 -44.44 25.60 0.77
CA GLN E 68 -45.18 24.36 0.54
C GLN E 68 -46.48 24.71 -0.16
N ALA E 69 -46.66 24.19 -1.36
CA ALA E 69 -47.77 24.57 -2.21
C ALA E 69 -48.44 23.33 -2.78
N SER E 70 -49.71 23.47 -3.13
CA SER E 70 -50.49 22.34 -3.61
C SER E 70 -50.11 21.92 -5.02
N ARG E 71 -49.29 22.69 -5.73
CA ARG E 71 -48.72 22.17 -6.96
C ARG E 71 -47.40 22.85 -7.31
N GLU E 72 -46.75 22.29 -8.34
CA GLU E 72 -45.47 22.77 -8.82
C GLU E 72 -45.50 24.28 -8.99
N ASN E 73 -44.37 24.93 -8.71
CA ASN E 73 -44.36 26.38 -8.65
C ASN E 73 -42.94 26.91 -8.85
N GLN E 74 -42.86 28.23 -9.07
CA GLN E 74 -41.60 28.92 -9.31
C GLN E 74 -41.68 30.28 -8.61
N PHE E 75 -40.76 30.52 -7.66
CA PHE E 75 -40.70 31.77 -6.91
C PHE E 75 -39.28 32.31 -6.90
N SER E 76 -39.15 33.63 -6.85
CA SER E 76 -37.87 34.30 -6.76
C SER E 76 -37.85 35.20 -5.53
N LEU E 77 -36.73 35.21 -4.82
CA LEU E 77 -36.44 36.36 -3.99
C LEU E 77 -36.21 37.58 -4.88
N GLU E 78 -36.81 38.72 -4.51
CA GLU E 78 -36.58 39.97 -5.21
C GLU E 78 -36.17 41.05 -4.22
N LEU E 79 -35.41 42.02 -4.72
CA LEU E 79 -34.94 43.18 -3.98
C LEU E 79 -35.43 44.40 -4.73
N ASN E 80 -36.21 45.24 -4.05
CA ASN E 80 -36.78 46.45 -4.63
C ASN E 80 -37.47 46.14 -5.96
N GLY E 81 -38.13 45.00 -6.02
CA GLY E 81 -38.91 44.65 -7.18
C GLY E 81 -38.14 43.97 -8.29
N THR E 82 -36.86 43.68 -8.08
CA THR E 82 -36.04 43.06 -9.11
C THR E 82 -35.49 41.72 -8.65
N PRO E 83 -35.78 40.63 -9.36
CA PRO E 83 -35.19 39.31 -9.03
C PRO E 83 -33.72 39.34 -8.69
N ILE E 84 -33.39 38.72 -7.57
CA ILE E 84 -31.98 38.66 -7.17
C ILE E 84 -31.27 37.57 -7.97
N PRO E 85 -30.12 37.84 -8.55
CA PRO E 85 -29.39 36.80 -9.28
C PRO E 85 -29.17 35.57 -8.42
N GLY E 86 -29.62 34.40 -8.87
CA GLY E 86 -29.55 33.25 -8.02
C GLY E 86 -30.64 33.18 -6.98
N GLY E 87 -31.67 34.01 -7.07
CA GLY E 87 -32.76 34.00 -6.12
C GLY E 87 -33.98 33.21 -6.54
N ARG E 88 -33.96 32.49 -7.67
CA ARG E 88 -35.13 31.83 -8.23
C ARG E 88 -34.99 30.31 -8.20
N PHE E 89 -35.98 29.64 -7.64
CA PHE E 89 -35.99 28.20 -7.48
C PHE E 89 -37.38 27.68 -7.80
N GLY E 90 -37.45 26.51 -8.44
CA GLY E 90 -38.72 25.86 -8.69
C GLY E 90 -38.68 24.41 -8.29
N THR E 91 -39.85 23.86 -8.02
CA THR E 91 -40.00 22.42 -7.85
C THR E 91 -41.00 21.87 -8.85
N GLY E 92 -40.78 20.63 -9.28
CA GLY E 92 -41.63 20.01 -10.28
C GLY E 92 -42.61 18.97 -9.75
N SER E 93 -42.91 19.00 -8.46
CA SER E 93 -43.76 18.00 -7.85
C SER E 93 -44.82 18.69 -7.00
N PRO E 94 -46.10 18.35 -7.19
CA PRO E 94 -47.12 18.92 -6.30
C PRO E 94 -46.89 18.47 -4.86
N HIS E 95 -47.25 19.35 -3.92
CA HIS E 95 -47.08 19.09 -2.50
C HIS E 95 -45.66 18.67 -2.18
N SER E 96 -44.71 19.37 -2.79
CA SER E 96 -43.30 19.21 -2.49
C SER E 96 -42.67 20.57 -2.26
N ILE E 97 -41.63 20.59 -1.43
CA ILE E 97 -41.09 21.83 -0.91
C ILE E 97 -40.29 22.54 -1.99
N ASN E 98 -40.50 23.84 -2.10
CA ASN E 98 -39.64 24.70 -2.90
C ASN E 98 -38.76 25.42 -1.90
N GLN E 99 -37.47 25.06 -1.88
CA GLN E 99 -36.51 25.60 -0.94
C GLN E 99 -35.32 26.15 -1.71
N GLY E 100 -34.83 27.30 -1.28
CA GLY E 100 -33.65 27.90 -1.89
C GLY E 100 -32.93 28.78 -0.89
N THR E 101 -31.61 28.87 -1.05
CA THR E 101 -30.76 29.76 -0.26
C THR E 101 -29.93 30.59 -1.22
N ALA E 102 -29.95 31.92 -1.06
CA ALA E 102 -29.23 32.82 -1.94
C ALA E 102 -28.65 34.00 -1.15
N ALA E 103 -27.40 34.34 -1.44
CA ALA E 103 -26.80 35.55 -0.91
C ALA E 103 -26.86 36.68 -1.94
N PHE E 104 -26.83 37.91 -1.44
CA PHE E 104 -26.99 39.07 -2.30
C PHE E 104 -26.51 40.29 -1.52
N THR E 105 -26.23 41.37 -2.26
CA THR E 105 -25.65 42.58 -1.72
C THR E 105 -26.67 43.72 -1.78
N VAL E 106 -26.79 44.48 -0.71
CA VAL E 106 -27.70 45.62 -0.68
C VAL E 106 -26.87 46.89 -0.86
N THR E 107 -27.11 47.62 -1.95
CA THR E 107 -26.35 48.83 -2.26
C THR E 107 -27.13 50.12 -2.05
N VAL E 108 -28.39 50.06 -1.63
CA VAL E 108 -29.17 51.25 -1.31
C VAL E 108 -30.12 50.90 -0.17
N VAL E 109 -30.31 51.85 0.74
CA VAL E 109 -31.17 51.55 1.90
C VAL E 109 -32.09 52.72 2.23
N PRO E 110 -33.29 52.46 2.70
CA PRO E 110 -33.87 51.13 2.94
C PRO E 110 -34.27 50.44 1.64
N SER E 111 -34.18 49.11 1.63
CA SER E 111 -34.59 48.28 0.51
C SER E 111 -35.55 47.20 1.01
N THR E 112 -36.36 46.68 0.09
CA THR E 112 -37.36 45.68 0.42
C THR E 112 -37.08 44.36 -0.24
N LEU E 113 -37.15 43.28 0.53
CA LEU E 113 -36.97 41.90 0.06
C LEU E 113 -38.31 41.19 0.08
N THR E 114 -38.69 40.64 -1.06
CA THR E 114 -39.93 39.90 -1.16
C THR E 114 -39.66 38.53 -1.76
N LEU E 115 -40.62 37.64 -1.58
CA LEU E 115 -40.69 36.35 -2.21
C LEU E 115 -41.86 36.38 -3.18
N ILE E 116 -41.59 36.33 -4.49
CA ILE E 116 -42.58 36.66 -5.52
C ILE E 116 -42.88 35.43 -6.38
N ASN E 117 -44.15 35.15 -6.63
CA ASN E 117 -44.51 34.15 -7.63
C ASN E 117 -43.99 34.60 -8.98
N ASN E 118 -42.95 33.94 -9.51
CA ASN E 118 -42.15 34.48 -10.60
C ASN E 118 -41.35 33.38 -11.30
N THR E 119 -41.99 32.64 -12.20
CA THR E 119 -43.37 32.83 -12.64
C THR E 119 -43.99 31.45 -12.82
N SER E 120 -44.86 31.05 -11.90
CA SER E 120 -45.30 29.65 -11.87
C SER E 120 -46.17 29.31 -13.08
N SER E 121 -46.02 28.08 -13.59
CA SER E 121 -46.71 27.69 -14.82
C SER E 121 -48.22 27.69 -14.64
N ALA E 122 -48.67 27.26 -13.48
CA ALA E 122 -50.09 27.08 -13.21
C ALA E 122 -50.78 28.39 -12.85
N GLY E 123 -50.08 29.52 -12.94
CA GLY E 123 -50.60 30.80 -12.54
C GLY E 123 -50.50 31.04 -11.04
N THR E 124 -51.61 31.52 -10.48
CA THR E 124 -51.70 31.70 -9.04
C THR E 124 -51.40 30.40 -8.32
N ILE E 125 -50.67 30.51 -7.22
CA ILE E 125 -50.24 29.36 -6.45
C ILE E 125 -50.84 29.47 -5.07
N THR E 126 -51.51 28.41 -4.64
CA THR E 126 -52.07 28.34 -3.30
C THR E 126 -51.19 27.44 -2.45
N LEU E 127 -50.81 27.95 -1.27
CA LEU E 127 -50.00 27.21 -0.31
C LEU E 127 -50.82 26.15 0.44
N SER E 128 -50.11 25.24 1.09
CA SER E 128 -50.74 24.22 1.93
C SER E 128 -50.06 24.20 3.30
N ASN E 129 -50.83 24.46 4.35
CA ASN E 129 -50.34 24.45 5.73
C ASN E 129 -50.67 23.14 6.46
N SER E 130 -50.97 22.07 5.71
CA SER E 130 -51.50 20.86 6.31
C SER E 130 -50.89 19.59 5.74
N ASP E 131 -49.81 19.67 4.97
CA ASP E 131 -49.27 18.47 4.32
C ASP E 131 -48.71 17.48 5.35
N GLY E 132 -48.95 16.19 5.11
CA GLY E 132 -48.26 15.13 5.82
C GLY E 132 -48.73 14.85 7.23
N GLY E 133 -49.60 15.67 7.80
CA GLY E 133 -49.95 15.54 9.20
C GLY E 133 -51.27 16.20 9.52
N SER E 134 -51.63 16.17 10.81
CA SER E 134 -52.90 16.70 11.26
C SER E 134 -52.76 18.02 12.02
N LEU E 135 -51.55 18.46 12.32
CA LEU E 135 -51.34 19.78 12.90
C LEU E 135 -51.03 20.78 11.79
N THR E 136 -50.86 22.04 12.18
CA THR E 136 -50.59 23.10 11.21
C THR E 136 -49.10 23.25 10.94
N ASN E 137 -48.74 23.29 9.65
CA ASN E 137 -47.37 23.50 9.22
C ASN E 137 -47.09 24.97 8.91
N VAL E 138 -45.80 25.29 8.90
CA VAL E 138 -45.31 26.50 8.23
C VAL E 138 -45.48 26.33 6.74
N SER E 139 -46.28 27.17 6.11
CA SER E 139 -46.48 26.98 4.69
C SER E 139 -45.49 27.76 3.86
N ALA E 140 -44.84 28.76 4.46
CA ALA E 140 -43.77 29.54 3.84
C ALA E 140 -43.03 30.33 4.91
N SER E 141 -41.74 30.58 4.67
CA SER E 141 -40.88 31.21 5.66
C SER E 141 -39.58 31.69 5.00
N ILE E 142 -38.93 32.66 5.66
CA ILE E 142 -37.63 33.19 5.26
C ILE E 142 -36.72 33.29 6.49
N SER E 143 -35.45 32.91 6.31
CA SER E 143 -34.42 33.04 7.33
C SER E 143 -33.27 33.82 6.71
N ILE E 144 -32.93 34.98 7.26
CA ILE E 144 -31.93 35.85 6.65
C ILE E 144 -31.01 36.41 7.73
N PHE E 145 -29.72 36.51 7.40
CA PHE E 145 -28.74 37.17 8.25
C PHE E 145 -27.73 37.91 7.39
N GLN E 146 -27.04 38.84 8.04
CA GLN E 146 -26.00 39.63 7.41
C GLN E 146 -24.67 38.93 7.61
N VAL E 147 -23.89 38.80 6.53
CA VAL E 147 -22.58 38.19 6.61
C VAL E 147 -21.45 39.21 6.48
N GLY E 148 -21.69 40.35 5.84
CA GLY E 148 -20.67 41.36 5.64
C GLY E 148 -21.23 42.63 5.03
N THR F 12 -17.74 31.38 17.49
CA THR F 12 -19.18 31.41 17.70
C THR F 12 -19.73 29.98 17.86
N ASN F 13 -20.96 29.85 18.37
CA ASN F 13 -21.52 28.56 18.75
C ASN F 13 -22.19 27.87 17.57
N TYR F 14 -21.80 26.63 17.29
CA TYR F 14 -22.31 25.90 16.14
C TYR F 14 -22.32 24.41 16.43
N LEU F 15 -23.35 23.72 15.95
CA LEU F 15 -23.44 22.28 16.12
C LEU F 15 -24.10 21.66 14.90
N TYR F 16 -23.53 20.53 14.44
CA TYR F 16 -24.12 19.70 13.40
C TYR F 16 -24.26 18.28 13.94
N VAL F 17 -25.47 17.72 13.84
CA VAL F 17 -25.73 16.32 14.16
C VAL F 17 -26.51 15.68 13.02
N PHE F 18 -26.27 14.39 12.79
CA PHE F 18 -26.98 13.68 11.73
C PHE F 18 -27.14 12.21 12.08
N ASP F 19 -28.05 11.56 11.35
CA ASP F 19 -28.31 10.14 11.48
C ASP F 19 -28.13 9.47 10.13
N THR F 20 -27.65 8.21 10.16
CA THR F 20 -27.47 7.41 8.96
C THR F 20 -28.23 6.08 9.01
N THR F 21 -29.37 6.02 9.69
CA THR F 21 -30.06 4.75 9.93
C THR F 21 -31.52 4.83 9.49
N ASN F 22 -32.16 3.65 9.43
CA ASN F 22 -33.59 3.54 9.14
C ASN F 22 -34.43 3.50 10.41
N GLN F 23 -34.13 4.37 11.36
CA GLN F 23 -34.87 4.41 12.62
C GLN F 23 -36.36 4.67 12.39
N SER F 24 -37.17 4.22 13.33
CA SER F 24 -38.60 4.48 13.31
C SER F 24 -38.91 5.49 14.40
N ILE F 25 -39.82 6.42 14.11
CA ILE F 25 -40.24 7.41 15.08
C ILE F 25 -41.75 7.37 15.19
N ALA F 26 -42.24 7.16 16.40
CA ALA F 26 -43.67 7.15 16.68
C ALA F 26 -44.11 8.56 17.04
N VAL F 27 -45.41 8.80 16.83
CA VAL F 27 -46.02 10.08 17.23
C VAL F 27 -45.60 10.39 18.66
N GLY F 28 -45.05 11.59 18.86
CA GLY F 28 -44.66 12.03 20.18
C GLY F 28 -43.22 11.76 20.55
N SER F 29 -42.47 11.04 19.72
CA SER F 29 -41.08 10.71 19.96
C SER F 29 -40.16 11.58 19.10
N SER F 30 -38.87 11.46 19.37
CA SER F 30 -37.86 12.32 18.78
C SER F 30 -36.98 11.54 17.82
N VAL F 31 -36.46 12.26 16.82
CA VAL F 31 -35.45 11.73 15.94
C VAL F 31 -34.15 11.61 16.70
N THR F 32 -33.50 10.45 16.62
CA THR F 32 -32.20 10.26 17.22
C THR F 32 -31.10 10.51 16.19
N PHE F 33 -29.96 11.00 16.67
CA PHE F 33 -28.82 11.26 15.79
C PHE F 33 -27.63 10.42 16.25
N ASN F 34 -27.24 9.45 15.44
CA ASN F 34 -26.15 8.56 15.81
C ASN F 34 -24.78 9.15 15.57
N THR F 35 -24.66 10.33 14.99
CA THR F 35 -23.34 10.88 14.74
C THR F 35 -23.32 12.38 15.04
N ASN F 36 -22.16 12.84 15.50
CA ASN F 36 -21.90 14.26 15.72
C ASN F 36 -21.00 14.79 14.62
N GLY F 37 -21.42 15.87 14.00
CA GLY F 37 -20.55 16.60 13.12
C GLY F 37 -19.66 17.53 13.93
N PRO F 38 -19.03 18.47 13.24
CA PRO F 38 -18.28 19.52 13.93
C PRO F 38 -19.16 20.27 14.92
N ILE F 39 -18.61 20.54 16.10
CA ILE F 39 -19.22 21.37 17.12
C ILE F 39 -18.19 22.41 17.55
N THR F 40 -18.58 23.67 17.50
CA THR F 40 -17.77 24.76 18.02
C THR F 40 -18.46 25.39 19.22
N GLY F 41 -17.66 26.05 20.07
CA GLY F 41 -18.13 26.67 21.29
C GLY F 41 -18.57 25.64 22.33
N THR F 42 -19.12 26.16 23.42
CA THR F 42 -19.58 25.33 24.51
C THR F 42 -21.07 25.47 24.82
N ALA F 43 -21.83 26.23 24.02
CA ALA F 43 -23.25 26.42 24.31
C ALA F 43 -24.11 25.25 23.83
N LEU F 44 -23.66 24.53 22.81
CA LEU F 44 -24.43 23.46 22.19
C LEU F 44 -23.72 22.14 22.41
N SER F 45 -24.48 21.12 22.79
CA SER F 45 -23.91 19.79 22.94
C SER F 45 -24.96 18.74 22.60
N HIS F 46 -24.51 17.50 22.45
CA HIS F 46 -25.38 16.42 22.01
C HIS F 46 -24.73 15.08 22.20
N ILE F 47 -25.42 14.18 22.87
CA ILE F 47 -24.92 12.82 23.05
C ILE F 47 -25.35 11.99 21.85
N THR F 48 -24.38 11.41 21.15
CA THR F 48 -24.69 10.53 20.03
C THR F 48 -25.59 9.40 20.49
N GLY F 49 -26.54 9.04 19.63
CA GLY F 49 -27.55 8.07 19.93
C GLY F 49 -28.81 8.61 20.54
N THR F 50 -28.83 9.89 20.92
CA THR F 50 -30.00 10.53 21.49
C THR F 50 -30.57 11.56 20.51
N GLY F 51 -31.82 11.90 20.75
CA GLY F 51 -32.43 12.99 20.03
C GLY F 51 -32.35 14.33 20.73
N ASN F 52 -31.51 14.45 21.74
CA ASN F 52 -31.49 15.63 22.58
C ASN F 52 -30.31 16.53 22.21
N ILE F 53 -30.59 17.81 22.03
CA ILE F 53 -29.58 18.82 21.79
C ILE F 53 -29.67 19.81 22.95
N ILE F 54 -28.63 19.84 23.79
CA ILE F 54 -28.62 20.65 25.01
C ILE F 54 -28.12 22.04 24.68
N ILE F 55 -28.80 23.07 25.19
CA ILE F 55 -28.45 24.46 24.94
C ILE F 55 -28.18 25.14 26.28
N ASN F 56 -27.00 25.73 26.42
CA ASN F 56 -26.57 26.22 27.73
C ASN F 56 -26.27 27.70 27.75
N THR F 57 -26.66 28.45 26.73
CA THR F 57 -26.55 29.90 26.71
C THR F 57 -27.85 30.51 26.23
N LEU F 58 -28.37 31.47 26.98
CA LEU F 58 -29.54 32.22 26.55
C LEU F 58 -29.25 32.92 25.21
N GLY F 59 -30.31 33.40 24.56
CA GLY F 59 -30.16 34.07 23.28
C GLY F 59 -30.90 33.36 22.16
N THR F 60 -30.64 33.82 20.94
CA THR F 60 -31.33 33.37 19.74
C THR F 60 -30.53 32.29 19.02
N TYR F 61 -31.22 31.24 18.57
CA TYR F 61 -30.61 30.20 17.76
C TYR F 61 -31.36 30.00 16.45
N VAL F 62 -30.62 29.58 15.42
CA VAL F 62 -31.17 29.24 14.12
C VAL F 62 -30.88 27.77 13.88
N ALA F 63 -31.92 26.94 13.85
CA ALA F 63 -31.80 25.51 13.59
C ALA F 63 -32.40 25.15 12.23
N GLU F 64 -31.74 24.23 11.54
CA GLU F 64 -32.20 23.66 10.27
C GLU F 64 -32.41 22.16 10.45
N PHE F 65 -33.46 21.61 9.89
CA PHE F 65 -33.62 20.17 9.93
C PHE F 65 -34.00 19.62 8.57
N GLN F 66 -33.44 18.43 8.27
CA GLN F 66 -33.69 17.65 7.09
C GLN F 66 -34.00 16.23 7.54
N LEU F 67 -34.93 15.58 6.84
CA LEU F 67 -35.39 14.26 7.25
C LEU F 67 -35.94 13.57 6.01
N GLN F 68 -35.46 12.36 5.73
CA GLN F 68 -35.90 11.64 4.55
C GLN F 68 -36.64 10.39 5.00
N ALA F 69 -37.95 10.38 4.80
CA ALA F 69 -38.77 9.26 5.20
C ALA F 69 -39.42 8.62 3.98
N SER F 70 -39.88 7.37 4.18
CA SER F 70 -40.56 6.60 3.16
C SER F 70 -42.04 6.88 3.06
N ARG F 71 -42.61 7.70 3.96
CA ARG F 71 -44.00 8.13 3.91
C ARG F 71 -44.09 9.64 4.10
N GLU F 72 -45.21 10.22 3.66
CA GLU F 72 -45.54 11.59 4.06
C GLU F 72 -45.48 11.73 5.58
N ASN F 73 -44.99 12.87 6.03
CA ASN F 73 -44.76 13.00 7.45
C ASN F 73 -44.86 14.46 7.86
N GLN F 74 -44.98 14.65 9.17
CA GLN F 74 -45.08 15.95 9.81
C GLN F 74 -44.21 15.90 11.07
N PHE F 75 -43.26 16.83 11.15
CA PHE F 75 -42.30 16.90 12.24
C PHE F 75 -42.15 18.34 12.66
N SER F 76 -41.97 18.55 13.95
CA SER F 76 -41.76 19.88 14.49
C SER F 76 -40.52 19.86 15.36
N LEU F 77 -39.75 20.95 15.26
CA LEU F 77 -38.80 21.27 16.31
C LEU F 77 -39.56 21.57 17.59
N GLU F 78 -39.04 21.07 18.71
CA GLU F 78 -39.64 21.29 20.02
C GLU F 78 -38.54 21.68 21.00
N LEU F 79 -38.83 22.72 21.79
CA LEU F 79 -37.93 23.25 22.81
C LEU F 79 -38.53 22.99 24.17
N ASN F 80 -37.83 22.22 24.99
CA ASN F 80 -38.32 21.84 26.32
C ASN F 80 -39.66 21.12 26.21
N GLY F 81 -39.81 20.26 25.20
CA GLY F 81 -41.02 19.48 25.05
C GLY F 81 -42.21 20.23 24.45
N THR F 82 -42.07 21.50 24.11
CA THR F 82 -43.14 22.29 23.54
C THR F 82 -42.76 22.70 22.11
N PRO F 83 -43.64 22.51 21.13
CA PRO F 83 -43.34 22.98 19.78
C PRO F 83 -42.99 24.46 19.75
N ILE F 84 -41.98 24.80 18.95
CA ILE F 84 -41.54 26.18 18.71
C ILE F 84 -42.47 26.85 17.71
N PRO F 85 -42.83 28.11 17.89
CA PRO F 85 -43.52 28.84 16.81
C PRO F 85 -42.74 28.74 15.50
N GLY F 86 -43.43 28.35 14.44
CA GLY F 86 -42.80 28.25 13.15
C GLY F 86 -41.85 27.10 13.01
N GLY F 87 -42.01 26.07 13.82
CA GLY F 87 -41.08 24.96 13.89
C GLY F 87 -41.55 23.67 13.24
N ARG F 88 -42.76 23.64 12.67
CA ARG F 88 -43.35 22.42 12.15
C ARG F 88 -43.38 22.45 10.62
N PHE F 89 -42.93 21.36 9.99
CA PHE F 89 -42.92 21.27 8.55
C PHE F 89 -43.38 19.87 8.16
N GLY F 90 -44.04 19.78 7.00
CA GLY F 90 -44.56 18.53 6.52
C GLY F 90 -44.34 18.37 5.03
N THR F 91 -44.38 17.12 4.58
CA THR F 91 -44.31 16.81 3.17
C THR F 91 -45.57 16.08 2.77
N GLY F 92 -46.02 16.31 1.55
CA GLY F 92 -47.25 15.70 1.09
C GLY F 92 -46.99 14.72 -0.01
N SER F 93 -45.73 14.32 -0.16
CA SER F 93 -45.27 13.40 -1.18
C SER F 93 -44.38 12.35 -0.54
N PRO F 94 -44.55 11.08 -0.86
CA PRO F 94 -43.68 10.06 -0.26
C PRO F 94 -42.31 10.08 -0.90
N HIS F 95 -41.31 9.74 -0.09
CA HIS F 95 -39.91 9.62 -0.51
C HIS F 95 -39.35 10.93 -1.03
N SER F 96 -39.79 12.04 -0.45
CA SER F 96 -39.21 13.34 -0.73
C SER F 96 -38.83 14.00 0.60
N ILE F 97 -37.90 14.95 0.51
CA ILE F 97 -37.31 15.53 1.69
C ILE F 97 -38.36 16.32 2.49
N ASN F 98 -38.25 16.23 3.82
CA ASN F 98 -38.88 17.19 4.70
C ASN F 98 -37.76 18.06 5.25
N GLN F 99 -37.81 19.34 4.92
CA GLN F 99 -36.77 20.28 5.30
C GLN F 99 -37.42 21.50 5.93
N GLY F 100 -36.79 22.04 6.96
CA GLY F 100 -37.27 23.24 7.62
C GLY F 100 -36.15 24.03 8.32
N THR F 101 -36.21 25.35 8.22
CA THR F 101 -35.32 26.21 8.98
C THR F 101 -36.17 27.16 9.80
N ALA F 102 -35.81 27.30 11.09
CA ALA F 102 -36.56 28.13 12.01
C ALA F 102 -35.66 28.58 13.17
N ALA F 103 -35.99 29.72 13.76
CA ALA F 103 -35.23 30.30 14.86
C ALA F 103 -36.08 30.34 16.11
N PHE F 104 -35.40 30.27 17.25
CA PHE F 104 -36.07 30.25 18.55
C PHE F 104 -35.19 30.95 19.57
N THR F 105 -35.82 31.37 20.68
CA THR F 105 -35.16 32.13 21.73
C THR F 105 -35.10 31.27 22.98
N VAL F 106 -33.92 31.07 23.54
CA VAL F 106 -33.77 30.31 24.76
C VAL F 106 -33.80 31.30 25.92
N THR F 107 -34.73 31.09 26.85
CA THR F 107 -34.91 31.99 27.97
C THR F 107 -34.62 31.37 29.32
N VAL F 108 -34.37 30.06 29.38
CA VAL F 108 -33.84 29.39 30.56
C VAL F 108 -32.83 28.36 30.08
N VAL F 109 -31.79 28.16 30.88
CA VAL F 109 -30.73 27.20 30.58
C VAL F 109 -30.63 26.22 31.74
N PRO F 110 -30.33 24.94 31.47
CA PRO F 110 -30.16 24.34 30.15
C PRO F 110 -31.52 24.16 29.47
N SER F 111 -31.62 24.41 28.18
CA SER F 111 -32.81 24.05 27.41
C SER F 111 -32.49 22.82 26.57
N THR F 112 -33.54 22.16 26.08
CA THR F 112 -33.37 20.99 25.23
C THR F 112 -34.14 21.19 23.92
N LEU F 113 -33.46 20.98 22.80
CA LEU F 113 -34.12 21.01 21.48
C LEU F 113 -34.23 19.60 20.95
N THR F 114 -35.42 19.22 20.53
CA THR F 114 -35.66 17.94 19.91
C THR F 114 -36.42 18.14 18.59
N LEU F 115 -36.47 17.09 17.77
CA LEU F 115 -37.24 17.06 16.52
C LEU F 115 -38.29 15.96 16.65
N ILE F 116 -39.56 16.34 16.76
CA ILE F 116 -40.62 15.45 17.21
C ILE F 116 -41.57 15.10 16.07
N ASN F 117 -41.96 13.83 16.02
CA ASN F 117 -43.02 13.40 15.13
C ASN F 117 -44.30 14.05 15.65
N ASN F 118 -44.61 15.24 15.15
CA ASN F 118 -45.79 15.98 15.60
C ASN F 118 -46.95 15.63 14.69
N THR F 119 -47.32 14.36 14.81
CA THR F 119 -48.58 13.80 14.33
C THR F 119 -48.60 13.71 12.81
N SER F 120 -47.63 13.00 12.26
CA SER F 120 -47.78 12.49 10.92
C SER F 120 -49.07 11.68 10.84
N SER F 121 -49.79 11.88 9.73
CA SER F 121 -51.05 11.16 9.49
C SER F 121 -50.84 9.65 9.50
N ALA F 122 -49.73 9.17 8.94
CA ALA F 122 -49.41 7.75 8.88
C ALA F 122 -49.09 7.14 10.23
N GLY F 123 -49.06 7.92 11.31
CA GLY F 123 -48.58 7.46 12.59
C GLY F 123 -47.06 7.42 12.67
N THR F 124 -46.54 6.24 12.96
CA THR F 124 -45.11 6.04 13.10
C THR F 124 -44.41 6.21 11.76
N ILE F 125 -43.28 6.91 11.77
CA ILE F 125 -42.52 7.22 10.56
C ILE F 125 -41.21 6.45 10.57
N THR F 126 -40.86 5.84 9.43
CA THR F 126 -39.57 5.19 9.26
C THR F 126 -38.73 5.98 8.26
N LEU F 127 -37.53 6.37 8.67
CA LEU F 127 -36.60 7.08 7.80
C LEU F 127 -35.94 6.13 6.82
N SER F 128 -35.40 6.72 5.74
CA SER F 128 -34.66 6.00 4.72
C SER F 128 -33.28 6.63 4.54
N ASN F 129 -32.24 5.81 4.64
CA ASN F 129 -30.88 6.20 4.36
C ASN F 129 -30.42 5.72 3.00
N SER F 130 -31.36 5.44 2.09
CA SER F 130 -31.01 4.72 0.87
C SER F 130 -31.60 5.35 -0.37
N ASP F 131 -32.31 6.46 -0.24
CA ASP F 131 -33.02 7.01 -1.37
C ASP F 131 -32.05 7.45 -2.46
N GLY F 132 -32.45 7.19 -3.71
CA GLY F 132 -31.77 7.70 -4.89
C GLY F 132 -30.48 7.01 -5.27
N GLY F 133 -29.80 6.32 -4.34
CA GLY F 133 -28.51 5.77 -4.70
C GLY F 133 -28.22 4.47 -3.98
N SER F 134 -27.04 3.93 -4.26
CA SER F 134 -26.63 2.68 -3.66
C SER F 134 -25.76 2.89 -2.42
N LEU F 135 -25.51 4.13 -2.04
CA LEU F 135 -24.64 4.45 -0.91
C LEU F 135 -25.51 4.96 0.22
N THR F 136 -24.91 5.09 1.40
CA THR F 136 -25.64 5.46 2.61
C THR F 136 -25.83 6.98 2.69
N ASN F 137 -27.08 7.41 2.87
CA ASN F 137 -27.41 8.82 3.06
C ASN F 137 -27.47 9.23 4.53
N VAL F 138 -27.32 10.53 4.75
CA VAL F 138 -27.90 11.12 5.94
C VAL F 138 -29.41 10.99 5.84
N SER F 139 -30.00 10.30 6.79
CA SER F 139 -31.45 10.15 6.82
C SER F 139 -32.12 11.28 7.60
N ALA F 140 -31.42 11.88 8.56
CA ALA F 140 -31.96 13.02 9.28
C ALA F 140 -30.81 13.84 9.84
N SER F 141 -31.00 15.15 9.92
CA SER F 141 -29.92 16.00 10.42
C SER F 141 -30.48 17.30 10.99
N ILE F 142 -29.72 17.90 11.91
CA ILE F 142 -29.95 19.27 12.38
C ILE F 142 -28.63 20.04 12.33
N SER F 143 -28.67 21.24 11.76
CA SER F 143 -27.58 22.21 11.79
C SER F 143 -28.07 23.48 12.49
N ILE F 144 -27.38 23.91 13.54
CA ILE F 144 -27.88 24.99 14.40
C ILE F 144 -26.73 25.86 14.87
N PHE F 145 -26.96 27.17 14.93
CA PHE F 145 -25.99 28.13 15.43
C PHE F 145 -26.71 29.27 16.14
N GLN F 146 -25.98 29.92 17.04
CA GLN F 146 -26.50 31.05 17.80
C GLN F 146 -26.35 32.34 17.00
N VAL F 147 -27.33 33.23 17.11
CA VAL F 147 -27.23 34.53 16.48
C VAL F 147 -27.50 35.61 17.51
N GLY F 148 -27.53 35.24 18.78
CA GLY F 148 -27.71 36.24 19.83
C GLY F 148 -27.85 35.76 21.27
N THR G 12 -8.02 -38.89 18.36
CA THR G 12 -8.43 -40.11 19.03
C THR G 12 -8.15 -41.35 18.13
N ASN G 13 -8.89 -42.43 18.34
CA ASN G 13 -8.82 -43.59 17.46
C ASN G 13 -9.84 -43.42 16.33
N TYR G 14 -9.36 -43.43 15.09
CA TYR G 14 -10.18 -43.20 13.91
C TYR G 14 -9.77 -44.17 12.81
N LEU G 15 -10.75 -44.63 12.03
CA LEU G 15 -10.44 -45.46 10.87
C LEU G 15 -11.48 -45.23 9.80
N TYR G 16 -11.02 -45.12 8.57
CA TYR G 16 -11.91 -45.06 7.40
C TYR G 16 -11.49 -46.15 6.44
N VAL G 17 -12.45 -46.96 5.99
CA VAL G 17 -12.19 -47.92 4.94
C VAL G 17 -13.34 -47.86 3.92
N PHE G 18 -13.01 -48.20 2.68
CA PHE G 18 -14.02 -48.14 1.63
C PHE G 18 -13.65 -49.12 0.53
N ASP G 19 -14.65 -49.46 -0.27
CA ASP G 19 -14.48 -50.36 -1.40
C ASP G 19 -14.92 -49.66 -2.67
N THR G 20 -14.30 -50.04 -3.78
CA THR G 20 -14.61 -49.41 -5.06
C THR G 20 -15.09 -50.41 -6.09
N THR G 21 -15.63 -51.55 -5.67
CA THR G 21 -15.90 -52.66 -6.59
C THR G 21 -17.38 -53.04 -6.62
N ASN G 22 -17.70 -53.91 -7.56
CA ASN G 22 -19.04 -54.46 -7.71
C ASN G 22 -19.13 -55.87 -7.12
N GLN G 23 -18.69 -55.99 -5.87
CA GLN G 23 -18.62 -57.27 -5.19
C GLN G 23 -20.01 -57.82 -4.87
N SER G 24 -20.08 -59.14 -4.78
CA SER G 24 -21.29 -59.87 -4.40
C SER G 24 -21.14 -60.31 -2.95
N ILE G 25 -22.19 -60.13 -2.16
CA ILE G 25 -22.15 -60.49 -0.75
C ILE G 25 -23.32 -61.44 -0.48
N ALA G 26 -23.01 -62.74 -0.40
CA ALA G 26 -24.04 -63.72 -0.07
C ALA G 26 -24.57 -63.45 1.33
N VAL G 27 -25.67 -64.15 1.67
CA VAL G 27 -26.31 -63.98 2.96
C VAL G 27 -25.39 -64.53 4.04
N GLY G 28 -25.29 -63.81 5.15
CA GLY G 28 -24.37 -64.18 6.19
C GLY G 28 -22.92 -63.81 5.94
N SER G 29 -22.62 -63.17 4.80
CA SER G 29 -21.25 -62.83 4.42
C SER G 29 -20.95 -61.34 4.66
N SER G 30 -19.68 -61.00 4.57
CA SER G 30 -19.21 -59.67 4.95
C SER G 30 -18.79 -58.86 3.74
N VAL G 31 -19.10 -57.57 3.77
CA VAL G 31 -18.56 -56.64 2.80
C VAL G 31 -17.06 -56.55 2.98
N THR G 32 -16.31 -56.68 1.90
CA THR G 32 -14.88 -56.45 1.97
C THR G 32 -14.56 -55.04 1.53
N PHE G 33 -13.47 -54.48 2.04
CA PHE G 33 -13.04 -53.14 1.67
C PHE G 33 -11.63 -53.21 1.09
N ASN G 34 -11.52 -52.87 -0.19
CA ASN G 34 -10.24 -52.98 -0.89
C ASN G 34 -9.33 -51.77 -0.66
N THR G 35 -9.81 -50.68 -0.04
CA THR G 35 -8.95 -49.53 0.21
C THR G 35 -9.09 -49.06 1.66
N ASN G 36 -7.96 -48.67 2.24
CA ASN G 36 -7.91 -48.05 3.56
C ASN G 36 -7.73 -46.55 3.36
N GLY G 37 -8.56 -45.75 4.05
CA GLY G 37 -8.37 -44.33 4.15
C GLY G 37 -7.54 -44.05 5.39
N PRO G 38 -7.61 -42.82 5.90
CA PRO G 38 -6.80 -42.46 7.08
C PRO G 38 -7.13 -43.34 8.28
N ILE G 39 -6.09 -43.73 9.01
CA ILE G 39 -6.23 -44.42 10.29
C ILE G 39 -5.31 -43.74 11.28
N THR G 40 -5.85 -43.35 12.43
CA THR G 40 -5.08 -42.79 13.53
C THR G 40 -5.33 -43.59 14.80
N GLY G 41 -4.39 -43.51 15.74
CA GLY G 41 -4.45 -44.30 16.94
C GLY G 41 -4.08 -45.75 16.69
N THR G 42 -4.00 -46.51 17.78
CA THR G 42 -3.58 -47.89 17.78
C THR G 42 -4.74 -48.88 17.93
N ALA G 43 -5.95 -48.40 18.21
CA ALA G 43 -7.06 -49.29 18.54
C ALA G 43 -7.69 -49.96 17.32
N LEU G 44 -7.75 -49.29 16.17
CA LEU G 44 -8.47 -49.80 15.01
C LEU G 44 -7.50 -50.11 13.87
N SER G 45 -7.73 -51.24 13.20
CA SER G 45 -6.87 -51.65 12.11
C SER G 45 -7.69 -52.43 11.10
N HIS G 46 -7.12 -52.60 9.91
CA HIS G 46 -7.82 -53.30 8.84
C HIS G 46 -6.85 -53.70 7.72
N ILE G 47 -6.77 -55.00 7.45
CA ILE G 47 -6.05 -55.51 6.28
C ILE G 47 -6.87 -55.24 5.03
N THR G 48 -6.27 -54.62 4.03
CA THR G 48 -7.02 -54.32 2.81
C THR G 48 -7.36 -55.61 2.09
N GLY G 49 -8.55 -55.63 1.45
CA GLY G 49 -9.10 -56.82 0.84
C GLY G 49 -10.09 -57.59 1.70
N THR G 50 -10.05 -57.39 3.02
CA THR G 50 -10.88 -58.12 3.95
C THR G 50 -12.08 -57.28 4.36
N GLY G 51 -13.04 -57.92 5.02
CA GLY G 51 -14.11 -57.19 5.66
C GLY G 51 -13.94 -57.12 7.17
N ASN G 52 -12.71 -57.22 7.69
CA ASN G 52 -12.47 -57.34 9.13
C ASN G 52 -11.85 -56.05 9.67
N ILE G 53 -12.59 -55.32 10.49
CA ILE G 53 -12.03 -54.21 11.23
C ILE G 53 -11.71 -54.73 12.64
N ILE G 54 -10.44 -54.85 12.96
CA ILE G 54 -10.05 -55.35 14.28
C ILE G 54 -9.99 -54.20 15.29
N ILE G 55 -10.51 -54.45 16.49
CA ILE G 55 -10.57 -53.45 17.55
C ILE G 55 -9.84 -53.99 18.77
N ASN G 56 -8.75 -53.32 19.15
CA ASN G 56 -7.90 -53.79 20.24
C ASN G 56 -8.16 -53.12 21.57
N THR G 57 -9.00 -52.07 21.63
CA THR G 57 -9.24 -51.29 22.84
C THR G 57 -10.70 -51.38 23.27
N LEU G 58 -10.92 -51.64 24.56
CA LEU G 58 -12.26 -51.69 25.12
C LEU G 58 -12.88 -50.29 25.17
N GLY G 59 -14.21 -50.24 25.12
CA GLY G 59 -14.96 -49.01 25.24
C GLY G 59 -15.99 -48.85 24.12
N THR G 60 -16.52 -47.63 24.00
CA THR G 60 -17.60 -47.30 23.09
C THR G 60 -17.07 -46.75 21.77
N TYR G 61 -17.69 -47.18 20.66
CA TYR G 61 -17.30 -46.74 19.32
C TYR G 61 -18.55 -46.35 18.55
N VAL G 62 -18.38 -45.39 17.63
CA VAL G 62 -19.45 -44.91 16.77
C VAL G 62 -19.08 -45.27 15.34
N ALA G 63 -19.90 -46.12 14.71
CA ALA G 63 -19.62 -46.57 13.36
C ALA G 63 -20.73 -46.16 12.43
N GLU G 64 -20.36 -45.62 11.27
CA GLU G 64 -21.32 -45.37 10.20
C GLU G 64 -20.91 -46.19 8.98
N PHE G 65 -21.90 -46.79 8.31
CA PHE G 65 -21.63 -47.45 7.05
C PHE G 65 -22.49 -46.89 5.94
N GLN G 66 -21.92 -46.95 4.74
CA GLN G 66 -22.59 -46.61 3.51
C GLN G 66 -22.42 -47.78 2.57
N LEU G 67 -23.47 -48.13 1.84
CA LEU G 67 -23.43 -49.27 0.94
C LEU G 67 -24.37 -48.96 -0.20
N GLN G 68 -23.94 -49.17 -1.43
CA GLN G 68 -24.72 -48.80 -2.61
C GLN G 68 -24.90 -50.04 -3.47
N ALA G 69 -26.13 -50.53 -3.54
CA ALA G 69 -26.41 -51.80 -4.18
C ALA G 69 -27.43 -51.62 -5.29
N SER G 70 -27.53 -52.63 -6.15
CA SER G 70 -28.43 -52.62 -7.28
C SER G 70 -29.83 -53.10 -6.94
N ARG G 71 -30.03 -53.62 -5.73
CA ARG G 71 -31.38 -53.88 -5.28
C ARG G 71 -31.49 -53.63 -3.78
N GLU G 72 -32.73 -53.50 -3.33
CA GLU G 72 -32.99 -53.28 -1.92
C GLU G 72 -32.35 -54.39 -1.09
N ASN G 73 -31.96 -54.05 0.13
CA ASN G 73 -31.02 -54.87 0.86
C ASN G 73 -31.04 -54.49 2.33
N GLN G 74 -30.44 -55.35 3.14
CA GLN G 74 -30.48 -55.22 4.59
C GLN G 74 -29.14 -55.71 5.11
N PHE G 75 -28.40 -54.82 5.75
CA PHE G 75 -27.09 -55.14 6.29
C PHE G 75 -27.03 -54.73 7.75
N SER G 76 -26.26 -55.50 8.52
CA SER G 76 -26.04 -55.23 9.94
C SER G 76 -24.56 -55.21 10.27
N LEU G 77 -24.12 -54.17 10.98
CA LEU G 77 -22.83 -54.24 11.64
C LEU G 77 -22.85 -55.35 12.67
N GLU G 78 -21.78 -56.13 12.75
CA GLU G 78 -21.71 -57.23 13.70
C GLU G 78 -20.40 -57.20 14.44
N LEU G 79 -20.46 -57.47 15.74
CA LEU G 79 -19.28 -57.58 16.57
C LEU G 79 -19.08 -59.06 16.88
N ASN G 80 -17.89 -59.56 16.57
CA ASN G 80 -17.56 -60.97 16.81
C ASN G 80 -18.67 -61.90 16.29
N GLY G 81 -19.25 -61.53 15.15
CA GLY G 81 -20.26 -62.37 14.52
C GLY G 81 -21.64 -62.29 15.13
N THR G 82 -21.93 -61.26 15.92
CA THR G 82 -23.26 -61.09 16.50
C THR G 82 -23.80 -59.71 16.17
N PRO G 83 -24.97 -59.62 15.53
CA PRO G 83 -25.55 -58.30 15.21
C PRO G 83 -25.54 -57.34 16.39
N ILE G 84 -25.01 -56.14 16.13
CA ILE G 84 -24.94 -55.09 17.15
C ILE G 84 -26.33 -54.52 17.38
N PRO G 85 -26.78 -54.36 18.62
CA PRO G 85 -28.07 -53.69 18.85
C PRO G 85 -28.09 -52.33 18.19
N GLY G 86 -29.01 -52.16 17.24
CA GLY G 86 -29.16 -50.92 16.53
C GLY G 86 -28.20 -50.73 15.38
N GLY G 87 -27.61 -51.80 14.86
CA GLY G 87 -26.67 -51.71 13.77
C GLY G 87 -27.16 -52.26 12.45
N ARG G 88 -28.43 -52.66 12.36
CA ARG G 88 -28.99 -53.21 11.15
C ARG G 88 -29.90 -52.18 10.49
N PHE G 89 -29.66 -51.92 9.21
CA PHE G 89 -30.44 -50.95 8.45
C PHE G 89 -30.77 -51.55 7.10
N GLY G 90 -31.85 -51.06 6.50
CA GLY G 90 -32.26 -51.53 5.19
C GLY G 90 -32.96 -50.46 4.40
N THR G 91 -32.88 -50.58 3.09
CA THR G 91 -33.57 -49.69 2.16
C THR G 91 -34.54 -50.52 1.33
N GLY G 92 -35.66 -49.91 0.97
CA GLY G 92 -36.69 -50.58 0.21
C GLY G 92 -36.78 -50.13 -1.23
N SER G 93 -35.77 -49.46 -1.76
CA SER G 93 -35.74 -49.10 -3.15
C SER G 93 -34.38 -49.44 -3.74
N PRO G 94 -34.34 -49.85 -5.01
CA PRO G 94 -33.05 -50.21 -5.63
C PRO G 94 -32.25 -48.98 -6.06
N HIS G 95 -30.94 -49.16 -6.03
CA HIS G 95 -29.99 -48.11 -6.42
C HIS G 95 -30.16 -46.88 -5.53
N SER G 96 -30.49 -47.10 -4.27
CA SER G 96 -30.54 -46.05 -3.26
C SER G 96 -29.60 -46.42 -2.14
N ILE G 97 -29.00 -45.40 -1.51
CA ILE G 97 -28.02 -45.67 -0.46
C ILE G 97 -28.66 -46.43 0.69
N ASN G 98 -27.95 -47.43 1.22
CA ASN G 98 -28.26 -47.99 2.53
C ASN G 98 -27.24 -47.47 3.54
N GLN G 99 -27.72 -46.78 4.56
CA GLN G 99 -26.81 -46.02 5.43
C GLN G 99 -27.30 -46.13 6.86
N GLY G 100 -26.35 -46.27 7.79
CA GLY G 100 -26.67 -46.30 9.21
C GLY G 100 -25.49 -45.88 10.06
N THR G 101 -25.79 -45.19 11.16
CA THR G 101 -24.81 -44.83 12.17
C THR G 101 -25.23 -45.49 13.47
N ALA G 102 -24.30 -46.20 14.11
CA ALA G 102 -24.62 -46.87 15.35
C ALA G 102 -23.41 -46.87 16.27
N ALA G 103 -23.67 -46.68 17.55
CA ALA G 103 -22.65 -46.88 18.57
C ALA G 103 -22.83 -48.25 19.22
N PHE G 104 -21.71 -48.80 19.69
CA PHE G 104 -21.67 -50.09 20.34
C PHE G 104 -20.50 -50.10 21.32
N THR G 105 -20.56 -51.02 22.29
CA THR G 105 -19.55 -51.13 23.32
C THR G 105 -18.74 -52.40 23.09
N VAL G 106 -17.43 -52.24 22.93
CA VAL G 106 -16.48 -53.33 22.80
C VAL G 106 -16.20 -53.85 24.21
N THR G 107 -16.62 -55.08 24.49
CA THR G 107 -16.52 -55.62 25.85
C THR G 107 -15.50 -56.75 25.99
N VAL G 108 -14.96 -57.25 24.89
CA VAL G 108 -13.81 -58.14 24.92
C VAL G 108 -12.88 -57.67 23.80
N VAL G 109 -11.57 -57.83 24.02
CA VAL G 109 -10.59 -57.39 23.02
C VAL G 109 -9.57 -58.49 22.74
N PRO G 110 -9.01 -58.56 21.54
CA PRO G 110 -9.34 -57.80 20.33
C PRO G 110 -10.68 -58.27 19.81
N SER G 111 -11.48 -57.37 19.28
CA SER G 111 -12.76 -57.71 18.69
C SER G 111 -12.72 -57.47 17.19
N THR G 112 -13.59 -58.17 16.45
CA THR G 112 -13.75 -57.97 15.02
C THR G 112 -15.13 -57.38 14.74
N LEU G 113 -15.14 -56.28 13.99
CA LEU G 113 -16.36 -55.65 13.49
C LEU G 113 -16.50 -55.96 12.01
N THR G 114 -17.68 -56.46 11.60
CA THR G 114 -17.97 -56.78 10.21
C THR G 114 -19.26 -56.09 9.77
N LEU G 115 -19.45 -56.01 8.45
CA LEU G 115 -20.72 -55.55 7.86
C LEU G 115 -21.29 -56.72 7.07
N ILE G 116 -22.39 -57.28 7.56
CA ILE G 116 -22.88 -58.60 7.14
C ILE G 116 -24.22 -58.46 6.44
N ASN G 117 -24.34 -59.13 5.29
CA ASN G 117 -25.62 -59.28 4.62
C ASN G 117 -26.51 -60.05 5.56
N ASN G 118 -27.27 -59.32 6.36
CA ASN G 118 -28.13 -59.92 7.36
C ASN G 118 -29.51 -60.04 6.74
N THR G 119 -29.57 -61.02 5.85
CA THR G 119 -30.78 -61.55 5.26
C THR G 119 -31.52 -60.48 4.46
N SER G 120 -30.84 -59.97 3.44
CA SER G 120 -31.52 -59.19 2.42
C SER G 120 -32.58 -60.06 1.74
N SER G 121 -33.70 -59.43 1.37
CA SER G 121 -34.84 -60.19 0.85
C SER G 121 -34.47 -60.96 -0.41
N ALA G 122 -33.69 -60.35 -1.30
CA ALA G 122 -33.30 -60.94 -2.57
C ALA G 122 -32.10 -61.89 -2.47
N GLY G 123 -31.68 -62.26 -1.26
CA GLY G 123 -30.53 -63.12 -1.07
C GLY G 123 -29.19 -62.43 -1.26
N THR G 124 -28.40 -62.91 -2.20
CA THR G 124 -27.10 -62.33 -2.47
C THR G 124 -27.27 -60.93 -3.05
N ILE G 125 -26.44 -60.00 -2.59
CA ILE G 125 -26.48 -58.60 -3.03
C ILE G 125 -25.20 -58.28 -3.78
N THR G 126 -25.35 -57.55 -4.88
CA THR G 126 -24.21 -57.05 -5.66
C THR G 126 -24.09 -55.54 -5.48
N LEU G 127 -22.88 -55.08 -5.21
CA LEU G 127 -22.62 -53.66 -5.04
C LEU G 127 -22.54 -52.96 -6.38
N SER G 128 -22.72 -51.64 -6.37
CA SER G 128 -22.55 -50.82 -7.56
C SER G 128 -21.59 -49.67 -7.27
N ASN G 129 -20.52 -49.59 -8.04
CA ASN G 129 -19.56 -48.51 -7.97
C ASN G 129 -19.78 -47.48 -9.08
N SER G 130 -20.95 -47.45 -9.69
CA SER G 130 -21.13 -46.58 -10.84
C SER G 130 -22.41 -45.76 -10.87
N ASP G 131 -23.28 -45.84 -9.87
CA ASP G 131 -24.55 -45.14 -9.94
C ASP G 131 -24.37 -43.63 -10.10
N GLY G 132 -25.09 -43.06 -11.07
CA GLY G 132 -25.28 -41.63 -11.16
C GLY G 132 -24.29 -40.88 -12.04
N GLY G 133 -23.22 -41.52 -12.48
CA GLY G 133 -22.15 -40.80 -13.17
C GLY G 133 -21.24 -41.75 -13.90
N SER G 134 -20.14 -41.21 -14.42
CA SER G 134 -19.24 -41.97 -15.26
C SER G 134 -17.94 -42.35 -14.56
N LEU G 135 -17.73 -41.93 -13.32
CA LEU G 135 -16.51 -42.31 -12.64
C LEU G 135 -16.80 -43.38 -11.58
N THR G 136 -15.73 -43.81 -10.92
CA THR G 136 -15.81 -44.86 -9.93
C THR G 136 -16.25 -44.29 -8.60
N ASN G 137 -17.36 -44.82 -8.05
CA ASN G 137 -17.88 -44.40 -6.76
C ASN G 137 -17.30 -45.24 -5.63
N VAL G 138 -17.49 -44.75 -4.41
CA VAL G 138 -17.39 -45.59 -3.21
C VAL G 138 -18.63 -46.47 -3.16
N SER G 139 -18.44 -47.77 -3.27
CA SER G 139 -19.58 -48.68 -3.25
C SER G 139 -19.93 -49.18 -1.86
N ALA G 140 -18.98 -49.13 -0.92
CA ALA G 140 -19.27 -49.40 0.48
C ALA G 140 -18.14 -48.81 1.30
N SER G 141 -18.45 -48.47 2.55
CA SER G 141 -17.47 -47.78 3.37
C SER G 141 -17.92 -47.80 4.83
N ILE G 142 -16.94 -47.70 5.71
CA ILE G 142 -17.20 -47.62 7.15
C ILE G 142 -16.27 -46.56 7.72
N SER G 143 -16.82 -45.65 8.52
CA SER G 143 -16.06 -44.65 9.26
C SER G 143 -16.40 -44.83 10.73
N ILE G 144 -15.38 -44.98 11.55
CA ILE G 144 -15.58 -45.35 12.95
C ILE G 144 -14.56 -44.60 13.82
N PHE G 145 -14.99 -44.20 15.01
CA PHE G 145 -14.07 -43.54 15.94
C PHE G 145 -14.49 -43.88 17.35
N GLN G 146 -13.50 -43.90 18.24
CA GLN G 146 -13.79 -44.20 19.63
C GLN G 146 -14.27 -42.94 20.35
N VAL G 147 -15.35 -43.08 21.13
CA VAL G 147 -15.85 -41.95 21.93
C VAL G 147 -15.60 -42.11 23.42
N GLY G 148 -15.32 -43.31 23.91
CA GLY G 148 -15.03 -43.47 25.33
C GLY G 148 -14.42 -44.80 25.70
N THR H 12 -10.97 -28.55 19.52
CA THR H 12 -11.65 -29.37 18.53
C THR H 12 -12.14 -28.48 17.38
N ASN H 13 -11.73 -28.84 16.17
CA ASN H 13 -12.07 -28.07 14.98
C ASN H 13 -13.32 -28.68 14.34
N TYR H 14 -14.41 -27.92 14.33
CA TYR H 14 -15.68 -28.39 13.78
C TYR H 14 -16.34 -27.30 12.94
N LEU H 15 -16.96 -27.72 11.83
CA LEU H 15 -17.63 -26.78 10.93
C LEU H 15 -18.84 -27.44 10.30
N TYR H 16 -19.97 -26.75 10.31
CA TYR H 16 -21.18 -27.17 9.60
C TYR H 16 -21.59 -26.07 8.66
N VAL H 17 -21.79 -26.42 7.39
CA VAL H 17 -22.30 -25.49 6.40
C VAL H 17 -23.47 -26.17 5.70
N PHE H 18 -24.44 -25.38 5.25
CA PHE H 18 -25.56 -25.96 4.54
C PHE H 18 -26.13 -24.94 3.56
N ASP H 19 -26.90 -25.46 2.62
CA ASP H 19 -27.54 -24.67 1.57
C ASP H 19 -29.02 -24.97 1.55
N THR H 20 -29.82 -23.96 1.22
CA THR H 20 -31.27 -24.13 1.25
C THR H 20 -31.93 -23.82 -0.07
N THR H 21 -31.17 -23.83 -1.17
CA THR H 21 -31.63 -23.35 -2.46
C THR H 21 -31.70 -24.46 -3.50
N ASN H 22 -32.20 -24.11 -4.68
CA ASN H 22 -32.32 -25.01 -5.83
C ASN H 22 -31.23 -24.73 -6.84
N GLN H 23 -30.00 -24.53 -6.38
CA GLN H 23 -28.89 -24.19 -7.25
C GLN H 23 -28.66 -25.27 -8.30
N SER H 24 -28.00 -24.85 -9.38
CA SER H 24 -27.60 -25.74 -10.45
C SER H 24 -26.08 -25.90 -10.38
N ILE H 25 -25.62 -27.14 -10.50
CA ILE H 25 -24.20 -27.44 -10.41
C ILE H 25 -23.80 -28.12 -11.70
N ALA H 26 -23.07 -27.41 -12.54
CA ALA H 26 -22.57 -27.98 -13.78
C ALA H 26 -21.42 -28.93 -13.49
N VAL H 27 -21.11 -29.77 -14.48
CA VAL H 27 -20.03 -30.73 -14.31
C VAL H 27 -18.75 -29.97 -13.99
N GLY H 28 -18.05 -30.39 -12.96
CA GLY H 28 -16.82 -29.75 -12.54
C GLY H 28 -16.99 -28.50 -11.71
N SER H 29 -18.21 -28.02 -11.50
CA SER H 29 -18.39 -26.84 -10.66
C SER H 29 -18.67 -27.26 -9.22
N SER H 30 -18.59 -26.30 -8.31
CA SER H 30 -18.68 -26.62 -6.88
C SER H 30 -20.06 -26.28 -6.33
N VAL H 31 -20.49 -27.04 -5.34
CA VAL H 31 -21.75 -26.79 -4.65
C VAL H 31 -21.55 -25.65 -3.66
N THR H 32 -22.44 -24.66 -3.70
CA THR H 32 -22.29 -23.52 -2.81
C THR H 32 -23.24 -23.70 -1.65
N PHE H 33 -22.88 -23.10 -0.51
CA PHE H 33 -23.63 -23.21 0.74
C PHE H 33 -23.99 -21.82 1.22
N ASN H 34 -25.28 -21.50 1.27
CA ASN H 34 -25.69 -20.15 1.62
C ASN H 34 -25.75 -19.88 3.11
N THR H 35 -25.68 -20.90 3.97
CA THR H 35 -25.71 -20.65 5.41
C THR H 35 -24.52 -21.31 6.11
N ASN H 36 -23.90 -20.58 7.02
CA ASN H 36 -22.94 -21.15 7.93
C ASN H 36 -23.71 -21.68 9.14
N GLY H 37 -23.43 -22.93 9.52
CA GLY H 37 -23.88 -23.45 10.79
C GLY H 37 -22.84 -23.16 11.84
N PRO H 38 -22.92 -23.79 12.99
CA PRO H 38 -21.88 -23.60 14.01
C PRO H 38 -20.49 -23.97 13.48
N ILE H 39 -19.48 -23.30 14.02
CA ILE H 39 -18.09 -23.50 13.63
C ILE H 39 -17.21 -23.28 14.85
N THR H 40 -16.44 -24.29 15.27
CA THR H 40 -15.58 -24.20 16.44
C THR H 40 -14.12 -24.46 16.05
N GLY H 41 -13.21 -23.75 16.70
CA GLY H 41 -11.81 -23.87 16.38
C GLY H 41 -11.36 -22.79 15.42
N THR H 42 -10.08 -22.84 15.09
CA THR H 42 -9.46 -21.89 14.19
C THR H 42 -9.16 -22.45 12.80
N ALA H 43 -9.26 -23.77 12.61
CA ALA H 43 -8.73 -24.39 11.40
C ALA H 43 -9.65 -24.29 10.20
N LEU H 44 -10.97 -24.21 10.41
CA LEU H 44 -11.96 -24.38 9.37
C LEU H 44 -12.75 -23.10 9.19
N SER H 45 -13.01 -22.73 7.95
CA SER H 45 -13.73 -21.50 7.70
C SER H 45 -14.48 -21.62 6.38
N HIS H 46 -15.42 -20.71 6.19
CA HIS H 46 -16.21 -20.73 4.98
C HIS H 46 -16.90 -19.38 4.84
N ILE H 47 -16.61 -18.67 3.76
CA ILE H 47 -17.40 -17.49 3.39
C ILE H 47 -18.77 -17.92 2.89
N THR H 48 -19.82 -17.33 3.44
CA THR H 48 -21.18 -17.70 3.05
C THR H 48 -21.42 -17.31 1.60
N GLY H 49 -22.08 -18.19 0.87
CA GLY H 49 -22.29 -18.00 -0.54
C GLY H 49 -21.31 -18.77 -1.42
N THR H 50 -20.21 -19.25 -0.85
CA THR H 50 -19.23 -19.97 -1.65
C THR H 50 -19.37 -21.47 -1.43
N GLY H 51 -18.55 -22.22 -2.19
CA GLY H 51 -18.40 -23.63 -1.97
C GLY H 51 -17.01 -23.98 -1.47
N ASN H 52 -16.34 -23.03 -0.81
CA ASN H 52 -14.94 -23.20 -0.39
C ASN H 52 -14.84 -23.29 1.13
N ILE H 53 -14.45 -24.46 1.62
CA ILE H 53 -14.08 -24.67 3.01
C ILE H 53 -12.57 -24.61 3.07
N ILE H 54 -12.03 -23.56 3.67
CA ILE H 54 -10.57 -23.43 3.79
C ILE H 54 -10.17 -24.12 5.07
N ILE H 55 -9.07 -24.88 5.00
CA ILE H 55 -8.53 -25.64 6.11
C ILE H 55 -7.09 -25.17 6.34
N ASN H 56 -6.83 -24.60 7.53
CA ASN H 56 -5.54 -24.01 7.81
C ASN H 56 -4.68 -24.82 8.78
N THR H 57 -5.16 -25.98 9.26
CA THR H 57 -4.41 -26.83 10.18
C THR H 57 -4.15 -28.19 9.53
N LEU H 58 -2.89 -28.62 9.55
CA LEU H 58 -2.51 -29.92 9.01
C LEU H 58 -3.17 -31.03 9.79
N GLY H 59 -3.35 -32.17 9.14
CA GLY H 59 -3.82 -33.32 9.86
C GLY H 59 -5.00 -33.97 9.19
N THR H 60 -5.72 -34.77 9.96
CA THR H 60 -6.75 -35.65 9.44
C THR H 60 -8.14 -35.12 9.79
N TYR H 61 -9.02 -35.08 8.80
CA TYR H 61 -10.35 -34.55 8.94
C TYR H 61 -11.35 -35.60 8.46
N VAL H 62 -12.53 -35.58 9.08
CA VAL H 62 -13.64 -36.45 8.69
C VAL H 62 -14.73 -35.55 8.14
N ALA H 63 -15.06 -35.73 6.86
CA ALA H 63 -16.05 -34.86 6.23
C ALA H 63 -17.20 -35.70 5.73
N GLU H 64 -18.42 -35.28 6.07
CA GLU H 64 -19.67 -35.91 5.63
C GLU H 64 -20.47 -34.93 4.78
N PHE H 65 -20.95 -35.37 3.62
CA PHE H 65 -21.81 -34.50 2.82
C PHE H 65 -23.16 -35.14 2.52
N GLN H 66 -24.18 -34.29 2.43
CA GLN H 66 -25.53 -34.64 2.02
C GLN H 66 -25.90 -33.77 0.82
N LEU H 67 -26.67 -34.34 -0.10
CA LEU H 67 -27.01 -33.65 -1.34
C LEU H 67 -28.33 -34.23 -1.86
N GLN H 68 -29.32 -33.37 -2.06
CA GLN H 68 -30.64 -33.78 -2.52
C GLN H 68 -30.93 -33.13 -3.86
N ALA H 69 -31.17 -33.95 -4.87
CA ALA H 69 -31.22 -33.49 -6.23
C ALA H 69 -32.33 -34.19 -6.98
N SER H 70 -32.84 -33.52 -8.00
CA SER H 70 -33.97 -34.00 -8.77
C SER H 70 -33.62 -35.14 -9.70
N ARG H 71 -32.36 -35.54 -9.80
CA ARG H 71 -32.09 -36.81 -10.47
C ARG H 71 -30.79 -37.41 -9.96
N GLU H 72 -30.64 -38.69 -10.29
CA GLU H 72 -29.44 -39.44 -9.99
C GLU H 72 -28.21 -38.62 -10.35
N ASN H 73 -27.16 -38.77 -9.56
CA ASN H 73 -26.02 -37.86 -9.68
C ASN H 73 -24.82 -38.48 -8.99
N GLN H 74 -23.67 -37.87 -9.24
CA GLN H 74 -22.39 -38.35 -8.74
C GLN H 74 -21.56 -37.14 -8.32
N PHE H 75 -21.15 -37.10 -7.06
CA PHE H 75 -20.42 -35.97 -6.53
C PHE H 75 -19.20 -36.48 -5.78
N SER H 76 -18.14 -35.66 -5.75
CA SER H 76 -16.92 -36.03 -5.05
C SER H 76 -16.43 -34.87 -4.21
N LEU H 77 -16.12 -35.13 -2.94
CA LEU H 77 -15.28 -34.22 -2.18
C LEU H 77 -13.93 -34.11 -2.85
N GLU H 78 -13.40 -32.89 -2.94
CA GLU H 78 -12.10 -32.64 -3.57
C GLU H 78 -11.24 -31.76 -2.67
N LEU H 79 -9.95 -32.05 -2.66
CA LEU H 79 -8.99 -31.28 -1.87
C LEU H 79 -8.08 -30.55 -2.84
N ASN H 80 -8.11 -29.22 -2.77
CA ASN H 80 -7.33 -28.36 -3.67
C ASN H 80 -7.55 -28.76 -5.14
N GLY H 81 -8.80 -29.08 -5.48
CA GLY H 81 -9.18 -29.36 -6.85
C GLY H 81 -8.96 -30.78 -7.33
N THR H 82 -8.62 -31.70 -6.43
CA THR H 82 -8.30 -33.08 -6.76
C THR H 82 -9.24 -34.02 -6.00
N PRO H 83 -9.92 -34.95 -6.68
CA PRO H 83 -10.80 -35.88 -5.95
C PRO H 83 -10.05 -36.57 -4.82
N ILE H 84 -10.67 -36.60 -3.65
CA ILE H 84 -10.07 -37.27 -2.50
C ILE H 84 -10.27 -38.78 -2.62
N PRO H 85 -9.24 -39.61 -2.40
CA PRO H 85 -9.48 -41.07 -2.39
C PRO H 85 -10.61 -41.39 -1.44
N GLY H 86 -11.65 -42.04 -1.97
CA GLY H 86 -12.78 -42.46 -1.17
C GLY H 86 -13.79 -41.40 -0.86
N GLY H 87 -13.87 -40.33 -1.66
CA GLY H 87 -14.79 -39.23 -1.41
C GLY H 87 -15.83 -39.00 -2.48
N ARG H 88 -15.95 -39.91 -3.45
CA ARG H 88 -16.95 -39.82 -4.50
C ARG H 88 -18.06 -40.84 -4.26
N PHE H 89 -19.30 -40.34 -4.18
CA PHE H 89 -20.48 -41.14 -3.92
C PHE H 89 -21.52 -40.82 -4.97
N GLY H 90 -22.31 -41.83 -5.32
CA GLY H 90 -23.33 -41.68 -6.34
C GLY H 90 -24.63 -42.26 -5.85
N THR H 91 -25.72 -41.71 -6.37
CA THR H 91 -27.05 -42.29 -6.21
C THR H 91 -27.66 -42.55 -7.58
N GLY H 92 -28.38 -43.67 -7.68
CA GLY H 92 -28.98 -44.11 -8.91
C GLY H 92 -30.46 -43.80 -9.03
N SER H 93 -31.06 -43.10 -8.06
CA SER H 93 -32.49 -42.84 -8.01
C SER H 93 -32.75 -41.33 -7.89
N PRO H 94 -33.62 -40.77 -8.70
CA PRO H 94 -33.93 -39.35 -8.58
C PRO H 94 -34.64 -39.06 -7.27
N HIS H 95 -34.49 -37.81 -6.81
CA HIS H 95 -35.15 -37.35 -5.60
C HIS H 95 -34.89 -38.29 -4.42
N SER H 96 -33.66 -38.82 -4.37
CA SER H 96 -33.21 -39.69 -3.29
C SER H 96 -31.81 -39.23 -2.90
N ILE H 97 -31.54 -39.22 -1.59
CA ILE H 97 -30.36 -38.52 -1.08
C ILE H 97 -29.06 -39.13 -1.62
N ASN H 98 -28.12 -38.26 -2.02
CA ASN H 98 -26.73 -38.67 -2.20
C ASN H 98 -25.94 -38.35 -0.92
N GLN H 99 -25.49 -39.38 -0.22
CA GLN H 99 -24.80 -39.20 1.05
C GLN H 99 -23.48 -39.93 1.08
N GLY H 100 -22.49 -39.32 1.75
CA GLY H 100 -21.20 -39.93 1.89
C GLY H 100 -20.41 -39.36 3.04
N THR H 101 -19.67 -40.23 3.71
CA THR H 101 -18.67 -39.84 4.69
C THR H 101 -17.31 -40.37 4.27
N ALA H 102 -16.32 -39.48 4.20
CA ALA H 102 -14.95 -39.84 3.92
C ALA H 102 -14.00 -39.06 4.83
N ALA H 103 -12.84 -39.64 5.11
CA ALA H 103 -11.76 -38.94 5.78
C ALA H 103 -10.61 -38.74 4.81
N PHE H 104 -9.73 -37.80 5.16
CA PHE H 104 -8.63 -37.42 4.30
C PHE H 104 -7.63 -36.66 5.17
N THR H 105 -6.40 -36.52 4.66
CA THR H 105 -5.33 -35.86 5.38
C THR H 105 -4.89 -34.60 4.65
N VAL H 106 -4.90 -33.47 5.33
CA VAL H 106 -4.45 -32.21 4.76
C VAL H 106 -2.94 -32.15 4.95
N THR H 107 -2.20 -32.06 3.85
CA THR H 107 -0.74 -32.11 3.91
C THR H 107 -0.06 -30.79 3.58
N VAL H 108 -0.81 -29.79 3.15
CA VAL H 108 -0.32 -28.43 2.93
C VAL H 108 -1.40 -27.47 3.38
N VAL H 109 -0.99 -26.34 3.95
CA VAL H 109 -1.96 -25.38 4.48
C VAL H 109 -1.66 -23.99 3.92
N PRO H 110 -2.69 -23.16 3.66
CA PRO H 110 -4.12 -23.47 3.74
C PRO H 110 -4.59 -24.27 2.53
N SER H 111 -5.55 -25.19 2.71
CA SER H 111 -6.09 -25.98 1.62
C SER H 111 -7.57 -25.65 1.45
N THR H 112 -8.12 -25.98 0.26
CA THR H 112 -9.52 -25.73 -0.07
C THR H 112 -10.23 -27.06 -0.31
N LEU H 113 -11.32 -27.28 0.44
CA LEU H 113 -12.20 -28.43 0.25
C LEU H 113 -13.48 -27.99 -0.46
N THR H 114 -13.86 -28.73 -1.49
CA THR H 114 -15.06 -28.50 -2.28
C THR H 114 -15.82 -29.80 -2.50
N LEU H 115 -17.08 -29.68 -2.89
CA LEU H 115 -17.91 -30.80 -3.34
C LEU H 115 -18.27 -30.53 -4.79
N ILE H 116 -17.78 -31.38 -5.70
CA ILE H 116 -17.83 -31.14 -7.14
C ILE H 116 -18.74 -32.17 -7.80
N ASN H 117 -19.50 -31.72 -8.80
CA ASN H 117 -20.25 -32.61 -9.68
C ASN H 117 -19.24 -33.37 -10.54
N ASN H 118 -19.02 -34.64 -10.25
CA ASN H 118 -17.79 -35.31 -10.67
C ASN H 118 -18.02 -36.82 -10.75
N THR H 119 -18.72 -37.30 -11.79
CA THR H 119 -19.24 -36.60 -12.98
C THR H 119 -20.63 -37.14 -13.34
N SER H 120 -21.68 -36.38 -13.02
CA SER H 120 -23.04 -36.91 -13.18
C SER H 120 -23.39 -37.17 -14.65
N SER H 121 -24.10 -38.27 -14.90
CA SER H 121 -24.43 -38.65 -16.27
C SER H 121 -25.28 -37.59 -16.94
N ALA H 122 -26.21 -37.00 -16.19
CA ALA H 122 -27.13 -36.00 -16.69
C ALA H 122 -26.46 -34.65 -16.89
N GLY H 123 -25.16 -34.57 -16.70
CA GLY H 123 -24.49 -33.30 -16.77
C GLY H 123 -24.86 -32.45 -15.60
N THR H 124 -25.35 -31.24 -15.86
CA THR H 124 -25.69 -30.32 -14.80
C THR H 124 -26.81 -30.90 -13.92
N ILE H 125 -26.63 -30.76 -12.60
CA ILE H 125 -27.57 -31.24 -11.60
C ILE H 125 -28.17 -30.03 -10.89
N THR H 126 -29.47 -30.10 -10.59
CA THR H 126 -30.16 -29.04 -9.88
C THR H 126 -30.69 -29.57 -8.55
N LEU H 127 -30.33 -28.90 -7.45
CA LEU H 127 -30.74 -29.37 -6.15
C LEU H 127 -32.23 -29.06 -5.89
N SER H 128 -32.78 -29.73 -4.88
CA SER H 128 -34.17 -29.59 -4.49
C SER H 128 -34.27 -29.32 -2.99
N ASN H 129 -34.82 -28.17 -2.62
CA ASN H 129 -34.92 -27.79 -1.21
C ASN H 129 -36.29 -28.10 -0.62
N SER H 130 -37.11 -28.90 -1.30
CA SER H 130 -38.50 -29.03 -0.90
C SER H 130 -39.02 -30.46 -0.95
N ASP H 131 -38.16 -31.45 -1.16
CA ASP H 131 -38.60 -32.83 -1.25
C ASP H 131 -39.25 -33.30 0.04
N GLY H 132 -40.35 -34.04 -0.09
CA GLY H 132 -40.94 -34.73 1.03
C GLY H 132 -42.06 -33.98 1.74
N GLY H 133 -42.04 -32.66 1.74
CA GLY H 133 -43.03 -31.92 2.50
C GLY H 133 -43.20 -30.47 2.08
N SER H 134 -43.77 -29.69 3.00
CA SER H 134 -44.29 -28.37 2.69
C SER H 134 -43.35 -27.25 3.09
N LEU H 135 -42.21 -27.54 3.67
CA LEU H 135 -41.28 -26.53 4.13
C LEU H 135 -39.93 -26.65 3.40
N THR H 136 -39.04 -25.70 3.69
CA THR H 136 -37.74 -25.64 3.03
C THR H 136 -36.80 -26.62 3.72
N ASN H 137 -36.21 -27.52 2.94
CA ASN H 137 -35.20 -28.48 3.37
C ASN H 137 -33.79 -27.90 3.20
N VAL H 138 -32.85 -28.53 3.89
CA VAL H 138 -31.44 -28.43 3.53
C VAL H 138 -31.23 -29.17 2.22
N SER H 139 -30.80 -28.45 1.19
CA SER H 139 -30.58 -29.07 -0.11
C SER H 139 -29.18 -29.66 -0.23
N ALA H 140 -28.25 -29.19 0.59
CA ALA H 140 -26.90 -29.72 0.61
C ALA H 140 -26.23 -29.20 1.86
N SER H 141 -25.17 -29.89 2.27
CA SER H 141 -24.52 -29.61 3.54
C SER H 141 -23.29 -30.47 3.69
N ILE H 142 -22.33 -29.96 4.47
CA ILE H 142 -21.13 -30.71 4.83
C ILE H 142 -20.90 -30.50 6.32
N SER H 143 -20.55 -31.57 7.00
CA SER H 143 -20.19 -31.49 8.41
C SER H 143 -18.82 -32.13 8.50
N ILE H 144 -17.84 -31.38 8.98
CA ILE H 144 -16.47 -31.82 8.97
C ILE H 144 -15.86 -31.53 10.34
N PHE H 145 -14.97 -32.41 10.78
CA PHE H 145 -14.26 -32.14 12.00
C PHE H 145 -12.89 -32.84 11.94
N GLN H 146 -11.92 -32.26 12.65
CA GLN H 146 -10.57 -32.79 12.65
C GLN H 146 -10.48 -33.91 13.67
N VAL H 147 -9.74 -34.97 13.32
CA VAL H 147 -9.51 -36.08 14.25
C VAL H 147 -8.05 -36.23 14.64
N GLY H 148 -7.13 -35.55 13.97
CA GLY H 148 -5.72 -35.63 14.28
C GLY H 148 -4.82 -34.84 13.35
N THR I 12 -15.98 -36.63 26.73
CA THR I 12 -16.87 -36.51 25.59
C THR I 12 -18.28 -36.95 25.94
N ASN I 13 -19.27 -36.11 25.66
CA ASN I 13 -20.66 -36.48 25.79
C ASN I 13 -21.16 -37.05 24.47
N TYR I 14 -21.73 -38.24 24.52
CA TYR I 14 -22.23 -38.93 23.33
C TYR I 14 -23.49 -39.68 23.71
N LEU I 15 -24.39 -39.83 22.73
CA LEU I 15 -25.65 -40.56 22.94
C LEU I 15 -26.13 -41.17 21.63
N TYR I 16 -26.48 -42.44 21.67
CA TYR I 16 -27.12 -43.12 20.55
C TYR I 16 -28.49 -43.62 21.01
N VAL I 17 -29.53 -43.27 20.26
CA VAL I 17 -30.87 -43.79 20.51
C VAL I 17 -31.43 -44.23 19.17
N PHE I 18 -32.30 -45.23 19.22
CA PHE I 18 -32.85 -45.77 17.99
C PHE I 18 -34.18 -46.43 18.28
N ASP I 19 -34.96 -46.62 17.22
CA ASP I 19 -36.26 -47.27 17.30
C ASP I 19 -36.34 -48.45 16.35
N THR I 20 -37.17 -49.44 16.71
CA THR I 20 -37.30 -50.66 15.94
C THR I 20 -38.76 -51.01 15.64
N THR I 21 -39.65 -50.03 15.65
CA THR I 21 -41.07 -50.24 15.50
C THR I 21 -41.58 -49.55 14.24
N ASN I 22 -42.80 -49.90 13.84
CA ASN I 22 -43.48 -49.26 12.70
C ASN I 22 -44.37 -48.13 13.18
N GLN I 23 -43.85 -47.28 14.07
CA GLN I 23 -44.65 -46.21 14.67
C GLN I 23 -45.19 -45.26 13.61
N SER I 24 -46.19 -44.47 14.02
CA SER I 24 -46.81 -43.44 13.19
C SER I 24 -46.59 -42.07 13.82
N ILE I 25 -46.19 -41.10 13.00
CA ILE I 25 -45.92 -39.74 13.48
C ILE I 25 -46.82 -38.77 12.75
N ALA I 26 -47.79 -38.21 13.47
CA ALA I 26 -48.60 -37.11 12.94
C ALA I 26 -47.76 -35.85 12.71
N VAL I 27 -48.28 -34.97 11.85
CA VAL I 27 -47.65 -33.68 11.62
C VAL I 27 -47.48 -32.97 12.95
N GLY I 28 -46.29 -32.44 13.20
CA GLY I 28 -46.03 -31.76 14.44
C GLY I 28 -45.64 -32.65 15.61
N SER I 29 -45.74 -33.97 15.46
CA SER I 29 -45.37 -34.90 16.51
C SER I 29 -43.95 -35.42 16.28
N SER I 30 -43.44 -36.15 17.27
CA SER I 30 -42.03 -36.53 17.28
C SER I 30 -41.87 -38.04 17.14
N VAL I 31 -40.68 -38.41 16.66
CA VAL I 31 -40.30 -39.81 16.59
C VAL I 31 -39.89 -40.27 17.99
N THR I 32 -40.54 -41.32 18.49
CA THR I 32 -40.10 -41.95 19.72
C THR I 32 -39.07 -43.04 19.43
N PHE I 33 -38.19 -43.26 20.39
CA PHE I 33 -37.12 -44.23 20.28
C PHE I 33 -37.25 -45.22 21.42
N ASN I 34 -37.54 -46.49 21.10
CA ASN I 34 -37.79 -47.48 22.15
C ASN I 34 -36.52 -48.07 22.77
N THR I 35 -35.34 -47.71 22.28
CA THR I 35 -34.12 -48.35 22.79
C THR I 35 -33.00 -47.32 22.90
N ASN I 36 -32.25 -47.43 23.98
CA ASN I 36 -31.05 -46.63 24.16
C ASN I 36 -29.85 -47.43 23.69
N GLY I 37 -29.00 -46.79 22.88
CA GLY I 37 -27.67 -47.26 22.62
C GLY I 37 -26.74 -46.73 23.70
N PRO I 38 -25.45 -46.82 23.47
CA PRO I 38 -24.50 -46.34 24.47
C PRO I 38 -24.67 -44.84 24.72
N ILE I 39 -24.38 -44.45 25.95
CA ILE I 39 -24.43 -43.06 26.39
C ILE I 39 -23.23 -42.81 27.29
N THR I 40 -22.39 -41.86 26.93
CA THR I 40 -21.25 -41.50 27.73
C THR I 40 -21.39 -40.05 28.14
N GLY I 41 -20.85 -39.72 29.32
CA GLY I 41 -20.97 -38.36 29.82
C GLY I 41 -22.30 -38.10 30.51
N THR I 42 -22.48 -36.84 30.90
CA THR I 42 -23.62 -36.40 31.70
C THR I 42 -24.51 -35.40 31.00
N ALA I 43 -24.07 -34.82 29.90
CA ALA I 43 -24.85 -33.79 29.23
C ALA I 43 -26.13 -34.35 28.62
N LEU I 44 -26.07 -35.52 27.99
CA LEU I 44 -27.17 -36.03 27.19
C LEU I 44 -27.81 -37.25 27.85
N SER I 45 -29.14 -37.32 27.79
CA SER I 45 -29.88 -38.45 28.31
C SER I 45 -31.17 -38.63 27.50
N HIS I 46 -31.84 -39.77 27.72
CA HIS I 46 -33.08 -40.09 27.03
C HIS I 46 -33.79 -41.21 27.78
N ILE I 47 -35.05 -40.97 28.16
CA ILE I 47 -35.92 -42.01 28.67
C ILE I 47 -36.41 -42.85 27.51
N THR I 48 -36.25 -44.17 27.60
CA THR I 48 -36.75 -45.04 26.54
C THR I 48 -38.26 -44.88 26.42
N GLY I 49 -38.75 -45.09 25.19
CA GLY I 49 -40.15 -44.87 24.87
C GLY I 49 -40.48 -43.46 24.44
N THR I 50 -39.63 -42.49 24.72
CA THR I 50 -39.95 -41.09 24.45
C THR I 50 -39.21 -40.59 23.23
N GLY I 51 -39.65 -39.43 22.74
CA GLY I 51 -38.92 -38.74 21.71
C GLY I 51 -37.99 -37.65 22.19
N ASN I 52 -37.73 -37.56 23.50
CA ASN I 52 -37.05 -36.40 24.08
C ASN I 52 -35.60 -36.74 24.40
N ILE I 53 -34.67 -36.08 23.72
CA ILE I 53 -33.27 -36.08 24.11
C ILE I 53 -33.03 -34.80 24.90
N ILE I 54 -32.67 -34.94 26.17
CA ILE I 54 -32.43 -33.81 27.04
C ILE I 54 -30.94 -33.52 27.06
N ILE I 55 -30.61 -32.23 27.06
CA ILE I 55 -29.25 -31.74 26.99
C ILE I 55 -29.05 -30.77 28.16
N ASN I 56 -28.15 -31.11 29.08
CA ASN I 56 -27.93 -30.35 30.30
C ASN I 56 -26.69 -29.49 30.27
N THR I 57 -25.95 -29.44 29.16
CA THR I 57 -24.69 -28.69 29.11
C THR I 57 -24.71 -27.74 27.93
N LEU I 58 -24.38 -26.48 28.19
CA LEU I 58 -24.29 -25.50 27.12
C LEU I 58 -23.17 -25.85 26.15
N GLY I 59 -23.39 -25.57 24.88
CA GLY I 59 -22.32 -25.71 23.90
C GLY I 59 -22.87 -26.16 22.55
N THR I 60 -21.98 -26.75 21.77
CA THR I 60 -22.26 -27.08 20.38
C THR I 60 -22.33 -28.58 20.24
N TYR I 61 -23.37 -29.05 19.55
CA TYR I 61 -23.61 -30.48 19.38
C TYR I 61 -23.78 -30.77 17.90
N VAL I 62 -23.44 -32.00 17.53
CA VAL I 62 -23.61 -32.51 16.17
C VAL I 62 -24.55 -33.68 16.28
N ALA I 63 -25.69 -33.60 15.59
CA ALA I 63 -26.65 -34.69 15.58
C ALA I 63 -26.91 -35.14 14.16
N GLU I 64 -26.90 -36.46 13.95
CA GLU I 64 -27.38 -37.04 12.71
C GLU I 64 -28.58 -37.90 13.03
N PHE I 65 -29.58 -37.86 12.15
CA PHE I 65 -30.75 -38.71 12.28
C PHE I 65 -30.91 -39.53 11.01
N GLN I 66 -31.60 -40.66 11.19
CA GLN I 66 -31.93 -41.60 10.14
C GLN I 66 -33.36 -42.03 10.40
N LEU I 67 -34.13 -42.18 9.33
CA LEU I 67 -35.56 -42.44 9.41
C LEU I 67 -35.98 -43.17 8.14
N GLN I 68 -36.60 -44.32 8.28
CA GLN I 68 -36.99 -45.15 7.15
C GLN I 68 -38.50 -45.26 7.14
N ALA I 69 -39.14 -44.65 6.14
CA ALA I 69 -40.59 -44.58 6.09
C ALA I 69 -41.11 -45.08 4.76
N SER I 70 -42.33 -45.61 4.79
CA SER I 70 -42.97 -46.10 3.58
C SER I 70 -43.17 -44.99 2.55
N ARG I 71 -43.32 -43.74 2.98
CA ARG I 71 -43.64 -42.63 2.10
C ARG I 71 -42.56 -41.55 2.12
N GLU I 72 -42.46 -40.81 1.04
CA GLU I 72 -41.60 -39.62 1.05
C GLU I 72 -42.05 -38.70 2.17
N ASN I 73 -41.07 -38.07 2.83
CA ASN I 73 -41.35 -37.38 4.08
C ASN I 73 -40.33 -36.27 4.30
N GLN I 74 -40.55 -35.51 5.38
CA GLN I 74 -39.76 -34.34 5.71
C GLN I 74 -39.78 -34.17 7.22
N PHE I 75 -38.66 -34.42 7.87
CA PHE I 75 -38.54 -34.27 9.31
C PHE I 75 -37.46 -33.26 9.63
N SER I 76 -37.62 -32.59 10.77
CA SER I 76 -36.65 -31.59 11.20
C SER I 76 -36.21 -31.88 12.62
N LEU I 77 -34.93 -31.62 12.87
CA LEU I 77 -34.47 -31.52 14.25
C LEU I 77 -35.01 -30.23 14.85
N GLU I 78 -35.58 -30.33 16.04
CA GLU I 78 -36.06 -29.15 16.73
C GLU I 78 -35.44 -29.12 18.11
N LEU I 79 -35.15 -27.90 18.56
CA LEU I 79 -34.62 -27.64 19.88
C LEU I 79 -35.66 -26.82 20.64
N ASN I 80 -36.13 -27.35 21.76
CA ASN I 80 -37.16 -26.71 22.56
C ASN I 80 -38.37 -26.32 21.70
N GLY I 81 -38.78 -27.24 20.83
CA GLY I 81 -39.96 -27.05 20.01
C GLY I 81 -39.83 -26.08 18.85
N THR I 82 -38.60 -25.61 18.55
CA THR I 82 -38.33 -24.67 17.46
C THR I 82 -37.37 -25.34 16.47
N PRO I 83 -37.74 -25.45 15.19
CA PRO I 83 -36.83 -26.05 14.20
C PRO I 83 -35.43 -25.45 14.24
N ILE I 84 -34.44 -26.34 14.33
CA ILE I 84 -33.03 -25.96 14.32
C ILE I 84 -32.65 -25.45 12.94
N PRO I 85 -31.89 -24.36 12.83
CA PRO I 85 -31.44 -23.92 11.50
C PRO I 85 -30.53 -24.96 10.86
N GLY I 86 -30.86 -25.34 9.63
CA GLY I 86 -30.15 -26.38 8.93
C GLY I 86 -30.45 -27.79 9.39
N GLY I 87 -31.51 -28.00 10.16
CA GLY I 87 -31.88 -29.31 10.67
C GLY I 87 -33.02 -30.05 9.98
N ARG I 88 -33.60 -29.50 8.91
CA ARG I 88 -34.74 -30.12 8.23
C ARG I 88 -34.28 -30.84 6.97
N PHE I 89 -34.68 -32.10 6.83
CA PHE I 89 -34.29 -32.92 5.70
C PHE I 89 -35.49 -33.71 5.19
N GLY I 90 -35.53 -33.87 3.86
CA GLY I 90 -36.61 -34.59 3.24
C GLY I 90 -36.07 -35.51 2.16
N THR I 91 -36.92 -36.47 1.80
CA THR I 91 -36.68 -37.31 0.64
C THR I 91 -37.95 -37.33 -0.20
N GLY I 92 -37.76 -37.52 -1.49
CA GLY I 92 -38.87 -37.46 -2.41
C GLY I 92 -39.07 -38.79 -3.07
N SER I 93 -38.52 -39.83 -2.45
CA SER I 93 -38.65 -41.19 -2.94
C SER I 93 -39.18 -42.10 -1.84
N PRO I 94 -40.16 -42.95 -2.12
CA PRO I 94 -40.70 -43.82 -1.08
C PRO I 94 -39.76 -44.98 -0.77
N HIS I 95 -39.85 -45.45 0.48
CA HIS I 95 -39.00 -46.51 1.00
C HIS I 95 -37.52 -46.19 0.83
N SER I 96 -37.21 -44.90 0.93
CA SER I 96 -35.87 -44.35 0.82
C SER I 96 -35.50 -43.68 2.13
N ILE I 97 -34.21 -43.77 2.48
CA ILE I 97 -33.76 -43.25 3.76
C ILE I 97 -33.91 -41.74 3.79
N ASN I 98 -34.41 -41.22 4.91
CA ASN I 98 -34.25 -39.82 5.24
C ASN I 98 -33.13 -39.72 6.26
N GLN I 99 -32.10 -38.96 5.91
CA GLN I 99 -30.90 -38.81 6.70
C GLN I 99 -30.47 -37.36 6.67
N GLY I 100 -30.05 -36.86 7.83
CA GLY I 100 -29.40 -35.56 7.91
C GLY I 100 -28.48 -35.41 9.10
N THR I 101 -27.35 -34.73 8.90
CA THR I 101 -26.45 -34.31 9.97
C THR I 101 -26.49 -32.80 10.12
N ALA I 102 -26.79 -32.32 11.31
CA ALA I 102 -26.77 -30.89 11.56
C ALA I 102 -26.18 -30.63 12.93
N ALA I 103 -25.48 -29.52 13.06
CA ALA I 103 -24.93 -29.08 14.34
C ALA I 103 -25.72 -27.87 14.81
N PHE I 104 -25.67 -27.63 16.12
CA PHE I 104 -26.46 -26.57 16.73
C PHE I 104 -25.84 -26.23 18.07
N THR I 105 -26.24 -25.08 18.59
CA THR I 105 -25.73 -24.54 19.84
C THR I 105 -26.86 -24.55 20.86
N VAL I 106 -26.60 -25.13 22.02
CA VAL I 106 -27.55 -25.11 23.14
C VAL I 106 -27.22 -23.90 23.99
N THR I 107 -28.17 -22.97 24.07
CA THR I 107 -27.92 -21.68 24.70
C THR I 107 -28.61 -21.51 26.04
N VAL I 108 -29.46 -22.46 26.41
CA VAL I 108 -30.13 -22.52 27.70
C VAL I 108 -30.25 -23.98 28.09
N VAL I 109 -30.01 -24.30 29.36
CA VAL I 109 -30.03 -25.69 29.83
C VAL I 109 -31.00 -25.81 31.01
N PRO I 110 -31.65 -26.99 31.19
CA PRO I 110 -31.69 -28.14 30.28
C PRO I 110 -32.47 -27.79 29.03
N SER I 111 -32.21 -28.43 27.89
CA SER I 111 -33.00 -28.23 26.68
C SER I 111 -33.48 -29.59 26.17
N THR I 112 -34.39 -29.55 25.20
CA THR I 112 -34.99 -30.76 24.65
C THR I 112 -34.79 -30.76 23.15
N LEU I 113 -34.14 -31.82 22.66
CA LEU I 113 -33.95 -32.04 21.23
C LEU I 113 -34.95 -33.09 20.77
N THR I 114 -35.73 -32.76 19.75
CA THR I 114 -36.71 -33.70 19.19
C THR I 114 -36.50 -33.83 17.68
N LEU I 115 -37.15 -34.84 17.12
CA LEU I 115 -37.22 -35.06 15.67
C LEU I 115 -38.69 -35.05 15.28
N ILE I 116 -39.12 -34.03 14.55
CA ILE I 116 -40.53 -33.73 14.37
C ILE I 116 -40.91 -33.91 12.91
N ASN I 117 -42.01 -34.62 12.68
CA ASN I 117 -42.67 -34.57 11.38
C ASN I 117 -42.95 -33.11 11.09
N ASN I 118 -41.99 -32.43 10.46
CA ASN I 118 -42.14 -31.01 10.16
C ASN I 118 -42.70 -30.85 8.76
N THR I 119 -43.92 -31.37 8.68
CA THR I 119 -44.86 -31.18 7.60
C THR I 119 -44.46 -31.99 6.39
N SER I 120 -44.59 -33.31 6.52
CA SER I 120 -44.62 -34.18 5.36
C SER I 120 -45.83 -33.87 4.50
N SER I 121 -45.67 -34.04 3.18
CA SER I 121 -46.78 -33.78 2.26
C SER I 121 -47.92 -34.76 2.49
N ALA I 122 -47.61 -35.99 2.86
CA ALA I 122 -48.62 -37.00 3.13
C ALA I 122 -49.20 -36.90 4.53
N GLY I 123 -48.87 -35.87 5.29
CA GLY I 123 -49.35 -35.80 6.66
C GLY I 123 -48.69 -36.80 7.60
N THR I 124 -49.48 -37.71 8.14
CA THR I 124 -48.95 -38.71 9.08
C THR I 124 -48.02 -39.68 8.34
N ILE I 125 -46.92 -40.04 8.99
CA ILE I 125 -45.89 -40.85 8.37
C ILE I 125 -45.70 -42.08 9.23
N THR I 126 -45.63 -43.24 8.58
CA THR I 126 -45.42 -44.49 9.31
C THR I 126 -44.07 -45.06 8.89
N LEU I 127 -43.22 -45.29 9.89
CA LEU I 127 -41.90 -45.85 9.70
C LEU I 127 -41.98 -47.32 9.32
N SER I 128 -40.94 -47.81 8.67
CA SER I 128 -40.81 -49.22 8.34
C SER I 128 -39.59 -49.78 9.04
N ASN I 129 -39.80 -50.88 9.77
CA ASN I 129 -38.72 -51.56 10.46
C ASN I 129 -38.35 -52.86 9.75
N SER I 130 -38.65 -52.97 8.45
CA SER I 130 -38.33 -54.20 7.74
C SER I 130 -37.99 -54.04 6.26
N ASP I 131 -37.66 -52.83 5.78
CA ASP I 131 -37.25 -52.71 4.38
C ASP I 131 -36.01 -53.55 4.08
N GLY I 132 -35.96 -54.08 2.86
CA GLY I 132 -34.75 -54.66 2.29
C GLY I 132 -34.47 -56.08 2.69
N GLY I 133 -34.99 -56.55 3.82
CA GLY I 133 -34.72 -57.90 4.21
C GLY I 133 -35.82 -58.40 5.12
N SER I 134 -35.54 -59.54 5.72
CA SER I 134 -36.55 -60.23 6.51
C SER I 134 -36.41 -60.00 7.99
N LEU I 135 -35.36 -59.30 8.45
CA LEU I 135 -35.16 -59.11 9.88
C LEU I 135 -35.57 -57.69 10.28
N THR I 136 -35.37 -57.36 11.56
CA THR I 136 -35.79 -56.07 12.11
C THR I 136 -34.67 -55.05 11.95
N ASN I 137 -34.96 -53.98 11.21
CA ASN I 137 -34.07 -52.85 11.04
C ASN I 137 -34.26 -51.82 12.14
N VAL I 138 -33.33 -50.89 12.19
CA VAL I 138 -33.54 -49.60 12.85
C VAL I 138 -34.42 -48.75 11.94
N SER I 139 -35.64 -48.46 12.40
CA SER I 139 -36.59 -47.66 11.64
C SER I 139 -36.35 -46.16 11.79
N ALA I 140 -35.68 -45.74 12.87
CA ALA I 140 -35.27 -44.35 13.08
C ALA I 140 -34.25 -44.32 14.22
N SER I 141 -33.35 -43.32 14.16
CA SER I 141 -32.28 -43.23 15.14
C SER I 141 -31.70 -41.82 15.14
N ILE I 142 -30.98 -41.49 16.22
CA ILE I 142 -30.23 -40.24 16.33
C ILE I 142 -28.90 -40.53 17.04
N SER I 143 -27.80 -40.06 16.46
CA SER I 143 -26.48 -40.13 17.09
C SER I 143 -25.94 -38.72 17.25
N ILE I 144 -25.49 -38.38 18.47
CA ILE I 144 -25.19 -36.98 18.79
C ILE I 144 -24.04 -36.92 19.80
N PHE I 145 -23.17 -35.92 19.64
CA PHE I 145 -22.09 -35.71 20.60
C PHE I 145 -21.77 -34.24 20.68
N GLN I 146 -21.17 -33.87 21.81
CA GLN I 146 -20.70 -32.51 22.02
C GLN I 146 -19.37 -32.29 21.30
N VAL I 147 -19.27 -31.19 20.55
CA VAL I 147 -18.01 -30.77 19.95
C VAL I 147 -17.42 -29.54 20.63
N GLY I 148 -18.19 -28.81 21.44
CA GLY I 148 -17.62 -27.69 22.17
C GLY I 148 -18.52 -27.23 23.31
N VAL J 9 40.56 -8.46 -29.42
CA VAL J 9 39.54 -7.62 -30.08
C VAL J 9 38.15 -7.82 -29.44
N GLY J 10 37.66 -6.80 -28.73
CA GLY J 10 36.42 -6.98 -28.00
C GLY J 10 35.68 -5.78 -27.44
N LEU J 11 36.35 -4.90 -26.68
CA LEU J 11 35.58 -3.87 -25.97
C LEU J 11 35.15 -2.75 -26.90
N THR J 12 36.07 -2.27 -27.72
CA THR J 12 35.79 -1.17 -28.63
C THR J 12 36.96 -1.08 -29.60
N ASN J 13 36.71 -0.41 -30.71
CA ASN J 13 37.77 -0.15 -31.66
C ASN J 13 38.87 0.67 -30.99
N TYR J 14 40.11 0.19 -31.12
CA TYR J 14 41.26 0.79 -30.47
C TYR J 14 42.50 0.66 -31.35
N LEU J 15 43.31 1.72 -31.38
CA LEU J 15 44.53 1.72 -32.17
C LEU J 15 45.59 2.52 -31.42
N TYR J 16 46.83 2.06 -31.44
CA TYR J 16 47.95 2.80 -30.90
C TYR J 16 49.06 2.86 -31.94
N VAL J 17 49.53 4.07 -32.25
CA VAL J 17 50.65 4.25 -33.17
C VAL J 17 51.65 5.19 -32.53
N PHE J 18 52.94 5.00 -32.88
CA PHE J 18 53.97 5.82 -32.28
C PHE J 18 55.18 5.95 -33.23
N ASP J 19 55.97 6.99 -32.99
CA ASP J 19 57.17 7.28 -33.75
C ASP J 19 58.37 7.34 -32.82
N THR J 20 59.53 6.94 -33.36
CA THR J 20 60.77 6.88 -32.60
C THR J 20 61.93 7.58 -33.32
N THR J 21 61.62 8.54 -34.20
CA THR J 21 62.59 9.28 -35.00
C THR J 21 62.60 10.77 -34.63
N ASN J 22 63.62 11.47 -35.14
CA ASN J 22 63.76 12.93 -35.00
C ASN J 22 63.27 13.68 -36.23
N GLN J 23 62.10 13.27 -36.75
CA GLN J 23 61.50 13.90 -37.93
C GLN J 23 61.30 15.40 -37.75
N SER J 24 61.16 16.09 -38.88
CA SER J 24 60.92 17.52 -38.96
C SER J 24 59.58 17.73 -39.66
N ILE J 25 58.65 18.41 -38.99
CA ILE J 25 57.29 18.63 -39.50
C ILE J 25 57.17 20.10 -39.88
N ALA J 26 57.10 20.37 -41.17
CA ALA J 26 56.89 21.74 -41.64
C ALA J 26 55.49 22.20 -41.29
N VAL J 27 55.28 23.51 -41.29
CA VAL J 27 53.96 24.05 -40.95
C VAL J 27 52.95 23.56 -41.97
N GLY J 28 51.81 23.06 -41.48
CA GLY J 28 50.83 22.42 -42.34
C GLY J 28 51.12 20.97 -42.67
N SER J 29 52.27 20.45 -42.28
CA SER J 29 52.58 19.04 -42.50
C SER J 29 52.12 18.21 -41.31
N SER J 30 52.12 16.89 -41.50
CA SER J 30 51.60 15.95 -40.52
C SER J 30 52.73 15.13 -39.90
N VAL J 31 52.55 14.80 -38.63
CA VAL J 31 53.47 13.89 -37.98
C VAL J 31 53.25 12.49 -38.51
N THR J 32 54.31 11.83 -38.95
CA THR J 32 54.27 10.43 -39.35
C THR J 32 54.67 9.53 -38.17
N PHE J 33 54.19 8.29 -38.22
CA PHE J 33 54.41 7.30 -37.16
C PHE J 33 54.97 6.04 -37.78
N ASN J 34 56.22 5.71 -37.49
CA ASN J 34 56.86 4.58 -38.14
C ASN J 34 56.42 3.24 -37.57
N THR J 35 55.66 3.20 -36.47
CA THR J 35 55.38 1.94 -35.80
C THR J 35 53.92 1.84 -35.39
N ASN J 36 53.33 0.67 -35.55
CA ASN J 36 52.01 0.42 -35.01
C ASN J 36 52.13 -0.41 -33.74
N GLY J 37 51.36 -0.04 -32.72
CA GLY J 37 51.15 -0.89 -31.57
C GLY J 37 49.87 -1.66 -31.75
N PRO J 38 49.31 -2.13 -30.64
CA PRO J 38 48.12 -3.01 -30.74
C PRO J 38 46.95 -2.34 -31.45
N ILE J 39 46.17 -3.15 -32.15
CA ILE J 39 44.93 -2.67 -32.78
C ILE J 39 43.81 -3.63 -32.44
N THR J 40 42.70 -3.10 -31.92
CA THR J 40 41.50 -3.86 -31.61
C THR J 40 40.40 -3.47 -32.57
N GLY J 41 39.59 -4.45 -33.00
CA GLY J 41 38.50 -4.15 -33.91
C GLY J 41 39.01 -3.81 -35.30
N THR J 42 38.10 -3.42 -36.17
CA THR J 42 38.48 -3.19 -37.57
C THR J 42 38.22 -1.78 -38.09
N ALA J 43 37.76 -0.86 -37.26
CA ALA J 43 37.44 0.48 -37.77
C ALA J 43 38.70 1.29 -38.07
N LEU J 44 39.78 1.00 -37.36
CA LEU J 44 40.96 1.85 -37.30
C LEU J 44 42.16 1.12 -37.90
N SER J 45 42.93 1.83 -38.71
CA SER J 45 44.12 1.28 -39.35
C SER J 45 45.11 2.41 -39.58
N HIS J 46 46.36 2.04 -39.82
CA HIS J 46 47.40 3.04 -40.06
C HIS J 46 48.54 2.39 -40.82
N ILE J 47 48.93 3.00 -41.91
CA ILE J 47 50.07 2.56 -42.70
C ILE J 47 51.33 3.12 -42.07
N THR J 48 52.20 2.23 -41.60
CA THR J 48 53.45 2.65 -41.00
C THR J 48 54.24 3.53 -41.96
N GLY J 49 54.94 4.50 -41.40
CA GLY J 49 55.61 5.50 -42.19
C GLY J 49 54.77 6.70 -42.53
N THR J 50 53.43 6.58 -42.52
CA THR J 50 52.59 7.71 -42.84
C THR J 50 52.06 8.36 -41.58
N GLY J 51 51.24 9.38 -41.79
CA GLY J 51 50.66 10.15 -40.71
C GLY J 51 49.16 10.05 -40.65
N ASN J 52 48.59 9.07 -41.36
CA ASN J 52 47.14 8.99 -41.59
C ASN J 52 46.53 7.81 -40.85
N ILE J 53 45.60 8.09 -39.96
CA ILE J 53 44.85 7.06 -39.25
C ILE J 53 43.48 7.00 -39.90
N ILE J 54 43.15 5.90 -40.56
CA ILE J 54 41.88 5.80 -41.27
C ILE J 54 40.80 5.28 -40.34
N ILE J 55 39.65 5.95 -40.34
CA ILE J 55 38.50 5.52 -39.57
C ILE J 55 37.40 5.08 -40.54
N ASN J 56 36.96 3.84 -40.39
CA ASN J 56 36.00 3.24 -41.31
C ASN J 56 34.65 2.95 -40.67
N THR J 57 34.38 3.50 -39.48
CA THR J 57 33.11 3.30 -38.80
C THR J 57 32.60 4.64 -38.27
N LEU J 58 31.34 4.96 -38.60
CA LEU J 58 30.74 6.20 -38.14
C LEU J 58 30.65 6.22 -36.61
N GLY J 59 30.94 7.37 -36.02
CA GLY J 59 30.73 7.49 -34.61
C GLY J 59 31.73 8.42 -33.97
N THR J 60 31.93 8.24 -32.68
CA THR J 60 32.62 9.19 -31.82
C THR J 60 33.89 8.53 -31.29
N TYR J 61 35.02 9.22 -31.41
CA TYR J 61 36.32 8.68 -31.04
C TYR J 61 37.01 9.64 -30.09
N VAL J 62 37.79 9.07 -29.16
CA VAL J 62 38.63 9.81 -28.23
C VAL J 62 40.09 9.59 -28.65
N ALA J 63 40.77 10.68 -28.99
CA ALA J 63 42.13 10.61 -29.48
C ALA J 63 43.07 11.33 -28.51
N GLU J 64 44.13 10.66 -28.14
CA GLU J 64 45.17 11.21 -27.28
C GLU J 64 46.46 11.30 -28.09
N PHE J 65 47.10 12.47 -28.08
CA PHE J 65 48.42 12.61 -28.71
C PHE J 65 49.46 13.11 -27.72
N GLN J 66 50.69 12.61 -27.90
CA GLN J 66 51.90 13.02 -27.19
C GLN J 66 52.94 13.40 -28.22
N LEU J 67 53.70 14.47 -27.95
CA LEU J 67 54.68 14.95 -28.92
C LEU J 67 55.80 15.65 -28.18
N GLN J 68 57.03 15.25 -28.47
CA GLN J 68 58.21 15.77 -27.79
C GLN J 68 59.14 16.41 -28.81
N ALA J 69 59.39 17.71 -28.66
CA ALA J 69 60.12 18.48 -29.65
C ALA J 69 61.07 19.45 -28.97
N SER J 70 62.14 19.78 -29.68
CA SER J 70 63.21 20.61 -29.12
C SER J 70 62.84 22.08 -29.04
N ARG J 71 61.74 22.51 -29.63
CA ARG J 71 61.27 23.88 -29.46
C ARG J 71 59.79 23.89 -29.08
N GLU J 72 59.40 24.99 -28.46
CA GLU J 72 58.02 25.42 -28.37
C GLU J 72 57.26 25.11 -29.66
N ASN J 73 55.98 24.72 -29.54
CA ASN J 73 55.26 24.25 -30.72
C ASN J 73 53.76 24.30 -30.46
N GLN J 74 53.00 24.10 -31.54
CA GLN J 74 51.53 24.13 -31.56
C GLN J 74 51.08 23.20 -32.67
N PHE J 75 50.42 22.10 -32.28
CA PHE J 75 49.90 21.07 -33.16
C PHE J 75 48.39 20.91 -32.93
N SER J 76 47.68 20.51 -33.99
CA SER J 76 46.26 20.24 -33.89
C SER J 76 45.92 18.89 -34.52
N LEU J 77 45.08 18.11 -33.83
CA LEU J 77 44.43 17.00 -34.49
C LEU J 77 43.53 17.53 -35.58
N GLU J 78 43.44 16.81 -36.68
CA GLU J 78 42.64 17.27 -37.80
C GLU J 78 41.91 16.08 -38.36
N LEU J 79 40.69 16.33 -38.84
CA LEU J 79 39.86 15.31 -39.47
C LEU J 79 39.59 15.77 -40.90
N ASN J 80 39.95 14.93 -41.87
CA ASN J 80 39.73 15.20 -43.30
C ASN J 80 40.26 16.59 -43.70
N GLY J 81 41.41 16.97 -43.10
CA GLY J 81 42.10 18.19 -43.44
C GLY J 81 41.68 19.43 -42.65
N THR J 82 40.71 19.32 -41.75
CA THR J 82 40.23 20.45 -40.95
C THR J 82 40.52 20.20 -39.48
N PRO J 83 41.12 21.15 -38.77
CA PRO J 83 41.30 21.00 -37.32
C PRO J 83 39.98 20.69 -36.63
N ILE J 84 39.99 19.70 -35.76
CA ILE J 84 38.78 19.32 -35.01
C ILE J 84 38.61 20.35 -33.91
N PRO J 85 37.37 20.74 -33.56
CA PRO J 85 37.18 21.65 -32.43
C PRO J 85 37.78 21.07 -31.17
N GLY J 86 38.47 21.91 -30.40
CA GLY J 86 39.07 21.40 -29.19
C GLY J 86 40.26 20.51 -29.41
N GLY J 87 40.86 20.53 -30.60
CA GLY J 87 41.95 19.63 -30.92
C GLY J 87 43.36 20.21 -30.91
N ARG J 88 43.50 21.54 -30.78
CA ARG J 88 44.79 22.20 -30.92
C ARG J 88 45.42 22.46 -29.54
N PHE J 89 46.67 22.03 -29.38
CA PHE J 89 47.40 22.17 -28.12
C PHE J 89 48.80 22.69 -28.40
N GLY J 90 49.31 23.52 -27.49
CA GLY J 90 50.63 24.08 -27.63
C GLY J 90 51.41 24.02 -26.32
N THR J 91 52.73 24.16 -26.46
CA THR J 91 53.62 24.37 -25.31
C THR J 91 54.45 25.62 -25.57
N GLY J 92 54.73 26.35 -24.50
CA GLY J 92 55.51 27.57 -24.63
C GLY J 92 56.84 27.42 -23.92
N SER J 93 57.36 26.19 -23.88
CA SER J 93 58.62 25.90 -23.23
C SER J 93 59.34 24.85 -24.07
N PRO J 94 60.62 25.02 -24.34
CA PRO J 94 61.33 24.03 -25.15
C PRO J 94 61.58 22.74 -24.38
N HIS J 95 61.64 21.64 -25.11
CA HIS J 95 61.92 20.32 -24.56
C HIS J 95 60.92 19.89 -23.48
N SER J 96 59.72 20.46 -23.49
CA SER J 96 58.62 19.96 -22.67
C SER J 96 57.56 19.31 -23.56
N ILE J 97 56.79 18.42 -22.95
CA ILE J 97 55.84 17.62 -23.71
C ILE J 97 54.66 18.50 -24.18
N ASN J 98 54.25 18.30 -25.43
CA ASN J 98 52.95 18.76 -25.92
C ASN J 98 52.02 17.56 -25.90
N GLN J 99 50.95 17.66 -25.15
CA GLN J 99 50.05 16.55 -24.92
C GLN J 99 48.63 17.08 -24.96
N GLY J 100 47.74 16.28 -25.52
CA GLY J 100 46.35 16.68 -25.61
C GLY J 100 45.47 15.47 -25.83
N THR J 101 44.25 15.56 -25.31
CA THR J 101 43.19 14.60 -25.56
C THR J 101 41.98 15.38 -26.05
N ALA J 102 41.43 14.97 -27.19
CA ALA J 102 40.18 15.50 -27.67
C ALA J 102 39.30 14.38 -28.19
N ALA J 103 37.98 14.59 -28.16
CA ALA J 103 37.04 13.69 -28.82
C ALA J 103 36.44 14.39 -30.03
N PHE J 104 35.88 13.60 -30.93
CA PHE J 104 35.35 14.11 -32.18
C PHE J 104 34.43 13.05 -32.77
N THR J 105 33.61 13.47 -33.73
CA THR J 105 32.58 12.61 -34.26
C THR J 105 32.81 12.43 -35.74
N VAL J 106 32.76 11.19 -36.19
CA VAL J 106 33.02 10.86 -37.59
C VAL J 106 31.67 10.76 -38.28
N THR J 107 31.43 11.66 -39.24
CA THR J 107 30.15 11.72 -39.96
C THR J 107 30.23 11.20 -41.39
N VAL J 108 31.42 10.92 -41.93
CA VAL J 108 31.60 10.26 -43.21
C VAL J 108 32.70 9.23 -43.06
N VAL J 109 32.61 8.15 -43.84
CA VAL J 109 33.65 7.12 -43.82
C VAL J 109 34.07 6.74 -45.24
N PRO J 110 35.34 6.48 -45.47
CA PRO J 110 36.44 6.56 -44.50
C PRO J 110 36.78 8.01 -44.22
N SER J 111 37.34 8.29 -43.05
CA SER J 111 37.92 9.58 -42.73
C SER J 111 39.32 9.36 -42.19
N THR J 112 40.12 10.43 -42.20
CA THR J 112 41.52 10.36 -41.82
C THR J 112 41.84 11.34 -40.71
N LEU J 113 42.30 10.83 -39.57
CA LEU J 113 42.85 11.66 -38.52
C LEU J 113 44.34 11.94 -38.76
N THR J 114 44.73 13.21 -38.66
CA THR J 114 46.12 13.64 -38.78
C THR J 114 46.49 14.53 -37.60
N LEU J 115 47.77 14.60 -37.32
CA LEU J 115 48.32 15.55 -36.35
C LEU J 115 49.22 16.52 -37.12
N ILE J 116 48.80 17.79 -37.18
CA ILE J 116 49.36 18.80 -38.07
C ILE J 116 50.05 19.89 -37.25
N ASN J 117 51.23 20.32 -37.71
CA ASN J 117 51.87 21.55 -37.26
C ASN J 117 50.99 22.74 -37.62
N ASN J 118 50.36 23.36 -36.62
CA ASN J 118 49.24 24.23 -36.89
C ASN J 118 48.98 25.14 -35.70
N THR J 119 49.80 26.18 -35.54
CA THR J 119 50.90 26.60 -36.40
C THR J 119 52.03 27.16 -35.54
N SER J 120 53.11 26.38 -35.42
CA SER J 120 54.17 26.72 -34.49
C SER J 120 54.87 28.02 -34.90
N SER J 121 55.14 28.87 -33.89
CA SER J 121 55.82 30.14 -34.13
C SER J 121 57.19 29.94 -34.75
N ALA J 122 57.86 28.86 -34.40
CA ALA J 122 59.19 28.60 -34.92
C ALA J 122 59.19 28.11 -36.36
N GLY J 123 58.01 27.84 -36.93
CA GLY J 123 57.94 27.24 -38.26
C GLY J 123 58.11 25.73 -38.18
N THR J 124 58.95 25.17 -39.04
CA THR J 124 59.24 23.74 -39.02
C THR J 124 59.72 23.31 -37.63
N ILE J 125 59.13 22.21 -37.13
CA ILE J 125 59.41 21.66 -35.80
C ILE J 125 60.18 20.36 -35.98
N THR J 126 61.18 20.14 -35.14
CA THR J 126 61.96 18.91 -35.15
C THR J 126 61.70 18.15 -33.86
N LEU J 127 61.32 16.87 -33.98
CA LEU J 127 61.04 16.05 -32.82
C LEU J 127 62.34 15.61 -32.13
N SER J 128 62.20 15.13 -30.89
CA SER J 128 63.32 14.58 -30.13
C SER J 128 62.95 13.19 -29.59
N ASN J 129 63.74 12.19 -29.97
CA ASN J 129 63.57 10.85 -29.44
C ASN J 129 64.57 10.54 -28.33
N SER J 130 65.16 11.57 -27.73
CA SER J 130 66.33 11.40 -26.89
C SER J 130 66.25 12.15 -25.57
N ASP J 131 65.16 12.87 -25.30
CA ASP J 131 65.09 13.72 -24.11
C ASP J 131 65.12 12.89 -22.82
N GLY J 132 65.96 13.33 -21.87
CA GLY J 132 65.95 12.79 -20.54
C GLY J 132 66.80 11.56 -20.31
N GLY J 133 67.23 10.87 -21.36
CA GLY J 133 68.01 9.68 -21.14
C GLY J 133 68.81 9.26 -22.35
N SER J 134 69.39 8.06 -22.26
CA SER J 134 70.33 7.55 -23.26
C SER J 134 69.72 6.50 -24.19
N LEU J 135 68.47 6.10 -23.98
CA LEU J 135 67.82 5.18 -24.89
C LEU J 135 66.90 5.98 -25.82
N THR J 136 66.27 5.30 -26.78
CA THR J 136 65.34 5.96 -27.68
C THR J 136 63.94 6.12 -27.05
N ASN J 137 63.37 7.32 -27.15
CA ASN J 137 62.01 7.61 -26.72
C ASN J 137 61.03 7.52 -27.87
N VAL J 138 59.77 7.31 -27.51
CA VAL J 138 58.66 7.66 -28.40
C VAL J 138 58.66 9.17 -28.57
N SER J 139 58.80 9.64 -29.82
CA SER J 139 58.89 11.08 -30.03
C SER J 139 57.54 11.71 -30.29
N ALA J 140 56.58 10.93 -30.79
CA ALA J 140 55.22 11.39 -30.97
C ALA J 140 54.35 10.15 -31.04
N SER J 141 53.07 10.27 -30.65
CA SER J 141 52.25 9.08 -30.58
C SER J 141 50.79 9.47 -30.48
N ILE J 142 49.93 8.55 -30.91
CA ILE J 142 48.49 8.71 -30.79
C ILE J 142 47.90 7.40 -30.28
N SER J 143 46.93 7.51 -29.38
CA SER J 143 46.16 6.41 -28.84
C SER J 143 44.70 6.82 -28.98
N ILE J 144 43.92 5.99 -29.64
CA ILE J 144 42.54 6.38 -29.99
C ILE J 144 41.62 5.19 -29.79
N PHE J 145 40.44 5.46 -29.22
CA PHE J 145 39.40 4.42 -29.13
C PHE J 145 38.03 5.03 -29.41
N GLN J 146 37.07 4.15 -29.62
CA GLN J 146 35.71 4.55 -29.92
C GLN J 146 34.90 4.54 -28.64
N VAL J 147 34.04 5.55 -28.50
CA VAL J 147 33.09 5.62 -27.40
C VAL J 147 31.67 5.76 -27.91
N GLY J 148 31.48 6.08 -29.17
CA GLY J 148 30.16 6.18 -29.76
C GLY J 148 30.11 5.56 -31.14
N GLY K 10 29.52 -1.11 -20.04
CA GLY K 10 30.40 -0.02 -19.70
C GLY K 10 31.32 -0.50 -18.63
N LEU K 11 31.95 -1.65 -18.88
CA LEU K 11 32.61 -2.42 -17.85
C LEU K 11 33.77 -3.19 -18.46
N THR K 12 34.90 -3.14 -17.79
CA THR K 12 36.14 -3.75 -18.24
C THR K 12 37.06 -3.76 -17.05
N ASN K 13 38.19 -4.43 -17.19
CA ASN K 13 39.20 -4.36 -16.15
C ASN K 13 39.78 -2.96 -16.14
N TYR K 14 39.84 -2.37 -14.97
CA TYR K 14 40.39 -1.05 -14.83
C TYR K 14 41.14 -0.99 -13.52
N LEU K 15 42.24 -0.24 -13.52
CA LEU K 15 43.04 -0.03 -12.33
C LEU K 15 43.68 1.36 -12.39
N TYR K 16 43.68 2.03 -11.24
CA TYR K 16 44.35 3.32 -11.08
C TYR K 16 45.20 3.23 -9.81
N VAL K 17 46.48 3.55 -9.95
CA VAL K 17 47.41 3.59 -8.82
C VAL K 17 48.20 4.89 -8.91
N PHE K 18 48.64 5.37 -7.75
CA PHE K 18 49.31 6.66 -7.69
C PHE K 18 50.17 6.74 -6.45
N ASP K 19 51.08 7.70 -6.47
CA ASP K 19 52.04 7.92 -5.40
C ASP K 19 51.98 9.39 -5.02
N THR K 20 52.34 9.67 -3.76
CA THR K 20 52.36 11.05 -3.26
C THR K 20 53.62 11.36 -2.47
N THR K 21 54.72 10.67 -2.75
CA THR K 21 55.95 10.83 -2.00
C THR K 21 57.03 11.36 -2.93
N ASN K 22 58.16 11.74 -2.33
CA ASN K 22 59.31 12.23 -3.06
C ASN K 22 60.34 11.12 -3.26
N GLN K 23 59.86 9.92 -3.63
CA GLN K 23 60.73 8.75 -3.70
C GLN K 23 61.85 8.98 -4.70
N SER K 24 62.87 8.14 -4.57
CA SER K 24 64.00 8.12 -5.49
C SER K 24 63.96 6.82 -6.27
N ILE K 25 64.24 6.91 -7.57
CA ILE K 25 64.26 5.75 -8.44
C ILE K 25 65.65 5.68 -9.08
N ALA K 26 66.47 4.74 -8.60
CA ALA K 26 67.72 4.42 -9.27
C ALA K 26 67.45 3.92 -10.67
N VAL K 27 68.50 3.95 -11.51
CA VAL K 27 68.41 3.39 -12.84
C VAL K 27 68.17 1.89 -12.74
N GLY K 28 67.19 1.39 -13.50
CA GLY K 28 66.81 0.00 -13.47
C GLY K 28 65.80 -0.36 -12.41
N SER K 29 65.50 0.55 -11.49
CA SER K 29 64.49 0.29 -10.47
C SER K 29 63.12 0.81 -10.92
N SER K 30 62.08 0.38 -10.20
CA SER K 30 60.70 0.71 -10.53
C SER K 30 60.14 1.80 -9.62
N VAL K 31 59.22 2.59 -10.19
CA VAL K 31 58.44 3.52 -9.39
C VAL K 31 57.48 2.73 -8.52
N THR K 32 57.46 3.01 -7.23
CA THR K 32 56.45 2.41 -6.34
C THR K 32 55.28 3.37 -6.18
N PHE K 33 54.09 2.81 -5.92
CA PHE K 33 52.88 3.60 -5.78
C PHE K 33 52.24 3.28 -4.44
N ASN K 34 52.07 4.28 -3.59
CA ASN K 34 51.66 3.98 -2.23
C ASN K 34 50.14 3.99 -2.05
N THR K 35 49.38 4.28 -3.10
CA THR K 35 47.94 4.28 -2.96
C THR K 35 47.27 3.58 -4.14
N ASN K 36 46.23 2.83 -3.84
CA ASN K 36 45.35 2.26 -4.85
C ASN K 36 44.13 3.13 -5.01
N GLY K 37 43.72 3.35 -6.27
CA GLY K 37 42.48 4.01 -6.59
C GLY K 37 41.42 3.00 -6.98
N PRO K 38 40.32 3.47 -7.57
CA PRO K 38 39.26 2.53 -7.98
C PRO K 38 39.83 1.42 -8.87
N ILE K 39 39.26 0.21 -8.69
CA ILE K 39 39.57 -0.95 -9.52
C ILE K 39 38.27 -1.63 -9.89
N THR K 40 38.12 -1.99 -11.17
CA THR K 40 36.96 -2.74 -11.64
C THR K 40 37.44 -4.03 -12.29
N GLY K 41 36.72 -5.11 -12.04
CA GLY K 41 37.12 -6.40 -12.57
C GLY K 41 38.11 -7.11 -11.66
N THR K 42 38.44 -8.33 -12.07
CA THR K 42 39.34 -9.19 -11.31
C THR K 42 40.74 -9.28 -11.89
N ALA K 43 41.01 -8.69 -13.06
CA ALA K 43 42.28 -9.01 -13.71
C ALA K 43 43.45 -8.27 -13.10
N LEU K 44 43.27 -6.99 -12.75
CA LEU K 44 44.38 -6.15 -12.32
C LEU K 44 44.37 -6.03 -10.80
N SER K 45 45.55 -6.20 -10.20
CA SER K 45 45.75 -6.02 -8.77
C SER K 45 47.06 -5.27 -8.55
N HIS K 46 47.23 -4.73 -7.35
CA HIS K 46 48.47 -4.05 -7.00
C HIS K 46 48.56 -3.89 -5.49
N ILE K 47 49.66 -4.35 -4.90
CA ILE K 47 49.90 -4.14 -3.48
C ILE K 47 50.50 -2.75 -3.30
N THR K 48 49.88 -1.95 -2.43
CA THR K 48 50.36 -0.60 -2.17
C THR K 48 51.78 -0.64 -1.63
N GLY K 49 52.59 0.33 -2.06
CA GLY K 49 53.97 0.37 -1.68
C GLY K 49 54.90 -0.33 -2.65
N THR K 50 54.36 -1.11 -3.58
CA THR K 50 55.16 -1.71 -4.64
C THR K 50 54.94 -0.96 -5.95
N GLY K 51 55.72 -1.37 -6.95
CA GLY K 51 55.54 -0.84 -8.27
C GLY K 51 55.05 -1.90 -9.23
N ASN K 52 54.54 -3.01 -8.71
CA ASN K 52 54.09 -4.13 -9.53
C ASN K 52 52.58 -4.08 -9.71
N ILE K 53 52.14 -3.90 -10.95
CA ILE K 53 50.74 -4.07 -11.31
C ILE K 53 50.64 -5.44 -11.94
N ILE K 54 49.89 -6.33 -11.31
CA ILE K 54 49.81 -7.71 -11.77
C ILE K 54 48.60 -7.86 -12.66
N ILE K 55 48.77 -8.59 -13.77
CA ILE K 55 47.73 -8.76 -14.76
C ILE K 55 47.47 -10.25 -14.89
N ASN K 56 46.22 -10.64 -14.65
CA ASN K 56 45.83 -12.04 -14.59
C ASN K 56 44.91 -12.47 -15.71
N THR K 57 44.67 -11.61 -16.69
CA THR K 57 43.79 -11.94 -17.80
C THR K 57 44.46 -11.60 -19.11
N LEU K 58 44.53 -12.58 -20.01
CA LEU K 58 45.10 -12.37 -21.33
C LEU K 58 44.33 -11.29 -22.08
N GLY K 59 45.05 -10.49 -22.85
CA GLY K 59 44.41 -9.52 -23.73
C GLY K 59 45.29 -8.31 -23.97
N THR K 60 44.63 -7.23 -24.40
CA THR K 60 45.27 -5.97 -24.73
C THR K 60 44.86 -4.90 -23.72
N TYR K 61 45.82 -4.10 -23.30
CA TYR K 61 45.63 -3.13 -22.24
C TYR K 61 46.19 -1.78 -22.71
N VAL K 62 45.52 -0.70 -22.29
CA VAL K 62 45.97 0.67 -22.52
C VAL K 62 46.39 1.27 -21.18
N ALA K 63 47.68 1.60 -21.04
CA ALA K 63 48.21 2.19 -19.81
C ALA K 63 48.77 3.58 -20.09
N GLU K 64 48.39 4.55 -19.25
CA GLU K 64 49.05 5.84 -19.22
C GLU K 64 49.81 5.98 -17.90
N PHE K 65 50.98 6.63 -17.95
CA PHE K 65 51.68 6.96 -16.73
C PHE K 65 51.93 8.45 -16.71
N GLN K 66 52.14 8.96 -15.50
CA GLN K 66 52.45 10.36 -15.24
C GLN K 66 53.55 10.38 -14.21
N LEU K 67 54.49 11.31 -14.36
CA LEU K 67 55.66 11.36 -13.48
C LEU K 67 56.17 12.79 -13.41
N GLN K 68 56.24 13.33 -12.19
CA GLN K 68 56.77 14.66 -11.95
C GLN K 68 58.09 14.49 -11.20
N ALA K 69 59.19 14.89 -11.84
CA ALA K 69 60.53 14.74 -11.26
C ALA K 69 61.23 16.08 -11.21
N SER K 70 62.24 16.16 -10.34
CA SER K 70 63.01 17.38 -10.20
C SER K 70 64.00 17.59 -11.32
N ARG K 71 64.33 16.55 -12.08
CA ARG K 71 65.20 16.69 -13.24
C ARG K 71 64.54 16.04 -14.45
N GLU K 72 65.01 16.43 -15.63
CA GLU K 72 64.73 15.68 -16.85
C GLU K 72 65.00 14.21 -16.60
N ASN K 73 64.24 13.35 -17.28
CA ASN K 73 64.23 11.94 -16.92
C ASN K 73 63.65 11.14 -18.08
N GLN K 74 63.82 9.83 -17.99
CA GLN K 74 63.37 8.91 -19.03
C GLN K 74 62.92 7.63 -18.35
N PHE K 75 61.64 7.28 -18.51
CA PHE K 75 61.05 6.10 -17.92
C PHE K 75 60.36 5.29 -19.01
N SER K 76 60.23 3.98 -18.75
CA SER K 76 59.60 3.07 -19.70
C SER K 76 58.67 2.11 -18.97
N LEU K 77 57.51 1.89 -19.57
CA LEU K 77 56.66 0.81 -19.10
C LEU K 77 57.32 -0.52 -19.48
N GLU K 78 57.29 -1.47 -18.56
CA GLU K 78 57.90 -2.77 -18.80
C GLU K 78 56.94 -3.88 -18.39
N LEU K 79 57.06 -4.99 -19.11
CA LEU K 79 56.21 -6.15 -18.90
C LEU K 79 57.14 -7.33 -18.65
N ASN K 80 57.03 -7.91 -17.46
CA ASN K 80 57.88 -9.01 -17.05
C ASN K 80 59.35 -8.66 -17.30
N GLY K 81 59.71 -7.44 -16.91
CA GLY K 81 61.09 -6.98 -16.95
C GLY K 81 61.63 -6.62 -18.31
N THR K 82 60.78 -6.41 -19.32
CA THR K 82 61.23 -6.05 -20.64
C THR K 82 60.53 -4.77 -21.08
N PRO K 83 61.27 -3.78 -21.58
CA PRO K 83 60.63 -2.56 -22.09
C PRO K 83 59.58 -2.89 -23.14
N ILE K 84 58.38 -2.32 -22.95
CA ILE K 84 57.22 -2.51 -23.83
C ILE K 84 57.39 -1.67 -25.08
N PRO K 85 57.14 -2.22 -26.27
CA PRO K 85 57.16 -1.41 -27.50
C PRO K 85 56.31 -0.16 -27.40
N GLY K 86 56.92 0.98 -27.68
CA GLY K 86 56.25 2.25 -27.58
C GLY K 86 55.93 2.68 -26.17
N GLY K 87 56.71 2.22 -25.20
CA GLY K 87 56.45 2.54 -23.81
C GLY K 87 57.43 3.48 -23.11
N ARG K 88 58.48 3.91 -23.81
CA ARG K 88 59.52 4.76 -23.22
C ARG K 88 59.32 6.21 -23.63
N PHE K 89 59.31 7.10 -22.63
CA PHE K 89 59.04 8.52 -22.79
C PHE K 89 59.96 9.31 -21.86
N GLY K 90 60.38 10.48 -22.32
CA GLY K 90 61.22 11.33 -21.51
C GLY K 90 60.78 12.77 -21.66
N THR K 91 61.26 13.61 -20.75
CA THR K 91 61.17 15.05 -20.90
C THR K 91 62.53 15.67 -20.66
N GLY K 92 62.82 16.73 -21.41
CA GLY K 92 64.09 17.39 -21.26
C GLY K 92 64.09 18.55 -20.30
N SER K 93 62.98 18.80 -19.61
CA SER K 93 62.84 19.95 -18.76
C SER K 93 62.61 19.52 -17.31
N PRO K 94 63.31 20.10 -16.35
CA PRO K 94 63.06 19.75 -14.95
C PRO K 94 61.74 20.33 -14.45
N HIS K 95 61.23 19.72 -13.39
CA HIS K 95 59.91 20.04 -12.83
C HIS K 95 58.87 20.23 -13.92
N SER K 96 58.82 19.28 -14.86
CA SER K 96 57.88 19.26 -15.97
C SER K 96 57.42 17.84 -16.22
N ILE K 97 56.11 17.65 -16.42
CA ILE K 97 55.53 16.32 -16.38
C ILE K 97 56.08 15.43 -17.49
N ASN K 98 56.38 14.18 -17.15
CA ASN K 98 56.70 13.13 -18.11
C ASN K 98 55.49 12.22 -18.20
N GLN K 99 54.86 12.17 -19.37
CA GLN K 99 53.60 11.47 -19.51
C GLN K 99 53.58 10.66 -20.80
N GLY K 100 53.04 9.44 -20.72
CA GLY K 100 53.02 8.55 -21.85
C GLY K 100 51.80 7.65 -21.83
N THR K 101 51.20 7.42 -22.98
CA THR K 101 50.12 6.46 -23.12
C THR K 101 50.55 5.43 -24.14
N ALA K 102 50.50 4.17 -23.75
CA ALA K 102 50.92 3.08 -24.62
C ALA K 102 50.04 1.86 -24.33
N ALA K 103 49.84 1.05 -25.36
CA ALA K 103 49.04 -0.16 -25.27
C ALA K 103 49.91 -1.39 -25.56
N PHE K 104 49.57 -2.50 -24.92
CA PHE K 104 50.42 -3.68 -25.04
C PHE K 104 49.56 -4.94 -24.94
N THR K 105 50.11 -6.05 -25.43
CA THR K 105 49.39 -7.32 -25.42
C THR K 105 49.95 -8.20 -24.30
N VAL K 106 49.05 -8.85 -23.57
CA VAL K 106 49.46 -9.77 -22.51
C VAL K 106 49.19 -11.17 -23.04
N THR K 107 50.27 -11.92 -23.25
CA THR K 107 50.25 -13.25 -23.85
C THR K 107 50.58 -14.34 -22.83
N VAL K 108 50.82 -13.99 -21.56
CA VAL K 108 51.08 -14.96 -20.50
C VAL K 108 50.57 -14.39 -19.18
N VAL K 109 49.82 -15.21 -18.44
CA VAL K 109 49.33 -14.76 -17.13
C VAL K 109 49.82 -15.69 -16.02
N PRO K 110 50.18 -15.15 -14.87
CA PRO K 110 50.18 -13.70 -14.57
C PRO K 110 51.35 -12.97 -15.24
N SER K 111 51.16 -11.69 -15.54
CA SER K 111 52.20 -10.78 -15.99
C SER K 111 52.26 -9.57 -15.06
N THR K 112 53.44 -8.98 -14.95
CA THR K 112 53.65 -7.80 -14.11
C THR K 112 54.05 -6.61 -14.97
N LEU K 113 53.40 -5.48 -14.72
CA LEU K 113 53.72 -4.21 -15.37
C LEU K 113 54.45 -3.33 -14.36
N THR K 114 55.56 -2.75 -14.80
CA THR K 114 56.32 -1.83 -13.96
C THR K 114 56.59 -0.56 -14.76
N LEU K 115 56.86 0.52 -14.03
CA LEU K 115 57.36 1.76 -14.60
C LEU K 115 58.80 1.90 -14.14
N ILE K 116 59.74 1.84 -15.08
CA ILE K 116 61.17 1.70 -14.77
C ILE K 116 61.93 2.92 -15.28
N ASN K 117 62.82 3.44 -14.42
CA ASN K 117 63.83 4.42 -14.80
C ASN K 117 64.78 3.75 -15.79
N ASN K 118 64.52 3.94 -17.08
CA ASN K 118 65.32 3.29 -18.12
CA ASN K 118 65.33 3.28 -18.09
C ASN K 118 66.49 4.21 -18.48
N THR K 119 67.43 4.31 -17.56
CA THR K 119 68.58 5.17 -17.79
C THR K 119 68.11 6.59 -18.12
N SER K 120 67.71 7.33 -17.08
CA SER K 120 67.72 8.78 -17.19
C SER K 120 69.17 9.24 -17.27
N SER K 121 69.41 10.24 -18.12
CA SER K 121 70.76 10.78 -18.28
C SER K 121 71.37 11.20 -16.95
N ALA K 122 70.53 11.58 -15.99
CA ALA K 122 70.98 12.04 -14.68
C ALA K 122 71.25 10.89 -13.71
N GLY K 123 71.01 9.65 -14.11
CA GLY K 123 71.11 8.55 -13.16
C GLY K 123 69.86 8.51 -12.30
N THR K 124 70.05 8.43 -10.99
CA THR K 124 68.92 8.29 -10.07
C THR K 124 68.04 9.54 -10.09
N ILE K 125 66.73 9.32 -10.04
CA ILE K 125 65.72 10.34 -10.25
C ILE K 125 64.87 10.42 -8.99
N THR K 126 64.55 11.64 -8.58
CA THR K 126 63.74 11.90 -7.38
C THR K 126 62.48 12.62 -7.80
N LEU K 127 61.34 12.14 -7.28
CA LEU K 127 60.03 12.68 -7.60
C LEU K 127 59.72 13.92 -6.77
N SER K 128 58.82 14.75 -7.32
CA SER K 128 58.37 15.97 -6.66
C SER K 128 56.86 15.87 -6.41
N ASN K 129 56.46 15.86 -5.13
CA ASN K 129 55.05 15.84 -4.78
C ASN K 129 54.52 17.22 -4.39
N SER K 130 55.19 18.29 -4.83
CA SER K 130 54.82 19.60 -4.33
C SER K 130 55.00 20.72 -5.36
N ASP K 131 55.06 20.39 -6.64
CA ASP K 131 55.26 21.42 -7.66
C ASP K 131 54.01 22.27 -7.84
N GLY K 132 54.22 23.60 -7.82
CA GLY K 132 53.20 24.55 -8.21
C GLY K 132 52.25 25.00 -7.12
N GLY K 133 52.24 24.34 -5.96
CA GLY K 133 51.29 24.67 -4.94
C GLY K 133 51.75 24.26 -3.56
N SER K 134 50.84 24.44 -2.60
CA SER K 134 51.15 24.23 -1.19
C SER K 134 50.58 22.93 -0.64
N LEU K 135 49.83 22.17 -1.44
CA LEU K 135 49.28 20.90 -1.02
C LEU K 135 50.04 19.77 -1.70
N THR K 136 49.76 18.55 -1.26
CA THR K 136 50.47 17.39 -1.76
C THR K 136 49.92 16.90 -3.10
N ASN K 137 50.81 16.79 -4.09
CA ASN K 137 50.54 16.37 -5.46
C ASN K 137 50.69 14.87 -5.64
N VAL K 138 49.98 14.35 -6.65
CA VAL K 138 50.33 13.05 -7.21
C VAL K 138 51.67 13.20 -7.92
N SER K 139 52.67 12.47 -7.46
CA SER K 139 54.00 12.58 -8.05
C SER K 139 54.23 11.57 -9.15
N ALA K 140 53.47 10.48 -9.14
CA ALA K 140 53.58 9.45 -10.15
C ALA K 140 52.30 8.62 -10.08
N SER K 141 51.84 8.14 -11.23
CA SER K 141 50.59 7.41 -11.29
C SER K 141 50.51 6.61 -12.58
N ILE K 142 49.69 5.56 -12.56
CA ILE K 142 49.38 4.77 -13.75
C ILE K 142 47.87 4.52 -13.79
N SER K 143 47.28 4.61 -14.99
CA SER K 143 45.89 4.26 -15.21
C SER K 143 45.79 3.33 -16.41
N ILE K 144 45.16 2.17 -16.23
CA ILE K 144 45.22 1.11 -17.23
C ILE K 144 43.86 0.40 -17.29
N PHE K 145 43.43 0.07 -18.52
CA PHE K 145 42.24 -0.72 -18.76
C PHE K 145 42.45 -1.67 -19.94
N GLN K 146 41.77 -2.81 -19.85
CA GLN K 146 41.67 -3.76 -20.96
C GLN K 146 40.81 -3.21 -22.08
N VAL K 147 41.30 -3.30 -23.33
CA VAL K 147 40.51 -2.97 -24.51
C VAL K 147 40.13 -4.20 -25.34
N GLY K 148 40.84 -5.32 -25.22
CA GLY K 148 40.55 -6.50 -26.03
C GLY K 148 41.08 -7.77 -25.43
N SER L 8 28.96 -6.99 -26.42
CA SER L 8 29.80 -5.88 -25.96
C SER L 8 29.16 -4.54 -26.25
N VAL L 9 28.96 -3.73 -25.21
CA VAL L 9 28.43 -2.39 -25.40
C VAL L 9 29.53 -1.36 -25.50
N GLY L 10 30.73 -1.67 -25.04
CA GLY L 10 31.77 -0.69 -25.11
C GLY L 10 31.65 0.33 -24.00
N LEU L 11 32.03 1.57 -24.31
CA LEU L 11 32.06 2.65 -23.35
C LEU L 11 30.96 3.65 -23.74
N THR L 12 29.75 3.37 -23.27
CA THR L 12 28.58 4.15 -23.68
C THR L 12 28.67 5.61 -23.24
N ASN L 13 29.23 5.88 -22.04
CA ASN L 13 29.12 7.19 -21.43
C ASN L 13 30.45 7.93 -21.47
N TYR L 14 30.49 9.00 -22.27
CA TYR L 14 31.70 9.78 -22.47
C TYR L 14 31.35 11.27 -22.57
N LEU L 15 32.27 12.12 -22.13
CA LEU L 15 32.09 13.56 -22.19
C LEU L 15 33.41 14.27 -22.47
N TYR L 16 33.44 15.17 -23.45
CA TYR L 16 34.60 16.05 -23.64
C TYR L 16 34.15 17.51 -23.56
N VAL L 17 34.76 18.27 -22.66
CA VAL L 17 34.55 19.71 -22.54
C VAL L 17 35.91 20.40 -22.55
N PHE L 18 35.94 21.63 -23.06
CA PHE L 18 37.21 22.35 -23.15
C PHE L 18 36.98 23.87 -23.19
N ASP L 19 38.05 24.60 -22.90
CA ASP L 19 38.03 26.06 -22.91
C ASP L 19 39.10 26.60 -23.86
N THR L 20 38.82 27.75 -24.44
CA THR L 20 39.72 28.39 -25.39
C THR L 20 40.08 29.82 -24.98
N THR L 21 39.93 30.17 -23.72
CA THR L 21 40.07 31.54 -23.27
C THR L 21 41.18 31.62 -22.24
N ASN L 22 41.55 32.86 -21.93
CA ASN L 22 42.60 33.12 -20.95
C ASN L 22 42.02 33.45 -19.58
N GLN L 23 41.13 32.59 -19.10
CA GLN L 23 40.41 32.87 -17.88
C GLN L 23 41.34 32.95 -16.65
N SER L 24 40.88 33.66 -15.63
CA SER L 24 41.55 33.68 -14.32
C SER L 24 40.81 32.77 -13.35
N ILE L 25 41.56 32.04 -12.52
CA ILE L 25 41.00 31.06 -11.61
C ILE L 25 41.58 31.33 -10.23
N ALA L 26 40.79 31.99 -9.37
CA ALA L 26 41.21 32.25 -8.01
C ALA L 26 41.35 30.95 -7.24
N VAL L 27 42.08 31.02 -6.12
CA VAL L 27 42.28 29.84 -5.29
C VAL L 27 40.94 29.36 -4.77
N GLY L 28 40.68 28.05 -4.92
CA GLY L 28 39.44 27.48 -4.48
C GLY L 28 38.28 27.65 -5.44
N SER L 29 38.47 28.31 -6.57
CA SER L 29 37.45 28.45 -7.60
C SER L 29 37.65 27.38 -8.67
N SER L 30 36.77 27.36 -9.67
CA SER L 30 36.73 26.29 -10.66
C SER L 30 37.08 26.77 -12.06
N VAL L 31 37.70 25.87 -12.82
CA VAL L 31 37.99 26.11 -14.23
C VAL L 31 36.68 26.02 -15.03
N THR L 32 36.36 27.08 -15.76
CA THR L 32 35.16 27.02 -16.59
C THR L 32 35.51 26.57 -18.00
N PHE L 33 34.53 25.99 -18.68
CA PHE L 33 34.71 25.48 -20.04
C PHE L 33 33.64 26.08 -20.93
N ASN L 34 34.05 26.89 -21.90
CA ASN L 34 33.10 27.59 -22.76
C ASN L 34 32.64 26.75 -23.95
N THR L 35 33.04 25.49 -24.06
CA THR L 35 32.69 24.71 -25.25
C THR L 35 32.51 23.24 -24.89
N ASN L 36 31.48 22.64 -25.46
CA ASN L 36 31.26 21.20 -25.33
C ASN L 36 31.80 20.49 -26.56
N GLY L 37 32.63 19.48 -26.35
CA GLY L 37 32.94 18.53 -27.39
C GLY L 37 31.88 17.47 -27.38
N PRO L 38 32.18 16.32 -27.98
CA PRO L 38 31.19 15.23 -28.03
C PRO L 38 30.83 14.69 -26.64
N ILE L 39 29.55 14.36 -26.48
CA ILE L 39 29.01 13.72 -25.28
C ILE L 39 28.14 12.55 -25.72
N THR L 40 28.46 11.34 -25.25
CA THR L 40 27.65 10.17 -25.53
C THR L 40 27.09 9.59 -24.23
N GLY L 41 25.93 8.92 -24.36
CA GLY L 41 25.19 8.43 -23.22
C GLY L 41 24.40 9.54 -22.55
N THR L 42 23.61 9.16 -21.54
CA THR L 42 22.76 10.10 -20.80
C THR L 42 23.22 10.36 -19.37
N ALA L 43 24.39 9.90 -18.95
CA ALA L 43 24.75 10.07 -17.54
C ALA L 43 25.64 11.28 -17.26
N LEU L 44 26.28 11.86 -18.26
CA LEU L 44 27.22 12.97 -18.09
C LEU L 44 26.72 14.20 -18.84
N SER L 45 26.81 15.37 -18.21
CA SER L 45 26.38 16.60 -18.87
C SER L 45 27.20 17.80 -18.40
N HIS L 46 27.12 18.88 -19.18
CA HIS L 46 27.83 20.11 -18.85
C HIS L 46 27.13 21.28 -19.52
N ILE L 47 26.85 22.33 -18.76
CA ILE L 47 26.39 23.58 -19.36
C ILE L 47 27.59 24.38 -19.82
N THR L 48 27.56 24.82 -21.07
CA THR L 48 28.66 25.65 -21.57
C THR L 48 28.80 26.89 -20.70
N GLY L 49 30.04 27.26 -20.39
CA GLY L 49 30.33 28.38 -19.54
C GLY L 49 30.61 28.02 -18.09
N THR L 50 30.15 26.87 -17.62
CA THR L 50 30.34 26.45 -16.23
C THR L 50 31.50 25.48 -16.07
N GLY L 51 31.98 25.36 -14.83
CA GLY L 51 32.98 24.36 -14.52
C GLY L 51 32.41 23.08 -13.95
N ASN L 52 31.13 22.81 -14.19
CA ASN L 52 30.43 21.71 -13.54
C ASN L 52 30.14 20.61 -14.55
N ILE L 53 30.72 19.44 -14.33
CA ILE L 53 30.32 18.22 -15.03
C ILE L 53 29.36 17.47 -14.13
N ILE L 54 28.14 17.28 -14.57
CA ILE L 54 27.13 16.66 -13.74
C ILE L 54 27.10 15.17 -14.05
N ILE L 55 27.13 14.35 -13.01
CA ILE L 55 27.17 12.90 -13.15
C ILE L 55 25.89 12.33 -12.53
N ASN L 56 25.11 11.60 -13.32
CA ASN L 56 23.81 11.13 -12.86
C ASN L 56 23.72 9.62 -12.73
N THR L 57 24.85 8.92 -12.70
CA THR L 57 24.85 7.47 -12.49
C THR L 57 25.98 7.10 -11.53
N LEU L 58 25.65 6.33 -10.50
CA LEU L 58 26.66 5.81 -9.58
C LEU L 58 27.71 5.01 -10.36
N GLY L 59 28.89 4.83 -9.74
CA GLY L 59 29.87 3.96 -10.36
C GLY L 59 31.23 4.62 -10.46
N THR L 60 32.07 4.07 -11.34
CA THR L 60 33.47 4.45 -11.41
C THR L 60 33.75 5.19 -12.72
N TYR L 61 34.42 6.34 -12.60
CA TYR L 61 34.71 7.18 -13.74
C TYR L 61 36.21 7.45 -13.82
N VAL L 62 36.69 7.56 -15.06
CA VAL L 62 38.09 7.84 -15.35
C VAL L 62 38.13 9.24 -15.95
N ALA L 63 38.85 10.16 -15.31
CA ALA L 63 38.89 11.53 -15.78
C ALA L 63 40.32 11.96 -16.04
N GLU L 64 40.50 12.72 -17.12
CA GLU L 64 41.77 13.34 -17.47
C GLU L 64 41.54 14.83 -17.65
N PHE L 65 42.41 15.65 -17.09
CA PHE L 65 42.36 17.06 -17.38
C PHE L 65 43.70 17.50 -17.94
N GLN L 66 43.65 18.53 -18.78
CA GLN L 66 44.82 19.24 -19.29
C GLN L 66 44.63 20.70 -18.96
N LEU L 67 45.73 21.40 -18.69
CA LEU L 67 45.64 22.80 -18.27
C LEU L 67 46.94 23.53 -18.64
N GLN L 68 46.81 24.60 -19.42
CA GLN L 68 47.93 25.42 -19.85
C GLN L 68 47.80 26.80 -19.23
N ALA L 69 48.70 27.14 -18.32
CA ALA L 69 48.68 28.41 -17.61
C ALA L 69 49.97 29.17 -17.84
N SER L 70 49.93 30.48 -17.57
CA SER L 70 51.11 31.31 -17.75
C SER L 70 52.09 31.20 -16.60
N ARG L 71 51.72 30.53 -15.51
CA ARG L 71 52.62 30.26 -14.41
C ARG L 71 52.44 28.82 -13.94
N GLU L 72 53.39 28.37 -13.12
CA GLU L 72 53.25 27.07 -12.46
C GLU L 72 52.02 27.07 -11.57
N ASN L 73 51.48 25.89 -11.31
CA ASN L 73 50.16 25.86 -10.70
C ASN L 73 49.87 24.46 -10.18
N GLN L 74 48.78 24.37 -9.43
CA GLN L 74 48.38 23.13 -8.77
C GLN L 74 46.87 23.10 -8.75
N PHE L 75 46.28 22.12 -9.43
CA PHE L 75 44.84 21.95 -9.52
C PHE L 75 44.46 20.54 -9.13
N SER L 76 43.25 20.39 -8.60
CA SER L 76 42.72 19.09 -8.23
C SER L 76 41.31 18.89 -8.77
N LEU L 77 41.06 17.72 -9.35
CA LEU L 77 39.68 17.29 -9.54
C LEU L 77 39.02 17.15 -8.19
N GLU L 78 37.76 17.57 -8.11
CA GLU L 78 37.02 17.48 -6.85
C GLU L 78 35.62 17.01 -7.18
N LEU L 79 35.11 16.11 -6.36
CA LEU L 79 33.77 15.56 -6.49
C LEU L 79 32.90 16.16 -5.38
N ASN L 80 31.84 16.86 -5.77
CA ASN L 80 30.95 17.48 -4.79
C ASN L 80 31.74 18.33 -3.78
N GLY L 81 32.69 19.12 -4.30
CA GLY L 81 33.38 20.12 -3.51
C GLY L 81 34.53 19.62 -2.67
N THR L 82 34.94 18.37 -2.82
CA THR L 82 35.98 17.80 -2.01
C THR L 82 37.04 17.21 -2.94
N PRO L 83 38.33 17.48 -2.70
CA PRO L 83 39.36 16.86 -3.52
C PRO L 83 39.22 15.35 -3.53
N ILE L 84 39.38 14.79 -4.71
CA ILE L 84 39.32 13.34 -4.95
C ILE L 84 40.68 12.74 -4.62
N PRO L 85 40.74 11.55 -4.03
CA PRO L 85 42.06 10.93 -3.79
C PRO L 85 42.82 10.72 -5.09
N GLY L 86 44.01 11.31 -5.15
CA GLY L 86 44.86 11.16 -6.33
C GLY L 86 44.41 11.98 -7.53
N GLY L 87 43.73 13.12 -7.30
CA GLY L 87 43.24 13.96 -8.37
C GLY L 87 43.92 15.31 -8.47
N ARG L 88 44.93 15.52 -7.64
CA ARG L 88 45.70 16.76 -7.62
C ARG L 88 47.04 16.58 -8.34
N PHE L 89 47.40 17.54 -9.19
CA PHE L 89 48.61 17.49 -10.00
C PHE L 89 49.10 18.92 -10.19
N GLY L 90 50.42 19.09 -10.27
CA GLY L 90 50.97 20.41 -10.51
C GLY L 90 52.22 20.33 -11.36
N THR L 91 52.65 21.50 -11.82
CA THR L 91 53.89 21.61 -12.59
C THR L 91 54.72 22.76 -12.05
N GLY L 92 56.04 22.66 -12.24
CA GLY L 92 56.96 23.63 -11.68
C GLY L 92 57.27 24.81 -12.59
N SER L 93 56.96 24.69 -13.88
CA SER L 93 57.39 25.65 -14.87
C SER L 93 56.21 26.38 -15.46
N PRO L 94 56.29 27.70 -15.59
CA PRO L 94 55.27 28.43 -16.35
C PRO L 94 55.23 27.98 -17.81
N HIS L 95 54.06 28.20 -18.42
CA HIS L 95 53.84 27.83 -19.81
C HIS L 95 54.19 26.38 -20.10
N SER L 96 54.10 25.54 -19.07
CA SER L 96 54.17 24.10 -19.21
C SER L 96 52.83 23.48 -18.84
N ILE L 97 52.57 22.31 -19.39
CA ILE L 97 51.29 21.65 -19.21
C ILE L 97 51.21 21.06 -17.81
N ASN L 98 50.05 21.22 -17.19
CA ASN L 98 49.66 20.48 -15.98
C ASN L 98 48.60 19.50 -16.47
N GLN L 99 48.95 18.22 -16.49
CA GLN L 99 48.07 17.16 -16.97
C GLN L 99 47.96 16.09 -15.90
N GLY L 100 46.73 15.61 -15.66
CA GLY L 100 46.49 14.51 -14.73
C GLY L 100 45.35 13.61 -15.14
N THR L 101 45.46 12.32 -14.86
CA THR L 101 44.43 11.33 -15.14
C THR L 101 44.13 10.58 -13.86
N ALA L 102 42.86 10.58 -13.45
CA ALA L 102 42.49 10.00 -12.18
C ALA L 102 41.15 9.31 -12.31
N ALA L 103 40.98 8.21 -11.57
CA ALA L 103 39.72 7.52 -11.46
C ALA L 103 39.13 7.78 -10.09
N PHE L 104 37.80 7.85 -10.05
CA PHE L 104 37.06 8.12 -8.83
C PHE L 104 35.75 7.36 -8.90
N THR L 105 35.11 7.21 -7.76
CA THR L 105 33.83 6.52 -7.66
C THR L 105 32.74 7.50 -7.25
N VAL L 106 31.58 7.41 -7.90
CA VAL L 106 30.42 8.23 -7.56
C VAL L 106 29.48 7.41 -6.71
N THR L 107 29.13 7.94 -5.54
CA THR L 107 28.27 7.24 -4.61
C THR L 107 26.98 7.99 -4.28
N VAL L 108 26.77 9.18 -4.85
CA VAL L 108 25.47 9.85 -4.74
C VAL L 108 25.15 10.51 -6.08
N VAL L 109 23.89 10.47 -6.48
CA VAL L 109 23.50 11.15 -7.72
C VAL L 109 22.40 12.16 -7.43
N PRO L 110 22.50 13.36 -7.99
CA PRO L 110 23.58 13.81 -8.88
C PRO L 110 24.88 14.05 -8.15
N SER L 111 26.03 13.99 -8.82
CA SER L 111 27.27 14.51 -8.28
C SER L 111 27.83 15.54 -9.26
N THR L 112 28.71 16.40 -8.77
CA THR L 112 29.31 17.43 -9.60
C THR L 112 30.83 17.31 -9.56
N LEU L 113 31.44 17.08 -10.71
CA LEU L 113 32.91 17.08 -10.84
C LEU L 113 33.36 18.46 -11.33
N THR L 114 34.37 19.03 -10.64
CA THR L 114 35.01 20.30 -10.98
C THR L 114 36.54 20.16 -11.01
N LEU L 115 37.20 21.16 -11.59
CA LEU L 115 38.66 21.26 -11.58
C LEU L 115 39.03 22.53 -10.82
N ILE L 116 39.65 22.38 -9.64
CA ILE L 116 39.75 23.44 -8.64
C ILE L 116 41.22 23.82 -8.41
N ASN L 117 41.48 25.12 -8.31
CA ASN L 117 42.83 25.65 -8.08
C ASN L 117 43.24 25.56 -6.62
N ASN L 118 44.52 25.21 -6.37
CA ASN L 118 45.15 25.22 -5.02
C ASN L 118 46.62 25.74 -5.05
N THR L 119 46.87 26.87 -5.74
CA THR L 119 48.18 27.19 -6.33
C THR L 119 49.02 28.18 -5.53
N SER L 121 50.34 27.94 -5.51
CA SER L 121 51.30 28.76 -4.76
C SER L 121 51.38 30.21 -5.23
N ALA L 122 50.82 30.55 -6.39
CA ALA L 122 50.83 31.92 -6.89
C ALA L 122 49.51 32.67 -6.69
N GLY L 123 48.53 32.07 -6.03
CA GLY L 123 47.23 32.72 -5.87
C GLY L 123 46.33 32.45 -7.06
N THR L 124 45.95 33.50 -7.78
CA THR L 124 45.10 33.34 -8.94
C THR L 124 45.92 32.98 -10.19
N ILE L 125 45.40 32.05 -10.96
CA ILE L 125 46.07 31.51 -12.14
C ILE L 125 45.34 32.01 -13.38
N THR L 126 46.11 32.48 -14.36
CA THR L 126 45.56 32.89 -15.65
C THR L 126 45.98 31.90 -16.73
N LEU L 127 45.00 31.42 -17.49
CA LEU L 127 45.27 30.44 -18.53
C LEU L 127 45.85 31.11 -19.77
N SER L 128 46.58 30.32 -20.55
CA SER L 128 47.16 30.76 -21.80
C SER L 128 46.58 29.90 -22.91
N ASN L 129 45.92 30.53 -23.88
CA ASN L 129 45.42 29.81 -25.04
C ASN L 129 46.29 30.01 -26.27
N SER L 130 47.52 30.49 -26.10
CA SER L 130 48.33 30.95 -27.23
C SER L 130 49.74 30.38 -27.29
N ASP L 131 50.12 29.52 -26.34
CA ASP L 131 51.49 29.03 -26.26
C ASP L 131 51.89 28.22 -27.48
N GLY L 132 53.12 28.45 -27.95
CA GLY L 132 53.72 27.62 -28.97
C GLY L 132 53.48 28.06 -30.40
N GLY L 133 52.40 28.78 -30.66
CA GLY L 133 52.05 29.09 -32.03
C GLY L 133 51.18 30.31 -32.13
N SER L 134 50.61 30.50 -33.33
CA SER L 134 49.90 31.72 -33.66
C SER L 134 48.40 31.51 -33.72
N LEU L 135 47.91 30.29 -33.54
CA LEU L 135 46.49 30.04 -33.45
C LEU L 135 46.10 29.78 -31.99
N THR L 136 44.78 29.76 -31.77
CA THR L 136 44.21 29.58 -30.44
C THR L 136 44.32 28.13 -29.98
N ASN L 137 44.84 27.91 -28.77
CA ASN L 137 44.90 26.57 -28.19
C ASN L 137 43.71 26.30 -27.28
N VAL L 138 43.48 25.02 -26.99
CA VAL L 138 42.71 24.66 -25.81
C VAL L 138 43.53 25.03 -24.59
N SER L 139 42.95 25.85 -23.71
CA SER L 139 43.66 26.27 -22.50
C SER L 139 43.40 25.35 -21.31
N ALA L 140 42.25 24.66 -21.31
CA ALA L 140 41.98 23.60 -20.36
C ALA L 140 40.90 22.70 -20.95
N SER L 141 40.85 21.47 -20.46
CA SER L 141 39.87 20.50 -20.96
C SER L 141 39.80 19.32 -20.01
N ILE L 142 38.63 18.66 -20.02
CA ILE L 142 38.43 17.41 -19.29
C ILE L 142 37.87 16.37 -20.24
N SER L 143 38.43 15.16 -20.19
CA SER L 143 37.91 14.00 -20.90
C SER L 143 37.63 12.89 -19.89
N ILE L 144 36.39 12.37 -19.89
CA ILE L 144 35.92 11.45 -18.85
C ILE L 144 35.05 10.37 -19.48
N PHE L 145 35.23 9.13 -19.05
CA PHE L 145 34.31 8.05 -19.40
C PHE L 145 34.04 7.19 -18.18
N GLN L 146 32.86 6.55 -18.19
CA GLN L 146 32.47 5.60 -17.16
C GLN L 146 33.13 4.25 -17.43
N VAL L 147 33.52 3.56 -16.36
CA VAL L 147 34.05 2.20 -16.51
C VAL L 147 33.37 1.17 -15.62
N GLY L 148 32.59 1.55 -14.61
CA GLY L 148 31.99 0.51 -13.79
C GLY L 148 30.84 0.83 -12.87
N ASN M 13 10.75 34.32 -16.55
CA ASN M 13 9.53 33.53 -16.53
C ASN M 13 8.59 33.86 -17.68
N TYR M 14 8.46 32.94 -18.62
CA TYR M 14 7.63 33.13 -19.81
C TYR M 14 6.81 31.89 -20.10
N LEU M 15 5.59 32.07 -20.61
CA LEU M 15 4.77 30.95 -21.06
C LEU M 15 3.90 31.37 -22.25
N TYR M 16 3.75 30.47 -23.22
CA TYR M 16 2.84 30.61 -24.35
C TYR M 16 1.99 29.35 -24.45
N VAL M 17 0.67 29.52 -24.43
CA VAL M 17 -0.26 28.41 -24.62
C VAL M 17 -1.24 28.78 -25.72
N PHE M 18 -1.75 27.78 -26.43
CA PHE M 18 -2.64 28.08 -27.53
C PHE M 18 -3.54 26.90 -27.84
N ASP M 19 -4.61 27.19 -28.59
CA ASP M 19 -5.60 26.20 -28.95
C ASP M 19 -5.85 26.24 -30.45
N THR M 20 -6.25 25.09 -30.99
CA THR M 20 -6.46 24.95 -32.42
C THR M 20 -7.81 24.30 -32.74
N THR M 21 -8.78 24.38 -31.82
CA THR M 21 -10.04 23.68 -31.93
C THR M 21 -11.21 24.66 -31.94
N ASN M 22 -12.35 24.15 -32.39
CA ASN M 22 -13.59 24.93 -32.43
C ASN M 22 -14.41 24.72 -31.16
N GLN M 23 -13.80 25.08 -30.02
CA GLN M 23 -14.39 24.76 -28.73
C GLN M 23 -15.56 25.68 -28.40
N SER M 24 -16.47 25.17 -27.58
CA SER M 24 -17.66 25.89 -27.12
C SER M 24 -17.44 26.36 -25.69
N ILE M 25 -17.58 27.65 -25.45
CA ILE M 25 -17.37 28.21 -24.13
C ILE M 25 -18.69 28.80 -23.65
N ALA M 26 -19.35 28.12 -22.72
CA ALA M 26 -20.56 28.65 -22.13
C ALA M 26 -20.22 29.80 -21.17
N VAL M 27 -21.22 30.64 -20.91
CA VAL M 27 -21.09 31.73 -19.93
C VAL M 27 -20.55 31.17 -18.63
N GLY M 28 -19.49 31.81 -18.11
CA GLY M 28 -18.81 31.36 -16.92
C GLY M 28 -17.65 30.41 -17.15
N SER M 29 -17.54 29.80 -18.33
CA SER M 29 -16.54 28.78 -18.56
C SER M 29 -15.24 29.40 -19.09
N SER M 30 -14.15 28.68 -18.90
CA SER M 30 -12.84 29.13 -19.34
C SER M 30 -12.44 28.50 -20.67
N VAL M 31 -11.60 29.23 -21.40
CA VAL M 31 -11.06 28.77 -22.67
C VAL M 31 -9.97 27.75 -22.39
N THR M 32 -10.08 26.58 -22.99
CA THR M 32 -9.05 25.57 -22.81
C THR M 32 -7.99 25.72 -23.89
N PHE M 33 -6.79 25.20 -23.63
CA PHE M 33 -5.70 25.26 -24.59
C PHE M 33 -5.12 23.87 -24.72
N ASN M 34 -5.18 23.30 -25.93
CA ASN M 34 -4.74 21.92 -26.12
C ASN M 34 -3.24 21.81 -26.30
N THR M 35 -2.53 22.93 -26.44
CA THR M 35 -1.11 22.89 -26.78
C THR M 35 -0.29 23.87 -25.94
N ASN M 36 0.87 23.39 -25.47
CA ASN M 36 1.85 24.24 -24.81
C ASN M 36 2.90 24.65 -25.85
N GLY M 37 3.15 25.96 -25.95
CA GLY M 37 4.32 26.46 -26.64
C GLY M 37 5.48 26.53 -25.67
N PRO M 38 6.53 27.26 -26.03
CA PRO M 38 7.70 27.36 -25.13
C PRO M 38 7.36 27.89 -23.74
N ILE M 39 8.07 27.38 -22.75
CA ILE M 39 7.98 27.86 -21.37
C ILE M 39 9.40 27.96 -20.84
N THR M 40 9.69 29.04 -20.12
CA THR M 40 10.99 29.24 -19.50
C THR M 40 10.78 29.57 -18.03
N GLY M 41 11.71 29.12 -17.19
CA GLY M 41 11.60 29.38 -15.77
C GLY M 41 10.61 28.45 -15.08
N THR M 42 10.45 28.69 -13.77
CA THR M 42 9.67 27.83 -12.89
C THR M 42 8.35 28.43 -12.42
N ALA M 43 8.09 29.72 -12.67
CA ALA M 43 6.89 30.30 -12.09
C ALA M 43 5.61 29.77 -12.73
N LEU M 44 5.63 29.44 -14.01
CA LEU M 44 4.42 29.26 -14.81
C LEU M 44 4.33 27.83 -15.33
N SER M 45 3.14 27.22 -15.17
CA SER M 45 2.87 25.89 -15.68
C SER M 45 1.46 25.85 -16.25
N HIS M 46 1.25 24.94 -17.20
CA HIS M 46 -0.09 24.71 -17.74
C HIS M 46 -0.22 23.26 -18.19
N ILE M 47 -1.29 22.59 -17.75
CA ILE M 47 -1.61 21.26 -18.23
C ILE M 47 -2.43 21.39 -19.51
N THR M 48 -2.04 20.69 -20.56
CA THR M 48 -2.80 20.81 -21.80
C THR M 48 -4.20 20.23 -21.58
N GLY M 49 -5.18 20.75 -22.32
CA GLY M 49 -6.58 20.43 -22.12
C GLY M 49 -7.34 21.33 -21.16
N THR M 50 -6.65 22.12 -20.36
CA THR M 50 -7.25 23.04 -19.40
C THR M 50 -6.96 24.48 -19.78
N GLY M 51 -7.67 25.39 -19.12
CA GLY M 51 -7.36 26.79 -19.28
C GLY M 51 -6.68 27.38 -18.06
N ASN M 52 -6.07 26.54 -17.23
CA ASN M 52 -5.51 26.97 -15.96
C ASN M 52 -4.01 27.21 -16.15
N ILE M 53 -3.61 28.47 -16.10
CA ILE M 53 -2.19 28.81 -15.99
C ILE M 53 -1.90 28.98 -14.49
N ILE M 54 -1.18 28.02 -13.92
CA ILE M 54 -0.81 28.06 -12.51
C ILE M 54 0.45 28.91 -12.36
N ILE M 55 0.42 29.84 -11.41
CA ILE M 55 1.47 30.84 -11.20
C ILE M 55 2.07 30.63 -9.82
N ASN M 56 3.37 30.34 -9.76
CA ASN M 56 3.93 29.91 -8.49
C ASN M 56 4.97 30.86 -7.91
N THR M 57 5.22 32.00 -8.54
CA THR M 57 6.10 33.03 -8.01
C THR M 57 5.29 34.29 -7.82
N LEU M 58 5.58 35.01 -6.74
CA LEU M 58 4.93 36.30 -6.52
C LEU M 58 5.50 37.34 -7.45
N GLY M 59 4.66 38.28 -7.86
CA GLY M 59 5.15 39.39 -8.64
C GLY M 59 4.12 39.86 -9.65
N THR M 60 4.60 40.65 -10.59
CA THR M 60 3.74 41.34 -11.54
C THR M 60 3.89 40.69 -12.90
N TYR M 61 2.76 40.30 -13.49
CA TYR M 61 2.76 39.54 -14.73
C TYR M 61 2.02 40.31 -15.81
N VAL M 62 2.45 40.13 -17.04
CA VAL M 62 1.81 40.76 -18.20
C VAL M 62 1.30 39.63 -19.09
N ALA M 63 0.00 39.59 -19.31
CA ALA M 63 -0.60 38.53 -20.08
C ALA M 63 -1.31 39.13 -21.28
N GLU M 64 -1.10 38.54 -22.44
CA GLU M 64 -1.79 38.91 -23.67
C GLU M 64 -2.67 37.74 -24.09
N PHE M 65 -3.92 38.02 -24.49
CA PHE M 65 -4.77 36.96 -25.02
C PHE M 65 -5.36 37.35 -26.37
N GLN M 66 -5.76 36.32 -27.10
CA GLN M 66 -6.29 36.43 -28.46
C GLN M 66 -7.34 35.32 -28.58
N LEU M 67 -8.47 35.64 -29.19
CA LEU M 67 -9.55 34.68 -29.27
C LEU M 67 -10.36 34.99 -30.51
N GLN M 68 -10.63 33.98 -31.32
CA GLN M 68 -11.29 34.12 -32.62
C GLN M 68 -12.62 33.37 -32.56
N ALA M 69 -13.72 34.12 -32.59
CA ALA M 69 -15.06 33.57 -32.40
C ALA M 69 -15.94 33.90 -33.59
N SER M 70 -17.07 33.21 -33.67
CA SER M 70 -18.01 33.43 -34.78
C SER M 70 -19.10 34.40 -34.39
N ARG M 71 -19.04 34.96 -33.19
CA ARG M 71 -19.99 35.94 -32.70
C ARG M 71 -19.24 36.97 -31.88
N GLU M 72 -19.81 38.17 -31.78
CA GLU M 72 -19.27 39.14 -30.83
C GLU M 72 -19.26 38.51 -29.44
N ASN M 73 -18.27 38.90 -28.64
CA ASN M 73 -18.02 38.18 -27.40
C ASN M 73 -17.37 39.11 -26.38
N GLN M 74 -17.36 38.64 -25.13
CA GLN M 74 -16.81 39.40 -24.01
C GLN M 74 -16.12 38.41 -23.08
N PHE M 75 -14.82 38.54 -22.98
CA PHE M 75 -14.02 37.65 -22.17
C PHE M 75 -13.18 38.51 -21.25
N SER M 76 -12.92 37.99 -20.06
CA SER M 76 -12.07 38.64 -19.08
C SER M 76 -11.06 37.65 -18.54
N LEU M 77 -9.81 38.10 -18.42
CA LEU M 77 -8.85 37.35 -17.61
C LEU M 77 -9.32 37.36 -16.16
N GLU M 78 -9.18 36.22 -15.50
CA GLU M 78 -9.52 36.09 -14.09
C GLU M 78 -8.34 35.50 -13.33
N LEU M 79 -8.24 35.84 -12.05
CA LEU M 79 -7.18 35.32 -11.18
C LEU M 79 -7.82 34.72 -9.94
N ASN M 80 -7.73 33.39 -9.80
CA ASN M 80 -8.41 32.67 -8.72
C ASN M 80 -9.91 32.93 -8.74
N GLY M 81 -10.48 33.02 -9.94
CA GLY M 81 -11.92 33.14 -10.06
C GLY M 81 -12.46 34.54 -9.94
N THR M 82 -11.61 35.56 -10.00
CA THR M 82 -12.02 36.95 -9.88
C THR M 82 -11.49 37.74 -11.08
N PRO M 83 -12.36 38.34 -11.88
CA PRO M 83 -11.90 39.14 -13.01
C PRO M 83 -10.81 40.10 -12.58
N ILE M 84 -9.76 40.17 -13.39
CA ILE M 84 -8.62 41.03 -13.10
C ILE M 84 -9.00 42.47 -13.41
N PRO M 85 -8.56 43.44 -12.61
CA PRO M 85 -8.76 44.86 -12.97
C PRO M 85 -8.13 45.14 -14.32
N GLY M 86 -8.96 45.60 -15.25
CA GLY M 86 -8.46 45.95 -16.56
C GLY M 86 -8.20 44.75 -17.44
N GLY M 87 -8.93 43.66 -17.22
CA GLY M 87 -8.66 42.44 -17.94
C GLY M 87 -9.81 41.94 -18.78
N ARG M 88 -10.85 42.74 -18.94
CA ARG M 88 -12.04 42.34 -19.69
C ARG M 88 -12.08 43.13 -21.00
N PHE M 89 -12.11 42.40 -22.11
CA PHE M 89 -12.16 42.99 -23.43
C PHE M 89 -13.30 42.34 -24.20
N GLY M 90 -13.78 43.05 -25.22
CA GLY M 90 -14.84 42.52 -26.05
C GLY M 90 -14.87 43.20 -27.39
N THR M 91 -15.44 42.50 -28.36
CA THR M 91 -15.58 43.01 -29.71
C THR M 91 -17.05 43.01 -30.09
N GLY M 92 -17.44 43.98 -30.90
CA GLY M 92 -18.79 44.09 -31.41
C GLY M 92 -19.02 43.43 -32.76
N SER M 93 -18.05 42.68 -33.28
CA SER M 93 -18.21 42.12 -34.62
C SER M 93 -17.94 40.63 -34.59
N PRO M 94 -18.71 39.85 -35.36
CA PRO M 94 -18.42 38.42 -35.47
C PRO M 94 -17.22 38.17 -36.37
N HIS M 95 -16.56 37.03 -36.12
CA HIS M 95 -15.38 36.63 -36.89
C HIS M 95 -14.35 37.76 -36.96
N SER M 96 -14.19 38.47 -35.85
CA SER M 96 -13.09 39.40 -35.69
C SER M 96 -12.45 39.16 -34.33
N ILE M 97 -11.15 39.44 -34.27
CA ILE M 97 -10.35 39.06 -33.11
C ILE M 97 -10.85 39.80 -31.88
N ASN M 98 -10.90 39.08 -30.76
CA ASN M 98 -11.01 39.70 -29.45
C ASN M 98 -9.64 39.58 -28.81
N GLN M 99 -8.99 40.72 -28.59
CA GLN M 99 -7.60 40.75 -28.16
C GLN M 99 -7.45 41.73 -27.00
N GLY M 100 -6.59 41.39 -26.05
CA GLY M 100 -6.36 42.27 -24.91
C GLY M 100 -5.04 41.98 -24.25
N THR M 101 -4.43 43.02 -23.69
CA THR M 101 -3.18 42.91 -22.94
C THR M 101 -3.39 43.60 -21.60
N ALA M 102 -3.19 42.87 -20.51
CA ALA M 102 -3.35 43.42 -19.18
C ALA M 102 -2.25 42.90 -18.27
N ALA M 103 -1.84 43.74 -17.33
CA ALA M 103 -0.94 43.34 -16.25
C ALA M 103 -1.70 43.16 -14.94
N PHE M 104 -1.10 42.40 -14.04
CA PHE M 104 -1.66 42.15 -12.72
C PHE M 104 -0.54 41.71 -11.79
N THR M 105 -0.79 41.80 -10.50
CA THR M 105 0.22 41.44 -9.50
C THR M 105 -0.27 40.24 -8.71
N VAL M 106 0.55 39.20 -8.61
CA VAL M 106 0.18 37.98 -7.93
C VAL M 106 0.64 38.08 -6.47
N THR M 107 -0.31 38.00 -5.55
CA THR M 107 -0.05 38.18 -4.12
C THR M 107 -0.19 36.92 -3.30
N VAL M 108 -0.72 35.84 -3.87
CA VAL M 108 -0.72 34.54 -3.19
C VAL M 108 -0.32 33.48 -4.20
N VAL M 109 0.51 32.54 -3.77
CA VAL M 109 0.99 31.45 -4.60
C VAL M 109 0.57 30.15 -3.94
N PRO M 110 0.01 29.20 -4.68
CA PRO M 110 -0.18 29.26 -6.12
C PRO M 110 -1.37 30.13 -6.48
N SER M 111 -1.34 30.78 -7.65
CA SER M 111 -2.51 31.41 -8.22
C SER M 111 -2.80 30.80 -9.58
N THR M 112 -4.07 30.78 -9.97
CA THR M 112 -4.50 30.22 -11.25
C THR M 112 -5.10 31.34 -12.10
N LEU M 113 -4.60 31.49 -13.31
CA LEU M 113 -5.08 32.50 -14.24
C LEU M 113 -5.93 31.84 -15.32
N THR M 114 -7.15 32.32 -15.50
CA THR M 114 -8.05 31.79 -16.52
C THR M 114 -8.56 32.93 -17.40
N LEU M 115 -9.08 32.54 -18.55
CA LEU M 115 -9.71 33.44 -19.51
C LEU M 115 -11.14 32.94 -19.70
N ILE M 116 -12.13 33.72 -19.25
CA ILE M 116 -13.48 33.24 -19.01
C ILE M 116 -14.50 34.01 -19.85
N ASN M 117 -15.46 33.27 -20.40
CA ASN M 117 -16.63 33.90 -20.96
C ASN M 117 -17.31 34.68 -19.85
N ASN M 118 -16.96 35.96 -19.72
CA ASN M 118 -17.50 36.83 -18.69
C ASN M 118 -18.65 37.63 -19.30
N THR M 119 -19.68 36.84 -19.61
CA THR M 119 -21.02 37.27 -19.98
C THR M 119 -21.08 37.92 -21.35
N SER M 120 -20.75 37.13 -22.37
CA SER M 120 -21.18 37.46 -23.72
C SER M 120 -22.70 37.46 -23.81
N SER M 121 -23.24 38.53 -24.39
CA SER M 121 -24.67 38.61 -24.65
C SER M 121 -25.16 37.42 -25.47
N ALA M 122 -24.36 36.99 -26.45
CA ALA M 122 -24.74 35.85 -27.27
C ALA M 122 -24.80 34.54 -26.49
N GLY M 123 -24.30 34.51 -25.25
CA GLY M 123 -24.33 33.26 -24.48
C GLY M 123 -23.13 32.39 -24.83
N THR M 124 -23.37 31.11 -25.14
CA THR M 124 -22.28 30.20 -25.45
C THR M 124 -21.55 30.65 -26.71
N ILE M 125 -20.23 30.81 -26.60
CA ILE M 125 -19.37 31.27 -27.69
C ILE M 125 -18.56 30.09 -28.23
N THR M 126 -18.61 29.88 -29.54
CA THR M 126 -17.83 28.85 -30.23
C THR M 126 -16.68 29.51 -31.00
N LEU M 127 -15.45 29.08 -30.73
CA LEU M 127 -14.30 29.59 -31.44
C LEU M 127 -14.25 29.04 -32.86
N SER M 128 -13.39 29.61 -33.70
CA SER M 128 -13.14 29.11 -35.04
C SER M 128 -11.65 28.95 -35.24
N ASN M 129 -11.24 27.75 -35.65
CA ASN M 129 -9.84 27.51 -35.97
C ASN M 129 -9.59 27.59 -37.47
N SER M 130 -10.48 28.28 -38.20
CA SER M 130 -10.50 28.20 -39.66
C SER M 130 -10.82 29.52 -40.36
N ASP M 131 -10.75 30.66 -39.67
CA ASP M 131 -11.18 31.91 -40.28
C ASP M 131 -10.16 32.41 -41.29
N GLY M 132 -10.65 32.69 -42.49
CA GLY M 132 -9.90 33.42 -43.48
C GLY M 132 -8.97 32.59 -44.34
N GLY M 133 -8.85 31.28 -44.08
CA GLY M 133 -7.96 30.44 -44.85
C GLY M 133 -8.37 28.98 -44.79
N SER M 134 -7.60 28.15 -45.49
CA SER M 134 -7.90 26.71 -45.55
C SER M 134 -7.01 25.88 -44.62
N LEU M 135 -6.14 26.51 -43.84
CA LEU M 135 -5.32 25.80 -42.88
C LEU M 135 -5.89 25.99 -41.47
N THR M 136 -5.27 25.34 -40.49
CA THR M 136 -5.73 25.42 -39.11
C THR M 136 -5.07 26.60 -38.41
N ASN M 137 -5.89 27.46 -37.80
CA ASN M 137 -5.42 28.62 -37.04
C ASN M 137 -5.37 28.33 -35.55
N VAL M 138 -4.62 29.17 -34.85
CA VAL M 138 -4.78 29.30 -33.41
C VAL M 138 -6.10 29.99 -33.12
N SER M 139 -7.02 29.28 -32.47
CA SER M 139 -8.33 29.86 -32.19
C SER M 139 -8.32 30.70 -30.93
N ALA M 140 -7.30 30.56 -30.10
CA ALA M 140 -7.12 31.35 -28.89
C ALA M 140 -5.75 31.01 -28.36
N SER M 141 -5.19 31.97 -27.61
CA SER M 141 -3.85 31.80 -27.08
C SER M 141 -3.65 32.76 -25.93
N ILE M 142 -2.71 32.44 -25.06
CA ILE M 142 -2.22 33.37 -24.06
C ILE M 142 -0.71 33.39 -24.11
N SER M 143 -0.11 34.58 -24.06
CA SER M 143 1.32 34.76 -23.91
C SER M 143 1.55 35.64 -22.67
N ILE M 144 2.33 35.14 -21.71
CA ILE M 144 2.45 35.76 -20.39
C ILE M 144 3.90 35.74 -19.92
N PHE M 145 4.36 36.86 -19.37
CA PHE M 145 5.69 36.87 -18.78
C PHE M 145 5.67 37.74 -17.52
N GLN M 146 6.62 37.49 -16.63
CA GLN M 146 6.79 38.27 -15.42
C GLN M 146 7.64 39.51 -15.67
N VAL M 147 7.29 40.61 -15.00
CA VAL M 147 8.12 41.83 -15.05
C VAL M 147 8.65 42.27 -13.70
N THR N 12 19.81 43.23 -24.20
CA THR N 12 18.65 42.46 -24.62
C THR N 12 18.35 42.74 -26.09
N ASN N 13 17.69 41.78 -26.74
CA ASN N 13 17.53 41.76 -28.18
C ASN N 13 16.06 42.00 -28.52
N TYR N 14 15.81 43.09 -29.23
CA TYR N 14 14.47 43.42 -29.68
C TYR N 14 14.55 43.93 -31.11
N LEU N 15 13.48 43.69 -31.87
CA LEU N 15 13.38 44.22 -33.23
C LEU N 15 11.95 44.70 -33.50
N TYR N 16 11.82 45.79 -34.27
CA TYR N 16 10.51 46.23 -34.75
C TYR N 16 10.65 46.65 -36.21
N VAL N 17 9.87 46.02 -37.08
CA VAL N 17 9.81 46.37 -38.49
C VAL N 17 8.35 46.49 -38.89
N PHE N 18 8.08 47.38 -39.85
CA PHE N 18 6.70 47.60 -40.23
C PHE N 18 6.63 48.01 -41.70
N ASP N 19 5.43 47.93 -42.25
CA ASP N 19 5.18 48.29 -43.64
C ASP N 19 4.09 49.35 -43.70
N THR N 20 4.22 50.27 -44.65
CA THR N 20 3.26 51.36 -44.83
C THR N 20 2.66 51.38 -46.23
N THR N 21 2.67 50.25 -46.93
CA THR N 21 2.25 50.19 -48.33
C THR N 21 1.03 49.28 -48.51
N ASN N 22 0.46 49.35 -49.71
CA ASN N 22 -0.68 48.51 -50.08
C ASN N 22 -0.22 47.28 -50.86
N GLN N 23 0.78 46.57 -50.33
CA GLN N 23 1.45 45.51 -51.07
C GLN N 23 0.53 44.33 -51.29
N SER N 24 0.92 43.47 -52.23
CA SER N 24 0.17 42.27 -52.57
C SER N 24 1.01 41.05 -52.22
N ILE N 25 0.40 40.08 -51.55
CA ILE N 25 1.07 38.84 -51.15
C ILE N 25 0.29 37.70 -51.77
N ALA N 26 0.93 36.96 -52.67
CA ALA N 26 0.29 35.76 -53.16
C ALA N 26 0.48 34.65 -52.14
N VAL N 27 -0.28 33.56 -52.31
CA VAL N 27 -0.13 32.44 -51.41
C VAL N 27 1.33 31.99 -51.42
N GLY N 28 1.85 31.69 -50.23
CA GLY N 28 3.21 31.20 -50.09
C GLY N 28 4.27 32.27 -50.01
N SER N 29 3.95 33.53 -50.32
CA SER N 29 4.97 34.56 -50.33
C SER N 29 4.98 35.34 -49.02
N SER N 30 6.03 36.11 -48.84
CA SER N 30 6.28 36.79 -47.57
C SER N 30 5.79 38.24 -47.62
N VAL N 31 5.44 38.75 -46.45
CA VAL N 31 5.12 40.16 -46.26
C VAL N 31 6.42 40.94 -46.18
N THR N 32 6.57 41.95 -47.01
CA THR N 32 7.77 42.76 -46.94
C THR N 32 7.54 43.97 -46.03
N PHE N 33 8.63 44.48 -45.47
CA PHE N 33 8.61 45.59 -44.52
C PHE N 33 9.53 46.69 -45.03
N ASN N 34 8.94 47.79 -45.48
CA ASN N 34 9.71 48.87 -46.09
C ASN N 34 10.42 49.75 -45.07
N THR N 35 10.20 49.53 -43.78
CA THR N 35 10.72 50.42 -42.75
C THR N 35 11.17 49.64 -41.54
N ASN N 36 12.33 50.01 -41.01
CA ASN N 36 12.78 49.50 -39.74
C ASN N 36 12.41 50.50 -38.64
N GLY N 37 11.94 49.97 -37.52
CA GLY N 37 11.86 50.72 -36.30
C GLY N 37 13.06 50.37 -35.44
N PRO N 38 12.99 50.67 -34.14
CA PRO N 38 14.14 50.41 -33.27
C PRO N 38 14.52 48.94 -33.23
N ILE N 39 15.83 48.70 -33.26
CA ILE N 39 16.42 47.37 -33.15
C ILE N 39 17.62 47.49 -32.22
N THR N 40 17.68 46.62 -31.21
CA THR N 40 18.76 46.63 -30.23
C THR N 40 19.28 45.21 -30.07
N GLY N 41 20.60 45.09 -29.94
CA GLY N 41 21.26 43.83 -29.72
C GLY N 41 21.82 43.25 -31.00
N THR N 42 22.44 42.09 -30.85
CA THR N 42 23.17 41.46 -31.94
C THR N 42 22.42 40.29 -32.58
N ALA N 43 21.25 39.93 -32.04
CA ALA N 43 20.55 38.71 -32.46
C ALA N 43 19.63 38.95 -33.65
N LEU N 44 18.79 39.97 -33.60
CA LEU N 44 17.82 40.21 -34.64
C LEU N 44 18.31 41.27 -35.61
N SER N 45 17.96 41.09 -36.88
CA SER N 45 18.29 42.08 -37.88
C SER N 45 17.25 42.04 -38.98
N HIS N 46 17.20 43.11 -39.77
CA HIS N 46 16.30 43.16 -40.91
C HIS N 46 16.82 44.17 -41.91
N ILE N 47 17.00 43.72 -43.14
CA ILE N 47 17.27 44.61 -44.26
C ILE N 47 15.95 45.23 -44.71
N THR N 48 15.95 46.55 -44.88
CA THR N 48 14.73 47.22 -45.28
C THR N 48 14.25 46.72 -46.66
N GLY N 49 12.95 46.51 -46.77
CA GLY N 49 12.37 46.08 -48.01
C GLY N 49 12.22 44.60 -48.15
N THR N 50 12.77 43.83 -47.22
CA THR N 50 12.66 42.38 -47.28
C THR N 50 11.59 41.87 -46.31
N GLY N 51 11.18 40.63 -46.52
CA GLY N 51 10.32 39.92 -45.62
C GLY N 51 11.07 39.05 -44.62
N ASN N 52 12.38 39.22 -44.50
CA ASN N 52 13.23 38.32 -43.74
C ASN N 52 13.72 38.96 -42.45
N ILE N 53 13.38 38.34 -41.33
CA ILE N 53 14.00 38.69 -40.06
C ILE N 53 15.04 37.63 -39.74
N ILE N 54 16.31 37.99 -39.75
CA ILE N 54 17.38 37.03 -39.50
C ILE N 54 17.64 36.96 -38.00
N ILE N 55 17.79 35.73 -37.49
CA ILE N 55 18.06 35.50 -36.08
C ILE N 55 19.38 34.73 -36.00
N ASN N 56 20.35 35.32 -35.31
CA ASN N 56 21.72 34.86 -35.31
C ASN N 56 22.15 34.25 -33.97
N THR N 57 21.21 34.08 -33.04
CA THR N 57 21.53 33.58 -31.72
C THR N 57 20.47 32.57 -31.28
N LEU N 58 20.92 31.39 -30.89
CA LEU N 58 20.00 30.35 -30.42
C LEU N 58 19.24 30.82 -29.19
N GLY N 59 17.98 30.42 -29.08
CA GLY N 59 17.20 30.77 -27.91
C GLY N 59 15.72 30.81 -28.22
N THR N 60 14.98 31.42 -27.30
CA THR N 60 13.52 31.47 -27.40
C THR N 60 13.10 32.92 -27.66
N TYR N 61 12.26 33.10 -28.68
CA TYR N 61 11.80 34.42 -29.06
C TYR N 61 10.27 34.44 -29.02
N VAL N 62 9.70 35.57 -28.62
CA VAL N 62 8.25 35.76 -28.71
C VAL N 62 8.00 36.90 -29.71
N ALA N 63 7.33 36.56 -30.80
CA ALA N 63 7.07 37.47 -31.91
C ALA N 63 5.60 37.80 -31.96
N GLU N 64 5.32 39.03 -32.34
CA GLU N 64 3.98 39.58 -32.48
C GLU N 64 3.89 40.15 -33.87
N PHE N 65 2.78 39.89 -34.59
CA PHE N 65 2.57 40.57 -35.87
C PHE N 65 1.17 41.16 -35.96
N GLN N 66 1.08 42.27 -36.70
CA GLN N 66 -0.17 42.88 -37.09
C GLN N 66 -0.24 42.94 -38.61
N LEU N 67 -1.45 42.86 -39.15
CA LEU N 67 -1.62 42.91 -40.60
C LEU N 67 -3.03 43.42 -40.88
N GLN N 68 -3.16 44.36 -41.83
CA GLN N 68 -4.43 45.00 -42.17
C GLN N 68 -4.66 44.81 -43.66
N ALA N 69 -5.61 43.96 -44.02
CA ALA N 69 -5.85 43.62 -45.41
C ALA N 69 -7.23 44.09 -45.84
N SER N 70 -7.42 44.19 -47.16
CA SER N 70 -8.72 44.58 -47.66
C SER N 70 -9.76 43.49 -47.51
N ARG N 71 -9.35 42.28 -47.14
CA ARG N 71 -10.33 41.22 -46.93
C ARG N 71 -9.75 40.08 -46.10
N GLU N 72 -10.65 39.23 -45.60
CA GLU N 72 -10.34 38.07 -44.78
C GLU N 72 -9.12 37.29 -45.28
N ASN N 73 -8.31 36.75 -44.37
CA ASN N 73 -6.97 36.33 -44.72
C ASN N 73 -6.39 35.45 -43.61
N GLN N 74 -5.36 34.68 -43.98
CA GLN N 74 -4.73 33.70 -43.11
C GLN N 74 -3.23 33.71 -43.35
N PHE N 75 -2.45 34.00 -42.30
CA PHE N 75 -1.00 34.12 -42.37
C PHE N 75 -0.37 33.36 -41.21
N SER N 76 0.86 32.90 -41.42
CA SER N 76 1.63 32.21 -40.40
C SER N 76 3.04 32.76 -40.35
N LEU N 77 3.57 32.91 -39.13
CA LEU N 77 5.00 32.97 -38.93
C LEU N 77 5.63 31.66 -39.37
N GLU N 78 6.64 31.73 -40.21
CA GLU N 78 7.37 30.55 -40.61
C GLU N 78 8.81 30.77 -40.20
N LEU N 79 9.47 29.68 -39.82
CA LEU N 79 10.88 29.70 -39.52
C LEU N 79 11.53 28.81 -40.57
N ASN N 80 12.55 29.35 -41.25
CA ASN N 80 13.25 28.64 -42.31
C ASN N 80 12.28 27.93 -43.24
N GLY N 81 11.23 28.65 -43.61
CA GLY N 81 10.21 28.14 -44.50
C GLY N 81 9.21 27.19 -43.89
N THR N 82 9.32 26.89 -42.59
CA THR N 82 8.39 25.92 -41.97
C THR N 82 7.47 26.66 -41.00
N PRO N 83 6.14 26.52 -41.14
CA PRO N 83 5.23 27.19 -40.21
C PRO N 83 5.56 26.84 -38.75
N ILE N 84 5.43 27.83 -37.89
CA ILE N 84 5.78 27.70 -36.47
C ILE N 84 4.54 27.24 -35.72
N PRO N 85 4.62 26.20 -34.88
CA PRO N 85 3.41 25.79 -34.15
C PRO N 85 2.81 26.95 -33.38
N GLY N 86 1.50 27.10 -33.49
CA GLY N 86 0.87 28.23 -32.86
C GLY N 86 1.21 29.58 -33.45
N GLY N 87 1.75 29.63 -34.67
CA GLY N 87 2.09 30.88 -35.31
C GLY N 87 1.16 31.29 -36.43
N ARG N 88 0.10 30.53 -36.72
CA ARG N 88 -0.85 30.86 -37.77
C ARG N 88 -2.13 31.44 -37.19
N PHE N 89 -2.51 32.63 -37.66
CA PHE N 89 -3.73 33.29 -37.21
C PHE N 89 -4.54 33.70 -38.44
N GLY N 90 -5.85 33.84 -38.26
CA GLY N 90 -6.71 34.26 -39.35
C GLY N 90 -7.86 35.09 -38.83
N THR N 91 -8.37 35.98 -39.70
CA THR N 91 -9.61 36.70 -39.42
C THR N 91 -10.60 36.50 -40.55
N GLY N 92 -11.89 36.60 -40.19
CA GLY N 92 -12.96 36.38 -41.13
C GLY N 92 -13.68 37.65 -41.53
N SER N 93 -13.18 38.80 -41.09
CA SER N 93 -13.83 40.07 -41.34
C SER N 93 -12.95 40.89 -42.26
N PRO N 94 -13.45 41.33 -43.41
CA PRO N 94 -12.63 42.19 -44.27
C PRO N 94 -12.30 43.47 -43.54
N HIS N 95 -11.13 44.03 -43.84
CA HIS N 95 -10.70 45.31 -43.29
C HIS N 95 -10.62 45.27 -41.76
N SER N 96 -10.42 44.09 -41.18
CA SER N 96 -10.23 43.97 -39.75
C SER N 96 -8.88 43.33 -39.49
N ILE N 97 -8.26 43.72 -38.37
CA ILE N 97 -6.85 43.39 -38.15
C ILE N 97 -6.69 41.89 -37.95
N ASN N 98 -5.67 41.33 -38.58
CA ASN N 98 -5.17 40.00 -38.26
C ASN N 98 -3.97 40.19 -37.34
N GLN N 99 -4.14 39.82 -36.07
CA GLN N 99 -3.08 39.95 -35.08
C GLN N 99 -2.80 38.62 -34.38
N GLY N 100 -1.52 38.30 -34.20
CA GLY N 100 -1.12 37.14 -33.44
C GLY N 100 0.20 37.34 -32.72
N THR N 101 0.36 36.65 -31.60
CA THR N 101 1.60 36.61 -30.82
C THR N 101 1.97 35.15 -30.63
N ALA N 102 3.25 34.83 -30.86
CA ALA N 102 3.72 33.45 -30.79
C ALA N 102 5.14 33.40 -30.28
N ALA N 103 5.42 32.43 -29.45
CA ALA N 103 6.78 32.19 -28.99
C ALA N 103 7.33 30.96 -29.69
N PHE N 104 8.64 30.94 -29.91
CA PHE N 104 9.24 29.82 -30.62
C PHE N 104 10.72 29.73 -30.26
N THR N 105 11.27 28.54 -30.39
CA THR N 105 12.69 28.30 -30.12
C THR N 105 13.45 28.20 -31.43
N VAL N 106 14.60 28.86 -31.46
CA VAL N 106 15.53 28.77 -32.58
C VAL N 106 16.64 27.82 -32.18
N THR N 107 16.79 26.73 -32.93
CA THR N 107 17.76 25.68 -32.62
C THR N 107 18.93 25.63 -33.60
N VAL N 108 18.82 26.28 -34.75
CA VAL N 108 19.94 26.46 -35.67
C VAL N 108 20.02 27.93 -36.04
N VAL N 109 21.24 28.39 -36.32
CA VAL N 109 21.47 29.79 -36.69
C VAL N 109 22.46 29.86 -37.83
N PRO N 110 22.31 30.88 -38.69
CA PRO N 110 21.24 31.89 -38.64
C PRO N 110 19.97 31.31 -39.23
N SER N 111 18.80 31.61 -38.67
CA SER N 111 17.54 31.20 -39.25
C SER N 111 16.78 32.45 -39.72
N THR N 112 15.73 32.21 -40.50
CA THR N 112 14.93 33.27 -41.12
C THR N 112 13.49 33.18 -40.64
N LEU N 113 13.00 34.25 -40.01
CA LEU N 113 11.59 34.38 -39.65
C LEU N 113 10.86 35.18 -40.71
N THR N 114 9.78 34.62 -41.27
CA THR N 114 8.97 35.37 -42.22
C THR N 114 7.50 35.27 -41.84
N LEU N 115 6.70 36.11 -42.49
CA LEU N 115 5.25 36.11 -42.33
C LEU N 115 4.67 35.77 -43.70
N ILE N 116 4.01 34.63 -43.80
CA ILE N 116 3.67 34.02 -45.07
C ILE N 116 2.16 33.96 -45.20
N ASN N 117 1.67 34.35 -46.37
CA ASN N 117 0.29 34.08 -46.72
C ASN N 117 0.14 32.57 -46.71
N ASN N 118 -0.12 32.00 -45.54
CA ASN N 118 -0.30 30.56 -45.42
C ASN N 118 -1.76 30.24 -45.77
N THR N 119 -2.04 30.46 -47.05
CA THR N 119 -3.26 30.12 -47.76
C THR N 119 -4.48 30.87 -47.24
N SER N 120 -4.51 32.18 -47.44
CA SER N 120 -5.78 32.89 -47.36
C SER N 120 -6.74 32.32 -48.41
N SER N 121 -8.04 32.33 -48.09
CA SER N 121 -9.02 31.69 -48.97
C SER N 121 -9.12 32.41 -50.31
N ALA N 122 -9.03 33.75 -50.29
CA ALA N 122 -9.08 34.53 -51.51
C ALA N 122 -7.76 34.55 -52.26
N GLY N 123 -6.81 33.69 -51.93
CA GLY N 123 -5.57 33.68 -52.66
C GLY N 123 -4.70 34.89 -52.35
N THR N 124 -4.45 35.74 -53.34
CA THR N 124 -3.54 36.86 -53.13
C THR N 124 -4.23 37.93 -52.31
N ILE N 125 -3.52 38.39 -51.28
CA ILE N 125 -4.06 39.33 -50.31
C ILE N 125 -3.40 40.68 -50.55
N THR N 126 -4.22 41.73 -50.63
CA THR N 126 -3.69 43.08 -50.71
C THR N 126 -3.87 43.73 -49.35
N LEU N 127 -2.80 44.33 -48.83
CA LEU N 127 -2.87 45.06 -47.58
C LEU N 127 -3.49 46.44 -47.82
N SER N 128 -3.93 47.06 -46.73
CA SER N 128 -4.55 48.39 -46.79
C SER N 128 -3.92 49.29 -45.73
N ASN N 129 -3.29 50.39 -46.17
CA ASN N 129 -2.60 51.32 -45.29
C ASN N 129 -3.42 52.57 -44.99
N SER N 130 -4.73 52.53 -45.26
CA SER N 130 -5.56 53.71 -45.21
C SER N 130 -6.86 53.52 -44.45
N ASP N 131 -7.09 52.36 -43.83
CA ASP N 131 -8.34 52.13 -43.12
C ASP N 131 -8.50 53.11 -41.97
N GLY N 132 -9.73 53.53 -41.74
CA GLY N 132 -10.07 54.38 -40.59
C GLY N 132 -9.99 55.87 -40.81
N GLY N 133 -8.87 56.36 -41.34
CA GLY N 133 -8.72 57.77 -41.56
C GLY N 133 -8.02 58.15 -42.85
N SER N 134 -7.42 59.33 -42.88
CA SER N 134 -6.84 59.89 -44.09
C SER N 134 -5.31 59.99 -44.05
N LEU N 135 -4.69 59.69 -42.92
CA LEU N 135 -3.24 59.56 -42.88
C LEU N 135 -2.87 58.12 -43.22
N THR N 136 -1.59 57.79 -43.19
CA THR N 136 -1.10 56.48 -43.61
C THR N 136 -0.86 55.60 -42.39
N ASN N 137 -1.50 54.43 -42.37
CA ASN N 137 -1.31 53.45 -41.31
C ASN N 137 -0.23 52.44 -41.64
N VAL N 138 0.43 51.94 -40.59
CA VAL N 138 1.16 50.69 -40.63
C VAL N 138 0.23 49.62 -41.17
N SER N 139 0.58 48.99 -42.28
CA SER N 139 -0.32 48.00 -42.85
C SER N 139 0.03 46.59 -42.40
N ALA N 140 1.29 46.36 -42.05
CA ALA N 140 1.74 45.14 -41.41
C ALA N 140 3.02 45.45 -40.62
N SER N 141 3.27 44.65 -39.57
CA SER N 141 4.38 44.91 -38.66
C SER N 141 4.66 43.67 -37.80
N ILE N 142 5.90 43.58 -37.32
CA ILE N 142 6.34 42.50 -36.45
C ILE N 142 7.16 43.11 -35.32
N SER N 143 6.84 42.73 -34.09
CA SER N 143 7.60 43.16 -32.90
C SER N 143 8.02 41.90 -32.16
N ILE N 144 9.34 41.65 -32.09
CA ILE N 144 9.91 40.40 -31.56
C ILE N 144 11.04 40.71 -30.57
N PHE N 145 11.14 39.91 -29.51
CA PHE N 145 12.26 40.00 -28.57
C PHE N 145 12.69 38.59 -28.18
N GLN N 146 13.86 38.48 -27.55
CA GLN N 146 14.34 37.22 -27.01
C GLN N 146 13.98 37.15 -25.55
N VAL N 147 13.32 36.06 -25.14
CA VAL N 147 13.01 35.81 -23.73
C VAL N 147 14.03 34.90 -23.08
N GLY N 148 14.61 33.97 -23.85
CA GLY N 148 15.50 32.95 -23.29
C GLY N 148 16.84 32.78 -23.99
N THR O 12 13.31 45.76 -14.68
CA THR O 12 12.76 46.39 -15.87
C THR O 12 11.91 47.61 -15.52
N ASN O 13 11.53 48.38 -16.54
CA ASN O 13 10.52 49.43 -16.43
C ASN O 13 9.28 48.95 -17.17
N TYR O 14 8.13 49.00 -16.50
CA TYR O 14 6.90 48.52 -17.11
C TYR O 14 5.74 49.35 -16.62
N LEU O 15 4.78 49.61 -17.51
CA LEU O 15 3.61 50.41 -17.18
C LEU O 15 2.40 49.86 -17.92
N TYR O 16 1.30 49.73 -17.20
CA TYR O 16 0.00 49.38 -17.76
C TYR O 16 -0.97 50.46 -17.34
N VAL O 17 -1.62 51.08 -18.31
CA VAL O 17 -2.69 52.02 -18.03
C VAL O 17 -3.85 51.69 -18.96
N PHE O 18 -5.08 51.77 -18.43
CA PHE O 18 -6.28 51.47 -19.18
C PHE O 18 -7.42 52.42 -18.77
N ASP O 19 -8.44 52.48 -19.63
CA ASP O 19 -9.62 53.27 -19.41
C ASP O 19 -10.86 52.39 -19.51
N THR O 20 -11.90 52.75 -18.74
CA THR O 20 -13.12 51.96 -18.71
C THR O 20 -14.36 52.81 -19.04
N THR O 21 -14.19 53.88 -19.81
CA THR O 21 -15.28 54.82 -20.03
C THR O 21 -15.58 54.96 -21.52
N ASN O 22 -16.64 55.71 -21.80
CA ASN O 22 -17.11 55.99 -23.15
C ASN O 22 -16.64 57.35 -23.64
N GLN O 23 -15.41 57.70 -23.25
CA GLN O 23 -14.84 59.01 -23.58
C GLN O 23 -14.86 59.27 -25.08
N SER O 24 -14.93 60.56 -25.43
CA SER O 24 -14.83 61.00 -26.81
C SER O 24 -13.48 61.67 -27.04
N ILE O 25 -12.88 61.39 -28.18
CA ILE O 25 -11.59 61.95 -28.54
C ILE O 25 -11.76 62.69 -29.85
N ALA O 26 -11.51 64.00 -29.82
CA ALA O 26 -11.53 64.80 -31.02
C ALA O 26 -10.22 64.65 -31.78
N VAL O 27 -10.28 64.97 -33.08
CA VAL O 27 -9.08 65.00 -33.89
C VAL O 27 -8.02 65.83 -33.17
N GLY O 28 -6.82 65.29 -33.05
CA GLY O 28 -5.73 65.98 -32.39
C GLY O 28 -5.72 65.89 -30.88
N SER O 29 -6.72 65.25 -30.28
CA SER O 29 -6.76 65.05 -28.83
C SER O 29 -6.28 63.65 -28.44
N SER O 30 -5.99 63.50 -27.15
CA SER O 30 -5.37 62.27 -26.64
C SER O 30 -6.39 61.41 -25.89
N VAL O 31 -6.23 60.10 -26.02
CA VAL O 31 -6.97 59.14 -25.20
C VAL O 31 -6.42 59.19 -23.78
N THR O 32 -7.32 59.38 -22.81
CA THR O 32 -6.95 59.39 -21.41
C THR O 32 -7.33 58.08 -20.74
N PHE O 33 -6.70 57.81 -19.61
CA PHE O 33 -6.85 56.53 -18.92
C PHE O 33 -7.17 56.81 -17.45
N ASN O 34 -8.38 56.41 -17.04
CA ASN O 34 -8.87 56.72 -15.70
C ASN O 34 -8.24 55.83 -14.63
N THR O 35 -7.64 54.70 -15.01
CA THR O 35 -7.12 53.72 -14.06
C THR O 35 -5.68 53.33 -14.40
N ASN O 36 -4.89 53.10 -13.36
CA ASN O 36 -3.53 52.60 -13.51
C ASN O 36 -3.49 51.12 -13.16
N GLY O 37 -2.90 50.33 -14.05
CA GLY O 37 -2.51 48.99 -13.71
C GLY O 37 -1.18 48.97 -13.02
N PRO O 38 -0.60 47.78 -12.88
CA PRO O 38 0.71 47.68 -12.23
C PRO O 38 1.78 48.52 -12.92
N ILE O 39 2.70 49.05 -12.13
CA ILE O 39 3.88 49.77 -12.61
C ILE O 39 5.10 49.29 -11.85
N THR O 40 6.21 49.09 -12.56
CA THR O 40 7.49 48.71 -11.97
C THR O 40 8.59 49.61 -12.53
N GLY O 41 9.52 50.02 -11.66
CA GLY O 41 10.61 50.88 -12.06
C GLY O 41 10.23 52.35 -12.03
N THR O 42 11.24 53.19 -12.23
CA THR O 42 11.10 54.63 -12.03
C THR O 42 10.94 55.42 -13.33
N ALA O 43 11.14 54.80 -14.49
CA ALA O 43 11.22 55.59 -15.72
C ALA O 43 9.85 55.89 -16.30
N LEU O 44 8.85 55.05 -16.03
CA LEU O 44 7.50 55.24 -16.56
C LEU O 44 6.55 55.70 -15.48
N SER O 45 5.69 56.66 -15.83
CA SER O 45 4.72 57.20 -14.89
C SER O 45 3.54 57.75 -15.67
N HIS O 46 2.44 57.97 -14.96
CA HIS O 46 1.21 58.48 -15.54
C HIS O 46 0.21 58.79 -14.45
N ILE O 47 -0.33 60.01 -14.46
CA ILE O 47 -1.40 60.38 -13.54
C ILE O 47 -2.71 59.92 -14.14
N THR O 48 -3.49 59.18 -13.33
CA THR O 48 -4.80 58.70 -13.75
C THR O 48 -5.70 59.87 -14.12
N GLY O 49 -6.55 59.64 -15.11
CA GLY O 49 -7.38 60.67 -15.68
C GLY O 49 -6.77 61.39 -16.86
N THR O 50 -5.46 61.38 -17.00
CA THR O 50 -4.81 62.01 -18.14
C THR O 50 -4.48 60.97 -19.20
N GLY O 51 -3.96 61.45 -20.33
CA GLY O 51 -3.50 60.58 -21.38
C GLY O 51 -2.00 60.66 -21.61
N ASN O 52 -1.27 61.26 -20.68
CA ASN O 52 0.16 61.49 -20.84
C ASN O 52 0.95 60.44 -20.07
N ILE O 53 1.88 59.79 -20.75
CA ILE O 53 2.78 58.83 -20.11
C ILE O 53 4.19 59.43 -20.17
N ILE O 54 4.80 59.56 -19.00
CA ILE O 54 6.04 60.32 -18.83
C ILE O 54 7.21 59.36 -18.80
N ILE O 55 8.21 59.60 -19.65
CA ILE O 55 9.39 58.76 -19.75
C ILE O 55 10.59 59.57 -19.29
N ASN O 56 11.31 59.05 -18.30
CA ASN O 56 12.44 59.76 -17.71
C ASN O 56 13.77 59.06 -17.94
N THR O 57 13.81 58.02 -18.78
CA THR O 57 15.05 57.32 -19.08
C THR O 57 15.21 57.18 -20.58
N LEU O 58 16.33 57.66 -21.12
CA LEU O 58 16.65 57.43 -22.52
C LEU O 58 16.71 55.94 -22.84
N GLY O 59 16.48 55.61 -24.10
CA GLY O 59 16.53 54.25 -24.58
C GLY O 59 15.25 53.88 -25.32
N THR O 60 15.13 52.60 -25.64
CA THR O 60 14.07 52.10 -26.50
C THR O 60 12.89 51.56 -25.69
N TYR O 61 11.68 51.75 -26.22
CA TYR O 61 10.47 51.33 -25.53
C TYR O 61 9.50 50.66 -26.50
N VAL O 62 8.82 49.60 -26.03
CA VAL O 62 7.80 48.87 -26.79
C VAL O 62 6.45 49.16 -26.13
N ALA O 63 5.64 50.00 -26.77
CA ALA O 63 4.29 50.27 -26.31
C ALA O 63 3.28 49.52 -27.16
N GLU O 64 2.28 48.94 -26.51
CA GLU O 64 1.15 48.33 -27.17
C GLU O 64 -0.10 49.13 -26.82
N PHE O 65 -0.99 49.34 -27.79
CA PHE O 65 -2.26 50.00 -27.45
C PHE O 65 -3.43 49.23 -28.03
N GLN O 66 -4.53 49.27 -27.30
CA GLN O 66 -5.79 48.69 -27.71
C GLN O 66 -6.85 49.75 -27.52
N LEU O 67 -7.81 49.77 -28.43
CA LEU O 67 -8.84 50.80 -28.46
C LEU O 67 -10.06 50.23 -29.14
N GLN O 68 -11.20 50.31 -28.46
CA GLN O 68 -12.47 49.80 -28.96
C GLN O 68 -13.40 51.00 -29.14
N ALA O 69 -13.91 51.18 -30.36
CA ALA O 69 -14.71 52.37 -30.64
C ALA O 69 -15.93 52.05 -31.49
N SER O 70 -16.85 53.02 -31.54
CA SER O 70 -18.15 52.83 -32.18
C SER O 70 -18.02 52.69 -33.70
N ARG O 71 -17.15 53.48 -34.32
CA ARG O 71 -16.92 53.39 -35.75
C ARG O 71 -15.43 53.27 -36.04
N GLU O 72 -15.13 53.10 -37.32
CA GLU O 72 -13.75 53.03 -37.78
C GLU O 72 -12.98 54.28 -37.36
N ASN O 73 -11.75 54.09 -36.94
CA ASN O 73 -10.95 55.18 -36.44
C ASN O 73 -9.49 54.97 -36.84
N GLN O 74 -8.69 56.01 -36.57
CA GLN O 74 -7.28 56.06 -36.93
C GLN O 74 -6.54 56.82 -35.83
N PHE O 75 -5.64 56.13 -35.15
CA PHE O 75 -4.95 56.69 -34.00
C PHE O 75 -3.44 56.50 -34.17
N SER O 76 -2.67 57.35 -33.49
CA SER O 76 -1.22 57.19 -33.49
C SER O 76 -0.65 57.47 -32.12
N LEU O 77 0.31 56.63 -31.73
CA LEU O 77 1.19 56.98 -30.63
C LEU O 77 2.06 58.16 -31.07
N GLU O 78 2.28 59.10 -30.15
CA GLU O 78 3.04 60.30 -30.45
C GLU O 78 4.00 60.59 -29.29
N LEU O 79 5.21 60.98 -29.63
CA LEU O 79 6.23 61.31 -28.65
C LEU O 79 6.57 62.80 -28.72
N ASN O 80 6.41 63.49 -27.60
CA ASN O 80 6.61 64.93 -27.53
C ASN O 80 5.88 65.64 -28.67
N GLY O 81 4.63 65.22 -28.91
CA GLY O 81 3.75 65.87 -29.87
C GLY O 81 3.84 65.37 -31.29
N THR O 82 4.83 64.54 -31.63
CA THR O 82 5.04 64.14 -33.01
C THR O 82 4.64 62.69 -33.22
N PRO O 83 3.87 62.36 -34.26
CA PRO O 83 3.53 60.97 -34.52
C PRO O 83 4.78 60.12 -34.67
N ILE O 84 4.71 58.93 -34.09
CA ILE O 84 5.85 58.02 -33.98
C ILE O 84 6.01 57.26 -35.28
N PRO O 85 7.24 57.11 -35.80
CA PRO O 85 7.48 56.18 -36.91
C PRO O 85 6.92 54.81 -36.58
N GLY O 86 6.03 54.33 -37.44
CA GLY O 86 5.40 53.03 -37.24
C GLY O 86 4.36 52.99 -36.15
N GLY O 87 3.85 54.14 -35.72
CA GLY O 87 2.94 54.19 -34.60
C GLY O 87 1.49 54.46 -34.90
N ARG O 88 1.06 54.40 -36.15
CA ARG O 88 -0.32 54.72 -36.52
C ARG O 88 -1.03 53.49 -37.04
N PHE O 89 -2.25 53.26 -36.53
CA PHE O 89 -2.99 52.05 -36.80
C PHE O 89 -4.46 52.40 -36.95
N GLY O 90 -5.14 51.75 -37.91
CA GLY O 90 -6.55 51.96 -38.11
C GLY O 90 -7.30 50.66 -38.29
N THR O 91 -8.61 50.73 -38.07
CA THR O 91 -9.52 49.63 -38.40
C THR O 91 -10.53 50.11 -39.43
N GLY O 92 -10.92 49.20 -40.31
CA GLY O 92 -11.92 49.49 -41.33
C GLY O 92 -13.32 48.98 -41.04
N SER O 93 -13.58 48.53 -39.82
CA SER O 93 -14.88 47.96 -39.48
C SER O 93 -15.39 48.65 -38.21
N PRO O 94 -16.65 49.07 -38.18
CA PRO O 94 -17.19 49.60 -36.93
C PRO O 94 -17.23 48.52 -35.86
N HIS O 95 -17.01 48.95 -34.62
CA HIS O 95 -17.03 48.08 -33.43
C HIS O 95 -16.09 46.90 -33.55
N SER O 96 -15.03 47.00 -34.34
CA SER O 96 -13.94 46.04 -34.26
C SER O 96 -12.74 46.74 -33.65
N ILE O 97 -11.80 45.97 -33.17
CA ILE O 97 -10.73 46.51 -32.33
C ILE O 97 -9.69 47.21 -33.20
N ASN O 98 -9.19 48.34 -32.74
CA ASN O 98 -7.99 48.95 -33.28
C ASN O 98 -6.84 48.63 -32.33
N GLN O 99 -5.87 47.88 -32.83
CA GLN O 99 -4.77 47.38 -32.02
C GLN O 99 -3.43 47.63 -32.73
N GLY O 100 -2.43 48.02 -31.97
CA GLY O 100 -1.11 48.26 -32.53
C GLY O 100 -0.02 48.08 -31.50
N THR O 101 1.13 47.61 -31.96
CA THR O 101 2.33 47.53 -31.14
C THR O 101 3.47 48.19 -31.91
N ALA O 102 4.23 49.07 -31.25
CA ALA O 102 5.23 49.88 -31.93
C ALA O 102 6.35 50.28 -30.98
N ALA O 103 7.59 50.22 -31.46
CA ALA O 103 8.75 50.58 -30.65
C ALA O 103 9.27 51.96 -31.04
N PHE O 104 9.87 52.64 -30.06
CA PHE O 104 10.32 54.00 -30.23
C PHE O 104 11.48 54.26 -29.28
N THR O 105 12.26 55.27 -29.63
CA THR O 105 13.48 55.61 -28.90
C THR O 105 13.32 56.98 -28.24
N VAL O 106 13.77 57.08 -27.00
CA VAL O 106 13.64 58.29 -26.20
C VAL O 106 15.00 58.98 -26.19
N THR O 107 15.06 60.14 -26.83
CA THR O 107 16.32 60.85 -27.01
C THR O 107 16.52 62.01 -26.04
N VAL O 108 15.44 62.55 -25.48
CA VAL O 108 15.54 63.55 -24.41
C VAL O 108 14.60 63.17 -23.29
N VAL O 109 14.93 63.64 -22.09
CA VAL O 109 14.10 63.41 -20.91
C VAL O 109 13.77 64.75 -20.28
N PRO O 110 12.54 64.92 -19.76
CA PRO O 110 11.45 63.94 -19.84
C PRO O 110 10.76 64.02 -21.21
N SER O 111 10.19 62.92 -21.66
CA SER O 111 9.38 62.89 -22.88
C SER O 111 7.99 62.39 -22.53
N THR O 112 7.04 62.68 -23.41
CA THR O 112 5.64 62.37 -23.16
C THR O 112 5.10 61.51 -24.30
N LEU O 113 4.52 60.36 -23.95
CA LEU O 113 3.87 59.49 -24.92
C LEU O 113 2.37 59.68 -24.81
N THR O 114 1.71 59.92 -25.94
CA THR O 114 0.26 60.03 -26.00
C THR O 114 -0.27 59.21 -27.16
N LEU O 115 -1.55 58.86 -27.06
CA LEU O 115 -2.29 58.14 -28.09
C LEU O 115 -3.30 59.12 -28.70
N ILE O 116 -3.06 59.53 -29.95
CA ILE O 116 -3.77 60.67 -30.54
C ILE O 116 -4.72 60.19 -31.63
N ASN O 117 -5.91 60.79 -31.66
CA ASN O 117 -6.83 60.66 -32.80
C ASN O 117 -6.25 61.38 -34.01
N ASN O 118 -5.53 60.67 -34.87
CA ASN O 118 -4.94 61.28 -36.07
CA ASN O 118 -4.95 61.31 -36.05
C ASN O 118 -5.95 61.15 -37.21
N THR O 119 -6.65 62.23 -37.50
CA THR O 119 -7.66 62.31 -38.55
C THR O 119 -8.39 60.99 -38.80
N SER O 120 -9.23 60.58 -37.85
CA SER O 120 -10.23 59.57 -38.14
C SER O 120 -11.26 60.12 -39.12
N SER O 121 -11.68 59.29 -40.08
CA SER O 121 -12.61 59.73 -41.11
C SER O 121 -13.94 60.22 -40.55
N ALA O 122 -14.32 59.82 -39.34
CA ALA O 122 -15.59 60.21 -38.75
C ALA O 122 -15.45 61.40 -37.80
N GLY O 123 -14.25 61.92 -37.63
CA GLY O 123 -14.06 63.08 -36.78
C GLY O 123 -13.78 62.68 -35.35
N THR O 124 -14.53 63.26 -34.42
CA THR O 124 -14.42 62.85 -33.03
C THR O 124 -14.87 61.40 -32.90
N ILE O 125 -14.05 60.59 -32.23
CA ILE O 125 -14.33 59.17 -32.03
C ILE O 125 -14.78 58.97 -30.59
N THR O 126 -15.80 58.12 -30.41
CA THR O 126 -16.36 57.81 -29.10
C THR O 126 -16.10 56.35 -28.79
N LEU O 127 -15.38 56.09 -27.71
CA LEU O 127 -15.03 54.72 -27.36
C LEU O 127 -16.23 53.96 -26.81
N SER O 128 -16.17 52.64 -26.87
CA SER O 128 -17.18 51.79 -26.28
C SER O 128 -16.57 50.94 -25.17
N ASN O 129 -17.27 50.84 -24.05
CA ASN O 129 -16.87 49.95 -22.97
C ASN O 129 -17.86 48.81 -22.78
N SER O 130 -18.68 48.52 -23.79
CA SER O 130 -19.77 47.56 -23.61
C SER O 130 -19.92 46.60 -24.77
N ASP O 131 -18.97 46.56 -25.70
CA ASP O 131 -19.12 45.68 -26.85
C ASP O 131 -18.99 44.21 -26.45
N GLY O 132 -19.94 43.39 -26.93
CA GLY O 132 -19.90 41.95 -26.80
C GLY O 132 -20.64 41.38 -25.59
N GLY O 133 -20.89 42.18 -24.56
CA GLY O 133 -21.44 41.62 -23.36
C GLY O 133 -22.07 42.65 -22.45
N SER O 134 -22.49 42.17 -21.28
CA SER O 134 -23.22 42.98 -20.32
C SER O 134 -22.33 43.56 -19.24
N LEU O 135 -21.04 43.23 -19.24
CA LEU O 135 -20.13 43.75 -18.24
C LEU O 135 -19.33 44.89 -18.86
N THR O 136 -18.49 45.53 -18.06
CA THR O 136 -17.73 46.68 -18.51
C THR O 136 -16.39 46.22 -19.06
N ASN O 137 -16.05 46.69 -20.26
CA ASN O 137 -14.81 46.36 -20.96
C ASN O 137 -13.77 47.45 -20.73
N VAL O 138 -12.51 47.08 -20.90
CA VAL O 138 -11.46 48.07 -21.15
C VAL O 138 -11.75 48.69 -22.51
N SER O 139 -11.95 50.01 -22.54
CA SER O 139 -12.27 50.71 -23.78
C SER O 139 -11.01 51.14 -24.52
N ALA O 140 -9.97 51.53 -23.78
CA ALA O 140 -8.66 51.74 -24.37
C ALA O 140 -7.61 51.39 -23.32
N SER O 141 -6.42 51.00 -23.79
CA SER O 141 -5.35 50.67 -22.86
C SER O 141 -4.01 50.81 -23.57
N ILE O 142 -2.96 50.96 -22.77
CA ILE O 142 -1.58 50.95 -23.22
C ILE O 142 -0.76 50.11 -22.26
N SER O 143 0.14 49.29 -22.82
CA SER O 143 1.06 48.43 -22.08
C SER O 143 2.45 48.62 -22.68
N ILE O 144 3.39 49.13 -21.89
CA ILE O 144 4.67 49.61 -22.41
C ILE O 144 5.81 49.15 -21.50
N PHE O 145 6.93 48.73 -22.10
CA PHE O 145 8.11 48.34 -21.35
C PHE O 145 9.39 48.73 -22.08
N GLN O 146 10.44 48.92 -21.29
CA GLN O 146 11.74 49.29 -21.82
C GLN O 146 12.51 48.06 -22.27
N VAL O 147 13.20 48.18 -23.41
CA VAL O 147 14.09 47.13 -23.87
C VAL O 147 15.51 47.62 -24.10
N GLY O 148 15.77 48.91 -23.92
CA GLY O 148 17.09 49.45 -24.18
C GLY O 148 17.43 50.78 -23.54
N VAL P 9 -40.31 0.41 32.85
CA VAL P 9 -39.65 1.57 33.46
C VAL P 9 -38.18 1.26 33.73
N GLY P 10 -37.29 1.92 32.98
CA GLY P 10 -35.87 1.72 33.13
C GLY P 10 -35.04 2.46 32.10
N LEU P 11 -33.81 2.79 32.49
CA LEU P 11 -32.84 3.32 31.53
C LEU P 11 -32.29 2.22 30.63
N THR P 12 -31.99 1.05 31.20
CA THR P 12 -31.48 -0.07 30.42
C THR P 12 -31.76 -1.36 31.17
N ASN P 13 -31.68 -2.48 30.45
CA ASN P 13 -31.85 -3.78 31.11
C ASN P 13 -30.77 -3.97 32.18
N TYR P 14 -31.18 -4.29 33.39
CA TYR P 14 -30.20 -4.41 34.47
C TYR P 14 -30.52 -5.61 35.36
N LEU P 15 -29.47 -6.22 35.90
CA LEU P 15 -29.64 -7.32 36.83
C LEU P 15 -28.47 -7.38 37.81
N TYR P 16 -28.80 -7.58 39.09
CA TYR P 16 -27.87 -7.88 40.16
C TYR P 16 -28.21 -9.23 40.77
N VAL P 17 -27.24 -10.14 40.81
CA VAL P 17 -27.37 -11.41 41.53
C VAL P 17 -26.11 -11.62 42.37
N PHE P 18 -26.29 -12.18 43.56
CA PHE P 18 -25.15 -12.40 44.45
C PHE P 18 -25.32 -13.73 45.19
N ASP P 19 -24.22 -14.19 45.77
CA ASP P 19 -24.14 -15.40 46.57
C ASP P 19 -23.53 -15.07 47.93
N THR P 20 -23.94 -15.85 48.94
CA THR P 20 -23.54 -15.60 50.32
C THR P 20 -23.11 -16.89 51.02
N THR P 21 -22.73 -17.90 50.26
CA THR P 21 -22.35 -19.19 50.79
C THR P 21 -20.88 -19.47 50.48
N ASN P 22 -20.40 -20.61 51.00
CA ASN P 22 -19.04 -21.09 50.82
C ASN P 22 -19.02 -22.29 49.89
N GLN P 23 -19.62 -22.14 48.71
CA GLN P 23 -19.76 -23.20 47.74
C GLN P 23 -18.42 -23.61 47.15
N SER P 24 -18.41 -24.78 46.53
CA SER P 24 -17.25 -25.31 45.82
C SER P 24 -17.55 -25.41 44.34
N ILE P 25 -16.67 -24.85 43.51
CA ILE P 25 -16.82 -24.86 42.07
C ILE P 25 -15.69 -25.70 41.50
N ALA P 26 -16.06 -26.84 40.90
CA ALA P 26 -15.07 -27.67 40.23
C ALA P 26 -14.61 -26.99 38.95
N VAL P 27 -13.47 -27.46 38.42
CA VAL P 27 -13.06 -27.02 37.09
C VAL P 27 -14.16 -27.36 36.10
N GLY P 28 -14.56 -26.37 35.32
CA GLY P 28 -15.67 -26.52 34.42
C GLY P 28 -17.04 -26.33 35.05
N SER P 29 -17.12 -26.19 36.37
CA SER P 29 -18.39 -25.96 37.04
C SER P 29 -18.65 -24.46 37.15
N SER P 30 -19.88 -24.09 37.51
CA SER P 30 -20.30 -22.70 37.48
C SER P 30 -20.63 -22.19 38.87
N VAL P 31 -20.37 -20.90 39.07
CA VAL P 31 -20.67 -20.24 40.34
C VAL P 31 -22.18 -20.06 40.43
N THR P 32 -22.77 -20.56 41.51
CA THR P 32 -24.20 -20.44 41.72
C THR P 32 -24.49 -19.29 42.68
N PHE P 33 -25.64 -18.64 42.48
CA PHE P 33 -26.03 -17.47 43.26
C PHE P 33 -27.41 -17.72 43.85
N ASN P 34 -27.51 -17.63 45.17
CA ASN P 34 -28.74 -17.95 45.90
C ASN P 34 -29.71 -16.79 46.02
N THR P 35 -29.31 -15.56 45.66
CA THR P 35 -30.15 -14.39 45.90
C THR P 35 -30.16 -13.48 44.67
N ASN P 36 -31.34 -12.96 44.35
CA ASN P 36 -31.52 -12.03 43.24
C ASN P 36 -31.65 -10.62 43.80
N GLY P 37 -30.85 -9.69 43.29
CA GLY P 37 -31.06 -8.30 43.56
C GLY P 37 -31.99 -7.69 42.54
N PRO P 38 -32.10 -6.35 42.56
CA PRO P 38 -33.01 -5.67 41.63
C PRO P 38 -32.75 -6.03 40.18
N ILE P 39 -33.84 -6.09 39.41
CA ILE P 39 -33.81 -6.36 37.97
C ILE P 39 -34.74 -5.36 37.29
N THR P 40 -34.20 -4.51 36.43
CA THR P 40 -35.00 -3.58 35.65
C THR P 40 -35.09 -4.06 34.21
N GLY P 41 -36.24 -3.88 33.58
CA GLY P 41 -36.44 -4.33 32.23
C GLY P 41 -36.75 -5.82 32.20
N THR P 42 -36.86 -6.35 30.99
CA THR P 42 -37.34 -7.72 30.83
C THR P 42 -36.31 -8.70 30.28
N ALA P 43 -35.16 -8.22 29.77
CA ALA P 43 -34.23 -9.08 29.05
C ALA P 43 -33.50 -10.05 29.97
N LEU P 44 -33.20 -9.65 31.20
CA LEU P 44 -32.31 -10.39 32.08
C LEU P 44 -33.12 -11.08 33.17
N SER P 45 -32.71 -12.29 33.51
CA SER P 45 -33.41 -13.07 34.51
C SER P 45 -32.42 -14.10 35.07
N HIS P 46 -32.75 -14.63 36.25
CA HIS P 46 -31.86 -15.62 36.87
C HIS P 46 -32.63 -16.38 37.94
N ILE P 47 -32.70 -17.70 37.81
CA ILE P 47 -33.31 -18.55 38.81
C ILE P 47 -32.36 -18.65 40.00
N THR P 48 -32.79 -18.15 41.16
CA THR P 48 -31.98 -18.27 42.36
C THR P 48 -31.62 -19.73 42.61
N GLY P 49 -30.32 -19.97 42.83
CA GLY P 49 -29.79 -21.30 43.09
C GLY P 49 -28.98 -21.88 41.95
N THR P 50 -29.15 -21.37 40.73
CA THR P 50 -28.36 -21.76 39.59
C THR P 50 -27.24 -20.75 39.34
N GLY P 51 -26.42 -21.04 38.34
CA GLY P 51 -25.45 -20.08 37.87
C GLY P 51 -25.78 -19.57 36.48
N ASN P 52 -27.08 -19.47 36.16
CA ASN P 52 -27.53 -19.17 34.81
C ASN P 52 -28.27 -17.84 34.77
N ILE P 53 -27.64 -16.86 34.11
CA ILE P 53 -28.27 -15.59 33.76
C ILE P 53 -28.78 -15.70 32.33
N ILE P 54 -30.10 -15.62 32.14
CA ILE P 54 -30.69 -15.71 30.81
C ILE P 54 -30.77 -14.31 30.23
N ILE P 55 -30.30 -14.15 29.00
CA ILE P 55 -30.43 -12.90 28.28
C ILE P 55 -31.38 -13.13 27.10
N ASN P 56 -32.45 -12.35 27.03
CA ASN P 56 -33.50 -12.56 26.05
C ASN P 56 -33.60 -11.48 24.99
N THR P 57 -32.71 -10.49 24.99
CA THR P 57 -32.67 -9.46 23.96
C THR P 57 -31.28 -9.39 23.33
N LEU P 58 -31.23 -9.37 22.00
CA LEU P 58 -29.99 -9.17 21.28
C LEU P 58 -29.37 -7.83 21.67
N GLY P 59 -28.06 -7.80 21.76
CA GLY P 59 -27.37 -6.56 22.05
C GLY P 59 -26.07 -6.80 22.79
N THR P 60 -25.50 -5.69 23.27
CA THR P 60 -24.21 -5.66 23.95
C THR P 60 -24.44 -5.49 25.45
N TYR P 61 -23.60 -6.16 26.25
CA TYR P 61 -23.77 -6.18 27.68
C TYR P 61 -22.43 -6.04 28.38
N VAL P 62 -22.43 -5.25 29.44
CA VAL P 62 -21.30 -5.07 30.34
C VAL P 62 -21.60 -5.87 31.60
N ALA P 63 -20.76 -6.83 31.92
CA ALA P 63 -20.93 -7.65 33.11
C ALA P 63 -19.68 -7.53 33.95
N GLU P 64 -19.84 -7.16 35.21
CA GLU P 64 -18.76 -7.21 36.17
C GLU P 64 -19.02 -8.37 37.13
N PHE P 65 -17.95 -9.05 37.52
CA PHE P 65 -18.08 -10.05 38.57
C PHE P 65 -17.07 -9.77 39.67
N GLN P 66 -17.43 -10.24 40.85
CA GLN P 66 -16.58 -10.23 42.03
C GLN P 66 -16.63 -11.64 42.61
N LEU P 67 -15.49 -12.08 43.15
CA LEU P 67 -15.39 -13.45 43.64
C LEU P 67 -14.32 -13.53 44.73
N GLN P 68 -14.65 -14.22 45.83
CA GLN P 68 -13.80 -14.29 47.01
C GLN P 68 -13.67 -15.75 47.44
N ALA P 69 -12.48 -16.31 47.27
CA ALA P 69 -12.26 -17.75 47.43
C ALA P 69 -11.15 -18.02 48.44
N SER P 70 -11.16 -19.26 48.97
CA SER P 70 -10.12 -19.71 49.90
C SER P 70 -8.73 -19.45 49.36
N ARG P 71 -8.46 -19.90 48.13
CA ARG P 71 -7.16 -19.84 47.50
C ARG P 71 -7.26 -19.06 46.20
N GLU P 72 -6.10 -18.84 45.58
CA GLU P 72 -6.06 -18.11 44.32
C GLU P 72 -6.70 -18.94 43.20
N ASN P 73 -7.12 -18.26 42.15
CA ASN P 73 -8.07 -18.88 41.23
C ASN P 73 -8.17 -18.11 39.91
N GLN P 74 -8.75 -18.78 38.93
CA GLN P 74 -8.91 -18.25 37.58
C GLN P 74 -10.33 -18.56 37.11
N PHE P 75 -11.10 -17.51 36.83
CA PHE P 75 -12.48 -17.65 36.41
C PHE P 75 -12.69 -16.89 35.10
N SER P 76 -13.66 -17.35 34.32
CA SER P 76 -14.06 -16.66 33.10
C SER P 76 -15.57 -16.49 33.05
N LEU P 77 -16.01 -15.31 32.63
CA LEU P 77 -17.38 -15.20 32.15
C LEU P 77 -17.50 -16.02 30.88
N GLU P 78 -18.55 -16.82 30.78
CA GLU P 78 -18.81 -17.66 29.62
C GLU P 78 -20.19 -17.36 29.08
N LEU P 79 -20.35 -17.52 27.77
CA LEU P 79 -21.62 -17.31 27.09
C LEU P 79 -21.93 -18.54 26.27
N ASN P 80 -23.10 -19.16 26.51
CA ASN P 80 -23.56 -20.35 25.79
C ASN P 80 -22.53 -21.46 25.78
N GLY P 81 -21.67 -21.47 26.80
CA GLY P 81 -20.71 -22.54 26.97
C GLY P 81 -19.30 -22.22 26.53
N THR P 82 -19.08 -21.09 25.84
CA THR P 82 -17.73 -20.72 25.45
C THR P 82 -17.30 -19.43 26.15
N PRO P 83 -16.05 -19.33 26.58
CA PRO P 83 -15.62 -18.14 27.33
C PRO P 83 -15.52 -16.93 26.42
N ILE P 84 -16.16 -15.83 26.83
CA ILE P 84 -16.22 -14.63 26.01
C ILE P 84 -14.80 -14.05 25.89
N PRO P 85 -14.44 -13.42 24.78
CA PRO P 85 -13.11 -12.79 24.68
C PRO P 85 -12.91 -11.72 25.74
N GLY P 86 -11.76 -11.76 26.40
CA GLY P 86 -11.51 -10.83 27.48
C GLY P 86 -12.35 -11.06 28.71
N GLY P 87 -12.93 -12.26 28.86
CA GLY P 87 -13.72 -12.57 30.02
C GLY P 87 -12.98 -13.23 31.18
N ARG P 88 -11.72 -13.64 30.99
CA ARG P 88 -10.97 -14.37 32.00
C ARG P 88 -10.11 -13.42 32.84
N PHE P 89 -10.21 -13.57 34.15
CA PHE P 89 -9.41 -12.79 35.08
C PHE P 89 -8.88 -13.74 36.15
N GLY P 90 -7.66 -13.51 36.60
CA GLY P 90 -7.05 -14.36 37.60
C GLY P 90 -6.51 -13.55 38.76
N THR P 91 -6.43 -14.20 39.92
CA THR P 91 -5.82 -13.64 41.11
C THR P 91 -4.64 -14.51 41.53
N GLY P 92 -3.49 -13.89 41.77
CA GLY P 92 -2.32 -14.61 42.26
C GLY P 92 -1.95 -14.22 43.68
N SER P 93 -2.96 -13.87 44.48
CA SER P 93 -2.77 -13.37 45.83
C SER P 93 -3.65 -14.18 46.79
N PRO P 94 -3.09 -14.71 47.88
CA PRO P 94 -3.92 -15.44 48.85
C PRO P 94 -4.94 -14.53 49.52
N HIS P 95 -6.21 -14.94 49.48
CA HIS P 95 -7.31 -14.27 50.18
C HIS P 95 -7.58 -12.86 49.65
N SER P 96 -7.26 -12.62 48.38
CA SER P 96 -7.50 -11.35 47.71
C SER P 96 -8.60 -11.54 46.66
N ILE P 97 -9.12 -10.41 46.18
CA ILE P 97 -10.32 -10.45 45.34
C ILE P 97 -9.96 -10.86 43.92
N ASN P 98 -10.83 -11.67 43.32
CA ASN P 98 -10.82 -11.90 41.88
C ASN P 98 -11.94 -11.04 41.29
N GLN P 99 -11.58 -10.09 40.46
CA GLN P 99 -12.53 -9.10 39.96
C GLN P 99 -12.29 -8.89 38.48
N GLY P 100 -13.39 -8.71 37.74
CA GLY P 100 -13.28 -8.43 36.33
C GLY P 100 -14.53 -7.77 35.81
N THR P 101 -14.36 -6.86 34.85
CA THR P 101 -15.45 -6.31 34.07
C THR P 101 -15.14 -6.59 32.60
N ALA P 102 -16.16 -7.03 31.85
CA ALA P 102 -15.96 -7.26 30.44
C ALA P 102 -17.30 -7.04 29.71
N ALA P 103 -17.20 -6.95 28.40
CA ALA P 103 -18.37 -6.74 27.55
C ALA P 103 -18.48 -7.87 26.54
N PHE P 104 -19.68 -8.04 26.01
CA PHE P 104 -19.94 -9.08 25.04
C PHE P 104 -21.22 -8.75 24.29
N THR P 105 -21.26 -9.16 23.02
CA THR P 105 -22.45 -8.99 22.22
C THR P 105 -23.22 -10.29 22.21
N VAL P 106 -24.50 -10.23 22.57
CA VAL P 106 -25.39 -11.38 22.49
C VAL P 106 -25.99 -11.38 21.08
N THR P 107 -25.79 -12.50 20.36
CA THR P 107 -26.18 -12.60 18.97
C THR P 107 -27.28 -13.62 18.71
N VAL P 108 -27.52 -14.54 19.62
CA VAL P 108 -28.69 -15.41 19.60
C VAL P 108 -29.42 -15.29 20.93
N VAL P 109 -30.76 -15.31 20.88
CA VAL P 109 -31.57 -15.28 22.10
C VAL P 109 -32.51 -16.48 22.15
N PRO P 110 -32.69 -17.12 23.30
CA PRO P 110 -32.05 -16.80 24.60
C PRO P 110 -30.59 -17.23 24.67
N SER P 111 -29.77 -16.55 25.47
CA SER P 111 -28.40 -16.95 25.71
C SER P 111 -28.21 -17.04 27.21
N THR P 112 -27.13 -17.72 27.63
CA THR P 112 -26.82 -17.92 29.04
C THR P 112 -25.42 -17.43 29.32
N LEU P 113 -25.30 -16.46 30.23
CA LEU P 113 -24.02 -16.04 30.78
C LEU P 113 -23.71 -16.86 32.04
N THR P 114 -22.47 -17.34 32.13
CA THR P 114 -22.03 -18.08 33.31
C THR P 114 -20.68 -17.56 33.76
N LEU P 115 -20.27 -18.00 34.96
CA LEU P 115 -18.95 -17.72 35.54
C LEU P 115 -18.32 -19.07 35.88
N ILE P 116 -17.26 -19.44 35.16
CA ILE P 116 -16.71 -20.79 35.20
C ILE P 116 -15.29 -20.75 35.74
N ASN P 117 -14.89 -21.81 36.44
CA ASN P 117 -13.58 -21.92 37.08
C ASN P 117 -12.55 -22.52 36.12
N ASN P 118 -11.30 -22.00 36.17
CA ASN P 118 -10.15 -22.53 35.42
C ASN P 118 -8.93 -22.81 36.31
N THR P 119 -9.11 -22.96 37.61
CA THR P 119 -8.05 -22.66 38.57
C THR P 119 -6.88 -23.64 38.54
N SER P 120 -5.66 -23.10 38.61
CA SER P 120 -4.47 -23.91 38.74
C SER P 120 -4.53 -24.74 40.01
N SER P 121 -4.45 -26.07 39.85
CA SER P 121 -4.72 -27.01 40.93
C SER P 121 -5.98 -26.57 41.65
N ALA P 122 -7.14 -26.76 41.01
CA ALA P 122 -8.39 -26.25 41.56
C ALA P 122 -8.58 -26.70 42.99
N GLY P 123 -8.21 -27.95 43.29
CA GLY P 123 -8.69 -28.63 44.49
C GLY P 123 -10.20 -28.50 44.57
N THR P 124 -10.79 -28.10 43.43
CA THR P 124 -12.08 -27.44 43.33
C THR P 124 -12.15 -26.20 44.23
N ILE P 125 -12.31 -25.03 43.62
CA ILE P 125 -12.27 -23.78 44.36
C ILE P 125 -13.46 -23.68 45.30
N THR P 126 -13.20 -23.33 46.56
CA THR P 126 -14.22 -23.07 47.55
C THR P 126 -14.27 -21.59 47.85
N LEU P 127 -15.47 -21.00 47.74
CA LEU P 127 -15.67 -19.59 48.05
C LEU P 127 -15.66 -19.36 49.56
N SER P 128 -15.49 -18.10 49.94
CA SER P 128 -15.47 -17.66 51.32
C SER P 128 -16.45 -16.51 51.49
N ASN P 129 -17.21 -16.53 52.59
CA ASN P 129 -18.16 -15.46 52.88
C ASN P 129 -17.84 -14.74 54.18
N SER P 130 -16.60 -14.88 54.68
CA SER P 130 -16.25 -14.32 55.99
C SER P 130 -14.94 -13.56 55.98
N ASP P 131 -14.44 -13.19 54.81
CA ASP P 131 -13.11 -12.57 54.75
C ASP P 131 -13.14 -11.15 55.32
N GLY P 132 -12.25 -10.89 56.29
CA GLY P 132 -12.07 -9.57 56.85
C GLY P 132 -13.05 -9.17 57.94
N GLY P 133 -14.05 -9.99 58.24
CA GLY P 133 -15.05 -9.53 59.17
C GLY P 133 -15.80 -10.69 59.81
N SER P 134 -16.70 -10.32 60.71
CA SER P 134 -17.47 -11.31 61.46
C SER P 134 -18.84 -11.55 60.87
N LEU P 135 -19.31 -10.69 59.99
CA LEU P 135 -20.62 -10.88 59.38
C LEU P 135 -20.45 -11.57 58.03
N THR P 136 -21.57 -11.75 57.33
CA THR P 136 -21.59 -12.51 56.09
C THR P 136 -21.43 -11.56 54.91
N ASN P 137 -20.42 -11.84 54.08
CA ASN P 137 -20.16 -11.08 52.86
C ASN P 137 -20.87 -11.71 51.67
N VAL P 138 -21.02 -10.92 50.61
CA VAL P 138 -21.23 -11.51 49.30
C VAL P 138 -19.98 -12.27 48.90
N SER P 139 -20.13 -13.56 48.57
CA SER P 139 -18.97 -14.32 48.16
C SER P 139 -18.78 -14.36 46.65
N ALA P 140 -19.81 -14.03 45.90
CA ALA P 140 -19.77 -13.97 44.45
C ALA P 140 -20.92 -13.09 44.01
N SER P 141 -20.70 -12.32 42.94
CA SER P 141 -21.75 -11.44 42.46
C SER P 141 -21.50 -11.08 41.00
N ILE P 142 -22.60 -10.87 40.29
CA ILE P 142 -22.54 -10.39 38.92
C ILE P 142 -23.47 -9.18 38.82
N SER P 143 -22.99 -8.14 38.18
CA SER P 143 -23.78 -6.94 37.89
C SER P 143 -23.72 -6.73 36.39
N ILE P 144 -24.87 -6.76 35.73
CA ILE P 144 -24.90 -6.70 34.28
C ILE P 144 -25.94 -5.66 33.83
N PHE P 145 -25.55 -4.81 32.89
CA PHE P 145 -26.53 -3.98 32.21
C PHE P 145 -26.24 -3.97 30.72
N GLN P 146 -27.27 -3.64 29.94
CA GLN P 146 -27.12 -3.54 28.51
C GLN P 146 -26.68 -2.13 28.13
N VAL P 147 -25.82 -2.04 27.13
CA VAL P 147 -25.25 -0.77 26.73
C VAL P 147 -25.37 -0.64 25.21
N GLY P 148 -25.76 -1.72 24.54
CA GLY P 148 -25.79 -1.71 23.09
C GLY P 148 -26.90 -2.50 22.43
N GLY Q 10 -25.24 8.46 27.75
CA GLY Q 10 -26.63 8.12 27.99
C GLY Q 10 -27.47 9.25 28.54
N LEU Q 11 -27.26 9.53 29.83
CA LEU Q 11 -27.86 10.56 30.69
C LEU Q 11 -28.81 9.90 31.69
N THR Q 12 -28.42 10.01 32.96
CA THR Q 12 -29.15 9.51 34.12
C THR Q 12 -28.57 10.25 35.32
N ASN Q 13 -29.12 10.02 36.50
CA ASN Q 13 -28.47 10.56 37.68
C ASN Q 13 -27.16 9.80 37.93
N TYR Q 14 -26.04 10.52 37.94
CA TYR Q 14 -24.75 9.91 38.23
C TYR Q 14 -24.05 10.72 39.31
N LEU Q 15 -23.26 10.02 40.14
CA LEU Q 15 -22.45 10.68 41.15
C LEU Q 15 -21.16 9.89 41.40
N TYR Q 16 -20.04 10.61 41.43
CA TYR Q 16 -18.74 10.06 41.81
C TYR Q 16 -18.15 10.89 42.94
N VAL Q 17 -17.94 10.28 44.11
CA VAL Q 17 -17.17 10.86 45.20
C VAL Q 17 -15.96 9.97 45.46
N PHE Q 18 -14.90 10.55 46.05
CA PHE Q 18 -13.73 9.77 46.42
C PHE Q 18 -13.00 10.46 47.57
N ASP Q 19 -12.06 9.74 48.17
CA ASP Q 19 -11.22 10.26 49.24
C ASP Q 19 -9.76 9.97 48.91
N THR Q 20 -8.85 10.74 49.54
CA THR Q 20 -7.42 10.64 49.28
C THR Q 20 -6.59 10.72 50.57
N THR Q 21 -7.13 10.26 51.68
CA THR Q 21 -6.43 10.41 52.96
C THR Q 21 -6.16 9.05 53.60
N ASN Q 22 -5.40 9.10 54.69
CA ASN Q 22 -5.18 7.94 55.55
C ASN Q 22 -6.12 8.00 56.75
N GLN Q 23 -7.41 8.05 56.44
CA GLN Q 23 -8.46 8.23 57.43
C GLN Q 23 -8.67 6.97 58.26
N SER Q 24 -9.23 7.18 59.44
CA SER Q 24 -9.57 6.12 60.39
C SER Q 24 -11.07 5.90 60.35
N ILE Q 25 -11.48 4.64 60.41
CA ILE Q 25 -12.90 4.29 60.39
C ILE Q 25 -13.12 3.25 61.48
N ALA Q 26 -13.79 3.65 62.56
CA ALA Q 26 -14.17 2.72 63.62
C ALA Q 26 -15.30 1.80 63.12
N VAL Q 27 -15.52 0.72 63.87
CA VAL Q 27 -16.61 -0.19 63.55
C VAL Q 27 -17.95 0.53 63.69
N GLY Q 28 -18.76 0.48 62.64
CA GLY Q 28 -20.05 1.14 62.66
C GLY Q 28 -20.03 2.59 62.22
N SER Q 29 -18.85 3.14 61.92
CA SER Q 29 -18.73 4.46 61.31
C SER Q 29 -18.70 4.34 59.80
N SER Q 30 -18.79 5.50 59.14
CA SER Q 30 -18.86 5.59 57.69
C SER Q 30 -17.59 6.21 57.12
N VAL Q 31 -17.33 5.88 55.86
CA VAL Q 31 -16.17 6.42 55.16
C VAL Q 31 -16.52 7.81 54.64
N THR Q 32 -15.67 8.79 54.94
CA THR Q 32 -15.83 10.13 54.41
C THR Q 32 -15.09 10.26 53.09
N PHE Q 33 -15.54 11.20 52.26
CA PHE Q 33 -14.91 11.45 50.97
C PHE Q 33 -14.59 12.94 50.87
N ASN Q 34 -13.31 13.27 50.74
CA ASN Q 34 -12.91 14.68 50.77
C ASN Q 34 -13.08 15.38 49.43
N THR Q 35 -13.52 14.68 48.39
CA THR Q 35 -13.66 15.26 47.07
C THR Q 35 -14.94 14.77 46.41
N ASN Q 36 -15.55 15.66 45.64
CA ASN Q 36 -16.68 15.34 44.79
C ASN Q 36 -16.20 15.33 43.34
N GLY Q 37 -16.49 14.23 42.64
CA GLY Q 37 -16.20 14.16 41.23
C GLY Q 37 -17.35 14.68 40.40
N PRO Q 38 -17.42 14.30 39.13
CA PRO Q 38 -18.53 14.75 38.29
C PRO Q 38 -19.86 14.20 38.78
N ILE Q 39 -20.89 15.04 38.73
CA ILE Q 39 -22.24 14.70 39.16
C ILE Q 39 -23.22 15.06 38.04
N THR Q 40 -24.16 14.17 37.75
CA THR Q 40 -25.09 14.35 36.64
C THR Q 40 -26.52 14.15 37.13
N GLY Q 41 -27.43 15.03 36.72
CA GLY Q 41 -28.75 15.03 37.30
C GLY Q 41 -28.78 15.71 38.65
N THR Q 42 -29.96 15.67 39.29
CA THR Q 42 -30.15 16.36 40.56
C THR Q 42 -30.56 15.44 41.71
N ALA Q 43 -30.66 14.13 41.49
CA ALA Q 43 -31.08 13.25 42.57
C ALA Q 43 -29.96 12.93 43.54
N LEU Q 44 -28.71 13.03 43.12
CA LEU Q 44 -27.57 12.57 43.92
C LEU Q 44 -26.75 13.76 44.37
N SER Q 45 -26.39 13.78 45.66
CA SER Q 45 -25.60 14.85 46.23
C SER Q 45 -24.69 14.28 47.31
N HIS Q 46 -23.66 15.05 47.64
CA HIS Q 46 -22.77 14.67 48.73
C HIS Q 46 -22.02 15.90 49.20
N ILE Q 47 -22.11 16.20 50.49
CA ILE Q 47 -21.34 17.29 51.06
C ILE Q 47 -19.89 16.82 51.21
N THR Q 48 -18.95 17.64 50.74
CA THR Q 48 -17.57 17.20 50.63
C THR Q 48 -16.95 17.09 52.02
N GLY Q 49 -16.41 15.91 52.33
CA GLY Q 49 -15.87 15.64 53.64
C GLY Q 49 -16.75 14.80 54.54
N THR Q 50 -17.91 14.36 54.06
CA THR Q 50 -18.83 13.51 54.82
C THR Q 50 -18.89 12.11 54.23
N GLY Q 51 -19.77 11.29 54.79
CA GLY Q 51 -19.95 9.93 54.32
C GLY Q 51 -21.36 9.61 53.84
N ASN Q 52 -22.19 10.63 53.63
CA ASN Q 52 -23.59 10.44 53.28
C ASN Q 52 -23.80 10.82 51.82
N ILE Q 53 -24.34 9.89 51.03
CA ILE Q 53 -24.82 10.18 49.69
C ILE Q 53 -26.35 10.23 49.77
N ILE Q 54 -26.92 11.41 49.62
CA ILE Q 54 -28.36 11.61 49.70
C ILE Q 54 -28.97 11.34 48.35
N ILE Q 55 -30.15 10.72 48.34
CA ILE Q 55 -30.81 10.33 47.09
C ILE Q 55 -32.23 10.88 47.11
N ASN Q 56 -32.54 11.77 46.15
CA ASN Q 56 -33.79 12.52 46.13
C ASN Q 56 -34.78 12.04 45.07
N THR Q 57 -34.54 10.87 44.47
CA THR Q 57 -35.47 10.36 43.46
C THR Q 57 -35.69 8.88 43.69
N LEU Q 58 -36.96 8.48 43.67
CA LEU Q 58 -37.29 7.06 43.80
C LEU Q 58 -36.78 6.29 42.60
N GLY Q 59 -36.34 5.07 42.83
CA GLY Q 59 -35.97 4.18 41.74
C GLY Q 59 -34.84 3.26 42.13
N THR Q 60 -34.35 2.55 41.13
CA THR Q 60 -33.28 1.60 41.31
C THR Q 60 -31.94 2.25 40.98
N TYR Q 61 -30.95 1.99 41.82
CA TYR Q 61 -29.62 2.56 41.66
C TYR Q 61 -28.58 1.45 41.74
N VAL Q 62 -27.44 1.66 41.09
CA VAL Q 62 -26.32 0.73 41.18
C VAL Q 62 -25.09 1.49 41.69
N ALA Q 63 -24.50 0.99 42.77
CA ALA Q 63 -23.40 1.67 43.45
C ALA Q 63 -22.20 0.75 43.49
N GLU Q 64 -21.02 1.33 43.24
CA GLU Q 64 -19.75 0.62 43.29
C GLU Q 64 -18.89 1.29 44.34
N PHE Q 65 -18.23 0.49 45.18
CA PHE Q 65 -17.32 1.05 46.17
C PHE Q 65 -15.96 0.37 46.08
N GLN Q 66 -14.92 1.18 46.37
CA GLN Q 66 -13.52 0.76 46.38
C GLN Q 66 -12.90 1.18 47.71
N LEU Q 67 -11.98 0.36 48.22
CA LEU Q 67 -11.36 0.63 49.50
C LEU Q 67 -9.99 -0.02 49.58
N GLN Q 68 -8.96 0.82 49.75
CA GLN Q 68 -7.59 0.38 50.02
C GLN Q 68 -7.26 0.72 51.47
N ALA Q 69 -7.14 -0.30 52.30
CA ALA Q 69 -6.88 -0.12 53.72
C ALA Q 69 -5.68 -0.96 54.16
N SER Q 70 -5.09 -0.53 55.29
CA SER Q 70 -3.81 -1.08 55.74
C SER Q 70 -3.90 -2.52 56.18
N ARG Q 71 -5.10 -3.11 56.26
CA ARG Q 71 -5.22 -4.53 56.56
C ARG Q 71 -6.58 -5.02 56.09
N GLU Q 72 -6.84 -6.31 56.31
CA GLU Q 72 -8.08 -6.93 55.87
C GLU Q 72 -9.27 -6.31 56.62
N ASN Q 73 -10.45 -6.34 55.97
CA ASN Q 73 -11.54 -5.51 56.46
C ASN Q 73 -12.86 -5.95 55.83
N GLN Q 74 -13.96 -5.55 56.50
CA GLN Q 74 -15.33 -5.88 56.10
C GLN Q 74 -16.18 -4.63 56.12
N PHE Q 75 -16.75 -4.28 54.95
CA PHE Q 75 -17.50 -3.05 54.77
C PHE Q 75 -18.81 -3.34 54.06
N SER Q 76 -19.82 -2.48 54.31
CA SER Q 76 -21.16 -2.69 53.77
C SER Q 76 -21.81 -1.37 53.38
N LEU Q 77 -22.40 -1.35 52.19
CA LEU Q 77 -23.30 -0.26 51.81
C LEU Q 77 -24.56 -0.31 52.67
N GLU Q 78 -24.99 0.86 53.13
CA GLU Q 78 -26.17 0.97 53.98
C GLU Q 78 -27.09 2.04 53.45
N LEU Q 79 -28.38 1.74 53.44
CA LEU Q 79 -29.42 2.68 53.05
C LEU Q 79 -30.19 3.05 54.29
N ASN Q 80 -30.15 4.34 54.65
CA ASN Q 80 -30.85 4.86 55.83
C ASN Q 80 -30.44 4.11 57.10
N GLY Q 81 -29.21 3.62 57.14
CA GLY Q 81 -28.69 2.95 58.30
C GLY Q 81 -28.97 1.47 58.39
N THR Q 82 -29.39 0.84 57.30
CA THR Q 82 -29.62 -0.60 57.23
C THR Q 82 -28.76 -1.21 56.13
N PRO Q 83 -28.01 -2.29 56.42
CA PRO Q 83 -27.19 -2.92 55.37
C PRO Q 83 -28.05 -3.42 54.22
N ILE Q 84 -27.71 -2.99 53.02
CA ILE Q 84 -28.46 -3.31 51.80
C ILE Q 84 -28.23 -4.77 51.44
N PRO Q 85 -29.30 -5.51 51.06
CA PRO Q 85 -29.11 -6.85 50.47
C PRO Q 85 -27.99 -6.92 49.45
N GLY Q 86 -27.01 -7.78 49.68
CA GLY Q 86 -25.91 -7.95 48.74
C GLY Q 86 -24.94 -6.78 48.65
N GLY Q 87 -24.82 -5.98 49.70
CA GLY Q 87 -23.93 -4.84 49.69
C GLY Q 87 -22.75 -4.87 50.64
N ARG Q 88 -22.42 -6.03 51.22
CA ARG Q 88 -21.30 -6.16 52.15
C ARG Q 88 -20.21 -7.03 51.53
N PHE Q 89 -18.98 -6.51 51.52
CA PHE Q 89 -17.85 -7.18 50.91
C PHE Q 89 -16.64 -7.07 51.83
N GLY Q 90 -15.72 -8.02 51.67
CA GLY Q 90 -14.50 -8.01 52.46
C GLY Q 90 -13.39 -8.72 51.70
N THR Q 91 -12.15 -8.47 52.14
CA THR Q 91 -11.01 -9.23 51.69
C THR Q 91 -10.23 -9.72 52.89
N GLY Q 92 -9.55 -10.84 52.70
CA GLY Q 92 -8.71 -11.46 53.70
C GLY Q 92 -7.25 -11.13 53.59
N SER Q 93 -6.85 -10.31 52.61
CA SER Q 93 -5.46 -9.91 52.46
C SER Q 93 -5.27 -8.44 52.83
N PRO Q 94 -4.23 -8.12 53.58
CA PRO Q 94 -3.97 -6.71 53.92
C PRO Q 94 -3.43 -5.94 52.74
N HIS Q 95 -3.65 -4.61 52.76
CA HIS Q 95 -3.21 -3.70 51.71
C HIS Q 95 -3.60 -4.19 50.31
N SER Q 96 -4.72 -4.90 50.19
CA SER Q 96 -5.28 -5.24 48.89
C SER Q 96 -6.70 -4.70 48.82
N ILE Q 97 -7.16 -4.43 47.59
CA ILE Q 97 -8.39 -3.67 47.40
C ILE Q 97 -9.58 -4.42 48.01
N ASN Q 98 -10.56 -3.67 48.50
CA ASN Q 98 -11.86 -4.22 48.90
C ASN Q 98 -12.93 -3.59 48.01
N GLN Q 99 -13.52 -4.38 47.12
CA GLN Q 99 -14.37 -3.85 46.08
C GLN Q 99 -15.69 -4.61 46.00
N GLY Q 100 -16.76 -3.87 45.71
CA GLY Q 100 -18.06 -4.49 45.53
C GLY Q 100 -19.07 -3.62 44.81
N THR Q 101 -19.81 -4.22 43.89
CA THR Q 101 -20.87 -3.54 43.15
C THR Q 101 -22.21 -4.09 43.60
N ALA Q 102 -23.16 -3.21 43.88
CA ALA Q 102 -24.47 -3.62 44.37
C ALA Q 102 -25.52 -2.64 43.89
N ALA Q 103 -26.74 -3.17 43.73
CA ALA Q 103 -27.90 -2.42 43.28
C ALA Q 103 -28.97 -2.46 44.35
N PHE Q 104 -29.79 -1.41 44.40
CA PHE Q 104 -30.72 -1.29 45.50
C PHE Q 104 -31.84 -0.36 45.09
N THR Q 105 -33.00 -0.52 45.74
CA THR Q 105 -34.20 0.23 45.42
C THR Q 105 -34.45 1.29 46.50
N VAL Q 106 -34.90 2.46 46.07
CA VAL Q 106 -35.10 3.63 46.93
C VAL Q 106 -36.62 3.84 47.06
N THR Q 107 -37.18 3.48 48.21
CA THR Q 107 -38.63 3.49 48.37
C THR Q 107 -39.17 4.76 49.01
N VAL Q 108 -38.39 5.40 49.88
CA VAL Q 108 -38.75 6.71 50.44
C VAL Q 108 -37.64 7.68 50.09
N VAL Q 109 -38.04 8.89 49.71
CA VAL Q 109 -37.08 9.96 49.41
C VAL Q 109 -37.25 11.05 50.47
N PRO Q 110 -36.15 11.65 50.94
CA PRO Q 110 -34.76 11.32 50.61
C PRO Q 110 -34.27 10.05 51.31
N SER Q 111 -33.30 9.37 50.71
CA SER Q 111 -32.56 8.30 51.36
C SER Q 111 -31.08 8.64 51.39
N THR Q 112 -30.38 8.04 52.33
CA THR Q 112 -28.95 8.25 52.52
C THR Q 112 -28.20 6.93 52.34
N LEU Q 113 -27.22 6.94 51.44
CA LEU Q 113 -26.36 5.79 51.18
C LEU Q 113 -25.02 6.01 51.88
N THR Q 114 -24.63 5.05 52.72
CA THR Q 114 -23.37 5.12 53.44
C THR Q 114 -22.52 3.89 53.16
N LEU Q 115 -21.22 4.02 53.44
CA LEU Q 115 -20.27 2.90 53.39
C LEU Q 115 -19.73 2.71 54.81
N ILE Q 116 -20.22 1.68 55.50
CA ILE Q 116 -20.01 1.50 56.93
C ILE Q 116 -18.96 0.42 57.18
N ASN Q 117 -18.07 0.68 58.15
CA ASN Q 117 -17.24 -0.39 58.70
C ASN Q 117 -18.17 -1.37 59.40
N ASN Q 118 -18.65 -2.37 58.66
CA ASN Q 118 -19.59 -3.34 59.21
C ASN Q 118 -18.77 -4.50 59.74
N THR Q 119 -18.30 -4.33 60.98
CA THR Q 119 -17.68 -5.39 61.77
C THR Q 119 -16.45 -5.99 61.06
N SER Q 120 -15.44 -5.15 60.86
CA SER Q 120 -14.13 -5.63 60.46
C SER Q 120 -13.43 -6.33 61.62
N SER Q 121 -12.69 -7.39 61.30
CA SER Q 121 -12.16 -8.27 62.36
C SER Q 121 -11.12 -7.58 63.23
N ALA Q 122 -10.41 -6.60 62.69
CA ALA Q 122 -9.44 -5.86 63.49
C ALA Q 122 -10.02 -4.65 64.21
N GLY Q 123 -11.29 -4.33 63.97
CA GLY Q 123 -11.94 -3.19 64.63
C GLY Q 123 -11.84 -1.93 63.77
N THR Q 124 -11.13 -0.93 64.29
CA THR Q 124 -10.88 0.28 63.51
C THR Q 124 -9.91 -0.04 62.37
N ILE Q 125 -10.31 0.32 61.15
CA ILE Q 125 -9.50 0.13 59.97
C ILE Q 125 -8.96 1.50 59.56
N THR Q 126 -7.73 1.52 59.08
CA THR Q 126 -7.13 2.76 58.58
C THR Q 126 -6.84 2.58 57.10
N LEU Q 127 -7.21 3.60 56.31
CA LEU Q 127 -7.02 3.55 54.87
C LEU Q 127 -5.60 3.93 54.50
N SER Q 128 -5.13 3.38 53.38
CA SER Q 128 -3.84 3.76 52.80
C SER Q 128 -4.07 4.63 51.57
N ASN Q 129 -3.35 5.75 51.49
CA ASN Q 129 -3.33 6.56 50.27
C ASN Q 129 -1.99 6.47 49.56
N SER Q 130 -1.22 5.42 49.81
CA SER Q 130 0.16 5.37 49.38
C SER Q 130 0.60 4.04 48.77
N ASP Q 131 -0.29 3.04 48.70
CA ASP Q 131 0.12 1.70 48.30
C ASP Q 131 0.61 1.66 46.86
N GLY Q 132 1.80 1.09 46.67
CA GLY Q 132 2.34 0.86 45.35
C GLY Q 132 3.18 1.99 44.78
N GLY Q 133 3.00 3.24 45.27
CA GLY Q 133 3.56 4.36 44.57
C GLY Q 133 4.06 5.47 45.46
N SER Q 134 4.71 6.44 44.82
CA SER Q 134 5.22 7.63 45.48
C SER Q 134 4.24 8.79 45.49
N LEU Q 135 3.09 8.65 44.82
CA LEU Q 135 2.08 9.70 44.76
C LEU Q 135 0.85 9.27 45.56
N THR Q 136 -0.16 10.14 45.54
CA THR Q 136 -1.36 9.97 46.34
C THR Q 136 -2.39 9.14 45.57
N ASN Q 137 -2.89 8.09 46.23
CA ASN Q 137 -3.93 7.22 45.70
C ASN Q 137 -5.29 7.65 46.23
N VAL Q 138 -6.33 7.24 45.49
CA VAL Q 138 -7.68 7.27 46.05
C VAL Q 138 -7.78 6.13 47.06
N SER Q 139 -8.17 6.47 48.29
CA SER Q 139 -8.22 5.49 49.36
C SER Q 139 -9.61 4.87 49.51
N ALA Q 140 -10.65 5.53 49.00
CA ALA Q 140 -12.00 4.99 48.98
C ALA Q 140 -12.84 5.83 48.02
N SER Q 141 -13.89 5.24 47.48
CA SER Q 141 -14.69 5.90 46.46
C SER Q 141 -15.97 5.12 46.21
N ILE Q 142 -17.06 5.85 45.92
CA ILE Q 142 -18.33 5.28 45.47
C ILE Q 142 -18.72 5.92 44.15
N SER Q 143 -19.01 5.09 43.15
CA SER Q 143 -19.58 5.53 41.88
C SER Q 143 -20.97 4.92 41.73
N ILE Q 144 -21.99 5.76 41.61
CA ILE Q 144 -23.39 5.34 41.61
C ILE Q 144 -24.13 6.02 40.45
N PHE Q 145 -25.10 5.28 39.86
CA PHE Q 145 -25.99 5.86 38.88
C PHE Q 145 -27.37 5.18 38.93
N GLN Q 146 -28.35 5.91 38.41
CA GLN Q 146 -29.71 5.36 38.35
C GLN Q 146 -29.87 4.48 37.12
N VAL Q 147 -30.53 3.33 37.32
CA VAL Q 147 -30.89 2.43 36.23
C VAL Q 147 -32.40 2.30 36.05
N GLY Q 148 -33.20 2.57 37.06
CA GLY Q 148 -34.64 2.36 36.97
C GLY Q 148 -35.43 3.49 37.59
N SER R 8 -37.66 6.00 25.51
CA SER R 8 -36.50 6.74 26.01
C SER R 8 -35.36 5.80 26.42
N VAL R 9 -34.42 5.58 25.51
CA VAL R 9 -33.33 4.64 25.71
C VAL R 9 -32.08 5.43 26.08
N GLY R 10 -31.10 4.73 26.69
CA GLY R 10 -29.90 5.39 27.17
C GLY R 10 -28.73 4.45 27.35
N LEU R 11 -27.60 5.04 27.74
CA LEU R 11 -26.28 4.39 27.80
C LEU R 11 -25.87 3.85 26.43
N THR R 12 -25.66 4.79 25.52
CA THR R 12 -25.43 4.44 24.13
C THR R 12 -23.95 4.34 23.78
N ASN R 13 -23.10 5.20 24.33
CA ASN R 13 -21.67 5.17 24.03
C ASN R 13 -20.93 4.35 25.09
N TYR R 14 -20.27 3.29 24.65
CA TYR R 14 -19.55 2.37 25.53
C TYR R 14 -18.31 1.85 24.82
N LEU R 15 -17.25 1.63 25.59
CA LEU R 15 -16.04 1.03 25.06
C LEU R 15 -15.44 0.04 26.04
N TYR R 16 -15.03 -1.13 25.54
CA TYR R 16 -14.29 -2.12 26.32
C TYR R 16 -13.04 -2.52 25.56
N VAL R 17 -11.89 -2.40 26.21
CA VAL R 17 -10.59 -2.73 25.64
C VAL R 17 -9.81 -3.49 26.70
N PHE R 18 -8.99 -4.45 26.26
CA PHE R 18 -8.25 -5.29 27.19
C PHE R 18 -6.97 -5.75 26.52
N ASP R 19 -6.07 -6.26 27.36
CA ASP R 19 -4.78 -6.79 26.94
C ASP R 19 -4.59 -8.19 27.55
N THR R 20 -3.74 -8.98 26.91
CA THR R 20 -3.50 -10.36 27.33
C THR R 20 -2.02 -10.68 27.41
N THR R 21 -1.15 -9.71 27.21
CA THR R 21 0.28 -9.95 27.19
C THR R 21 0.90 -9.66 28.56
N ASN R 22 2.17 -10.00 28.69
CA ASN R 22 2.96 -9.73 29.88
C ASN R 22 3.82 -8.49 29.68
N GLN R 23 3.19 -7.43 29.20
CA GLN R 23 3.90 -6.22 28.78
C GLN R 23 4.53 -5.51 29.98
N SER R 24 5.54 -4.70 29.69
CA SER R 24 6.27 -3.92 30.68
C SER R 24 5.98 -2.45 30.44
N ILE R 25 5.52 -1.77 31.49
CA ILE R 25 5.14 -0.36 31.41
C ILE R 25 6.10 0.43 32.29
N ALA R 26 6.87 1.31 31.68
CA ALA R 26 7.79 2.15 32.44
C ALA R 26 7.05 3.33 33.04
N VAL R 27 7.68 3.93 34.06
CA VAL R 27 7.14 5.09 34.77
C VAL R 27 6.80 6.19 33.78
N GLY R 28 5.53 6.61 33.77
CA GLY R 28 5.05 7.58 32.82
C GLY R 28 4.51 7.00 31.53
N SER R 29 4.88 5.77 31.19
CA SER R 29 4.37 5.14 29.99
C SER R 29 2.96 4.64 30.21
N SER R 30 2.29 4.30 29.12
CA SER R 30 0.89 3.90 29.13
C SER R 30 0.76 2.39 28.90
N VAL R 31 -0.27 1.80 29.50
CA VAL R 31 -0.62 0.43 29.18
C VAL R 31 -1.08 0.36 27.73
N THR R 32 -0.71 -0.71 27.04
CA THR R 32 -1.22 -0.96 25.71
C THR R 32 -2.29 -2.05 25.77
N PHE R 33 -3.20 -2.00 24.81
CA PHE R 33 -4.31 -2.95 24.75
C PHE R 33 -4.29 -3.58 23.38
N ASN R 34 -4.06 -4.90 23.34
CA ASN R 34 -3.94 -5.62 22.08
C ASN R 34 -5.28 -6.10 21.52
N THR R 35 -6.34 -6.07 22.31
CA THR R 35 -7.64 -6.51 21.82
C THR R 35 -8.73 -5.49 22.13
N ASN R 36 -9.63 -5.32 21.17
CA ASN R 36 -10.82 -4.50 21.33
C ASN R 36 -12.00 -5.40 21.67
N GLY R 37 -12.68 -5.06 22.75
CA GLY R 37 -13.98 -5.63 23.02
C GLY R 37 -15.05 -4.84 22.29
N PRO R 38 -16.31 -5.06 22.66
CA PRO R 38 -17.41 -4.33 22.02
C PRO R 38 -17.25 -2.82 22.16
N ILE R 39 -17.61 -2.11 21.08
CA ILE R 39 -17.58 -0.64 21.01
C ILE R 39 -18.92 -0.22 20.43
N THR R 40 -19.76 0.41 21.24
CA THR R 40 -21.05 0.90 20.78
C THR R 40 -21.02 2.42 20.69
N GLY R 41 -21.60 2.96 19.61
CA GLY R 41 -21.64 4.38 19.38
C GLY R 41 -20.41 4.88 18.65
N THR R 42 -20.40 6.18 18.41
CA THR R 42 -19.39 6.81 17.57
C THR R 42 -18.44 7.72 18.35
N ALA R 43 -18.68 7.94 19.64
CA ALA R 43 -17.84 8.83 20.41
C ALA R 43 -16.50 8.21 20.77
N LEU R 44 -16.47 6.89 21.02
CA LEU R 44 -15.30 6.24 21.61
C LEU R 44 -14.63 5.30 20.60
N SER R 45 -13.30 5.27 20.63
CA SER R 45 -12.50 4.53 19.66
C SER R 45 -11.15 4.18 20.27
N HIS R 46 -10.50 3.20 19.66
CA HIS R 46 -9.18 2.79 20.10
C HIS R 46 -8.54 1.87 19.07
N ILE R 47 -7.34 2.22 18.61
CA ILE R 47 -6.63 1.41 17.63
C ILE R 47 -5.89 0.30 18.37
N THR R 48 -6.16 -0.95 18.00
CA THR R 48 -5.55 -2.06 18.71
C THR R 48 -4.02 -1.98 18.65
N GLY R 49 -3.39 -2.27 19.79
CA GLY R 49 -1.95 -2.12 19.95
C GLY R 49 -1.54 -0.86 20.68
N THR R 50 -2.40 0.15 20.71
CA THR R 50 -2.05 1.44 21.30
C THR R 50 -2.48 1.50 22.77
N GLY R 51 -2.15 2.61 23.43
CA GLY R 51 -2.67 2.91 24.74
C GLY R 51 -3.74 3.97 24.78
N ASN R 52 -4.20 4.48 23.64
CA ASN R 52 -5.00 5.68 23.58
C ASN R 52 -6.44 5.35 23.23
N ILE R 53 -7.36 5.61 24.16
CA ILE R 53 -8.80 5.57 23.90
C ILE R 53 -9.23 6.98 23.51
N ILE R 54 -9.66 7.17 22.27
CA ILE R 54 -9.95 8.51 21.78
C ILE R 54 -11.41 8.84 22.10
N ILE R 55 -11.65 10.06 22.56
CA ILE R 55 -12.96 10.53 22.97
C ILE R 55 -13.33 11.75 22.11
N ASN R 56 -14.42 11.63 21.34
CA ASN R 56 -14.78 12.66 20.36
C ASN R 56 -16.07 13.38 20.68
N THR R 57 -16.54 13.33 21.92
CA THR R 57 -17.72 14.09 22.29
C THR R 57 -17.53 14.64 23.70
N LEU R 58 -17.96 15.88 23.90
CA LEU R 58 -17.90 16.48 25.22
C LEU R 58 -18.92 15.83 26.16
N GLY R 59 -18.58 15.78 27.43
CA GLY R 59 -19.50 15.33 28.45
C GLY R 59 -18.76 14.62 29.57
N THR R 60 -19.54 13.94 30.41
CA THR R 60 -19.01 13.17 31.51
C THR R 60 -18.97 11.68 31.18
N TYR R 61 -17.85 11.03 31.52
CA TYR R 61 -17.64 9.62 31.25
C TYR R 61 -17.30 8.90 32.55
N VAL R 62 -17.62 7.60 32.60
CA VAL R 62 -17.39 6.75 33.75
C VAL R 62 -16.47 5.62 33.31
N ALA R 63 -15.21 5.66 33.74
CA ALA R 63 -14.21 4.67 33.37
C ALA R 63 -13.89 3.75 34.56
N GLU R 64 -13.75 2.46 34.24
CA GLU R 64 -13.27 1.42 35.15
C GLU R 64 -12.03 0.80 34.53
N PHE R 65 -10.97 0.63 35.32
CA PHE R 65 -9.78 -0.05 34.83
C PHE R 65 -9.38 -1.16 35.78
N GLN R 66 -8.75 -2.18 35.21
CA GLN R 66 -8.23 -3.34 35.91
C GLN R 66 -6.81 -3.57 35.42
N LEU R 67 -5.92 -3.92 36.34
CA LEU R 67 -4.53 -4.15 35.98
C LEU R 67 -3.99 -5.27 36.86
N GLN R 68 -3.37 -6.28 36.26
CA GLN R 68 -2.84 -7.42 36.99
C GLN R 68 -1.35 -7.52 36.72
N ALA R 69 -0.55 -7.24 37.75
CA ALA R 69 0.89 -7.18 37.61
C ALA R 69 1.55 -8.01 38.70
N SER R 70 2.84 -8.29 38.52
CA SER R 70 3.57 -9.17 39.41
C SER R 70 4.14 -8.47 40.64
N ARG R 71 4.00 -7.14 40.73
CA ARG R 71 4.48 -6.39 41.88
C ARG R 71 3.47 -5.30 42.21
N GLU R 72 3.56 -4.80 43.46
CA GLU R 72 2.75 -3.66 43.86
C GLU R 72 2.95 -2.50 42.89
N ASN R 73 1.87 -1.80 42.60
CA ASN R 73 1.90 -0.79 41.56
C ASN R 73 0.91 0.33 41.88
N GLN R 74 1.13 1.47 41.24
CA GLN R 74 0.25 2.62 41.36
C GLN R 74 0.06 3.16 39.95
N PHE R 75 -1.16 3.08 39.44
CA PHE R 75 -1.49 3.59 38.13
C PHE R 75 -2.54 4.67 38.26
N SER R 76 -2.57 5.57 37.26
CA SER R 76 -3.53 6.67 37.21
C SER R 76 -4.11 6.79 35.81
N LEU R 77 -5.43 6.90 35.72
CA LEU R 77 -6.05 7.31 34.46
C LEU R 77 -5.69 8.76 34.17
N GLU R 78 -5.26 9.01 32.94
CA GLU R 78 -4.94 10.36 32.50
C GLU R 78 -5.77 10.71 31.28
N LEU R 79 -6.16 11.99 31.19
CA LEU R 79 -6.89 12.56 30.06
C LEU R 79 -6.03 13.66 29.45
N ASN R 80 -5.56 13.42 28.21
CA ASN R 80 -4.71 14.34 27.47
C ASN R 80 -3.34 14.50 28.14
N GLY R 81 -2.91 13.49 28.89
CA GLY R 81 -1.60 13.51 29.51
C GLY R 81 -1.54 14.14 30.88
N THR R 82 -2.66 14.56 31.45
CA THR R 82 -2.80 15.05 32.80
C THR R 82 -3.54 14.01 33.64
N PRO R 83 -3.08 13.73 34.86
CA PRO R 83 -3.83 12.81 35.72
C PRO R 83 -5.23 13.33 36.01
N ILE R 84 -6.17 12.40 36.07
CA ILE R 84 -7.58 12.73 36.29
C ILE R 84 -7.80 12.82 37.79
N PRO R 85 -8.44 13.88 38.28
CA PRO R 85 -8.81 13.92 39.70
C PRO R 85 -9.59 12.69 40.12
N GLY R 86 -9.12 11.98 41.14
CA GLY R 86 -9.74 10.74 41.54
C GLY R 86 -9.51 9.60 40.59
N GLY R 87 -8.35 9.57 39.91
CA GLY R 87 -8.10 8.56 38.91
C GLY R 87 -6.87 7.69 39.12
N ARG R 88 -6.17 7.87 40.23
CA ARG R 88 -4.95 7.12 40.54
C ARG R 88 -5.25 6.16 41.67
N PHE R 89 -4.99 4.87 41.45
CA PHE R 89 -5.24 3.83 42.42
C PHE R 89 -4.01 2.94 42.54
N GLY R 90 -3.77 2.41 43.74
CA GLY R 90 -2.67 1.50 43.96
C GLY R 90 -3.09 0.28 44.75
N THR R 91 -2.28 -0.77 44.62
CA THR R 91 -2.38 -1.95 45.46
C THR R 91 -1.07 -2.15 46.19
N GLY R 92 -1.16 -2.62 47.44
CA GLY R 92 0.00 -2.92 48.25
C GLY R 92 0.38 -4.38 48.28
N SER R 93 -0.39 -5.23 47.64
CA SER R 93 0.01 -6.62 47.58
C SER R 93 0.41 -6.95 46.15
N PRO R 94 1.44 -7.76 45.95
CA PRO R 94 1.79 -8.18 44.58
C PRO R 94 0.89 -9.32 44.13
N HIS R 95 0.68 -9.37 42.83
CA HIS R 95 -0.18 -10.36 42.17
C HIS R 95 -1.63 -10.24 42.61
N SER R 96 -1.99 -9.14 43.27
CA SER R 96 -3.37 -8.78 43.53
C SER R 96 -3.78 -7.66 42.58
N ILE R 97 -5.06 -7.65 42.23
CA ILE R 97 -5.55 -6.76 41.18
C ILE R 97 -5.45 -5.30 41.64
N ASN R 98 -5.07 -4.44 40.71
CA ASN R 98 -5.18 -3.00 40.88
C ASN R 98 -6.38 -2.53 40.07
N GLN R 99 -7.36 -1.94 40.74
CA GLN R 99 -8.64 -1.64 40.12
C GLN R 99 -9.13 -0.30 40.62
N GLY R 100 -9.82 0.43 39.74
CA GLY R 100 -10.34 1.74 40.09
C GLY R 100 -11.41 2.20 39.13
N THR R 101 -12.47 2.80 39.67
CA THR R 101 -13.55 3.39 38.88
C THR R 101 -13.54 4.89 39.11
N ALA R 102 -13.53 5.66 38.03
CA ALA R 102 -13.45 7.11 38.12
C ALA R 102 -14.24 7.74 36.99
N ALA R 103 -15.01 8.77 37.33
CA ALA R 103 -15.69 9.57 36.32
C ALA R 103 -14.87 10.83 36.05
N PHE R 104 -15.05 11.38 34.86
CA PHE R 104 -14.34 12.58 34.47
C PHE R 104 -15.13 13.28 33.39
N THR R 105 -14.85 14.58 33.23
CA THR R 105 -15.51 15.45 32.27
C THR R 105 -14.52 15.78 31.15
N VAL R 106 -15.03 15.81 29.91
CA VAL R 106 -14.22 16.08 28.74
C VAL R 106 -14.61 17.44 28.18
N THR R 107 -13.64 18.34 28.08
CA THR R 107 -13.90 19.73 27.72
C THR R 107 -13.31 20.10 26.38
N VAL R 108 -12.61 19.19 25.72
CA VAL R 108 -12.08 19.41 24.37
C VAL R 108 -12.13 18.11 23.60
N VAL R 109 -12.46 18.22 22.32
CA VAL R 109 -12.54 17.04 21.46
C VAL R 109 -11.61 17.22 20.27
N PRO R 110 -10.85 16.20 19.89
CA PRO R 110 -10.75 14.91 20.55
C PRO R 110 -10.02 15.01 21.88
N SER R 111 -10.10 13.97 22.70
CA SER R 111 -9.28 13.84 23.89
C SER R 111 -8.80 12.39 23.98
N THR R 112 -7.75 12.17 24.78
CA THR R 112 -7.11 10.86 24.86
C THR R 112 -7.06 10.40 26.30
N LEU R 113 -7.63 9.23 26.55
CA LEU R 113 -7.58 8.57 27.85
C LEU R 113 -6.52 7.48 27.82
N THR R 114 -5.68 7.46 28.85
CA THR R 114 -4.62 6.48 28.99
C THR R 114 -4.52 6.04 30.45
N LEU R 115 -3.86 4.90 30.64
CA LEU R 115 -3.59 4.34 31.97
C LEU R 115 -2.08 4.38 32.18
N ILE R 116 -1.63 5.26 33.08
CA ILE R 116 -0.23 5.64 33.20
C ILE R 116 0.34 5.10 34.51
N ASN R 117 1.61 4.67 34.47
CA ASN R 117 2.35 4.16 35.59
C ASN R 117 2.96 5.31 36.40
N ASN R 118 3.08 5.11 37.73
CA ASN R 118 3.95 5.91 38.59
C ASN R 118 4.48 5.10 39.78
N THR R 119 4.64 3.79 39.61
CA THR R 119 4.95 2.86 40.70
C THR R 119 6.25 3.20 41.40
N SER R 120 6.26 3.03 42.73
CA SER R 120 7.42 3.33 43.55
C SER R 120 8.60 2.43 43.19
N SER R 121 8.83 1.39 44.00
CA SER R 121 9.95 0.49 43.71
C SER R 121 9.69 -0.25 42.41
N ALA R 122 10.78 -0.64 41.75
CA ALA R 122 10.74 -1.30 40.45
C ALA R 122 9.78 -0.56 39.54
N GLY R 123 10.12 0.69 39.26
CA GLY R 123 9.28 1.58 38.47
C GLY R 123 8.62 0.93 37.27
N THR R 124 9.41 0.28 36.43
CA THR R 124 8.85 -0.42 35.28
C THR R 124 8.13 -1.68 35.76
N ILE R 125 6.87 -1.83 35.37
CA ILE R 125 6.00 -2.87 35.87
C ILE R 125 5.73 -3.86 34.74
N THR R 126 5.88 -5.15 35.03
CA THR R 126 5.57 -6.22 34.09
C THR R 126 4.23 -6.85 34.46
N LEU R 127 3.38 -7.03 33.45
CA LEU R 127 2.03 -7.51 33.72
C LEU R 127 2.01 -9.03 33.80
N SER R 128 0.92 -9.57 34.33
CA SER R 128 0.76 -11.00 34.54
C SER R 128 -0.52 -11.47 33.88
N ASN R 129 -0.39 -12.33 32.87
CA ASN R 129 -1.54 -12.84 32.11
C ASN R 129 -1.83 -14.31 32.39
N SER R 130 -1.31 -14.85 33.50
CA SER R 130 -1.63 -16.24 33.85
C SER R 130 -1.75 -16.48 35.35
N ASP R 131 -2.01 -15.45 36.15
CA ASP R 131 -2.14 -15.61 37.59
C ASP R 131 -3.35 -16.47 37.93
N GLY R 132 -3.15 -17.41 38.87
CA GLY R 132 -4.21 -18.23 39.40
C GLY R 132 -4.51 -19.50 38.65
N GLY R 133 -4.07 -19.62 37.40
CA GLY R 133 -4.56 -20.72 36.58
C GLY R 133 -3.65 -21.02 35.42
N SER R 134 -4.08 -21.99 34.62
CA SER R 134 -3.29 -22.51 33.50
C SER R 134 -3.63 -21.83 32.18
N LEU R 135 -4.81 -21.25 32.07
CA LEU R 135 -5.21 -20.54 30.86
C LEU R 135 -4.86 -19.05 30.96
N THR R 136 -4.87 -18.39 29.81
CA THR R 136 -4.52 -16.98 29.74
C THR R 136 -5.71 -16.11 30.15
N ASN R 137 -5.42 -15.07 30.92
CA ASN R 137 -6.44 -14.14 31.36
C ASN R 137 -6.04 -12.71 31.00
N VAL R 138 -7.01 -11.80 31.17
CA VAL R 138 -6.78 -10.38 30.94
C VAL R 138 -5.78 -9.85 31.96
N SER R 139 -4.67 -9.30 31.46
CA SER R 139 -3.68 -8.66 32.34
C SER R 139 -3.98 -7.19 32.59
N ALA R 140 -4.74 -6.54 31.69
CA ALA R 140 -5.16 -5.17 31.88
C ALA R 140 -6.35 -4.89 30.98
N SER R 141 -7.26 -4.02 31.45
CA SER R 141 -8.48 -3.72 30.71
C SER R 141 -9.03 -2.36 31.11
N ILE R 142 -9.79 -1.76 30.19
CA ILE R 142 -10.55 -0.54 30.48
C ILE R 142 -11.99 -0.74 30.00
N SER R 143 -12.95 -0.34 30.83
CA SER R 143 -14.37 -0.38 30.49
C SER R 143 -14.97 0.98 30.82
N ILE R 144 -15.53 1.66 29.81
CA ILE R 144 -15.93 3.06 29.93
C ILE R 144 -17.22 3.32 29.16
N PHE R 145 -18.16 4.03 29.79
CA PHE R 145 -19.37 4.51 29.12
C PHE R 145 -19.58 6.00 29.39
N GLN R 146 -20.32 6.65 28.49
CA GLN R 146 -20.71 8.04 28.63
C GLN R 146 -21.99 8.16 29.46
N VAL R 147 -21.99 9.12 30.38
CA VAL R 147 -23.11 9.28 31.30
C VAL R 147 -23.79 10.63 31.17
N GLY R 148 -23.16 11.63 30.55
CA GLY R 148 -23.75 12.93 30.37
C GLY R 148 -23.06 13.80 29.33
N LEU S 11 23.44 -40.19 -1.85
CA LEU S 11 23.54 -40.77 -0.50
C LEU S 11 22.55 -41.89 -0.20
N THR S 12 22.82 -43.11 -0.69
CA THR S 12 21.84 -44.17 -0.56
C THR S 12 21.93 -44.95 0.74
N ASN S 13 23.09 -45.00 1.38
CA ASN S 13 23.26 -45.80 2.60
C ASN S 13 23.12 -44.89 3.82
N TYR S 14 22.09 -45.15 4.63
CA TYR S 14 21.80 -44.30 5.77
C TYR S 14 20.99 -45.11 6.80
N LEU S 15 21.26 -44.86 8.09
CA LEU S 15 20.49 -45.47 9.18
C LEU S 15 20.18 -44.43 10.26
N TYR S 16 19.00 -44.56 10.87
CA TYR S 16 18.63 -43.78 12.04
C TYR S 16 18.12 -44.73 13.11
N VAL S 17 18.72 -44.71 14.29
CA VAL S 17 18.27 -45.51 15.43
C VAL S 17 18.12 -44.59 16.64
N PHE S 18 17.07 -44.84 17.43
CA PHE S 18 16.78 -43.98 18.56
C PHE S 18 16.15 -44.81 19.69
N ASP S 19 16.18 -44.23 20.90
CA ASP S 19 15.66 -44.87 22.09
C ASP S 19 14.71 -43.94 22.84
N THR S 20 13.71 -44.53 23.51
CA THR S 20 12.65 -43.75 24.16
C THR S 20 12.49 -44.12 25.64
N THR S 21 13.50 -44.72 26.27
CA THR S 21 13.38 -45.17 27.65
C THR S 21 14.41 -44.47 28.54
N ASN S 22 14.31 -44.73 29.84
CA ASN S 22 15.16 -44.14 30.86
C ASN S 22 16.29 -45.07 31.29
N GLN S 23 16.86 -45.83 30.36
CA GLN S 23 17.79 -46.89 30.74
C GLN S 23 19.12 -46.32 31.24
N SER S 24 19.83 -47.14 32.01
CA SER S 24 21.10 -46.77 32.64
C SER S 24 22.24 -47.57 32.02
N ILE S 25 23.40 -46.92 31.90
CA ILE S 25 24.52 -47.45 31.12
C ILE S 25 25.77 -47.41 31.98
N ALA S 26 26.32 -48.58 32.29
CA ALA S 26 27.56 -48.66 33.04
C ALA S 26 28.74 -48.19 32.20
N VAL S 27 29.79 -47.74 32.88
CA VAL S 27 31.05 -47.39 32.23
C VAL S 27 31.53 -48.58 31.42
N GLY S 28 31.53 -48.46 30.10
CA GLY S 28 31.91 -49.53 29.21
C GLY S 28 30.78 -50.29 28.57
N SER S 29 29.54 -50.07 29.02
CA SER S 29 28.38 -50.65 28.36
C SER S 29 27.95 -49.78 27.17
N SER S 30 27.13 -50.36 26.30
CA SER S 30 26.65 -49.68 25.11
C SER S 30 25.22 -49.20 25.30
N VAL S 31 25.00 -47.91 25.02
CA VAL S 31 23.65 -47.40 24.88
C VAL S 31 22.92 -48.22 23.83
N THR S 32 21.72 -48.67 24.17
CA THR S 32 20.90 -49.41 23.22
C THR S 32 19.76 -48.52 22.71
N PHE S 33 19.12 -48.98 21.64
CA PHE S 33 18.06 -48.22 21.00
C PHE S 33 16.88 -49.15 20.74
N ASN S 34 15.75 -48.86 21.38
CA ASN S 34 14.57 -49.72 21.26
C ASN S 34 13.83 -49.51 19.94
N THR S 35 14.29 -48.63 19.06
CA THR S 35 13.54 -48.36 17.85
C THR S 35 14.47 -48.05 16.69
N ASN S 36 14.14 -48.60 15.53
CA ASN S 36 14.78 -48.25 14.29
C ASN S 36 13.98 -47.16 13.61
N GLY S 37 14.67 -46.10 13.17
CA GLY S 37 14.10 -45.17 12.23
C GLY S 37 14.32 -45.68 10.82
N PRO S 38 14.18 -44.81 9.83
CA PRO S 38 14.37 -45.24 8.44
C PRO S 38 15.78 -45.80 8.25
N ILE S 39 15.88 -46.75 7.32
CA ILE S 39 17.15 -47.38 6.98
C ILE S 39 17.12 -47.60 5.47
N THR S 40 18.00 -46.91 4.74
CA THR S 40 18.11 -47.08 3.30
C THR S 40 19.47 -47.68 2.97
N GLY S 41 19.53 -48.37 1.83
CA GLY S 41 20.72 -49.10 1.44
C GLY S 41 20.87 -50.41 2.20
N THR S 42 21.79 -51.23 1.71
CA THR S 42 22.03 -52.55 2.26
C THR S 42 23.29 -52.61 3.13
N ALA S 43 23.86 -51.47 3.50
CA ALA S 43 25.17 -51.45 4.11
C ALA S 43 25.16 -51.32 5.62
N LEU S 44 24.10 -50.76 6.21
CA LEU S 44 24.02 -50.57 7.64
C LEU S 44 22.75 -51.22 8.18
N SER S 45 22.83 -51.74 9.41
CA SER S 45 21.69 -52.41 9.99
C SER S 45 21.76 -52.31 11.51
N HIS S 46 20.62 -52.57 12.14
CA HIS S 46 20.53 -52.52 13.59
C HIS S 46 19.33 -53.36 14.03
N ILE S 47 19.55 -54.27 14.98
CA ILE S 47 18.50 -55.08 15.57
C ILE S 47 17.90 -54.32 16.73
N THR S 48 16.58 -54.10 16.71
CA THR S 48 15.96 -53.26 17.73
C THR S 48 16.17 -53.85 19.12
N GLY S 49 16.43 -52.96 20.08
CA GLY S 49 16.79 -53.35 21.43
C GLY S 49 18.28 -53.45 21.67
N THR S 50 19.08 -53.67 20.63
CA THR S 50 20.52 -53.81 20.80
C THR S 50 21.17 -52.43 20.74
N GLY S 51 22.51 -52.41 20.73
CA GLY S 51 23.26 -51.19 20.60
C GLY S 51 24.34 -51.30 19.54
N ASN S 52 24.21 -52.27 18.64
CA ASN S 52 25.22 -52.53 17.62
C ASN S 52 24.71 -52.10 16.26
N ILE S 53 25.36 -51.09 15.68
CA ILE S 53 25.13 -50.71 14.29
C ILE S 53 26.15 -51.48 13.46
N ILE S 54 25.66 -52.41 12.66
CA ILE S 54 26.52 -53.33 11.92
C ILE S 54 26.79 -52.73 10.54
N ILE S 55 28.06 -52.52 10.24
CA ILE S 55 28.50 -51.87 9.01
C ILE S 55 29.05 -52.96 8.08
N ASN S 56 28.53 -53.00 6.85
CA ASN S 56 28.87 -54.10 5.94
C ASN S 56 29.52 -53.61 4.65
N THR S 57 30.06 -52.39 4.64
CA THR S 57 30.83 -51.93 3.50
C THR S 57 32.00 -51.11 3.99
N LEU S 58 33.17 -51.39 3.41
CA LEU S 58 34.35 -50.57 3.67
C LEU S 58 34.10 -49.15 3.15
N GLY S 59 34.71 -48.18 3.83
CA GLY S 59 34.70 -46.81 3.37
C GLY S 59 34.62 -45.85 4.52
N THR S 60 34.23 -44.62 4.21
CA THR S 60 34.09 -43.53 5.17
C THR S 60 32.62 -43.32 5.52
N TYR S 61 32.35 -43.15 6.82
CA TYR S 61 30.99 -42.92 7.31
C TYR S 61 30.96 -41.68 8.20
N VAL S 62 29.84 -40.97 8.19
CA VAL S 62 29.63 -39.79 9.01
C VAL S 62 28.55 -40.13 10.04
N ALA S 63 28.92 -40.17 11.31
CA ALA S 63 27.98 -40.49 12.37
C ALA S 63 27.76 -39.28 13.28
N GLU S 64 26.54 -39.12 13.79
CA GLU S 64 26.23 -38.17 14.84
C GLU S 64 25.40 -38.86 15.90
N PHE S 65 25.59 -38.49 17.17
CA PHE S 65 24.82 -39.06 18.27
C PHE S 65 24.27 -37.95 19.16
N GLN S 66 23.22 -38.30 19.89
CA GLN S 66 22.55 -37.38 20.81
C GLN S 66 22.22 -38.15 22.09
N LEU S 67 22.63 -37.61 23.24
CA LEU S 67 22.37 -38.26 24.52
C LEU S 67 21.95 -37.22 25.55
N GLN S 68 20.83 -37.49 26.23
CA GLN S 68 20.27 -36.57 27.23
C GLN S 68 20.21 -37.29 28.57
N ALA S 69 21.05 -36.85 29.51
CA ALA S 69 21.18 -37.50 30.80
C ALA S 69 20.97 -36.50 31.92
N SER S 70 20.56 -37.01 33.08
CA SER S 70 20.38 -36.14 34.24
C SER S 70 21.70 -35.68 34.83
N ARG S 71 22.81 -36.30 34.46
CA ARG S 71 24.12 -35.93 34.96
C ARG S 71 25.02 -35.48 33.82
N GLU S 72 25.99 -34.63 34.13
CA GLU S 72 27.08 -34.37 33.20
C GLU S 72 27.78 -35.68 32.88
N ASN S 73 28.03 -35.93 31.59
CA ASN S 73 28.50 -37.24 31.16
C ASN S 73 29.58 -37.09 30.09
N GLN S 74 30.14 -38.24 29.70
CA GLN S 74 31.14 -38.33 28.64
C GLN S 74 30.98 -39.69 27.97
N PHE S 75 30.60 -39.68 26.69
CA PHE S 75 30.47 -40.90 25.91
C PHE S 75 31.39 -40.82 24.68
N SER S 76 31.67 -41.98 24.10
CA SER S 76 32.49 -42.04 22.90
C SER S 76 31.87 -42.97 21.88
N LEU S 77 32.10 -42.66 20.60
CA LEU S 77 31.82 -43.59 19.52
C LEU S 77 32.93 -44.62 19.44
N GLU S 78 32.56 -45.87 19.23
CA GLU S 78 33.52 -46.95 19.18
C GLU S 78 33.26 -47.84 17.96
N LEU S 79 34.34 -48.30 17.35
CA LEU S 79 34.29 -49.21 16.20
C LEU S 79 35.05 -50.47 16.55
N ASN S 80 34.32 -51.59 16.60
CA ASN S 80 34.90 -52.89 16.94
C ASN S 80 35.58 -52.85 18.31
N GLY S 81 35.00 -52.07 19.23
CA GLY S 81 35.47 -51.98 20.60
C GLY S 81 36.48 -50.89 20.86
N THR S 82 36.90 -50.15 19.84
CA THR S 82 37.92 -49.14 20.01
C THR S 82 37.31 -47.75 19.87
N PRO S 83 37.61 -46.82 20.76
CA PRO S 83 37.10 -45.45 20.61
C PRO S 83 37.59 -44.78 19.33
N ILE S 84 36.67 -44.12 18.64
CA ILE S 84 36.95 -43.48 17.34
C ILE S 84 37.82 -42.26 17.57
N PRO S 85 38.84 -42.04 16.73
CA PRO S 85 39.54 -40.74 16.75
C PRO S 85 38.59 -39.58 16.60
N GLY S 86 38.49 -38.75 17.63
CA GLY S 86 37.62 -37.59 17.58
C GLY S 86 36.16 -37.89 17.79
N GLY S 87 35.84 -38.97 18.50
CA GLY S 87 34.45 -39.36 18.69
C GLY S 87 34.01 -39.44 20.14
N ARG S 88 34.68 -38.68 21.01
CA ARG S 88 34.30 -38.59 22.42
C ARG S 88 33.86 -37.16 22.71
N PHE S 89 32.68 -37.01 23.32
CA PHE S 89 32.13 -35.71 23.66
C PHE S 89 31.54 -35.76 25.07
N GLY S 90 31.61 -34.62 25.76
CA GLY S 90 31.17 -34.56 27.14
C GLY S 90 30.35 -33.31 27.42
N THR S 91 29.62 -33.35 28.53
CA THR S 91 28.81 -32.24 28.99
C THR S 91 29.32 -31.76 30.35
N GLY S 92 29.40 -30.44 30.50
CA GLY S 92 29.83 -29.87 31.76
C GLY S 92 28.67 -29.40 32.62
N SER S 93 27.47 -29.94 32.35
CA SER S 93 26.29 -29.48 33.03
C SER S 93 25.22 -30.58 33.04
N PRO S 94 24.62 -30.87 34.19
CA PRO S 94 23.54 -31.87 34.20
C PRO S 94 22.37 -31.43 33.34
N HIS S 95 21.64 -32.41 32.84
CA HIS S 95 20.43 -32.16 32.03
C HIS S 95 20.71 -31.29 30.82
N SER S 96 21.90 -31.42 30.25
CA SER S 96 22.24 -30.79 28.99
C SER S 96 22.55 -31.88 27.97
N ILE S 97 22.34 -31.56 26.69
CA ILE S 97 22.52 -32.55 25.63
C ILE S 97 24.00 -32.83 25.43
N ASN S 98 24.33 -34.12 25.27
CA ASN S 98 25.64 -34.54 24.75
C ASN S 98 25.46 -34.92 23.30
N GLN S 99 26.07 -34.15 22.41
CA GLN S 99 25.87 -34.30 20.98
C GLN S 99 27.20 -34.17 20.28
N GLY S 100 27.48 -35.11 19.39
CA GLY S 100 28.73 -35.10 18.66
C GLY S 100 28.54 -35.62 17.26
N THR S 101 29.33 -35.09 16.34
CA THR S 101 29.35 -35.54 14.96
C THR S 101 30.80 -35.83 14.58
N ALA S 102 31.08 -37.08 14.22
CA ALA S 102 32.43 -37.48 13.88
C ALA S 102 32.40 -38.38 12.65
N ALA S 103 33.49 -38.34 11.89
CA ALA S 103 33.67 -39.21 10.75
C ALA S 103 34.63 -40.33 11.12
N PHE S 104 34.44 -41.49 10.51
CA PHE S 104 35.33 -42.62 10.71
C PHE S 104 35.37 -43.42 9.42
N THR S 105 36.39 -44.28 9.32
CA THR S 105 36.58 -45.14 8.17
C THR S 105 36.57 -46.59 8.63
N VAL S 106 35.74 -47.41 7.99
CA VAL S 106 35.69 -48.85 8.26
C VAL S 106 36.73 -49.53 7.37
N THR S 107 37.53 -50.41 7.98
CA THR S 107 38.62 -51.07 7.30
C THR S 107 38.48 -52.58 7.30
N VAL S 108 37.40 -53.11 7.86
CA VAL S 108 37.09 -54.54 7.82
C VAL S 108 35.59 -54.72 8.06
N VAL S 109 34.93 -55.54 7.23
CA VAL S 109 33.50 -55.77 7.38
C VAL S 109 33.26 -57.22 7.79
N PRO S 110 32.22 -57.50 8.60
CA PRO S 110 31.31 -56.54 9.22
C PRO S 110 32.01 -55.79 10.35
N SER S 111 31.44 -54.67 10.79
CA SER S 111 32.03 -53.87 11.85
C SER S 111 30.92 -53.31 12.71
N THR S 112 31.26 -53.00 13.96
CA THR S 112 30.29 -52.59 14.96
C THR S 112 30.55 -51.13 15.35
N LEU S 113 29.56 -50.28 15.09
CA LEU S 113 29.52 -48.96 15.69
C LEU S 113 28.72 -49.04 16.98
N THR S 114 29.32 -48.55 18.08
CA THR S 114 28.67 -48.54 19.39
C THR S 114 28.87 -47.19 20.06
N LEU S 115 27.93 -46.83 20.94
CA LEU S 115 27.95 -45.58 21.70
C LEU S 115 28.16 -45.96 23.16
N ILE S 116 29.32 -45.62 23.70
CA ILE S 116 29.86 -46.27 24.90
C ILE S 116 30.10 -45.22 25.99
N ASN S 117 29.65 -45.54 27.20
CA ASN S 117 30.01 -44.76 28.38
C ASN S 117 31.52 -44.82 28.55
N ASN S 118 32.22 -43.82 28.02
CA ASN S 118 33.69 -43.79 28.09
C ASN S 118 34.08 -42.91 29.28
N THR S 119 34.21 -43.57 30.44
CA THR S 119 34.46 -42.99 31.75
C THR S 119 33.75 -41.64 31.96
N SER S 120 32.53 -41.70 32.48
CA SER S 120 31.85 -40.54 33.01
C SER S 120 32.20 -40.41 34.49
N SER S 121 32.38 -39.16 34.94
CA SER S 121 32.81 -38.93 36.33
C SER S 121 31.90 -39.65 37.31
N ALA S 122 30.58 -39.54 37.13
CA ALA S 122 29.56 -40.14 37.98
C ALA S 122 29.37 -41.64 37.74
N GLY S 123 30.27 -42.28 36.99
CA GLY S 123 30.18 -43.70 36.73
C GLY S 123 29.04 -44.09 35.81
N THR S 124 28.06 -44.81 36.36
CA THR S 124 26.91 -45.28 35.59
C THR S 124 25.95 -44.13 35.34
N ILE S 125 25.61 -43.89 34.07
CA ILE S 125 24.75 -42.79 33.65
C ILE S 125 23.39 -43.36 33.26
N THR S 126 22.32 -42.77 33.78
CA THR S 126 20.95 -43.10 33.39
C THR S 126 20.39 -42.01 32.47
N LEU S 127 19.57 -42.43 31.51
CA LEU S 127 19.04 -41.52 30.50
C LEU S 127 17.68 -40.96 30.91
N SER S 128 17.40 -39.73 30.46
CA SER S 128 16.16 -39.04 30.78
C SER S 128 15.37 -38.79 29.50
N ASN S 129 14.15 -39.33 29.43
CA ASN S 129 13.29 -39.23 28.26
C ASN S 129 12.16 -38.21 28.42
N SER S 130 12.20 -37.38 29.47
CA SER S 130 11.08 -36.47 29.74
C SER S 130 11.54 -35.04 30.02
N ASP S 131 12.77 -34.68 29.66
CA ASP S 131 13.27 -33.34 29.89
C ASP S 131 12.43 -32.30 29.17
N GLY S 132 12.07 -31.23 29.88
CA GLY S 132 11.47 -30.06 29.27
C GLY S 132 9.98 -30.13 29.03
N GLY S 133 9.37 -31.31 29.05
CA GLY S 133 7.99 -31.41 28.68
C GLY S 133 7.21 -32.54 29.32
N SER S 134 5.99 -32.75 28.84
CA SER S 134 5.09 -33.76 29.39
C SER S 134 4.93 -34.97 28.48
N LEU S 135 5.40 -34.89 27.24
CA LEU S 135 5.44 -36.06 26.37
C LEU S 135 6.80 -36.75 26.47
N THR S 136 6.87 -37.95 25.91
CA THR S 136 8.10 -38.71 25.92
C THR S 136 8.89 -38.43 24.65
N ASN S 137 10.16 -38.08 24.81
CA ASN S 137 10.98 -37.73 23.67
C ASN S 137 12.17 -38.68 23.57
N VAL S 138 12.99 -38.45 22.54
CA VAL S 138 14.19 -39.27 22.29
C VAL S 138 15.21 -38.95 23.37
N SER S 139 15.64 -39.99 24.08
CA SER S 139 16.69 -39.88 25.10
C SER S 139 18.08 -40.13 24.53
N ALA S 140 18.18 -40.90 23.44
CA ALA S 140 19.45 -41.18 22.80
C ALA S 140 19.18 -41.65 21.38
N SER S 141 20.09 -41.30 20.46
CA SER S 141 19.90 -41.62 19.06
C SER S 141 21.23 -41.49 18.31
N ILE S 142 21.24 -42.06 17.09
CA ILE S 142 22.39 -42.03 16.20
C ILE S 142 21.88 -41.91 14.76
N SER S 143 22.47 -41.02 13.98
CA SER S 143 22.13 -40.84 12.57
C SER S 143 23.42 -40.84 11.76
N ILE S 144 23.50 -41.71 10.74
CA ILE S 144 24.77 -42.04 10.06
C ILE S 144 24.50 -42.31 8.59
N PHE S 145 25.43 -41.85 7.73
CA PHE S 145 25.38 -42.13 6.30
C PHE S 145 26.79 -42.35 5.76
N GLN S 146 26.88 -42.99 4.60
CA GLN S 146 28.16 -43.28 3.95
C GLN S 146 28.50 -42.19 2.96
N VAL S 147 29.76 -41.75 2.97
CA VAL S 147 30.22 -40.73 2.02
C VAL S 147 31.35 -41.21 1.12
N GLY S 148 32.02 -42.31 1.43
CA GLY S 148 33.12 -42.78 0.60
C GLY S 148 33.25 -44.28 0.56
N LEU T 11 25.36 -34.78 -3.86
CA LEU T 11 24.25 -33.90 -4.20
C LEU T 11 22.92 -34.67 -4.20
N THR T 12 21.97 -34.05 -3.52
CA THR T 12 20.61 -34.51 -3.35
C THR T 12 19.79 -33.24 -3.14
N ASN T 13 18.52 -33.40 -2.79
CA ASN T 13 17.73 -32.24 -2.42
C ASN T 13 18.19 -31.76 -1.04
N TYR T 14 18.45 -30.47 -0.93
CA TYR T 14 18.90 -29.89 0.33
C TYR T 14 18.10 -28.63 0.60
N LEU T 15 18.01 -28.26 1.87
CA LEU T 15 17.37 -27.00 2.27
C LEU T 15 17.81 -26.63 3.67
N TYR T 16 18.18 -25.37 3.86
CA TYR T 16 18.55 -24.82 5.15
C TYR T 16 17.72 -23.56 5.39
N VAL T 17 17.00 -23.52 6.52
CA VAL T 17 16.23 -22.35 6.94
C VAL T 17 16.63 -21.99 8.37
N PHE T 18 16.56 -20.69 8.69
CA PHE T 18 16.89 -20.25 10.03
C PHE T 18 16.07 -19.02 10.42
N ASP T 19 16.07 -18.74 11.72
CA ASP T 19 15.42 -17.56 12.29
C ASP T 19 16.43 -16.79 13.13
N THR T 20 16.22 -15.48 13.22
CA THR T 20 17.04 -14.59 14.04
C THR T 20 16.17 -13.66 14.89
N THR T 21 14.98 -14.10 15.28
CA THR T 21 14.06 -13.32 16.10
C THR T 21 13.79 -14.05 17.42
N ASN T 22 13.39 -13.26 18.43
CA ASN T 22 12.95 -13.81 19.71
C ASN T 22 11.45 -14.12 19.69
N GLN T 23 11.03 -14.93 18.71
CA GLN T 23 9.62 -15.25 18.55
C GLN T 23 9.12 -16.09 19.71
N SER T 24 7.80 -16.09 19.87
CA SER T 24 7.13 -16.93 20.86
C SER T 24 6.30 -17.99 20.16
N ILE T 25 6.35 -19.22 20.68
CA ILE T 25 5.67 -20.36 20.09
C ILE T 25 4.74 -20.94 21.17
N ALA T 26 3.43 -20.78 20.95
CA ALA T 26 2.46 -21.38 21.85
C ALA T 26 2.49 -22.91 21.75
N VAL T 27 1.86 -23.55 22.73
CA VAL T 27 1.76 -24.99 22.71
C VAL T 27 0.99 -25.41 21.47
N GLY T 28 1.57 -26.33 20.71
CA GLY T 28 0.98 -26.78 19.46
C GLY T 28 1.22 -25.88 18.28
N SER T 29 1.82 -24.71 18.48
CA SER T 29 2.17 -23.82 17.39
C SER T 29 3.55 -24.16 16.84
N SER T 30 3.89 -23.54 15.70
CA SER T 30 5.06 -23.95 14.94
C SER T 30 6.09 -22.84 14.93
N VAL T 31 7.36 -23.25 14.87
CA VAL T 31 8.46 -22.30 14.77
C VAL T 31 8.47 -21.68 13.38
N THR T 32 8.71 -20.38 13.32
CA THR T 32 8.78 -19.70 12.04
C THR T 32 10.22 -19.36 11.70
N PHE T 33 10.52 -19.35 10.40
CA PHE T 33 11.86 -19.09 9.91
C PHE T 33 11.78 -17.95 8.91
N ASN T 34 12.38 -16.81 9.27
CA ASN T 34 12.33 -15.61 8.45
C ASN T 34 13.34 -15.60 7.31
N THR T 35 14.34 -16.50 7.31
CA THR T 35 15.39 -16.51 6.30
C THR T 35 15.55 -17.89 5.68
N ASN T 36 15.70 -17.91 4.36
CA ASN T 36 16.05 -19.14 3.64
C ASN T 36 17.54 -19.16 3.36
N GLY T 37 18.19 -20.26 3.71
CA GLY T 37 19.55 -20.50 3.30
C GLY T 37 19.57 -21.14 1.94
N PRO T 38 20.70 -21.74 1.57
CA PRO T 38 20.80 -22.37 0.24
C PRO T 38 19.86 -23.55 0.10
N ILE T 39 19.29 -23.71 -1.10
CA ILE T 39 18.42 -24.83 -1.42
C ILE T 39 18.93 -25.46 -2.70
N THR T 40 19.37 -26.71 -2.62
CA THR T 40 19.78 -27.50 -3.77
C THR T 40 18.63 -28.43 -4.13
N GLY T 41 18.32 -28.52 -5.42
CA GLY T 41 17.24 -29.37 -5.87
C GLY T 41 15.92 -28.64 -5.88
N THR T 42 14.84 -29.42 -6.04
CA THR T 42 13.53 -28.81 -6.12
C THR T 42 12.46 -29.52 -5.28
N ALA T 43 12.83 -30.56 -4.54
CA ALA T 43 11.87 -31.20 -3.66
C ALA T 43 11.50 -30.30 -2.49
N LEU T 44 12.44 -29.51 -1.97
CA LEU T 44 12.27 -28.80 -0.71
C LEU T 44 12.06 -27.31 -0.95
N SER T 45 11.09 -26.73 -0.25
CA SER T 45 10.84 -25.31 -0.38
C SER T 45 10.27 -24.78 0.95
N HIS T 46 10.36 -23.48 1.14
CA HIS T 46 9.94 -22.88 2.40
C HIS T 46 9.62 -21.41 2.17
N ILE T 47 8.43 -21.01 2.57
CA ILE T 47 8.03 -19.60 2.48
C ILE T 47 8.56 -18.87 3.71
N THR T 48 9.30 -17.78 3.47
CA THR T 48 9.86 -17.03 4.57
C THR T 48 8.76 -16.46 5.45
N GLY T 49 8.93 -16.59 6.76
CA GLY T 49 7.95 -16.13 7.71
C GLY T 49 6.98 -17.18 8.17
N THR T 50 6.97 -18.35 7.53
CA THR T 50 6.10 -19.46 7.92
C THR T 50 6.94 -20.54 8.57
N GLY T 51 6.26 -21.53 9.14
CA GLY T 51 6.95 -22.66 9.71
C GLY T 51 6.90 -23.92 8.86
N ASN T 52 6.56 -23.77 7.57
CA ASN T 52 6.21 -24.90 6.71
C ASN T 52 7.37 -25.21 5.77
N ILE T 53 7.90 -26.43 5.86
CA ILE T 53 8.84 -26.95 4.86
C ILE T 53 8.06 -27.95 4.01
N ILE T 54 7.82 -27.58 2.76
CA ILE T 54 7.04 -28.38 1.84
C ILE T 54 7.96 -29.39 1.16
N ILE T 55 7.56 -30.66 1.14
CA ILE T 55 8.36 -31.72 0.55
C ILE T 55 7.58 -32.31 -0.61
N ASN T 56 8.13 -32.18 -1.82
CA ASN T 56 7.44 -32.54 -3.05
C ASN T 56 7.96 -33.81 -3.70
N THR T 57 8.91 -34.51 -3.07
CA THR T 57 9.42 -35.76 -3.63
C THR T 57 9.30 -36.85 -2.58
N LEU T 58 8.68 -37.96 -2.98
CA LEU T 58 8.59 -39.13 -2.11
C LEU T 58 9.97 -39.66 -1.78
N GLY T 59 10.19 -40.00 -0.53
CA GLY T 59 11.43 -40.62 -0.13
C GLY T 59 11.74 -40.32 1.33
N THR T 60 12.97 -40.60 1.71
CA THR T 60 13.43 -40.46 3.09
C THR T 60 14.30 -39.22 3.22
N TYR T 61 14.08 -38.47 4.30
CA TYR T 61 14.82 -37.25 4.57
C TYR T 61 15.39 -37.29 5.98
N VAL T 62 16.55 -36.66 6.14
CA VAL T 62 17.15 -36.42 7.46
C VAL T 62 17.07 -34.93 7.73
N ALA T 63 16.35 -34.56 8.79
CA ALA T 63 16.28 -33.19 9.24
C ALA T 63 16.97 -33.06 10.60
N GLU T 64 17.61 -31.92 10.82
CA GLU T 64 18.13 -31.57 12.12
C GLU T 64 17.57 -30.21 12.48
N PHE T 65 17.36 -29.98 13.78
CA PHE T 65 16.91 -28.67 14.23
C PHE T 65 17.72 -28.23 15.43
N GLN T 66 18.01 -26.93 15.45
CA GLN T 66 18.55 -26.23 16.59
C GLN T 66 17.48 -25.26 17.07
N LEU T 67 17.36 -25.09 18.38
CA LEU T 67 16.41 -24.16 18.97
C LEU T 67 17.03 -23.61 20.26
N GLN T 68 17.04 -22.29 20.40
CA GLN T 68 17.66 -21.63 21.54
C GLN T 68 16.59 -20.83 22.29
N ALA T 69 15.97 -21.46 23.28
CA ALA T 69 14.85 -20.93 24.03
C ALA T 69 15.27 -20.50 25.43
N SER T 70 14.48 -19.58 26.00
CA SER T 70 14.81 -19.00 27.30
C SER T 70 14.89 -20.08 28.39
N ARG T 71 13.85 -20.92 28.50
CA ARG T 71 13.83 -21.93 29.56
C ARG T 71 13.29 -23.25 29.01
N GLU T 72 13.70 -24.35 29.66
CA GLU T 72 13.29 -25.74 29.44
C GLU T 72 12.10 -25.93 28.50
N ASN T 73 12.30 -26.68 27.41
CA ASN T 73 11.29 -26.82 26.37
C ASN T 73 11.31 -28.22 25.78
N GLN T 74 10.22 -28.56 25.09
CA GLN T 74 10.09 -29.83 24.37
C GLN T 74 9.44 -29.59 23.01
N PHE T 75 10.12 -30.04 21.96
CA PHE T 75 9.69 -29.83 20.58
C PHE T 75 9.76 -31.14 19.82
N SER T 76 8.96 -31.25 18.76
CA SER T 76 8.97 -32.45 17.95
C SER T 76 8.77 -32.08 16.49
N LEU T 77 9.64 -32.60 15.64
CA LEU T 77 9.40 -32.58 14.20
C LEU T 77 8.06 -33.25 13.87
N GLU T 78 7.29 -32.62 13.00
CA GLU T 78 5.97 -33.14 12.68
C GLU T 78 5.83 -33.20 11.17
N LEU T 79 5.14 -34.22 10.67
CA LEU T 79 4.88 -34.39 9.25
C LEU T 79 3.37 -34.46 9.06
N ASN T 80 2.83 -33.56 8.25
CA ASN T 80 1.38 -33.51 7.97
C ASN T 80 0.55 -33.48 9.25
N GLY T 81 1.09 -32.83 10.29
CA GLY T 81 0.35 -32.59 11.51
C GLY T 81 0.47 -33.67 12.56
N THR T 82 1.36 -34.63 12.37
CA THR T 82 1.60 -35.72 13.30
C THR T 82 3.08 -35.76 13.61
N PRO T 83 3.48 -35.81 14.90
CA PRO T 83 4.91 -35.94 15.22
C PRO T 83 5.48 -37.19 14.60
N ILE T 84 6.71 -37.09 14.10
CA ILE T 84 7.36 -38.21 13.45
C ILE T 84 7.91 -39.12 14.53
N PRO T 85 8.11 -40.41 14.27
CA PRO T 85 8.78 -41.26 15.27
C PRO T 85 10.22 -40.82 15.43
N GLY T 86 10.61 -40.51 16.66
CA GLY T 86 11.99 -40.14 16.94
C GLY T 86 12.38 -38.71 16.63
N GLY T 87 11.41 -37.79 16.54
CA GLY T 87 11.74 -36.40 16.25
C GLY T 87 11.45 -35.40 17.36
N ARG T 88 11.04 -35.89 18.55
CA ARG T 88 10.80 -35.05 19.71
C ARG T 88 12.04 -34.99 20.59
N PHE T 89 12.48 -33.79 20.92
CA PHE T 89 13.66 -33.59 21.75
C PHE T 89 13.38 -32.47 22.75
N GLY T 90 14.00 -32.58 23.92
CA GLY T 90 13.84 -31.57 24.94
C GLY T 90 15.11 -31.35 25.71
N THR T 91 15.20 -30.18 26.33
CA THR T 91 16.29 -29.86 27.26
C THR T 91 15.70 -29.46 28.60
N GLY T 92 16.33 -29.92 29.67
CA GLY T 92 15.88 -29.59 31.02
C GLY T 92 16.86 -28.70 31.75
N SER T 93 17.24 -27.59 31.12
CA SER T 93 18.28 -26.71 31.62
C SER T 93 18.04 -25.32 31.08
N PRO T 94 18.39 -24.27 31.83
CA PRO T 94 18.14 -22.91 31.35
C PRO T 94 19.10 -22.54 30.22
N HIS T 95 18.54 -21.93 29.17
CA HIS T 95 19.31 -21.31 28.09
C HIS T 95 20.31 -22.29 27.45
N SER T 96 19.98 -23.57 27.46
CA SER T 96 20.75 -24.57 26.73
C SER T 96 20.04 -24.88 25.42
N ILE T 97 20.82 -25.39 24.46
CA ILE T 97 20.32 -25.59 23.10
C ILE T 97 19.47 -26.85 23.05
N ASN T 98 18.32 -26.75 22.40
CA ASN T 98 17.49 -27.91 22.11
C ASN T 98 17.86 -28.39 20.72
N GLN T 99 18.37 -29.62 20.62
CA GLN T 99 18.96 -30.08 19.37
C GLN T 99 18.58 -31.54 19.11
N GLY T 100 18.32 -31.86 17.84
CA GLY T 100 17.92 -33.20 17.46
C GLY T 100 18.06 -33.42 15.98
N THR T 101 18.28 -34.67 15.62
CA THR T 101 18.37 -35.08 14.22
C THR T 101 17.56 -36.35 14.07
N ALA T 102 16.58 -36.33 13.17
CA ALA T 102 15.75 -37.48 12.92
C ALA T 102 15.56 -37.69 11.42
N ALA T 103 15.21 -38.90 11.04
CA ALA T 103 14.84 -39.23 9.68
C ALA T 103 13.37 -39.62 9.65
N PHE T 104 12.79 -39.54 8.47
CA PHE T 104 11.38 -39.87 8.29
C PHE T 104 11.15 -40.13 6.82
N THR T 105 10.14 -40.94 6.52
CA THR T 105 9.79 -41.21 5.13
C THR T 105 8.59 -40.38 4.71
N VAL T 106 8.69 -39.82 3.52
CA VAL T 106 7.62 -39.05 2.89
C VAL T 106 6.89 -40.00 1.94
N THR T 107 5.66 -40.38 2.31
CA THR T 107 4.87 -41.35 1.55
C THR T 107 3.73 -40.74 0.75
N VAL T 108 3.33 -39.50 1.05
CA VAL T 108 2.37 -38.73 0.27
C VAL T 108 3.00 -37.39 -0.11
N VAL T 109 2.73 -36.93 -1.33
CA VAL T 109 3.31 -35.66 -1.78
C VAL T 109 2.18 -34.78 -2.32
N PRO T 110 2.15 -33.49 -1.98
CA PRO T 110 3.11 -32.78 -1.10
C PRO T 110 2.92 -33.13 0.37
N SER T 111 3.96 -32.98 1.17
CA SER T 111 3.88 -33.10 2.62
C SER T 111 4.53 -31.86 3.22
N THR T 112 4.33 -31.67 4.52
CA THR T 112 4.81 -30.48 5.21
C THR T 112 5.48 -30.90 6.51
N LEU T 113 6.72 -30.49 6.69
CA LEU T 113 7.47 -30.72 7.91
C LEU T 113 7.44 -29.45 8.75
N THR T 114 6.95 -29.55 9.98
CA THR T 114 6.99 -28.44 10.90
C THR T 114 7.74 -28.86 12.15
N LEU T 115 8.14 -27.85 12.94
CA LEU T 115 8.73 -28.03 14.26
C LEU T 115 7.75 -27.42 15.26
N ILE T 116 7.17 -28.27 16.12
CA ILE T 116 6.04 -27.88 16.94
C ILE T 116 6.45 -27.89 18.40
N ASN T 117 5.99 -26.88 19.14
CA ASN T 117 6.13 -26.88 20.59
C ASN T 117 5.22 -27.97 21.14
N ASN T 118 5.79 -29.15 21.40
CA ASN T 118 4.96 -30.31 21.77
C ASN T 118 4.88 -30.40 23.29
N THR T 119 4.20 -29.41 23.85
CA THR T 119 4.03 -29.19 25.28
C THR T 119 5.39 -29.13 25.98
N SER T 120 5.82 -27.92 26.32
CA SER T 120 7.10 -27.67 26.98
C SER T 120 6.97 -27.47 28.48
N SER T 121 5.89 -27.95 29.09
CA SER T 121 5.64 -27.80 30.52
C SER T 121 5.46 -26.34 30.95
N ALA T 122 6.32 -25.45 30.43
CA ALA T 122 6.21 -24.03 30.72
C ALA T 122 5.12 -23.35 29.90
N GLY T 123 4.69 -23.96 28.81
CA GLY T 123 3.64 -23.38 27.98
C GLY T 123 4.16 -22.74 26.71
N THR T 124 4.12 -21.42 26.67
CA THR T 124 4.58 -20.68 25.49
C THR T 124 6.06 -20.34 25.65
N ILE T 125 6.83 -20.63 24.60
CA ILE T 125 8.28 -20.60 24.66
C ILE T 125 8.78 -19.43 23.82
N THR T 126 9.69 -18.63 24.38
CA THR T 126 10.31 -17.52 23.67
C THR T 126 11.75 -17.87 23.35
N LEU T 127 12.15 -17.66 22.10
CA LEU T 127 13.52 -17.93 21.69
C LEU T 127 14.44 -16.74 22.02
N SER T 128 15.75 -17.02 22.03
CA SER T 128 16.77 -15.99 22.25
C SER T 128 17.71 -15.95 21.05
N ASN T 129 17.88 -14.75 20.50
CA ASN T 129 18.80 -14.51 19.39
C ASN T 129 20.03 -13.74 19.83
N SER T 130 20.41 -13.86 21.12
CA SER T 130 21.50 -13.04 21.64
C SER T 130 22.26 -13.72 22.78
N ASP T 131 22.18 -15.04 22.91
CA ASP T 131 22.78 -15.73 24.04
C ASP T 131 24.31 -15.76 23.93
N GLY T 132 24.96 -15.36 25.01
CA GLY T 132 26.40 -15.50 25.16
C GLY T 132 27.21 -14.65 24.23
N GLY T 133 26.63 -13.59 23.68
CA GLY T 133 27.37 -12.73 22.77
C GLY T 133 26.59 -11.47 22.47
N SER T 134 27.22 -10.62 21.65
CA SER T 134 26.70 -9.30 21.35
C SER T 134 26.05 -9.18 19.98
N LEU T 135 26.25 -10.14 19.09
CA LEU T 135 25.69 -10.08 17.75
C LEU T 135 24.41 -10.91 17.68
N THR T 136 23.79 -10.91 16.50
CA THR T 136 22.52 -11.61 16.33
C THR T 136 22.77 -13.09 16.03
N ASN T 137 22.19 -13.95 16.87
CA ASN T 137 22.33 -15.39 16.75
C ASN T 137 21.23 -15.97 15.88
N VAL T 138 21.43 -17.21 15.47
CA VAL T 138 20.34 -18.02 14.94
C VAL T 138 19.59 -18.59 16.13
N SER T 139 18.31 -18.22 16.28
CA SER T 139 17.50 -18.71 17.39
C SER T 139 16.83 -20.05 17.08
N ALA T 140 16.67 -20.39 15.80
CA ALA T 140 16.05 -21.65 15.41
C ALA T 140 16.37 -21.90 13.94
N SER T 141 16.60 -23.18 13.61
CA SER T 141 17.05 -23.54 12.28
C SER T 141 16.77 -25.01 12.02
N ILE T 142 16.54 -25.34 10.74
CA ILE T 142 16.37 -26.71 10.27
C ILE T 142 17.25 -26.89 9.03
N SER T 143 17.98 -28.01 8.98
CA SER T 143 18.80 -28.38 7.84
C SER T 143 18.42 -29.80 7.44
N ILE T 144 17.89 -29.96 6.23
CA ILE T 144 17.31 -31.22 5.79
C ILE T 144 17.89 -31.61 4.43
N PHE T 145 18.15 -32.91 4.25
CA PHE T 145 18.54 -33.43 2.94
C PHE T 145 17.98 -34.82 2.75
N GLN T 146 17.76 -35.20 1.49
CA GLN T 146 17.15 -36.47 1.16
C GLN T 146 18.20 -37.57 1.12
N VAL T 147 17.90 -38.72 1.73
CA VAL T 147 18.76 -39.89 1.65
C VAL T 147 18.09 -41.05 0.93
N GLY T 148 16.77 -41.02 0.74
CA GLY T 148 16.06 -42.14 0.16
C GLY T 148 15.10 -41.72 -0.93
N LEU U 11 28.98 -40.56 -2.37
CA LEU U 11 30.30 -39.94 -2.55
C LEU U 11 30.16 -38.44 -2.85
N THR U 12 30.99 -37.65 -2.17
CA THR U 12 31.03 -36.20 -2.32
C THR U 12 32.24 -35.71 -1.53
N ASN U 13 32.58 -34.44 -1.72
CA ASN U 13 33.62 -33.79 -0.93
C ASN U 13 33.18 -33.69 0.53
N TYR U 14 33.98 -34.29 1.42
CA TYR U 14 33.69 -34.29 2.85
C TYR U 14 34.98 -34.04 3.61
N LEU U 15 34.87 -33.28 4.70
CA LEU U 15 36.01 -33.06 5.59
C LEU U 15 35.54 -33.10 7.04
N TYR U 16 36.39 -33.66 7.91
CA TYR U 16 36.12 -33.67 9.33
C TYR U 16 37.41 -33.33 10.07
N VAL U 17 37.35 -32.31 10.93
CA VAL U 17 38.44 -31.93 11.80
C VAL U 17 37.92 -31.81 13.22
N PHE U 18 38.82 -31.98 14.18
CA PHE U 18 38.45 -31.84 15.58
C PHE U 18 39.66 -31.40 16.38
N ASP U 19 39.37 -30.79 17.53
CA ASP U 19 40.38 -30.32 18.45
C ASP U 19 40.11 -30.89 19.83
N THR U 20 41.17 -31.21 20.56
CA THR U 20 41.07 -31.82 21.89
C THR U 20 41.89 -31.04 22.92
N THR U 21 41.95 -29.72 22.77
CA THR U 21 42.75 -28.87 23.64
C THR U 21 41.86 -27.88 24.39
N ASN U 22 42.41 -27.33 25.48
CA ASN U 22 41.76 -26.26 26.23
C ASN U 22 42.16 -24.91 25.65
N GLN U 23 41.90 -24.79 24.35
CA GLN U 23 42.36 -23.66 23.56
C GLN U 23 41.67 -22.36 23.98
N SER U 24 42.43 -21.28 23.99
CA SER U 24 41.91 -19.94 24.26
C SER U 24 41.67 -19.22 22.95
N ILE U 25 40.45 -18.76 22.71
CA ILE U 25 40.09 -18.07 21.49
C ILE U 25 39.56 -16.70 21.89
N ALA U 26 40.19 -15.64 21.37
CA ALA U 26 39.73 -14.28 21.65
C ALA U 26 38.79 -13.81 20.55
N VAL U 27 38.17 -12.65 20.78
CA VAL U 27 37.29 -12.04 19.79
C VAL U 27 38.04 -11.88 18.47
N GLY U 28 37.42 -12.31 17.38
CA GLY U 28 37.99 -12.14 16.06
C GLY U 28 39.08 -13.12 15.69
N SER U 29 39.24 -14.21 16.45
CA SER U 29 40.21 -15.24 16.13
C SER U 29 39.50 -16.55 15.83
N SER U 30 40.11 -17.35 14.95
CA SER U 30 39.53 -18.62 14.53
C SER U 30 39.87 -19.72 15.53
N VAL U 31 39.14 -20.83 15.42
CA VAL U 31 39.39 -22.00 16.26
C VAL U 31 40.33 -22.94 15.52
N THR U 32 41.45 -23.27 16.14
CA THR U 32 42.40 -24.19 15.54
C THR U 32 41.96 -25.63 15.78
N PHE U 33 42.42 -26.53 14.91
CA PHE U 33 42.03 -27.93 14.97
C PHE U 33 43.27 -28.81 14.84
N ASN U 34 43.73 -29.33 15.98
CA ASN U 34 44.99 -30.06 16.07
C ASN U 34 44.93 -31.47 15.51
N THR U 35 43.77 -31.93 15.05
CA THR U 35 43.68 -33.25 14.44
C THR U 35 42.72 -33.18 13.26
N ASN U 36 43.05 -33.93 12.21
CA ASN U 36 42.17 -34.13 11.07
C ASN U 36 41.61 -35.54 11.09
N GLY U 37 40.35 -35.66 10.68
CA GLY U 37 39.71 -36.94 10.52
C GLY U 37 39.65 -37.32 9.06
N PRO U 38 38.73 -38.22 8.70
CA PRO U 38 38.65 -38.67 7.31
C PRO U 38 38.30 -37.53 6.37
N ILE U 39 38.88 -37.59 5.15
CA ILE U 39 38.51 -36.71 4.07
C ILE U 39 38.18 -37.56 2.84
N THR U 40 37.39 -36.98 1.94
CA THR U 40 37.07 -37.58 0.65
C THR U 40 36.96 -36.45 -0.37
N GLY U 41 37.58 -36.64 -1.53
CA GLY U 41 37.61 -35.60 -2.53
C GLY U 41 38.83 -34.70 -2.37
N THR U 42 38.95 -33.76 -3.30
CA THR U 42 40.12 -32.89 -3.40
C THR U 42 39.79 -31.43 -3.16
N ALA U 43 38.57 -31.10 -2.71
CA ALA U 43 38.13 -29.73 -2.58
C ALA U 43 38.30 -29.16 -1.18
N LEU U 44 38.53 -30.01 -0.19
CA LEU U 44 38.52 -29.59 1.22
C LEU U 44 39.84 -30.03 1.86
N SER U 45 40.66 -29.06 2.25
CA SER U 45 41.89 -29.34 2.96
C SER U 45 41.93 -28.45 4.20
N HIS U 46 42.80 -28.82 5.14
CA HIS U 46 42.94 -28.07 6.39
C HIS U 46 44.29 -28.41 7.00
N ILE U 47 45.17 -27.43 7.09
CA ILE U 47 46.48 -27.69 7.68
C ILE U 47 46.28 -27.92 9.17
N THR U 48 46.59 -29.12 9.63
CA THR U 48 46.52 -29.44 11.06
C THR U 48 47.38 -28.48 11.87
N GLY U 49 46.76 -27.82 12.85
CA GLY U 49 47.37 -26.73 13.59
C GLY U 49 46.65 -25.40 13.39
N THR U 50 46.09 -25.20 12.19
CA THR U 50 45.37 -23.99 11.86
C THR U 50 43.87 -24.14 12.09
N GLY U 51 43.13 -23.08 11.79
CA GLY U 51 41.68 -23.10 11.83
C GLY U 51 41.08 -22.76 10.48
N ASN U 52 41.82 -23.06 9.42
CA ASN U 52 41.42 -22.72 8.06
C ASN U 52 41.06 -24.00 7.32
N ILE U 53 39.78 -24.14 6.98
CA ILE U 53 39.35 -25.12 6.01
C ILE U 53 39.36 -24.44 4.65
N ILE U 54 40.16 -24.97 3.73
CA ILE U 54 40.30 -24.40 2.40
C ILE U 54 39.31 -25.12 1.48
N ILE U 55 38.57 -24.34 0.70
CA ILE U 55 37.57 -24.88 -0.23
C ILE U 55 37.99 -24.52 -1.65
N ASN U 56 38.11 -25.54 -2.51
CA ASN U 56 38.68 -25.37 -3.84
C ASN U 56 37.69 -25.72 -4.95
N THR U 57 36.42 -25.91 -4.62
CA THR U 57 35.40 -26.20 -5.62
C THR U 57 34.23 -25.27 -5.37
N LEU U 58 33.72 -24.64 -6.43
CA LEU U 58 32.49 -23.88 -6.33
C LEU U 58 31.33 -24.83 -5.99
N GLY U 59 30.40 -24.35 -5.18
CA GLY U 59 29.21 -25.11 -4.86
C GLY U 59 28.67 -24.73 -3.50
N THR U 60 27.73 -25.55 -3.04
CA THR U 60 27.07 -25.36 -1.76
C THR U 60 27.55 -26.43 -0.78
N TYR U 61 27.91 -26.00 0.43
CA TYR U 61 28.46 -26.90 1.43
C TYR U 61 27.65 -26.81 2.71
N VAL U 62 27.55 -27.94 3.41
CA VAL U 62 26.87 -28.04 4.69
C VAL U 62 27.91 -28.25 5.76
N ALA U 63 27.98 -27.33 6.71
CA ALA U 63 28.94 -27.42 7.81
C ALA U 63 28.22 -27.41 9.14
N GLU U 64 28.63 -28.32 10.02
CA GLU U 64 28.25 -28.29 11.43
C GLU U 64 29.50 -28.03 12.26
N PHE U 65 29.31 -27.36 13.40
CA PHE U 65 30.37 -27.12 14.35
C PHE U 65 29.83 -27.34 15.76
N GLN U 66 30.71 -27.83 16.63
CA GLN U 66 30.43 -27.94 18.05
C GLN U 66 31.60 -27.35 18.83
N LEU U 67 31.28 -26.66 19.91
CA LEU U 67 32.28 -25.99 20.71
C LEU U 67 31.99 -26.23 22.18
N GLN U 68 33.04 -26.50 22.95
CA GLN U 68 32.92 -26.75 24.37
C GLN U 68 33.74 -25.70 25.11
N ALA U 69 33.06 -24.75 25.76
CA ALA U 69 33.71 -23.71 26.55
C ALA U 69 33.43 -23.96 28.03
N SER U 70 34.11 -23.18 28.87
CA SER U 70 33.85 -23.20 30.31
C SER U 70 32.74 -22.24 30.73
N ARG U 71 32.47 -21.20 29.92
CA ARG U 71 31.39 -20.25 30.14
C ARG U 71 30.53 -20.17 28.88
N GLU U 72 29.51 -19.31 28.92
CA GLU U 72 28.69 -19.07 27.74
C GLU U 72 29.50 -18.32 26.68
N ASN U 73 29.12 -18.51 25.42
CA ASN U 73 29.95 -18.05 24.32
C ASN U 73 29.10 -17.84 23.08
N GLN U 74 29.72 -17.27 22.04
CA GLN U 74 29.04 -16.98 20.78
C GLN U 74 30.05 -17.00 19.65
N PHE U 75 29.87 -17.92 18.71
CA PHE U 75 30.80 -18.09 17.60
C PHE U 75 30.04 -18.04 16.30
N SER U 76 30.73 -17.63 15.23
CA SER U 76 30.14 -17.56 13.90
C SER U 76 31.04 -18.24 12.88
N LEU U 77 30.46 -19.09 12.04
CA LEU U 77 31.14 -19.51 10.83
C LEU U 77 31.27 -18.32 9.89
N GLU U 78 32.45 -18.17 9.30
CA GLU U 78 32.75 -17.05 8.41
C GLU U 78 33.50 -17.54 7.18
N LEU U 79 33.21 -16.93 6.04
CA LEU U 79 33.78 -17.31 4.76
C LEU U 79 34.58 -16.12 4.24
N ASN U 80 35.86 -16.34 3.98
CA ASN U 80 36.78 -15.30 3.51
C ASN U 80 36.77 -14.10 4.45
N GLY U 81 36.45 -14.33 5.72
CA GLY U 81 36.46 -13.30 6.73
C GLY U 81 35.13 -12.63 7.00
N THR U 82 34.05 -13.12 6.38
CA THR U 82 32.73 -12.52 6.56
C THR U 82 31.78 -13.54 7.18
N PRO U 83 31.09 -13.19 8.27
CA PRO U 83 30.06 -14.08 8.83
C PRO U 83 29.04 -14.47 7.77
N ILE U 84 28.94 -15.76 7.48
CA ILE U 84 27.95 -16.25 6.52
C ILE U 84 26.57 -16.14 7.15
N PRO U 85 25.51 -15.88 6.39
CA PRO U 85 24.17 -15.88 6.98
C PRO U 85 23.86 -17.22 7.63
N GLY U 86 23.20 -17.15 8.79
CA GLY U 86 22.87 -18.36 9.51
C GLY U 86 24.07 -19.11 10.07
N GLY U 87 25.20 -18.43 10.23
CA GLY U 87 26.41 -19.04 10.75
C GLY U 87 26.73 -18.72 12.20
N ARG U 88 26.06 -17.73 12.77
CA ARG U 88 26.29 -17.32 14.16
C ARG U 88 25.35 -18.07 15.10
N PHE U 89 25.92 -18.87 15.99
CA PHE U 89 25.19 -19.61 17.01
C PHE U 89 25.77 -19.28 18.38
N GLY U 90 25.05 -19.67 19.42
CA GLY U 90 25.53 -19.38 20.76
C GLY U 90 24.77 -20.18 21.81
N THR U 91 25.12 -19.89 23.07
CA THR U 91 24.52 -20.55 24.21
C THR U 91 24.56 -19.58 25.39
N GLY U 92 23.60 -19.73 26.29
CA GLY U 92 23.52 -18.87 27.47
C GLY U 92 23.81 -19.60 28.77
N SER U 93 24.58 -20.70 28.68
CA SER U 93 24.93 -21.51 29.83
C SER U 93 26.41 -21.84 29.78
N PRO U 94 27.06 -21.99 30.93
CA PRO U 94 28.46 -22.39 30.94
C PRO U 94 28.63 -23.90 30.84
N HIS U 95 29.79 -24.31 30.32
CA HIS U 95 30.11 -25.72 30.10
C HIS U 95 29.03 -26.41 29.29
N SER U 96 28.39 -25.67 28.38
CA SER U 96 27.36 -26.20 27.51
C SER U 96 27.88 -26.24 26.07
N ILE U 97 27.32 -27.18 25.29
CA ILE U 97 27.74 -27.29 23.89
C ILE U 97 27.17 -26.12 23.10
N ASN U 98 28.02 -25.53 22.26
CA ASN U 98 27.59 -24.57 21.24
C ASN U 98 27.60 -25.32 19.91
N GLN U 99 26.43 -25.82 19.52
CA GLN U 99 26.26 -26.59 18.29
C GLN U 99 25.53 -25.75 17.24
N GLY U 100 25.92 -25.92 15.98
CA GLY U 100 25.23 -25.23 14.91
C GLY U 100 25.42 -25.98 13.61
N THR U 101 24.53 -25.70 12.66
CA THR U 101 24.58 -26.33 11.34
C THR U 101 24.17 -25.28 10.31
N ALA U 102 25.05 -25.01 9.34
CA ALA U 102 24.79 -23.97 8.34
C ALA U 102 25.28 -24.43 6.98
N ALA U 103 24.55 -24.00 5.94
CA ALA U 103 24.92 -24.21 4.56
C ALA U 103 25.27 -22.88 3.91
N PHE U 104 26.16 -22.92 2.91
CA PHE U 104 26.65 -21.70 2.27
C PHE U 104 27.12 -22.03 0.86
N THR U 105 27.15 -20.99 0.01
CA THR U 105 27.40 -21.12 -1.43
C THR U 105 28.78 -20.54 -1.77
N VAL U 106 29.78 -21.41 -1.96
CA VAL U 106 31.13 -20.97 -2.26
C VAL U 106 31.19 -20.53 -3.72
N THR U 107 31.35 -19.22 -3.93
CA THR U 107 31.29 -18.66 -5.28
C THR U 107 32.65 -18.26 -5.84
N VAL U 108 33.69 -18.16 -5.02
CA VAL U 108 35.05 -17.92 -5.49
C VAL U 108 35.99 -18.93 -4.84
N VAL U 109 36.85 -19.53 -5.66
CA VAL U 109 37.82 -20.51 -5.17
C VAL U 109 39.22 -19.94 -5.32
N PRO U 110 40.13 -20.21 -4.37
CA PRO U 110 39.88 -20.86 -3.09
C PRO U 110 39.19 -19.92 -2.11
N SER U 111 38.31 -20.45 -1.27
CA SER U 111 37.72 -19.72 -0.17
C SER U 111 38.13 -20.39 1.12
N THR U 112 38.11 -19.63 2.21
CA THR U 112 38.51 -20.15 3.52
C THR U 112 37.34 -20.08 4.50
N LEU U 113 37.02 -21.22 5.10
CA LEU U 113 36.00 -21.32 6.14
C LEU U 113 36.68 -21.31 7.50
N THR U 114 36.21 -20.45 8.40
CA THR U 114 36.76 -20.39 9.75
C THR U 114 35.63 -20.51 10.77
N LEU U 115 36.02 -20.57 12.05
CA LEU U 115 35.10 -20.51 13.18
C LEU U 115 35.60 -19.40 14.11
N ILE U 116 34.93 -18.24 14.07
CA ILE U 116 35.39 -17.01 14.70
C ILE U 116 34.67 -16.82 16.03
N ASN U 117 35.37 -16.25 16.99
CA ASN U 117 34.75 -15.86 18.25
C ASN U 117 34.08 -14.50 18.12
N ASN U 118 32.79 -14.43 18.46
CA ASN U 118 32.05 -13.18 18.49
C ASN U 118 31.61 -12.80 19.91
N THR U 119 32.15 -13.46 20.93
CA THR U 119 31.61 -13.38 22.28
C THR U 119 31.83 -12.01 22.90
N SER U 120 30.93 -11.61 23.78
CA SER U 120 31.05 -10.38 24.54
C SER U 120 31.15 -10.60 26.04
N SER U 121 30.36 -11.53 26.58
CA SER U 121 30.36 -11.80 28.02
C SER U 121 31.77 -12.14 28.53
N ALA U 122 32.64 -12.64 27.66
CA ALA U 122 34.06 -12.81 27.97
C ALA U 122 34.85 -12.40 26.75
N GLY U 123 35.80 -11.47 26.94
CA GLY U 123 36.65 -11.07 25.83
C GLY U 123 37.40 -12.23 25.22
N THR U 124 37.70 -13.26 26.01
CA THR U 124 38.36 -14.47 25.55
C THR U 124 37.60 -15.68 26.07
N ILE U 125 37.46 -16.69 25.23
CA ILE U 125 36.73 -17.91 25.56
C ILE U 125 37.71 -19.07 25.57
N THR U 126 37.74 -19.80 26.68
CA THR U 126 38.66 -20.92 26.85
C THR U 126 37.89 -22.22 26.79
N LEU U 127 38.34 -23.11 25.91
CA LEU U 127 37.66 -24.38 25.70
C LEU U 127 37.88 -25.31 26.89
N SER U 128 37.33 -26.53 26.77
CA SER U 128 37.51 -27.56 27.77
C SER U 128 37.37 -28.90 27.07
N ASN U 129 38.20 -29.87 27.49
CA ASN U 129 38.22 -31.21 26.89
C ASN U 129 37.98 -32.29 27.94
N SER U 130 37.49 -31.92 29.10
CA SER U 130 37.35 -32.88 30.19
C SER U 130 36.00 -32.79 30.87
N ASP U 131 35.00 -32.19 30.22
CA ASP U 131 33.68 -32.10 30.83
C ASP U 131 33.04 -33.49 30.91
N GLY U 132 32.39 -33.76 32.03
CA GLY U 132 31.60 -34.98 32.20
C GLY U 132 32.37 -36.27 32.37
N GLY U 133 33.69 -36.26 32.22
CA GLY U 133 34.44 -37.51 32.32
C GLY U 133 35.94 -37.26 32.35
N SER U 134 36.66 -38.32 32.71
CA SER U 134 38.08 -38.22 32.99
C SER U 134 38.96 -38.30 31.75
N LEU U 135 38.39 -38.70 30.61
CA LEU U 135 39.16 -38.94 29.40
C LEU U 135 39.26 -37.67 28.55
N THR U 136 40.10 -37.75 27.51
CA THR U 136 40.20 -36.68 26.53
C THR U 136 39.01 -36.76 25.58
N ASN U 137 38.35 -35.63 25.36
CA ASN U 137 37.23 -35.55 24.44
C ASN U 137 37.41 -34.37 23.50
N VAL U 138 36.54 -34.30 22.49
CA VAL U 138 36.63 -33.26 21.48
C VAL U 138 36.17 -31.94 22.09
N SER U 139 37.09 -30.96 22.11
CA SER U 139 36.72 -29.64 22.62
C SER U 139 36.00 -28.83 21.56
N ALA U 140 36.43 -28.93 20.31
CA ALA U 140 35.79 -28.23 19.20
C ALA U 140 35.99 -29.03 17.92
N SER U 141 35.03 -28.96 17.01
CA SER U 141 35.13 -29.69 15.75
C SER U 141 34.19 -29.09 14.70
N ILE U 142 34.47 -29.43 13.45
CA ILE U 142 33.67 -29.00 12.30
C ILE U 142 33.60 -30.16 11.32
N SER U 143 32.40 -30.45 10.82
CA SER U 143 32.18 -31.46 9.79
C SER U 143 31.48 -30.80 8.62
N ILE U 144 31.97 -31.04 7.40
CA ILE U 144 31.44 -30.35 6.23
C ILE U 144 31.41 -31.29 5.03
N PHE U 145 30.33 -31.18 4.24
CA PHE U 145 30.25 -31.83 2.95
C PHE U 145 29.59 -30.88 1.95
N GLN U 146 29.74 -31.21 0.67
CA GLN U 146 29.18 -30.45 -0.42
C GLN U 146 27.91 -31.13 -0.90
N VAL U 147 26.83 -30.34 -1.01
CA VAL U 147 25.54 -30.85 -1.49
C VAL U 147 25.21 -30.38 -2.91
N GLY U 148 25.99 -29.48 -3.50
CA GLY U 148 25.70 -28.99 -4.84
C GLY U 148 26.72 -28.06 -5.49
#